data_9G4Y
#
_entry.id   9G4Y
#
_cell.length_a   1.00
_cell.length_b   1.00
_cell.length_c   1.00
_cell.angle_alpha   90.00
_cell.angle_beta   90.00
_cell.angle_gamma   90.00
#
_symmetry.space_group_name_H-M   'P 1'
#
loop_
_entity.id
_entity.type
_entity.pdbx_description
1 polymer 'Short transient receptor potential channel 5'
2 non-polymer 8-[3-chloranyl-4-[(~{E})-phenyldiazenyl]phenoxy]-7-[(4-chlorophenyl)methyl]-3-methyl-1-(3-oxidanylpropyl)purine-2,6-dione
#
_entity_poly.entity_id   1
_entity_poly.type   'polypeptide(L)'
_entity_poly.pdbx_seq_one_letter_code
;MAQLYYKKVNYSPYRDRIPLQIVRAETELSAEEKAFLNAVEKGDYATVKQALQEAEIYYNVNINCMDPLGRSALLIAIEN
ENLEIMELLLNHSVYVGDALLYAIRKEVVGAVELLLSYRRPSGEKQVPTLMMDTQFSEFTPDITPIMLAAHTNNYEIIKL
LVQKRVTIPRPHQIRCNCVECVSSSEVDSLRHSRSRLNIYKALASPSLIALSSEDPILTAFRLGWELKELSKVENEFKAE
YEELSQQCKLFAKDLLDQARSSRELEIILNHRDDHSEELDPQKYHDLAKLKVAIKYHQKEFVAQPNCQQLLATLWYDGFP
GWRRKHWVVKLLTCMTIGFLFPMLSIAYLISPRSNLGLFIKKPFIKFICHTASYLTFLFMLLLASQHIVRTDLHVQGPPP
TVVEWMILPWVLGFIWGEIKEMWDGGFTEYIHDWWNLMDFAMNSLYLATISLKIMAYVKYNGSRPREEWEMWHPTLIAEA
LFAISNILSSLRLISLFTANSHLGPLQISLGRMLLDILKFLFIYCLVLLAFANGLNQLYFYYETRAIDEPNNCKGIRCEK
QNNAFSTLFETLQSLFWSVFGLLNLYVTNVKARHEFTEFVGATMFGTYNVISLVVLLNMLIAMMNNSYQLIADHADIEWK
FARTKLWMSYFDEGGTLPPPFNIIPSPKSFLYLGNWFNNTFCPKRDPDGRRRRRNLRSFTERNADSLIQNQHYQEVIRNL
VKRYVAAMIRNSKTHELLTEENFKELKQDISSFRYEVLDLLGNRK
;
_entity_poly.pdbx_strand_id   A,B,C,D
#
# COMPACT_ATOMS: atom_id res chain seq x y z
N ARG A 17 -45.33 -6.89 15.74
CA ARG A 17 -44.89 -5.88 16.68
C ARG A 17 -44.10 -6.49 17.84
N ILE A 18 -42.88 -6.02 18.04
CA ILE A 18 -42.00 -6.52 19.09
C ILE A 18 -42.26 -5.67 20.34
N PRO A 19 -42.81 -6.24 21.41
CA PRO A 19 -43.00 -5.47 22.64
C PRO A 19 -41.71 -5.39 23.43
N LEU A 20 -41.37 -4.18 23.88
CA LEU A 20 -40.10 -3.91 24.56
C LEU A 20 -40.36 -3.62 26.03
N GLN A 21 -39.46 -4.12 26.88
CA GLN A 21 -39.57 -3.90 28.31
C GLN A 21 -38.19 -4.10 28.94
N ILE A 22 -38.06 -3.62 30.17
CA ILE A 22 -36.80 -3.77 30.90
C ILE A 22 -36.72 -5.19 31.43
N VAL A 23 -35.69 -5.93 31.00
CA VAL A 23 -35.58 -7.34 31.32
C VAL A 23 -34.94 -7.56 32.68
N ARG A 24 -33.76 -6.98 32.91
CA ARG A 24 -33.05 -7.08 34.18
C ARG A 24 -33.14 -5.71 34.84
N ALA A 25 -34.23 -5.49 35.58
CA ALA A 25 -34.51 -4.19 36.17
C ALA A 25 -33.81 -4.05 37.52
N GLU A 26 -33.11 -2.94 37.70
CA GLU A 26 -32.47 -2.62 38.97
C GLU A 26 -33.47 -1.92 39.89
N THR A 27 -33.14 -1.90 41.18
CA THR A 27 -34.01 -1.25 42.15
C THR A 27 -34.16 0.23 41.82
N GLU A 28 -35.39 0.72 41.91
CA GLU A 28 -35.67 2.09 41.52
C GLU A 28 -35.04 3.08 42.48
N LEU A 29 -34.74 4.27 41.98
CA LEU A 29 -34.15 5.35 42.76
C LEU A 29 -35.22 6.39 43.05
N SER A 30 -35.35 6.77 44.32
CA SER A 30 -36.39 7.71 44.72
C SER A 30 -36.17 9.08 44.08
N ALA A 31 -37.26 9.82 43.93
CA ALA A 31 -37.19 11.13 43.30
C ALA A 31 -36.32 12.08 44.10
N GLU A 32 -36.47 12.08 45.43
CA GLU A 32 -35.66 12.96 46.27
C GLU A 32 -34.18 12.61 46.14
N GLU A 33 -33.86 11.32 46.12
CA GLU A 33 -32.47 10.91 45.95
C GLU A 33 -31.91 11.41 44.62
N LYS A 34 -32.71 11.36 43.56
CA LYS A 34 -32.24 11.82 42.26
C LYS A 34 -31.86 13.30 42.31
N ALA A 35 -32.68 14.12 42.95
CA ALA A 35 -32.34 15.53 43.08
C ALA A 35 -31.06 15.72 43.88
N PHE A 36 -30.93 15.00 44.99
CA PHE A 36 -29.70 15.07 45.78
C PHE A 36 -28.49 14.65 44.95
N LEU A 37 -28.62 13.54 44.22
CA LEU A 37 -27.56 13.15 43.30
C LEU A 37 -27.37 14.20 42.22
N ASN A 38 -28.48 14.74 41.70
CA ASN A 38 -28.38 15.92 40.86
C ASN A 38 -27.88 17.12 41.67
N ALA A 39 -28.14 17.12 42.98
CA ALA A 39 -27.63 18.17 43.84
C ALA A 39 -26.12 18.06 44.03
N VAL A 40 -25.63 16.84 44.26
CA VAL A 40 -24.19 16.65 44.47
C VAL A 40 -23.42 17.14 43.25
N GLU A 41 -23.94 16.88 42.05
CA GLU A 41 -23.36 17.48 40.85
C GLU A 41 -23.52 19.00 40.89
N LYS A 42 -24.68 19.48 41.34
CA LYS A 42 -24.96 20.91 41.27
C LYS A 42 -23.98 21.72 42.10
N GLY A 43 -23.70 21.28 43.32
CA GLY A 43 -22.71 21.93 44.16
C GLY A 43 -23.25 22.79 45.28
N ASP A 44 -24.46 22.52 45.77
CA ASP A 44 -25.00 23.25 46.91
C ASP A 44 -24.62 22.54 48.21
N TYR A 45 -24.33 23.33 49.24
CA TYR A 45 -23.89 22.77 50.51
C TYR A 45 -25.05 22.46 51.43
N ALA A 46 -26.09 23.29 51.42
CA ALA A 46 -27.17 23.17 52.39
C ALA A 46 -27.88 21.84 52.26
N THR A 47 -28.19 21.42 51.03
CA THR A 47 -28.98 20.21 50.84
C THR A 47 -28.31 19.01 51.49
N VAL A 48 -27.00 18.86 51.28
CA VAL A 48 -26.28 17.76 51.91
C VAL A 48 -26.22 17.94 53.42
N LYS A 49 -25.93 19.17 53.88
CA LYS A 49 -25.80 19.41 55.31
C LYS A 49 -27.09 19.09 56.05
N GLN A 50 -28.23 19.56 55.53
CA GLN A 50 -29.51 19.27 56.16
C GLN A 50 -29.81 17.77 56.09
N ALA A 51 -29.55 17.15 54.93
CA ALA A 51 -29.85 15.73 54.78
C ALA A 51 -29.02 14.89 55.74
N LEU A 52 -27.70 15.15 55.78
CA LEU A 52 -26.84 14.36 56.66
C LEU A 52 -27.21 14.54 58.12
N GLN A 53 -27.46 15.79 58.54
CA GLN A 53 -27.82 16.04 59.92
C GLN A 53 -29.14 15.34 60.28
N GLU A 54 -30.13 15.44 59.39
CA GLU A 54 -31.40 14.79 59.65
C GLU A 54 -31.32 13.28 59.46
N ALA A 55 -30.47 12.82 58.54
CA ALA A 55 -30.40 11.39 58.23
C ALA A 55 -29.98 10.58 59.45
N GLU A 56 -29.00 11.07 60.20
CA GLU A 56 -28.48 10.30 61.33
C GLU A 56 -29.58 10.05 62.36
N ILE A 57 -30.25 11.11 62.80
CA ILE A 57 -31.31 10.95 63.79
C ILE A 57 -32.54 10.29 63.17
N TYR A 58 -32.93 10.76 61.97
CA TYR A 58 -34.16 10.27 61.35
C TYR A 58 -33.98 8.88 60.74
N TYR A 59 -32.83 8.61 60.13
CA TYR A 59 -32.57 7.36 59.43
C TYR A 59 -33.46 7.19 58.20
N ASN A 60 -34.10 8.28 57.75
CA ASN A 60 -35.02 8.18 56.63
C ASN A 60 -34.31 7.75 55.35
N VAL A 61 -33.14 8.32 55.08
CA VAL A 61 -32.42 8.08 53.84
C VAL A 61 -30.99 7.68 54.17
N ASN A 62 -30.50 6.65 53.48
CA ASN A 62 -29.12 6.21 53.62
C ASN A 62 -28.25 7.00 52.65
N ILE A 63 -27.23 7.68 53.18
CA ILE A 63 -26.41 8.56 52.35
C ILE A 63 -25.63 7.76 51.30
N ASN A 64 -25.29 6.51 51.61
CA ASN A 64 -24.53 5.67 50.68
C ASN A 64 -25.44 5.14 49.59
N CYS A 65 -26.05 6.07 48.85
CA CYS A 65 -26.92 5.72 47.75
C CYS A 65 -26.10 5.37 46.52
N MET A 66 -26.66 4.51 45.67
CA MET A 66 -25.98 4.01 44.49
C MET A 66 -26.87 4.25 43.28
N ASP A 67 -26.42 5.13 42.38
CA ASP A 67 -27.18 5.41 41.19
C ASP A 67 -27.11 4.22 40.22
N PRO A 68 -28.02 4.16 39.24
CA PRO A 68 -28.08 2.97 38.37
C PRO A 68 -26.75 2.62 37.71
N LEU A 69 -25.97 3.62 37.30
CA LEU A 69 -24.68 3.34 36.68
C LEU A 69 -23.58 3.08 37.69
N GLY A 70 -23.87 3.22 38.98
CA GLY A 70 -22.88 2.96 40.01
C GLY A 70 -22.11 4.16 40.50
N ARG A 71 -22.49 5.37 40.11
CA ARG A 71 -21.78 6.58 40.50
C ARG A 71 -22.39 7.10 41.78
N SER A 72 -21.84 6.66 42.92
CA SER A 72 -22.34 7.07 44.22
C SER A 72 -21.97 8.53 44.48
N ALA A 73 -22.33 9.02 45.67
CA ALA A 73 -22.16 10.42 45.99
C ALA A 73 -20.74 10.90 45.74
N LEU A 74 -19.76 10.16 46.27
CA LEU A 74 -18.36 10.55 46.10
C LEU A 74 -17.97 10.54 44.62
N LEU A 75 -18.42 9.54 43.88
CA LEU A 75 -17.94 9.37 42.51
C LEU A 75 -18.29 10.55 41.62
N ILE A 76 -19.51 11.08 41.74
CA ILE A 76 -19.89 12.22 40.92
C ILE A 76 -19.01 13.43 41.23
N ALA A 77 -18.76 13.68 42.51
CA ALA A 77 -17.90 14.79 42.90
C ALA A 77 -16.49 14.60 42.35
N ILE A 78 -15.94 13.39 42.48
CA ILE A 78 -14.58 13.13 42.03
C ILE A 78 -14.45 13.37 40.54
N GLU A 79 -15.41 12.87 39.75
CA GLU A 79 -15.34 13.07 38.30
C GLU A 79 -15.43 14.55 37.95
N ASN A 80 -16.30 15.29 38.64
CA ASN A 80 -16.39 16.72 38.37
C ASN A 80 -15.11 17.46 38.71
N GLU A 81 -14.30 16.90 39.62
CA GLU A 81 -13.08 17.49 40.13
C GLU A 81 -13.40 18.55 41.18
N ASN A 82 -14.67 18.65 41.59
CA ASN A 82 -15.05 19.66 42.58
C ASN A 82 -14.51 19.27 43.95
N LEU A 83 -13.33 19.80 44.30
CA LEU A 83 -12.69 19.44 45.56
C LEU A 83 -13.55 19.88 46.74
N GLU A 84 -14.12 21.09 46.67
CA GLU A 84 -14.97 21.57 47.75
C GLU A 84 -16.16 20.66 47.96
N ILE A 85 -16.82 20.27 46.87
CA ILE A 85 -17.95 19.35 46.98
C ILE A 85 -17.51 18.02 47.56
N MET A 86 -16.31 17.56 47.15
CA MET A 86 -15.78 16.32 47.70
C MET A 86 -15.58 16.44 49.22
N GLU A 87 -15.19 17.62 49.69
CA GLU A 87 -14.88 17.79 51.10
C GLU A 87 -16.09 17.49 51.98
N LEU A 88 -17.27 17.96 51.57
CA LEU A 88 -18.43 17.89 52.46
C LEU A 88 -18.75 16.46 52.86
N LEU A 89 -18.89 15.56 51.87
CA LEU A 89 -19.31 14.20 52.19
C LEU A 89 -18.23 13.45 52.97
N LEU A 90 -16.97 13.87 52.86
CA LEU A 90 -15.89 13.13 53.49
C LEU A 90 -16.01 13.17 55.02
N ASN A 91 -16.39 14.32 55.58
CA ASN A 91 -16.47 14.42 57.04
C ASN A 91 -17.49 13.43 57.60
N HIS A 92 -18.66 13.37 57.00
CA HIS A 92 -19.66 12.39 57.41
C HIS A 92 -19.20 10.99 56.99
N SER A 93 -19.51 10.01 57.82
CA SER A 93 -19.11 8.64 57.54
C SER A 93 -19.82 8.15 56.28
N VAL A 94 -19.09 8.07 55.17
CA VAL A 94 -19.63 7.66 53.88
C VAL A 94 -18.76 6.56 53.32
N TYR A 95 -19.38 5.46 52.88
CA TYR A 95 -18.62 4.37 52.29
C TYR A 95 -17.81 4.88 51.11
N VAL A 96 -16.52 4.54 51.08
CA VAL A 96 -15.62 5.11 50.09
C VAL A 96 -14.89 4.02 49.33
N GLY A 97 -15.16 2.76 49.68
CA GLY A 97 -14.44 1.63 49.11
C GLY A 97 -14.21 1.74 47.62
N ASP A 98 -12.94 1.77 47.21
CA ASP A 98 -12.49 1.87 45.83
C ASP A 98 -12.61 3.28 45.28
N ALA A 99 -13.00 4.26 46.09
CA ALA A 99 -13.02 5.64 45.63
C ALA A 99 -11.61 6.13 45.32
N LEU A 100 -10.61 5.63 46.04
CA LEU A 100 -9.23 6.00 45.74
C LEU A 100 -8.84 5.61 44.33
N LEU A 101 -9.26 4.42 43.89
CA LEU A 101 -8.94 3.98 42.54
C LEU A 101 -9.54 4.90 41.49
N TYR A 102 -10.77 5.37 41.72
CA TYR A 102 -11.41 6.27 40.77
C TYR A 102 -10.67 7.59 40.68
N ALA A 103 -10.24 8.13 41.82
CA ALA A 103 -9.46 9.37 41.81
C ALA A 103 -8.14 9.18 41.07
N ILE A 104 -7.47 8.05 41.30
CA ILE A 104 -6.20 7.80 40.63
C ILE A 104 -6.39 7.71 39.13
N ARG A 105 -7.44 7.00 38.69
CA ARG A 105 -7.71 6.92 37.25
C ARG A 105 -8.04 8.28 36.67
N LYS A 106 -8.83 9.08 37.40
CA LYS A 106 -9.13 10.43 36.95
C LYS A 106 -7.87 11.28 36.87
N GLU A 107 -6.85 10.93 37.63
CA GLU A 107 -5.55 11.60 37.57
C GLU A 107 -5.63 13.03 38.07
N VAL A 108 -6.36 13.23 39.16
CA VAL A 108 -6.45 14.53 39.82
C VAL A 108 -5.68 14.44 41.14
N VAL A 109 -4.62 15.23 41.25
CA VAL A 109 -3.78 15.16 42.46
C VAL A 109 -4.55 15.63 43.68
N GLY A 110 -5.43 16.62 43.52
CA GLY A 110 -6.15 17.14 44.67
C GLY A 110 -6.96 16.09 45.38
N ALA A 111 -7.71 15.29 44.62
CA ALA A 111 -8.55 14.26 45.22
C ALA A 111 -7.72 13.15 45.84
N VAL A 112 -6.62 12.77 45.20
CA VAL A 112 -5.80 11.67 45.70
C VAL A 112 -5.22 12.02 47.06
N GLU A 113 -4.67 13.22 47.20
CA GLU A 113 -4.15 13.66 48.48
C GLU A 113 -5.26 13.77 49.51
N LEU A 114 -6.40 14.35 49.11
CA LEU A 114 -7.53 14.48 50.03
C LEU A 114 -8.02 13.11 50.49
N LEU A 115 -8.16 12.17 49.55
CA LEU A 115 -8.64 10.84 49.91
C LEU A 115 -7.57 10.04 50.65
N LEU A 116 -6.30 10.26 50.33
CA LEU A 116 -5.25 9.52 51.00
C LEU A 116 -5.14 9.90 52.47
N SER A 117 -5.34 11.19 52.77
CA SER A 117 -5.40 11.67 54.15
C SER A 117 -6.87 11.82 54.51
N TYR A 118 -7.48 10.72 54.96
CA TYR A 118 -8.90 10.71 55.27
C TYR A 118 -9.19 11.29 56.65
N THR A 134 -20.60 -7.49 48.01
CA THR A 134 -19.49 -7.33 47.08
C THR A 134 -19.55 -5.97 46.38
N GLN A 135 -20.77 -5.57 45.98
CA GLN A 135 -20.97 -4.31 45.28
C GLN A 135 -20.34 -4.36 43.89
N PHE A 136 -20.69 -3.41 43.04
CA PHE A 136 -20.20 -3.37 41.67
C PHE A 136 -19.08 -2.35 41.55
N SER A 137 -17.99 -2.74 40.90
CA SER A 137 -16.84 -1.88 40.72
C SER A 137 -16.36 -1.95 39.29
N GLU A 138 -15.72 -0.88 38.84
CA GLU A 138 -15.17 -0.80 37.50
C GLU A 138 -13.78 -1.41 37.39
N PHE A 139 -13.23 -1.91 38.48
CA PHE A 139 -11.89 -2.47 38.51
C PHE A 139 -11.94 -3.91 38.99
N THR A 140 -11.03 -4.73 38.48
CA THR A 140 -10.93 -6.11 38.91
C THR A 140 -10.35 -6.18 40.32
N PRO A 141 -10.64 -7.25 41.05
CA PRO A 141 -10.23 -7.32 42.46
C PRO A 141 -8.73 -7.25 42.68
N ASP A 142 -7.92 -7.61 41.69
CA ASP A 142 -6.47 -7.66 41.90
C ASP A 142 -5.82 -6.29 41.87
N ILE A 143 -6.48 -5.27 41.33
CA ILE A 143 -5.86 -3.96 41.16
C ILE A 143 -5.67 -3.30 42.51
N THR A 144 -4.55 -2.61 42.67
CA THR A 144 -4.18 -1.89 43.87
C THR A 144 -3.81 -0.46 43.51
N PRO A 145 -3.86 0.46 44.48
CA PRO A 145 -3.60 1.86 44.15
C PRO A 145 -2.25 2.11 43.49
N ILE A 146 -1.18 1.42 43.93
CA ILE A 146 0.12 1.63 43.30
C ILE A 146 0.14 1.02 41.90
N MET A 147 -0.47 -0.16 41.74
CA MET A 147 -0.53 -0.79 40.43
C MET A 147 -1.26 0.11 39.44
N LEU A 148 -2.42 0.62 39.82
CA LEU A 148 -3.21 1.44 38.91
C LEU A 148 -2.49 2.75 38.60
N ALA A 149 -1.81 3.32 39.59
CA ALA A 149 -1.08 4.56 39.37
C ALA A 149 0.00 4.36 38.32
N ALA A 150 0.70 3.23 38.36
CA ALA A 150 1.73 2.95 37.36
C ALA A 150 1.11 2.78 35.97
N HIS A 151 -0.07 2.18 35.89
CA HIS A 151 -0.74 2.02 34.60
C HIS A 151 -0.97 3.39 33.95
N THR A 152 -1.29 4.40 34.74
CA THR A 152 -1.54 5.74 34.21
C THR A 152 -0.25 6.48 33.86
N ASN A 153 0.88 6.06 34.42
CA ASN A 153 2.18 6.68 34.14
C ASN A 153 2.26 8.12 34.63
N ASN A 154 1.42 8.50 35.58
CA ASN A 154 1.44 9.85 36.13
C ASN A 154 2.57 9.94 37.15
N TYR A 155 3.61 10.71 36.81
CA TYR A 155 4.78 10.77 37.67
C TYR A 155 4.46 11.33 39.04
N GLU A 156 3.64 12.38 39.09
CA GLU A 156 3.35 13.03 40.37
C GLU A 156 2.60 12.10 41.32
N ILE A 157 1.61 11.38 40.81
CA ILE A 157 0.81 10.51 41.67
C ILE A 157 1.64 9.30 42.11
N ILE A 158 2.47 8.76 41.21
CA ILE A 158 3.30 7.62 41.57
C ILE A 158 4.27 7.98 42.69
N LYS A 159 4.88 9.16 42.59
CA LYS A 159 5.77 9.61 43.66
C LYS A 159 5.01 9.80 44.96
N LEU A 160 3.79 10.33 44.88
CA LEU A 160 3.02 10.58 46.10
C LEU A 160 2.74 9.29 46.85
N LEU A 161 2.37 8.23 46.14
CA LEU A 161 2.13 6.95 46.80
C LEU A 161 3.44 6.30 47.24
N VAL A 162 4.47 6.35 46.39
CA VAL A 162 5.72 5.66 46.70
C VAL A 162 6.36 6.25 47.95
N GLN A 163 6.14 7.53 48.21
CA GLN A 163 6.66 8.12 49.44
C GLN A 163 6.17 7.36 50.67
N LYS A 164 4.89 7.01 50.69
CA LYS A 164 4.36 6.11 51.70
C LYS A 164 4.72 4.69 51.33
N ARG A 165 5.33 3.96 52.26
CA ARG A 165 5.85 2.63 51.97
C ARG A 165 4.79 1.77 51.27
N VAL A 166 5.10 1.36 50.05
CA VAL A 166 4.20 0.54 49.24
C VAL A 166 5.00 -0.58 48.59
N THR A 167 4.30 -1.60 48.13
CA THR A 167 4.92 -2.79 47.56
C THR A 167 4.10 -3.30 46.39
N ILE A 168 4.77 -4.04 45.51
CA ILE A 168 4.12 -4.67 44.36
C ILE A 168 4.57 -6.13 44.31
N PRO A 169 3.65 -7.09 44.17
CA PRO A 169 4.06 -8.50 44.20
C PRO A 169 5.03 -8.83 43.08
N ARG A 170 5.99 -9.70 43.39
CA ARG A 170 6.99 -10.11 42.42
C ARG A 170 6.49 -11.29 41.61
N PRO A 171 6.45 -11.21 40.28
CA PRO A 171 5.91 -12.31 39.48
C PRO A 171 6.87 -13.49 39.44
N HIS A 172 6.31 -14.70 39.46
CA HIS A 172 7.12 -15.90 39.37
C HIS A 172 7.72 -16.04 37.98
N GLN A 173 8.80 -16.81 37.90
CA GLN A 173 9.54 -16.92 36.65
C GLN A 173 8.64 -17.43 35.53
N ILE A 174 9.14 -17.34 34.31
CA ILE A 174 8.35 -17.67 33.14
C ILE A 174 7.88 -19.12 33.21
N ARG A 175 8.75 -20.01 33.68
CA ARG A 175 8.41 -21.42 33.89
C ARG A 175 8.61 -21.74 35.36
N CYS A 176 7.52 -22.09 36.06
CA CYS A 176 7.60 -22.38 37.48
C CYS A 176 6.56 -23.43 37.83
N ASN A 177 6.99 -24.46 38.56
CA ASN A 177 6.09 -25.47 39.11
C ASN A 177 5.72 -25.18 40.56
N CYS A 178 6.01 -23.97 41.04
CA CYS A 178 5.61 -23.53 42.36
C CYS A 178 4.19 -23.99 42.68
N VAL A 179 4.01 -24.55 43.89
CA VAL A 179 2.73 -25.14 44.24
C VAL A 179 1.62 -24.11 44.20
N GLU A 180 1.91 -22.88 44.64
CA GLU A 180 0.93 -21.82 44.50
C GLU A 180 0.60 -21.55 43.04
N CYS A 181 1.59 -21.69 42.16
CA CYS A 181 1.40 -21.36 40.75
C CYS A 181 0.47 -22.36 40.08
N VAL A 182 0.71 -23.66 40.29
CA VAL A 182 -0.14 -24.67 39.67
C VAL A 182 -1.54 -24.61 40.24
N SER A 183 -1.66 -24.40 41.55
CA SER A 183 -2.99 -24.32 42.16
C SER A 183 -3.77 -23.13 41.62
N SER A 184 -3.12 -21.98 41.47
CA SER A 184 -3.81 -20.80 40.97
C SER A 184 -4.31 -21.02 39.55
N SER A 185 -3.44 -21.52 38.66
CA SER A 185 -3.86 -21.76 37.29
C SER A 185 -4.99 -22.77 37.22
N GLU A 186 -4.87 -23.87 37.96
CA GLU A 186 -5.93 -24.86 37.97
C GLU A 186 -7.20 -24.32 38.61
N VAL A 187 -7.07 -23.64 39.74
CA VAL A 187 -8.25 -23.18 40.47
C VAL A 187 -9.02 -22.15 39.64
N ASP A 188 -8.31 -21.13 39.13
CA ASP A 188 -8.97 -20.08 38.35
C ASP A 188 -7.96 -19.52 37.34
N SER A 189 -8.02 -20.02 36.11
CA SER A 189 -7.41 -19.31 35.00
C SER A 189 -8.34 -18.17 34.56
N LEU A 190 -7.79 -17.26 33.77
CA LEU A 190 -8.41 -16.00 33.39
C LEU A 190 -8.31 -15.01 34.54
N ARG A 191 -7.89 -15.43 35.73
CA ARG A 191 -7.56 -14.53 36.83
C ARG A 191 -6.10 -14.59 37.18
N HIS A 192 -5.49 -15.78 37.10
CA HIS A 192 -4.05 -15.88 37.15
C HIS A 192 -3.40 -15.15 35.98
N SER A 193 -3.95 -15.33 34.78
CA SER A 193 -3.39 -14.67 33.60
C SER A 193 -3.57 -13.16 33.66
N ARG A 194 -4.73 -12.69 34.14
CA ARG A 194 -4.95 -11.25 34.21
C ARG A 194 -4.07 -10.61 35.27
N SER A 195 -3.94 -11.25 36.44
CA SER A 195 -3.10 -10.70 37.49
C SER A 195 -1.65 -10.60 37.03
N ARG A 196 -1.17 -11.61 36.32
CA ARG A 196 0.20 -11.58 35.83
C ARG A 196 0.42 -10.40 34.90
N LEU A 197 -0.52 -10.17 33.98
CA LEU A 197 -0.38 -9.05 33.05
C LEU A 197 -0.50 -7.71 33.77
N ASN A 198 -1.33 -7.64 34.81
CA ASN A 198 -1.48 -6.39 35.55
C ASN A 198 -0.18 -6.01 36.24
N ILE A 199 0.51 -6.98 36.83
CA ILE A 199 1.75 -6.69 37.54
C ILE A 199 2.85 -6.26 36.58
N TYR A 200 2.91 -6.88 35.40
CA TYR A 200 3.95 -6.51 34.45
C TYR A 200 3.70 -5.15 33.82
N LYS A 201 2.44 -4.76 33.65
CA LYS A 201 2.14 -3.43 33.14
C LYS A 201 2.65 -2.36 34.09
N ALA A 202 2.50 -2.58 35.40
CA ALA A 202 2.99 -1.62 36.39
C ALA A 202 4.51 -1.55 36.37
N LEU A 203 5.17 -2.71 36.33
CA LEU A 203 6.63 -2.73 36.37
C LEU A 203 7.24 -2.12 35.12
N ALA A 204 6.53 -2.19 33.99
CA ALA A 204 7.01 -1.64 32.73
C ALA A 204 6.67 -0.17 32.57
N SER A 205 6.27 0.50 33.63
CA SER A 205 5.92 1.90 33.55
C SER A 205 7.16 2.77 33.54
N PRO A 206 7.38 3.61 32.52
CA PRO A 206 8.57 4.46 32.52
C PRO A 206 8.70 5.33 33.75
N SER A 207 7.58 5.88 34.25
CA SER A 207 7.66 6.76 35.42
C SER A 207 8.04 5.98 36.67
N LEU A 208 7.50 4.77 36.83
CA LEU A 208 7.85 3.95 37.99
C LEU A 208 9.25 3.37 37.88
N ILE A 209 9.84 3.36 36.69
CA ILE A 209 11.22 2.90 36.53
C ILE A 209 12.20 4.04 36.77
N ALA A 210 11.96 5.20 36.16
CA ALA A 210 12.83 6.34 36.37
C ALA A 210 12.93 6.69 37.84
N LEU A 211 11.84 6.47 38.58
CA LEU A 211 11.80 6.67 40.02
C LEU A 211 11.80 5.32 40.71
N SER A 212 12.68 5.13 41.68
CA SER A 212 12.76 3.92 42.49
C SER A 212 13.47 2.75 41.82
N SER A 213 14.28 2.98 40.79
CA SER A 213 15.10 1.92 40.20
C SER A 213 16.57 2.31 40.31
N GLU A 214 17.38 1.37 40.80
CA GLU A 214 18.80 1.64 41.00
C GLU A 214 19.49 1.95 39.68
N ASP A 215 19.24 1.14 38.66
CA ASP A 215 19.85 1.30 37.33
C ASP A 215 18.72 1.33 36.31
N PRO A 216 18.19 2.50 36.00
CA PRO A 216 17.05 2.56 35.06
C PRO A 216 17.33 1.92 33.72
N ILE A 217 18.55 1.94 33.21
CA ILE A 217 18.80 1.40 31.85
C ILE A 217 18.92 -0.12 31.91
N LEU A 218 19.56 -0.72 32.89
CA LEU A 218 19.58 -2.20 33.03
C LEU A 218 18.18 -2.76 33.29
N THR A 219 17.38 -2.11 34.12
CA THR A 219 15.99 -2.50 34.35
C THR A 219 15.26 -2.53 33.00
N ALA A 220 15.42 -1.51 32.18
CA ALA A 220 14.69 -1.51 30.92
C ALA A 220 15.16 -2.63 29.99
N PHE A 221 16.48 -2.85 29.93
CA PHE A 221 16.99 -3.93 29.10
C PHE A 221 16.47 -5.29 29.56
N ARG A 222 16.62 -5.58 30.85
CA ARG A 222 16.22 -6.89 31.36
C ARG A 222 14.70 -7.06 31.33
N LEU A 223 13.96 -6.01 31.69
CA LEU A 223 12.50 -6.10 31.69
C LEU A 223 11.96 -6.29 30.28
N GLY A 224 12.46 -5.49 29.33
CA GLY A 224 11.98 -5.61 27.96
C GLY A 224 12.27 -6.97 27.34
N TRP A 225 13.46 -7.51 27.62
CA TRP A 225 13.80 -8.83 27.11
C TRP A 225 12.87 -9.89 27.67
N GLU A 226 12.58 -9.83 28.97
CA GLU A 226 11.72 -10.83 29.59
C GLU A 226 10.29 -10.76 29.07
N LEU A 227 9.81 -9.56 28.74
CA LEU A 227 8.45 -9.43 28.23
C LEU A 227 8.31 -10.07 26.86
N LYS A 228 9.35 -9.98 26.02
CA LYS A 228 9.32 -10.64 24.73
C LYS A 228 9.24 -12.15 24.89
N GLU A 229 9.98 -12.69 25.87
CA GLU A 229 9.91 -14.13 26.11
C GLU A 229 8.50 -14.56 26.50
N LEU A 230 7.83 -13.77 27.34
CA LEU A 230 6.46 -14.07 27.69
C LEU A 230 5.55 -14.02 26.48
N SER A 231 5.89 -13.20 25.49
CA SER A 231 5.06 -13.08 24.29
C SER A 231 4.96 -14.40 23.55
N LYS A 232 6.04 -15.18 23.51
CA LYS A 232 6.02 -16.45 22.80
C LYS A 232 5.30 -17.55 23.58
N VAL A 233 5.41 -17.55 24.91
CA VAL A 233 4.83 -18.62 25.70
C VAL A 233 3.35 -18.36 25.95
N GLU A 234 3.03 -17.21 26.53
CA GLU A 234 1.64 -16.81 26.75
C GLU A 234 1.06 -16.28 25.43
N ASN A 235 1.04 -17.18 24.44
CA ASN A 235 0.64 -16.80 23.09
C ASN A 235 -0.81 -16.34 23.02
N GLU A 236 -1.62 -16.64 24.03
CA GLU A 236 -3.00 -16.15 24.02
C GLU A 236 -3.04 -14.64 24.06
N PHE A 237 -2.12 -14.02 24.77
CA PHE A 237 -2.05 -12.58 24.93
C PHE A 237 -0.74 -12.02 24.39
N LYS A 238 -0.36 -12.49 23.20
CA LYS A 238 0.93 -12.15 22.62
C LYS A 238 1.05 -10.63 22.42
N ALA A 239 0.01 -10.00 21.87
CA ALA A 239 0.11 -8.59 21.52
C ALA A 239 0.34 -7.73 22.75
N GLU A 240 -0.36 -8.01 23.85
CA GLU A 240 -0.25 -7.18 25.04
C GLU A 240 1.18 -7.18 25.57
N TYR A 241 1.79 -8.37 25.67
CA TYR A 241 3.18 -8.43 26.13
C TYR A 241 4.12 -7.77 25.14
N GLU A 242 3.86 -7.96 23.84
CA GLU A 242 4.72 -7.35 22.82
C GLU A 242 4.68 -5.83 22.90
N GLU A 243 3.50 -5.26 23.12
CA GLU A 243 3.40 -3.81 23.28
C GLU A 243 4.17 -3.33 24.50
N LEU A 244 4.10 -4.08 25.60
CA LEU A 244 4.85 -3.72 26.80
C LEU A 244 6.36 -3.79 26.55
N SER A 245 6.81 -4.79 25.81
CA SER A 245 8.23 -4.92 25.52
C SER A 245 8.74 -3.73 24.70
N GLN A 246 7.94 -3.28 23.73
CA GLN A 246 8.32 -2.10 22.97
C GLN A 246 8.44 -0.87 23.87
N GLN A 247 7.60 -0.80 24.90
CA GLN A 247 7.64 0.35 25.82
C GLN A 247 8.99 0.43 26.52
N CYS A 248 9.50 -0.70 26.99
CA CYS A 248 10.76 -0.69 27.74
C CYS A 248 11.94 -0.32 26.84
N LYS A 249 11.94 -0.82 25.60
CA LYS A 249 13.03 -0.50 24.68
C LYS A 249 13.06 0.98 24.35
N LEU A 250 11.88 1.59 24.18
CA LEU A 250 11.82 3.01 23.86
C LEU A 250 12.30 3.87 25.02
N PHE A 251 11.99 3.47 26.25
CA PHE A 251 12.38 4.26 27.42
C PHE A 251 13.90 4.31 27.55
N ALA A 252 14.58 3.19 27.33
CA ALA A 252 16.03 3.18 27.44
C ALA A 252 16.67 4.04 26.36
N LYS A 253 16.16 3.97 25.13
CA LYS A 253 16.71 4.79 24.06
C LYS A 253 16.44 6.26 24.31
N ASP A 254 15.25 6.60 24.82
CA ASP A 254 14.93 7.99 25.11
C ASP A 254 15.76 8.53 26.28
N LEU A 255 16.13 7.67 27.22
CA LEU A 255 17.00 8.10 28.30
C LEU A 255 18.38 8.49 27.77
N LEU A 256 18.91 7.71 26.82
CA LEU A 256 20.17 8.04 26.19
C LEU A 256 20.07 9.25 25.27
N ASP A 257 18.84 9.64 24.89
CA ASP A 257 18.64 10.80 24.03
C ASP A 257 18.88 12.11 24.75
N GLN A 258 18.93 12.10 26.07
CA GLN A 258 19.07 13.32 26.86
C GLN A 258 20.52 13.66 27.19
N ALA A 259 21.47 12.85 26.74
CA ALA A 259 22.87 13.15 26.99
C ALA A 259 23.28 14.39 26.20
N ARG A 260 24.07 15.26 26.83
CA ARG A 260 24.42 16.54 26.25
C ARG A 260 25.90 16.72 25.99
N SER A 261 26.76 15.86 26.52
CA SER A 261 28.19 15.95 26.30
C SER A 261 28.75 14.58 25.99
N SER A 262 29.90 14.57 25.32
CA SER A 262 30.58 13.30 25.05
C SER A 262 31.05 12.65 26.34
N ARG A 263 31.32 13.45 27.38
CA ARG A 263 31.68 12.87 28.67
C ARG A 263 30.54 12.05 29.26
N GLU A 264 29.32 12.58 29.19
CA GLU A 264 28.18 11.86 29.74
C GLU A 264 27.95 10.54 29.00
N LEU A 265 28.06 10.57 27.67
CA LEU A 265 27.84 9.37 26.88
C LEU A 265 28.88 8.30 27.23
N GLU A 266 30.14 8.70 27.40
CA GLU A 266 31.18 7.73 27.72
C GLU A 266 30.92 7.05 29.06
N ILE A 267 30.49 7.83 30.06
CA ILE A 267 30.19 7.24 31.37
C ILE A 267 29.05 6.24 31.26
N ILE A 268 28.02 6.51 30.49
CA ILE A 268 26.85 5.61 30.41
C ILE A 268 27.27 4.32 29.72
N LEU A 269 27.92 4.40 28.57
CA LEU A 269 28.21 3.24 27.71
C LEU A 269 29.40 2.42 28.20
N ASN A 270 30.27 2.97 29.02
CA ASN A 270 31.43 2.22 29.58
C ASN A 270 31.18 1.73 31.01
N HIS A 271 30.00 1.88 31.59
CA HIS A 271 29.74 1.47 33.00
C HIS A 271 29.72 -0.05 33.10
N ARG A 272 30.37 -0.56 34.12
CA ARG A 272 30.33 -2.01 34.33
C ARG A 272 29.49 -2.18 35.56
N ASP A 273 28.42 -2.94 35.45
CA ASP A 273 27.43 -3.04 36.53
C ASP A 273 28.03 -3.65 37.79
N ASP A 274 28.86 -4.68 37.63
CA ASP A 274 29.54 -5.29 38.80
C ASP A 274 30.93 -4.66 38.95
N ASP A 286 35.82 -2.67 27.59
CA ASP A 286 35.38 -1.28 27.35
C ASP A 286 34.12 -1.34 26.53
N LEU A 287 33.21 -0.42 26.75
CA LEU A 287 31.89 -0.43 26.10
C LEU A 287 31.11 -1.56 26.76
N ALA A 288 31.26 -1.74 28.06
CA ALA A 288 30.58 -2.86 28.70
C ALA A 288 29.07 -2.74 28.58
N LYS A 289 28.53 -1.54 28.83
CA LYS A 289 27.09 -1.35 28.77
C LYS A 289 26.57 -1.55 27.35
N LEU A 290 27.34 -1.12 26.35
CA LEU A 290 26.95 -1.37 24.97
C LEU A 290 26.93 -2.85 24.64
N LYS A 291 27.87 -3.62 25.23
CA LYS A 291 27.87 -5.07 25.02
C LYS A 291 26.62 -5.71 25.61
N VAL A 292 26.14 -5.20 26.74
CA VAL A 292 24.90 -5.71 27.31
C VAL A 292 23.72 -5.38 26.42
N ALA A 293 23.75 -4.20 25.78
CA ALA A 293 22.68 -3.83 24.87
C ALA A 293 22.60 -4.78 23.69
N ILE A 294 23.75 -5.18 23.14
CA ILE A 294 23.75 -6.13 22.03
C ILE A 294 23.24 -7.48 22.48
N LYS A 295 23.62 -7.91 23.68
CA LYS A 295 23.22 -9.23 24.16
C LYS A 295 21.71 -9.31 24.38
N TYR A 296 21.07 -8.21 24.75
CA TYR A 296 19.62 -8.18 24.92
C TYR A 296 18.87 -7.74 23.67
N HIS A 297 19.57 -7.49 22.56
CA HIS A 297 18.94 -7.14 21.29
C HIS A 297 18.27 -5.78 21.36
N GLN A 298 18.92 -4.83 22.03
CA GLN A 298 18.41 -3.45 22.13
C GLN A 298 18.86 -2.68 20.90
N LYS A 299 18.12 -2.87 19.80
CA LYS A 299 18.55 -2.36 18.51
C LYS A 299 18.44 -0.84 18.43
N GLU A 300 17.32 -0.28 18.89
CA GLU A 300 17.17 1.16 18.86
C GLU A 300 18.20 1.85 19.73
N PHE A 301 18.51 1.26 20.89
CA PHE A 301 19.54 1.81 21.76
C PHE A 301 20.90 1.83 21.06
N VAL A 302 21.25 0.73 20.39
CA VAL A 302 22.54 0.64 19.72
C VAL A 302 22.59 1.52 18.49
N ALA A 303 21.46 1.69 17.81
CA ALA A 303 21.39 2.45 16.57
C ALA A 303 21.24 3.95 16.80
N GLN A 304 21.22 4.40 18.05
CA GLN A 304 21.06 5.82 18.32
C GLN A 304 22.18 6.60 17.64
N PRO A 305 21.86 7.75 17.03
CA PRO A 305 22.89 8.45 16.25
C PRO A 305 24.12 8.86 17.05
N ASN A 306 23.95 9.24 18.31
CA ASN A 306 25.12 9.63 19.11
C ASN A 306 25.97 8.42 19.45
N CYS A 307 25.34 7.28 19.76
CA CYS A 307 26.09 6.05 20.00
C CYS A 307 26.82 5.60 18.74
N GLN A 308 26.18 5.72 17.58
CA GLN A 308 26.82 5.33 16.32
C GLN A 308 27.98 6.26 15.99
N GLN A 309 27.89 7.54 16.34
CA GLN A 309 28.97 8.46 16.07
C GLN A 309 30.21 8.15 16.90
N LEU A 310 30.01 7.77 18.17
CA LEU A 310 31.14 7.39 19.01
C LEU A 310 31.83 6.15 18.49
N LEU A 311 31.04 5.17 18.02
CA LEU A 311 31.61 3.93 17.51
C LEU A 311 32.44 4.18 16.25
N ALA A 312 31.96 5.04 15.36
CA ALA A 312 32.70 5.33 14.13
C ALA A 312 34.05 5.93 14.44
N THR A 313 34.17 6.71 15.51
CA THR A 313 35.46 7.27 15.88
C THR A 313 36.46 6.18 16.21
N LEU A 314 36.04 5.17 16.96
CA LEU A 314 36.93 4.05 17.28
C LEU A 314 37.20 3.19 16.06
N TRP A 315 36.23 3.05 15.15
CA TRP A 315 36.42 2.25 13.96
C TRP A 315 37.47 2.86 13.03
N TYR A 316 37.41 4.17 12.83
CA TYR A 316 38.30 4.88 11.90
C TYR A 316 39.50 5.51 12.61
N ASP A 317 40.01 4.89 13.66
CA ASP A 317 41.03 5.52 14.49
C ASP A 317 42.21 6.01 13.67
N GLY A 318 42.59 5.28 12.62
CA GLY A 318 43.75 5.69 11.84
C GLY A 318 43.51 6.96 11.04
N PHE A 319 42.31 7.11 10.46
CA PHE A 319 42.02 8.17 9.51
C PHE A 319 41.03 9.15 10.12
N PRO A 320 41.48 10.30 10.64
CA PRO A 320 40.54 11.22 11.31
C PRO A 320 39.41 11.70 10.42
N GLY A 321 39.66 11.92 9.14
CA GLY A 321 38.67 12.53 8.28
C GLY A 321 38.15 11.64 7.17
N TRP A 322 38.00 10.35 7.45
CA TRP A 322 37.46 9.44 6.44
C TRP A 322 36.07 9.87 5.99
N ARG A 323 35.31 10.50 6.88
CA ARG A 323 33.94 10.88 6.56
C ARG A 323 33.88 11.83 5.37
N ARG A 324 34.78 12.81 5.33
CA ARG A 324 34.70 13.92 4.39
C ARG A 324 35.50 13.68 3.12
N LYS A 325 36.22 12.57 3.02
CA LYS A 325 37.07 12.32 1.86
C LYS A 325 36.25 11.89 0.65
N HIS A 326 36.80 12.16 -0.53
CA HIS A 326 36.15 11.76 -1.77
C HIS A 326 36.24 10.26 -1.97
N TRP A 327 35.20 9.70 -2.60
CA TRP A 327 35.14 8.24 -2.73
C TRP A 327 36.30 7.70 -3.55
N VAL A 328 36.74 8.46 -4.56
CA VAL A 328 37.84 7.98 -5.40
C VAL A 328 39.10 7.80 -4.57
N VAL A 329 39.42 8.76 -3.71
CA VAL A 329 40.58 8.62 -2.84
C VAL A 329 40.40 7.47 -1.87
N LYS A 330 39.17 7.27 -1.39
CA LYS A 330 38.90 6.15 -0.50
C LYS A 330 39.14 4.83 -1.19
N LEU A 331 38.71 4.70 -2.45
CA LEU A 331 38.92 3.46 -3.18
C LEU A 331 40.41 3.16 -3.33
N LEU A 332 41.21 4.18 -3.64
CA LEU A 332 42.66 3.99 -3.73
C LEU A 332 43.25 3.66 -2.37
N THR A 333 42.80 4.33 -1.31
CA THR A 333 43.36 4.10 0.02
C THR A 333 43.14 2.66 0.46
N CYS A 334 41.96 2.11 0.22
CA CYS A 334 41.69 0.72 0.58
C CYS A 334 42.59 -0.23 -0.20
N MET A 335 42.74 0.01 -1.51
CA MET A 335 43.54 -0.90 -2.33
C MET A 335 45.00 -0.91 -1.89
N THR A 336 45.56 0.26 -1.61
CA THR A 336 46.96 0.31 -1.20
C THR A 336 47.17 -0.38 0.14
N ILE A 337 46.27 -0.17 1.09
CA ILE A 337 46.41 -0.82 2.40
C ILE A 337 46.29 -2.33 2.25
N GLY A 338 45.31 -2.80 1.47
CA GLY A 338 45.19 -4.22 1.23
C GLY A 338 46.37 -4.79 0.47
N PHE A 339 46.89 -4.03 -0.49
CA PHE A 339 48.03 -4.50 -1.27
C PHE A 339 49.26 -4.77 -0.40
N LEU A 340 49.35 -4.16 0.78
CA LEU A 340 50.50 -4.32 1.65
C LEU A 340 50.21 -5.19 2.86
N PHE A 341 49.10 -5.93 2.85
CA PHE A 341 48.75 -6.72 4.03
C PHE A 341 49.85 -7.69 4.45
N PRO A 342 50.57 -8.37 3.54
CA PRO A 342 51.63 -9.27 4.02
C PRO A 342 52.71 -8.56 4.80
N MET A 343 53.03 -7.31 4.42
CA MET A 343 54.04 -6.56 5.15
C MET A 343 53.54 -6.14 6.51
N LEU A 344 52.30 -5.67 6.59
CA LEU A 344 51.74 -5.24 7.87
C LEU A 344 51.67 -6.39 8.86
N SER A 345 51.24 -7.57 8.41
CA SER A 345 51.07 -8.69 9.32
C SER A 345 52.41 -9.14 9.91
N ILE A 346 53.44 -9.23 9.08
CA ILE A 346 54.75 -9.69 9.57
C ILE A 346 55.31 -8.68 10.56
N ALA A 347 55.09 -7.39 10.32
CA ALA A 347 55.59 -6.36 11.22
C ALA A 347 54.98 -6.52 12.61
N TYR A 348 53.69 -6.82 12.68
CA TYR A 348 53.04 -7.00 13.98
C TYR A 348 53.62 -8.18 14.75
N LEU A 349 54.35 -9.07 14.08
CA LEU A 349 54.93 -10.23 14.73
C LEU A 349 56.35 -9.94 15.24
N ILE A 350 57.21 -9.44 14.37
CA ILE A 350 58.61 -9.23 14.75
C ILE A 350 58.71 -8.18 15.85
N SER A 351 58.06 -7.03 15.65
CA SER A 351 58.13 -5.90 16.58
C SER A 351 56.73 -5.39 16.85
N PRO A 352 55.96 -6.07 17.71
CA PRO A 352 54.60 -5.58 18.00
C PRO A 352 54.58 -4.17 18.54
N ARG A 353 55.56 -3.80 19.36
CA ARG A 353 55.63 -2.45 19.89
C ARG A 353 56.09 -1.42 18.86
N SER A 354 56.56 -1.88 17.70
CA SER A 354 57.05 -0.95 16.69
C SER A 354 55.90 -0.09 16.16
N ASN A 355 56.26 1.10 15.67
CA ASN A 355 55.25 2.01 15.15
C ASN A 355 54.51 1.39 13.97
N LEU A 356 55.23 0.72 13.08
CA LEU A 356 54.58 0.07 11.95
C LEU A 356 53.66 -1.05 12.40
N GLY A 357 54.07 -1.82 13.41
CA GLY A 357 53.26 -2.94 13.85
C GLY A 357 51.88 -2.53 14.31
N LEU A 358 51.77 -1.38 14.99
CA LEU A 358 50.51 -0.98 15.59
C LEU A 358 49.42 -0.76 14.56
N PHE A 359 49.77 -0.59 13.29
CA PHE A 359 48.76 -0.30 12.27
C PHE A 359 47.74 -1.43 12.17
N ILE A 360 48.19 -2.68 12.22
CA ILE A 360 47.27 -3.80 12.10
C ILE A 360 46.29 -3.86 13.26
N LYS A 361 46.62 -3.23 14.38
CA LYS A 361 45.73 -3.25 15.54
C LYS A 361 44.48 -2.41 15.32
N LYS A 362 44.58 -1.34 14.54
CA LYS A 362 43.43 -0.47 14.33
C LYS A 362 42.31 -1.22 13.62
N PRO A 363 41.05 -1.03 14.03
CA PRO A 363 39.98 -1.89 13.50
C PRO A 363 39.79 -1.81 12.00
N PHE A 364 39.63 -0.61 11.44
CA PHE A 364 39.37 -0.50 10.01
C PHE A 364 40.54 -1.05 9.19
N ILE A 365 41.76 -0.73 9.58
CA ILE A 365 42.93 -1.24 8.86
C ILE A 365 43.02 -2.75 9.00
N LYS A 366 42.69 -3.27 10.19
CA LYS A 366 42.66 -4.72 10.38
C LYS A 366 41.59 -5.36 9.51
N PHE A 367 40.43 -4.71 9.38
CA PHE A 367 39.37 -5.25 8.54
C PHE A 367 39.80 -5.34 7.09
N ILE A 368 40.47 -4.31 6.59
CA ILE A 368 40.94 -4.33 5.20
C ILE A 368 42.00 -5.41 5.02
N CYS A 369 42.84 -5.61 6.02
CA CYS A 369 43.88 -6.64 5.91
C CYS A 369 43.28 -8.02 5.83
N HIS A 370 42.31 -8.33 6.70
CA HIS A 370 41.68 -9.64 6.65
C HIS A 370 40.95 -9.86 5.34
N THR A 371 40.25 -8.84 4.85
CA THR A 371 39.56 -8.96 3.57
C THR A 371 40.54 -9.20 2.43
N ALA A 372 41.65 -8.45 2.42
CA ALA A 372 42.64 -8.62 1.36
C ALA A 372 43.24 -10.02 1.39
N SER A 373 43.54 -10.54 2.58
CA SER A 373 44.03 -11.90 2.68
C SER A 373 43.03 -12.89 2.10
N TYR A 374 41.77 -12.77 2.50
CA TYR A 374 40.75 -13.71 2.03
C TYR A 374 40.61 -13.65 0.51
N LEU A 375 40.65 -12.46 -0.06
CA LEU A 375 40.46 -12.33 -1.51
C LEU A 375 41.55 -13.06 -2.28
N THR A 376 42.80 -12.99 -1.79
CA THR A 376 43.89 -13.69 -2.47
C THR A 376 43.66 -15.19 -2.46
N PHE A 377 43.14 -15.73 -1.36
CA PHE A 377 42.84 -17.16 -1.31
C PHE A 377 41.80 -17.52 -2.36
N LEU A 378 40.79 -16.67 -2.56
CA LEU A 378 39.83 -16.91 -3.62
C LEU A 378 40.48 -16.84 -4.99
N PHE A 379 41.41 -15.88 -5.17
CA PHE A 379 42.08 -15.75 -6.45
C PHE A 379 42.90 -16.99 -6.78
N MET A 380 43.57 -17.56 -5.78
CA MET A 380 44.35 -18.77 -6.02
C MET A 380 43.45 -19.93 -6.44
N LEU A 381 42.25 -20.02 -5.87
CA LEU A 381 41.33 -21.07 -6.27
C LEU A 381 40.99 -20.96 -7.75
N LEU A 382 40.76 -19.74 -8.23
CA LEU A 382 40.51 -19.55 -9.65
C LEU A 382 41.69 -19.98 -10.51
N LEU A 383 42.88 -20.09 -9.93
CA LEU A 383 44.07 -20.54 -10.64
C LEU A 383 44.33 -22.02 -10.47
N ALA A 384 43.44 -22.75 -9.78
CA ALA A 384 43.65 -24.18 -9.59
C ALA A 384 43.37 -24.98 -10.85
N SER A 385 42.49 -24.48 -11.72
CA SER A 385 42.15 -25.19 -12.95
C SER A 385 43.23 -25.03 -14.01
N GLN A 386 43.86 -23.87 -14.09
CA GLN A 386 44.71 -23.55 -15.23
C GLN A 386 46.12 -24.11 -15.11
N HIS A 387 46.60 -24.36 -13.90
CA HIS A 387 48.01 -24.68 -13.69
C HIS A 387 48.29 -26.18 -13.67
N ILE A 388 47.31 -27.01 -14.00
CA ILE A 388 47.52 -28.45 -14.04
C ILE A 388 47.86 -28.88 -15.45
N VAL A 389 48.69 -29.91 -15.58
CA VAL A 389 49.12 -30.43 -16.87
C VAL A 389 48.21 -31.58 -17.27
N ARG A 390 48.17 -31.86 -18.57
CA ARG A 390 47.27 -32.89 -19.09
C ARG A 390 47.62 -34.27 -18.53
N THR A 391 48.91 -34.58 -18.44
CA THR A 391 49.32 -35.94 -18.08
C THR A 391 48.76 -36.36 -16.73
N ASP A 392 48.57 -35.41 -15.81
CA ASP A 392 48.07 -35.76 -14.49
C ASP A 392 46.65 -36.31 -14.50
N LEU A 393 45.93 -36.17 -15.62
CA LEU A 393 44.57 -36.67 -15.69
C LEU A 393 44.48 -38.17 -15.46
N HIS A 394 45.58 -38.89 -15.66
CA HIS A 394 45.56 -40.35 -15.55
C HIS A 394 46.35 -40.87 -14.35
N VAL A 395 46.78 -39.99 -13.46
CA VAL A 395 47.55 -40.37 -12.29
C VAL A 395 46.59 -40.50 -11.11
N GLN A 396 46.49 -41.72 -10.57
CA GLN A 396 45.73 -41.94 -9.35
C GLN A 396 46.63 -41.70 -8.15
N GLY A 397 46.07 -41.04 -7.13
CA GLY A 397 46.85 -40.67 -5.97
C GLY A 397 47.99 -39.75 -6.31
N PRO A 398 47.72 -38.70 -7.07
CA PRO A 398 48.80 -37.78 -7.49
C PRO A 398 49.31 -36.98 -6.31
N PRO A 399 50.50 -36.40 -6.43
CA PRO A 399 51.02 -35.54 -5.37
C PRO A 399 50.35 -34.17 -5.41
N PRO A 400 50.39 -33.42 -4.32
CA PRO A 400 49.80 -32.08 -4.34
C PRO A 400 50.46 -31.21 -5.39
N THR A 401 49.65 -30.37 -6.03
CA THR A 401 50.15 -29.45 -7.04
C THR A 401 50.62 -28.16 -6.37
N VAL A 402 51.05 -27.20 -7.19
CA VAL A 402 51.54 -25.94 -6.65
C VAL A 402 50.41 -25.21 -5.93
N VAL A 403 49.22 -25.17 -6.54
CA VAL A 403 48.12 -24.42 -5.96
C VAL A 403 47.71 -25.01 -4.62
N GLU A 404 47.62 -26.34 -4.52
CA GLU A 404 47.23 -26.96 -3.26
C GLU A 404 48.23 -26.66 -2.16
N TRP A 405 49.51 -26.66 -2.48
CA TRP A 405 50.52 -26.36 -1.48
C TRP A 405 50.31 -24.97 -0.90
N MET A 406 50.17 -23.97 -1.77
CA MET A 406 49.92 -22.61 -1.29
C MET A 406 48.61 -22.53 -0.51
N ILE A 407 47.55 -23.15 -1.03
CA ILE A 407 46.25 -23.12 -0.37
C ILE A 407 46.30 -23.81 0.98
N LEU A 408 47.24 -24.73 1.17
CA LEU A 408 47.25 -25.52 2.40
C LEU A 408 47.35 -24.68 3.66
N PRO A 409 48.27 -23.71 3.77
CA PRO A 409 48.33 -22.92 5.00
C PRO A 409 47.03 -22.23 5.33
N TRP A 410 46.30 -21.75 4.32
CA TRP A 410 45.05 -21.04 4.57
C TRP A 410 43.96 -22.01 5.02
N VAL A 411 43.93 -23.21 4.44
CA VAL A 411 42.96 -24.21 4.89
C VAL A 411 43.18 -24.54 6.36
N LEU A 412 44.44 -24.68 6.77
CA LEU A 412 44.74 -24.87 8.18
C LEU A 412 44.31 -23.67 9.00
N GLY A 413 44.57 -22.46 8.50
CA GLY A 413 44.22 -21.27 9.26
C GLY A 413 42.73 -21.17 9.54
N PHE A 414 41.90 -21.40 8.52
CA PHE A 414 40.46 -21.28 8.69
C PHE A 414 39.95 -22.29 9.73
N ILE A 415 40.46 -23.53 9.67
CA ILE A 415 40.06 -24.54 10.65
C ILE A 415 40.49 -24.12 12.05
N TRP A 416 41.73 -23.64 12.18
CA TRP A 416 42.20 -23.18 13.48
C TRP A 416 41.40 -21.98 13.96
N GLY A 417 41.12 -21.03 13.07
CA GLY A 417 40.36 -19.85 13.47
C GLY A 417 38.96 -20.19 13.94
N GLU A 418 38.30 -21.11 13.25
CA GLU A 418 36.93 -21.47 13.64
C GLU A 418 36.91 -22.11 15.03
N ILE A 419 37.89 -22.97 15.32
CA ILE A 419 37.93 -23.62 16.63
C ILE A 419 38.08 -22.58 17.74
N LYS A 420 38.96 -21.59 17.54
CA LYS A 420 39.23 -20.62 18.59
C LYS A 420 37.98 -19.85 18.98
N GLU A 421 37.18 -19.42 17.99
CA GLU A 421 35.97 -18.68 18.30
C GLU A 421 34.87 -19.59 18.84
N MET A 422 34.97 -20.91 18.61
CA MET A 422 33.95 -21.82 19.12
C MET A 422 34.00 -21.91 20.64
N TRP A 423 35.20 -22.04 21.21
CA TRP A 423 35.32 -22.20 22.65
C TRP A 423 34.88 -20.95 23.40
N ASP A 424 35.37 -19.78 22.98
CA ASP A 424 35.10 -18.56 23.73
C ASP A 424 33.60 -18.24 23.73
N GLY A 425 32.95 -18.35 22.58
CA GLY A 425 31.54 -18.03 22.51
C GLY A 425 30.59 -19.14 22.94
N GLY A 426 31.10 -20.35 23.09
CA GLY A 426 30.26 -21.48 23.44
C GLY A 426 29.60 -22.10 22.23
N PHE A 427 29.22 -23.38 22.39
CA PHE A 427 28.61 -24.10 21.28
C PHE A 427 27.27 -23.47 20.89
N THR A 428 26.45 -23.09 21.88
CA THR A 428 25.13 -22.55 21.58
C THR A 428 25.24 -21.25 20.79
N GLU A 429 26.15 -20.37 21.18
CA GLU A 429 26.30 -19.09 20.48
C GLU A 429 26.76 -19.30 19.05
N TYR A 430 27.68 -20.25 18.83
CA TYR A 430 28.23 -20.46 17.50
C TYR A 430 27.15 -20.91 16.52
N ILE A 431 26.27 -21.81 16.95
CA ILE A 431 25.30 -22.38 16.02
C ILE A 431 24.29 -21.35 15.55
N HIS A 432 24.03 -20.31 16.35
CA HIS A 432 22.97 -19.36 16.02
C HIS A 432 23.25 -18.66 14.69
N ASP A 433 24.49 -18.21 14.49
CA ASP A 433 24.80 -17.45 13.29
C ASP A 433 24.71 -18.33 12.05
N TRP A 434 23.98 -17.86 11.03
CA TRP A 434 23.84 -18.63 9.81
C TRP A 434 25.15 -18.74 9.06
N TRP A 435 25.88 -17.62 8.93
CA TRP A 435 27.15 -17.65 8.23
C TRP A 435 28.15 -18.58 8.89
N ASN A 436 28.01 -18.84 10.18
CA ASN A 436 28.91 -19.77 10.85
C ASN A 436 28.59 -21.21 10.50
N LEU A 437 27.33 -21.52 10.17
CA LEU A 437 27.00 -22.83 9.64
C LEU A 437 27.67 -23.04 8.29
N MET A 438 27.65 -22.03 7.44
CA MET A 438 28.33 -22.13 6.15
C MET A 438 29.83 -22.29 6.32
N ASP A 439 30.37 -21.81 7.44
CA ASP A 439 31.79 -22.00 7.72
C ASP A 439 32.09 -23.41 8.17
N PHE A 440 31.19 -24.03 8.93
CA PHE A 440 31.39 -25.41 9.35
C PHE A 440 31.39 -26.35 8.15
N ALA A 441 30.43 -26.18 7.24
CA ALA A 441 30.38 -27.03 6.06
C ALA A 441 31.61 -26.85 5.19
N MET A 442 32.04 -25.61 4.98
CA MET A 442 33.17 -25.34 4.12
C MET A 442 34.46 -25.93 4.68
N ASN A 443 34.65 -25.84 6.00
CA ASN A 443 35.87 -26.34 6.60
C ASN A 443 35.87 -27.87 6.71
N SER A 444 34.71 -28.45 7.04
CA SER A 444 34.64 -29.91 7.13
C SER A 444 34.89 -30.54 5.77
N LEU A 445 34.36 -29.95 4.70
CA LEU A 445 34.58 -30.48 3.37
C LEU A 445 36.05 -30.40 2.98
N TYR A 446 36.77 -29.38 3.46
CA TYR A 446 38.19 -29.29 3.16
C TYR A 446 38.97 -30.42 3.81
N LEU A 447 38.61 -30.80 5.04
CA LEU A 447 39.25 -31.94 5.67
C LEU A 447 39.01 -33.23 4.88
N ALA A 448 37.77 -33.44 4.43
CA ALA A 448 37.47 -34.63 3.65
C ALA A 448 38.32 -34.69 2.39
N THR A 449 38.52 -33.55 1.74
CA THR A 449 39.37 -33.52 0.55
C THR A 449 40.79 -33.92 0.87
N ILE A 450 41.34 -33.41 1.98
CA ILE A 450 42.69 -33.76 2.38
C ILE A 450 42.78 -35.24 2.72
N SER A 451 41.81 -35.75 3.47
CA SER A 451 41.85 -37.16 3.87
C SER A 451 41.78 -38.08 2.66
N LEU A 452 40.90 -37.78 1.70
CA LEU A 452 40.76 -38.65 0.55
C LEU A 452 41.94 -38.56 -0.39
N LYS A 453 42.57 -37.38 -0.50
CA LYS A 453 43.70 -37.23 -1.41
C LYS A 453 44.92 -37.99 -0.90
N ILE A 454 45.25 -37.83 0.39
CA ILE A 454 46.37 -38.57 0.95
C ILE A 454 46.04 -40.06 1.00
N MET A 455 44.78 -40.40 1.25
CA MET A 455 44.38 -41.80 1.25
C MET A 455 44.63 -42.43 -0.12
N ALA A 456 44.31 -41.70 -1.19
CA ALA A 456 44.53 -42.21 -2.54
C ALA A 456 46.00 -42.17 -2.95
N TYR A 457 46.80 -41.32 -2.31
CA TYR A 457 48.22 -41.27 -2.62
C TYR A 457 48.96 -42.51 -2.14
N VAL A 458 48.37 -43.26 -1.22
CA VAL A 458 48.97 -44.49 -0.72
C VAL A 458 48.39 -45.71 -1.43
N LYS A 459 47.06 -45.75 -1.57
CA LYS A 459 46.40 -46.94 -2.11
C LYS A 459 46.78 -47.20 -3.55
N TYR A 460 47.18 -46.18 -4.30
CA TYR A 460 47.50 -46.31 -5.72
C TYR A 460 48.95 -45.95 -5.96
N ASN A 461 49.53 -46.54 -7.00
CA ASN A 461 50.94 -46.36 -7.33
C ASN A 461 51.16 -45.65 -8.65
N GLY A 462 50.59 -46.16 -9.75
CA GLY A 462 50.84 -45.63 -11.07
C GLY A 462 49.59 -45.10 -11.74
N SER A 463 49.77 -44.68 -12.98
CA SER A 463 48.70 -44.08 -13.76
C SER A 463 47.82 -45.16 -14.39
N ARG A 464 46.69 -44.71 -14.95
CA ARG A 464 45.74 -45.59 -15.62
C ARG A 464 44.68 -44.72 -16.29
N PRO A 465 44.10 -45.16 -17.40
CA PRO A 465 43.11 -44.32 -18.09
C PRO A 465 41.96 -43.94 -17.17
N ARG A 466 41.55 -42.68 -17.27
CA ARG A 466 40.49 -42.17 -16.41
C ARG A 466 39.15 -42.83 -16.70
N GLU A 467 38.95 -43.34 -17.92
CA GLU A 467 37.69 -44.01 -18.24
C GLU A 467 37.50 -45.27 -17.40
N GLU A 468 38.58 -46.02 -17.19
CA GLU A 468 38.47 -47.28 -16.46
C GLU A 468 38.23 -47.10 -14.97
N TRP A 469 38.36 -45.88 -14.45
CA TRP A 469 38.18 -45.65 -13.04
C TRP A 469 36.75 -46.00 -12.61
N GLU A 470 36.63 -46.58 -11.42
CA GLU A 470 35.33 -46.93 -10.90
C GLU A 470 34.53 -45.67 -10.58
N MET A 471 33.23 -45.87 -10.32
CA MET A 471 32.35 -44.75 -10.03
C MET A 471 32.79 -44.00 -8.78
N TRP A 472 33.12 -44.74 -7.72
CA TRP A 472 33.46 -44.16 -6.43
C TRP A 472 34.96 -44.11 -6.19
N HIS A 473 35.74 -43.88 -7.23
CA HIS A 473 37.18 -43.81 -7.08
C HIS A 473 37.54 -42.70 -6.09
N PRO A 474 38.54 -42.91 -5.22
CA PRO A 474 38.87 -41.87 -4.24
C PRO A 474 39.19 -40.53 -4.86
N THR A 475 39.89 -40.51 -6.00
CA THR A 475 40.24 -39.24 -6.62
C THR A 475 39.00 -38.50 -7.13
N LEU A 476 38.05 -39.25 -7.70
CA LEU A 476 36.84 -38.61 -8.22
C LEU A 476 36.02 -37.97 -7.11
N ILE A 477 35.91 -38.64 -5.96
CA ILE A 477 35.15 -38.06 -4.85
C ILE A 477 35.87 -36.84 -4.30
N ALA A 478 37.19 -36.92 -4.18
CA ALA A 478 37.95 -35.79 -3.63
C ALA A 478 37.78 -34.54 -4.46
N GLU A 479 37.84 -34.68 -5.79
CA GLU A 479 37.69 -33.51 -6.66
C GLU A 479 36.28 -32.94 -6.56
N ALA A 480 35.27 -33.81 -6.45
CA ALA A 480 33.90 -33.32 -6.32
C ALA A 480 33.71 -32.52 -5.04
N LEU A 481 34.26 -33.02 -3.93
CA LEU A 481 34.13 -32.29 -2.66
C LEU A 481 34.90 -30.98 -2.70
N PHE A 482 36.08 -30.97 -3.34
CA PHE A 482 36.85 -29.74 -3.43
C PHE A 482 36.08 -28.68 -4.22
N ALA A 483 35.43 -29.08 -5.31
CA ALA A 483 34.68 -28.12 -6.12
C ALA A 483 33.48 -27.57 -5.35
N ILE A 484 32.83 -28.40 -4.54
CA ILE A 484 31.69 -27.93 -3.76
C ILE A 484 32.15 -26.92 -2.71
N SER A 485 33.34 -27.11 -2.14
CA SER A 485 33.85 -26.19 -1.13
C SER A 485 34.16 -24.83 -1.72
N ASN A 486 34.55 -24.78 -3.00
CA ASN A 486 34.85 -23.50 -3.63
C ASN A 486 33.61 -22.63 -3.77
N ILE A 487 32.45 -23.24 -4.03
CA ILE A 487 31.22 -22.46 -4.13
C ILE A 487 30.92 -21.79 -2.79
N LEU A 488 31.06 -22.54 -1.70
CA LEU A 488 30.79 -21.97 -0.38
C LEU A 488 31.78 -20.88 -0.03
N SER A 489 33.06 -21.08 -0.38
CA SER A 489 34.07 -20.07 -0.06
C SER A 489 33.77 -18.74 -0.72
N SER A 490 33.30 -18.76 -1.98
CA SER A 490 33.00 -17.53 -2.68
C SER A 490 31.68 -16.90 -2.21
N LEU A 491 30.71 -17.72 -1.82
CA LEU A 491 29.46 -17.17 -1.32
C LEU A 491 29.64 -16.41 -0.02
N ARG A 492 30.69 -16.74 0.74
CA ARG A 492 30.94 -16.06 2.01
C ARG A 492 31.23 -14.59 1.83
N LEU A 493 31.67 -14.15 0.65
CA LEU A 493 31.94 -12.75 0.43
C LEU A 493 30.69 -11.89 0.51
N ILE A 494 29.51 -12.50 0.49
CA ILE A 494 28.27 -11.73 0.60
C ILE A 494 28.17 -11.09 1.98
N SER A 495 28.64 -11.78 3.02
CA SER A 495 28.55 -11.24 4.38
C SER A 495 29.37 -9.98 4.55
N LEU A 496 30.30 -9.69 3.64
CA LEU A 496 31.07 -8.46 3.70
C LEU A 496 30.26 -7.25 3.27
N PHE A 497 29.09 -7.45 2.66
CA PHE A 497 28.26 -6.33 2.26
C PHE A 497 27.76 -5.52 3.44
N THR A 498 27.77 -6.10 4.65
CA THR A 498 27.26 -5.40 5.82
C THR A 498 28.03 -4.12 6.11
N ALA A 499 29.28 -4.05 5.69
CA ALA A 499 30.13 -2.89 5.99
C ALA A 499 29.89 -1.72 5.06
N ASN A 500 29.10 -1.88 4.01
CA ASN A 500 28.89 -0.84 3.02
C ASN A 500 27.51 -0.20 3.23
N SER A 501 27.48 1.13 3.20
CA SER A 501 26.24 1.85 3.47
C SER A 501 25.20 1.61 2.39
N HIS A 502 25.64 1.39 1.15
CA HIS A 502 24.69 1.18 0.05
C HIS A 502 24.25 -0.27 -0.03
N LEU A 503 25.19 -1.20 -0.06
CA LEU A 503 24.86 -2.61 -0.20
C LEU A 503 24.34 -3.23 1.08
N GLY A 504 24.75 -2.70 2.24
CA GLY A 504 24.45 -3.31 3.50
C GLY A 504 22.97 -3.47 3.80
N PRO A 505 22.20 -2.38 3.69
CA PRO A 505 20.76 -2.49 3.96
C PRO A 505 20.04 -3.47 3.06
N LEU A 506 20.49 -3.64 1.81
CA LEU A 506 19.84 -4.60 0.93
C LEU A 506 20.16 -6.03 1.33
N GLN A 507 21.41 -6.31 1.72
CA GLN A 507 21.77 -7.64 2.13
C GLN A 507 20.99 -8.07 3.38
N ILE A 508 20.81 -7.15 4.33
CA ILE A 508 20.02 -7.46 5.51
C ILE A 508 18.56 -7.64 5.15
N SER A 509 18.07 -6.86 4.18
CA SER A 509 16.68 -6.99 3.75
C SER A 509 16.43 -8.34 3.08
N LEU A 510 17.32 -8.76 2.19
CA LEU A 510 17.14 -10.03 1.49
C LEU A 510 17.18 -11.19 2.46
N GLY A 511 18.06 -11.14 3.46
CA GLY A 511 18.15 -12.23 4.42
C GLY A 511 16.87 -12.43 5.19
N ARG A 512 16.16 -11.35 5.50
CA ARG A 512 14.90 -11.46 6.22
C ARG A 512 13.77 -11.98 5.36
N MET A 513 13.90 -11.89 4.03
CA MET A 513 12.90 -12.48 3.14
C MET A 513 13.04 -13.99 3.04
N LEU A 514 14.26 -14.52 3.22
CA LEU A 514 14.47 -15.95 3.09
C LEU A 514 13.64 -16.74 4.08
N LEU A 515 13.36 -16.16 5.25
CA LEU A 515 12.61 -16.88 6.27
C LEU A 515 11.19 -17.19 5.82
N ASP A 516 10.59 -16.31 5.02
CA ASP A 516 9.24 -16.57 4.52
C ASP A 516 9.23 -17.57 3.38
N ILE A 517 10.31 -17.64 2.60
CA ILE A 517 10.39 -18.64 1.54
C ILE A 517 10.43 -20.03 2.14
N LEU A 518 11.12 -20.19 3.27
CA LEU A 518 11.21 -21.51 3.90
C LEU A 518 9.82 -22.05 4.23
N LYS A 519 8.92 -21.19 4.71
CA LYS A 519 7.57 -21.64 5.00
C LYS A 519 6.86 -22.12 3.75
N PHE A 520 7.22 -21.58 2.59
CA PHE A 520 6.63 -22.04 1.34
C PHE A 520 7.14 -23.41 0.91
N LEU A 521 8.39 -23.74 1.26
CA LEU A 521 8.94 -25.03 0.87
C LEU A 521 8.13 -26.19 1.43
N PHE A 522 7.49 -25.98 2.58
CA PHE A 522 6.70 -27.07 3.17
C PHE A 522 5.53 -27.44 2.28
N ILE A 523 4.83 -26.45 1.73
CA ILE A 523 3.71 -26.74 0.84
C ILE A 523 4.20 -27.34 -0.47
N TYR A 524 5.29 -26.81 -1.01
CA TYR A 524 5.79 -27.30 -2.30
C TYR A 524 6.33 -28.73 -2.17
N CYS A 525 7.00 -29.04 -1.05
CA CYS A 525 7.54 -30.38 -0.88
C CYS A 525 6.43 -31.43 -0.89
N LEU A 526 5.32 -31.16 -0.21
CA LEU A 526 4.25 -32.15 -0.13
C LEU A 526 3.54 -32.28 -1.47
N VAL A 527 3.39 -31.17 -2.20
CA VAL A 527 2.84 -31.25 -3.55
C VAL A 527 3.77 -32.03 -4.47
N LEU A 528 5.08 -31.79 -4.37
CA LEU A 528 6.03 -32.51 -5.20
C LEU A 528 6.03 -34.00 -4.90
N LEU A 529 5.82 -34.38 -3.64
CA LEU A 529 5.78 -35.79 -3.28
C LEU A 529 4.48 -36.46 -3.70
N ALA A 530 3.36 -35.74 -3.68
CA ALA A 530 2.09 -36.35 -4.08
C ALA A 530 2.09 -36.71 -5.55
N PHE A 531 2.58 -35.81 -6.40
CA PHE A 531 2.59 -36.07 -7.84
C PHE A 531 3.69 -37.03 -8.24
N ALA A 532 4.84 -37.00 -7.56
CA ALA A 532 5.90 -37.97 -7.84
C ALA A 532 5.43 -39.38 -7.54
N ASN A 533 4.68 -39.55 -6.45
CA ASN A 533 4.15 -40.87 -6.11
C ASN A 533 3.18 -41.36 -7.18
N GLY A 534 2.30 -40.48 -7.65
CA GLY A 534 1.32 -40.89 -8.66
C GLY A 534 1.95 -41.19 -10.00
N LEU A 535 2.89 -40.36 -10.45
CA LEU A 535 3.51 -40.59 -11.76
C LEU A 535 4.37 -41.85 -11.74
N ASN A 536 5.09 -42.09 -10.64
CA ASN A 536 5.88 -43.31 -10.54
C ASN A 536 4.98 -44.54 -10.49
N GLN A 537 3.85 -44.44 -9.78
CA GLN A 537 2.95 -45.58 -9.65
C GLN A 537 2.34 -46.00 -10.98
N LEU A 538 2.37 -45.12 -11.98
CA LEU A 538 1.77 -45.39 -13.27
C LEU A 538 2.76 -45.81 -14.34
N TYR A 539 4.02 -45.36 -14.23
CA TYR A 539 4.99 -45.55 -15.30
C TYR A 539 6.04 -46.62 -15.01
N PHE A 540 6.04 -47.20 -13.82
CA PHE A 540 7.13 -48.11 -13.45
C PHE A 540 7.04 -49.46 -14.15
N TYR A 541 5.94 -49.76 -14.84
CA TYR A 541 5.85 -51.01 -15.58
C TYR A 541 6.62 -50.96 -16.90
N TYR A 542 6.94 -49.77 -17.40
CA TYR A 542 7.52 -49.60 -18.72
C TYR A 542 8.98 -49.20 -18.67
N GLU A 543 9.67 -49.55 -17.58
CA GLU A 543 11.10 -49.28 -17.50
C GLU A 543 11.86 -50.09 -18.53
N THR A 544 12.94 -49.51 -19.05
CA THR A 544 13.80 -50.14 -20.03
C THR A 544 15.24 -50.09 -19.56
N ARG A 545 16.09 -50.82 -20.27
CA ARG A 545 17.50 -50.92 -19.94
C ARG A 545 18.33 -49.96 -20.79
N ALA A 546 19.40 -49.44 -20.21
CA ALA A 546 20.26 -48.50 -20.93
C ALA A 546 20.76 -49.09 -22.23
N ILE A 547 20.94 -50.41 -22.29
CA ILE A 547 21.41 -51.05 -23.52
C ILE A 547 20.40 -50.82 -24.64
N ASP A 548 19.11 -50.85 -24.32
CA ASP A 548 18.07 -50.69 -25.33
C ASP A 548 17.92 -49.25 -25.80
N GLU A 549 18.55 -48.29 -25.15
CA GLU A 549 18.37 -46.90 -25.50
C GLU A 549 19.34 -46.46 -26.58
N PRO A 550 19.06 -45.34 -27.26
CA PRO A 550 19.84 -44.98 -28.46
C PRO A 550 21.35 -45.01 -28.29
N ASN A 551 21.90 -44.23 -27.37
CA ASN A 551 23.34 -44.12 -27.22
C ASN A 551 23.86 -44.84 -25.98
N ASN A 552 23.06 -45.76 -25.43
CA ASN A 552 23.39 -46.47 -24.20
C ASN A 552 23.27 -45.58 -22.97
N CYS A 553 22.56 -44.47 -23.08
CA CYS A 553 22.37 -43.53 -21.99
C CYS A 553 20.94 -43.68 -21.47
N LYS A 554 20.80 -43.71 -20.15
CA LYS A 554 19.52 -43.86 -19.49
C LYS A 554 19.27 -42.65 -18.59
N GLY A 555 18.05 -42.14 -18.61
CA GLY A 555 17.64 -41.05 -17.73
C GLY A 555 17.29 -39.79 -18.50
N ILE A 556 17.08 -38.72 -17.73
CA ILE A 556 16.65 -37.43 -18.28
C ILE A 556 17.81 -36.50 -18.55
N ARG A 557 19.05 -36.92 -18.31
CA ARG A 557 20.23 -36.13 -18.61
C ARG A 557 20.88 -36.52 -19.93
N CYS A 558 20.24 -37.38 -20.71
CA CYS A 558 20.74 -37.80 -22.00
C CYS A 558 20.25 -36.87 -23.10
N GLU A 559 20.91 -36.97 -24.26
CA GLU A 559 20.52 -36.14 -25.40
C GLU A 559 19.06 -36.39 -25.78
N LYS A 560 18.58 -37.61 -25.60
CA LYS A 560 17.16 -37.94 -25.75
C LYS A 560 16.69 -38.48 -24.40
N GLN A 561 15.87 -37.70 -23.71
CA GLN A 561 15.47 -38.07 -22.35
C GLN A 561 14.57 -39.29 -22.37
N ASN A 562 14.74 -40.16 -21.37
CA ASN A 562 13.98 -41.39 -21.29
C ASN A 562 13.92 -41.84 -19.83
N ASN A 563 12.98 -42.73 -19.56
CA ASN A 563 12.81 -43.28 -18.20
C ASN A 563 12.64 -42.16 -17.18
N ALA A 564 11.85 -41.15 -17.55
CA ALA A 564 11.67 -40.00 -16.66
C ALA A 564 10.97 -40.39 -15.36
N PHE A 565 9.99 -41.28 -15.44
CA PHE A 565 9.18 -41.67 -14.29
C PHE A 565 9.32 -43.15 -13.95
N SER A 566 10.48 -43.74 -14.26
CA SER A 566 10.66 -45.18 -14.05
C SER A 566 10.89 -45.53 -12.58
N THR A 567 11.58 -44.67 -11.83
CA THR A 567 11.84 -44.90 -10.42
C THR A 567 11.48 -43.66 -9.63
N LEU A 568 11.25 -43.85 -8.33
CA LEU A 568 10.86 -42.72 -7.49
C LEU A 568 11.96 -41.67 -7.42
N PHE A 569 13.22 -42.11 -7.32
CA PHE A 569 14.32 -41.15 -7.24
C PHE A 569 14.42 -40.33 -8.52
N GLU A 570 14.24 -40.97 -9.67
CA GLU A 570 14.30 -40.24 -10.94
C GLU A 570 13.07 -39.35 -11.14
N THR A 571 11.91 -39.79 -10.68
CA THR A 571 10.69 -39.00 -10.85
C THR A 571 10.80 -37.68 -10.09
N LEU A 572 11.42 -37.69 -8.92
CA LEU A 572 11.58 -36.46 -8.16
C LEU A 572 12.45 -35.45 -8.90
N GLN A 573 13.50 -35.93 -9.56
CA GLN A 573 14.38 -35.03 -10.32
C GLN A 573 13.67 -34.48 -11.54
N SER A 574 12.84 -35.29 -12.20
CA SER A 574 12.14 -34.82 -13.39
C SER A 574 11.17 -33.70 -13.05
N LEU A 575 10.40 -33.85 -11.97
CA LEU A 575 9.46 -32.81 -11.58
C LEU A 575 10.16 -31.56 -11.10
N PHE A 576 11.40 -31.68 -10.62
CA PHE A 576 12.18 -30.50 -10.28
C PHE A 576 12.61 -29.76 -11.54
N TRP A 577 13.10 -30.49 -12.54
CA TRP A 577 13.62 -29.85 -13.75
C TRP A 577 12.51 -29.30 -14.63
N SER A 578 11.27 -29.72 -14.42
CA SER A 578 10.15 -29.17 -15.19
C SER A 578 9.77 -27.78 -14.72
N VAL A 579 10.21 -27.38 -13.52
CA VAL A 579 9.97 -26.02 -13.04
C VAL A 579 10.71 -25.01 -13.92
N PHE A 580 11.86 -25.40 -14.46
CA PHE A 580 12.67 -24.52 -15.30
C PHE A 580 12.50 -24.82 -16.78
N GLY A 581 11.53 -25.66 -17.15
CA GLY A 581 11.24 -25.91 -18.55
C GLY A 581 12.25 -26.79 -19.26
N LEU A 582 13.00 -27.60 -18.51
CA LEU A 582 14.09 -28.37 -19.08
C LEU A 582 13.73 -29.83 -19.32
N LEU A 583 12.47 -30.21 -19.13
CA LEU A 583 12.01 -31.56 -19.38
C LEU A 583 11.09 -31.56 -20.59
N ASN A 584 11.47 -32.32 -21.62
CA ASN A 584 10.69 -32.36 -22.84
C ASN A 584 9.39 -33.14 -22.65
N LEU A 585 8.40 -32.80 -23.46
CA LEU A 585 7.06 -33.36 -23.29
C LEU A 585 6.91 -34.77 -23.83
N TYR A 586 7.88 -35.28 -24.59
CA TYR A 586 7.77 -36.62 -25.13
C TYR A 586 8.14 -37.71 -24.14
N VAL A 587 8.54 -37.34 -22.93
CA VAL A 587 8.91 -38.32 -21.92
C VAL A 587 7.67 -38.97 -21.33
N THR A 588 6.50 -38.55 -21.79
CA THR A 588 5.24 -39.13 -21.36
C THR A 588 4.76 -40.27 -22.24
N ASN A 589 5.54 -40.65 -23.25
CA ASN A 589 5.20 -41.76 -24.13
C ASN A 589 5.91 -43.03 -23.69
N VAL A 590 5.33 -44.17 -24.04
CA VAL A 590 5.90 -45.48 -23.74
C VAL A 590 6.08 -46.25 -25.04
N LYS A 591 6.97 -47.25 -25.00
CA LYS A 591 7.29 -48.02 -26.19
C LYS A 591 6.05 -48.72 -26.74
N ALA A 592 5.33 -49.42 -25.89
CA ALA A 592 4.05 -50.02 -26.26
C ALA A 592 2.99 -48.94 -26.09
N ARG A 593 2.57 -48.34 -27.20
CA ARG A 593 1.78 -47.13 -27.11
C ARG A 593 0.38 -47.39 -26.58
N HIS A 594 0.20 -47.25 -25.27
CA HIS A 594 -1.11 -47.34 -24.63
C HIS A 594 -1.66 -45.93 -24.52
N GLU A 595 -2.59 -45.58 -25.39
CA GLU A 595 -3.02 -44.19 -25.49
C GLU A 595 -3.68 -43.71 -24.20
N PHE A 596 -4.50 -44.57 -23.57
CA PHE A 596 -5.12 -44.18 -22.31
C PHE A 596 -4.08 -43.95 -21.23
N THR A 597 -3.09 -44.84 -21.12
CA THR A 597 -2.04 -44.65 -20.13
C THR A 597 -1.21 -43.41 -20.42
N GLU A 598 -0.86 -43.19 -21.69
CA GLU A 598 -0.07 -42.01 -22.05
C GLU A 598 -0.84 -40.73 -21.79
N PHE A 599 -2.16 -40.73 -22.00
CA PHE A 599 -2.94 -39.51 -21.77
C PHE A 599 -3.06 -39.20 -20.28
N VAL A 600 -3.26 -40.23 -19.46
CA VAL A 600 -3.36 -40.00 -18.02
C VAL A 600 -2.05 -39.48 -17.46
N GLY A 601 -0.93 -40.04 -17.91
CA GLY A 601 0.36 -39.57 -17.44
C GLY A 601 0.65 -38.14 -17.84
N ALA A 602 0.21 -37.75 -19.03
CA ALA A 602 0.39 -36.37 -19.46
C ALA A 602 -0.52 -35.42 -18.71
N THR A 603 -1.70 -35.88 -18.29
CA THR A 603 -2.59 -35.03 -17.50
C THR A 603 -2.09 -34.88 -16.07
N MET A 604 -1.43 -35.91 -15.53
CA MET A 604 -0.76 -35.77 -14.24
C MET A 604 0.35 -34.73 -14.33
N PHE A 605 1.15 -34.80 -15.40
CA PHE A 605 2.21 -33.83 -15.61
C PHE A 605 1.64 -32.44 -15.81
N GLY A 606 0.53 -32.33 -16.53
CA GLY A 606 -0.06 -31.02 -16.77
C GLY A 606 -0.63 -30.39 -15.51
N THR A 607 -1.32 -31.18 -14.68
CA THR A 607 -1.88 -30.64 -13.44
C THR A 607 -0.77 -30.19 -12.50
N TYR A 608 0.35 -30.90 -12.49
CA TYR A 608 1.48 -30.48 -11.68
C TYR A 608 2.02 -29.13 -12.14
N ASN A 609 2.07 -28.91 -13.45
CA ASN A 609 2.58 -27.65 -13.97
C ASN A 609 1.69 -26.48 -13.58
N VAL A 610 0.37 -26.66 -13.63
CA VAL A 610 -0.55 -25.60 -13.26
C VAL A 610 -0.40 -25.26 -11.78
N ILE A 611 -0.38 -26.28 -10.92
CA ILE A 611 -0.32 -26.03 -9.49
C ILE A 611 1.01 -25.41 -9.10
N SER A 612 2.08 -25.69 -9.83
CA SER A 612 3.41 -25.22 -9.48
C SER A 612 3.71 -23.84 -10.06
N LEU A 613 3.60 -23.70 -11.38
CA LEU A 613 4.08 -22.51 -12.05
C LEU A 613 3.01 -21.43 -12.22
N VAL A 614 1.74 -21.78 -12.08
CA VAL A 614 0.67 -20.79 -12.27
C VAL A 614 0.10 -20.37 -10.92
N VAL A 615 0.15 -21.26 -9.94
CA VAL A 615 -0.52 -21.04 -8.65
C VAL A 615 0.51 -20.83 -7.53
N LEU A 616 1.34 -21.83 -7.26
CA LEU A 616 2.27 -21.74 -6.13
C LEU A 616 3.31 -20.66 -6.36
N LEU A 617 3.87 -20.57 -7.57
CA LEU A 617 4.91 -19.59 -7.83
C LEU A 617 4.38 -18.17 -7.72
N ASN A 618 3.15 -17.93 -8.20
CA ASN A 618 2.57 -16.60 -8.10
C ASN A 618 2.29 -16.22 -6.65
N MET A 619 1.79 -17.17 -5.85
CA MET A 619 1.54 -16.87 -4.45
C MET A 619 2.82 -16.53 -3.71
N LEU A 620 3.94 -17.17 -4.08
CA LEU A 620 5.20 -16.82 -3.45
C LEU A 620 5.63 -15.40 -3.82
N ILE A 621 5.31 -14.95 -5.03
CA ILE A 621 5.58 -13.56 -5.41
C ILE A 621 4.73 -12.61 -4.59
N ALA A 622 3.45 -12.97 -4.38
CA ALA A 622 2.58 -12.10 -3.60
C ALA A 622 3.04 -11.99 -2.16
N MET A 623 3.47 -13.11 -1.56
CA MET A 623 3.93 -13.07 -0.18
C MET A 623 5.22 -12.28 -0.05
N MET A 624 6.17 -12.49 -0.96
CA MET A 624 7.44 -11.76 -0.88
C MET A 624 7.22 -10.27 -1.06
N ASN A 625 6.13 -9.88 -1.74
CA ASN A 625 5.83 -8.47 -1.90
C ASN A 625 5.35 -7.85 -0.59
N ASN A 626 4.52 -8.57 0.15
CA ASN A 626 4.07 -8.08 1.46
C ASN A 626 5.22 -7.97 2.44
N SER A 627 6.12 -8.96 2.44
CA SER A 627 7.23 -8.95 3.40
C SER A 627 8.15 -7.76 3.17
N TYR A 628 8.46 -7.47 1.91
CA TYR A 628 9.42 -6.40 1.62
C TYR A 628 8.89 -5.05 2.10
N GLN A 629 7.59 -4.81 1.95
CA GLN A 629 7.01 -3.57 2.43
C GLN A 629 7.14 -3.43 3.94
N LEU A 630 6.84 -4.51 4.67
CA LEU A 630 6.97 -4.49 6.12
C LEU A 630 8.42 -4.32 6.55
N ILE A 631 9.33 -5.02 5.88
CA ILE A 631 10.74 -4.96 6.26
C ILE A 631 11.32 -3.58 6.01
N ALA A 632 10.91 -2.92 4.94
CA ALA A 632 11.55 -1.69 4.52
C ALA A 632 11.44 -0.58 5.55
N ASP A 633 10.50 -0.66 6.48
CA ASP A 633 10.34 0.39 7.47
C ASP A 633 11.45 0.39 8.51
N HIS A 634 12.01 -0.79 8.81
CA HIS A 634 13.06 -0.93 9.82
C HIS A 634 14.39 -1.33 9.23
N ALA A 635 14.60 -1.10 7.93
CA ALA A 635 15.86 -1.51 7.31
C ALA A 635 17.05 -0.79 7.91
N ASP A 636 16.93 0.52 8.13
CA ASP A 636 18.06 1.30 8.63
C ASP A 636 18.49 0.84 10.02
N ILE A 637 17.52 0.57 10.89
CA ILE A 637 17.85 0.17 12.27
C ILE A 637 18.48 -1.21 12.29
N GLU A 638 17.95 -2.15 11.49
CA GLU A 638 18.49 -3.50 11.50
C GLU A 638 19.88 -3.56 10.87
N TRP A 639 20.12 -2.76 9.84
CA TRP A 639 21.46 -2.74 9.24
C TRP A 639 22.48 -2.18 10.22
N LYS A 640 22.14 -1.11 10.94
CA LYS A 640 23.07 -0.52 11.88
C LYS A 640 23.39 -1.47 13.02
N PHE A 641 22.42 -2.26 13.47
CA PHE A 641 22.69 -3.28 14.47
C PHE A 641 23.67 -4.31 13.94
N ALA A 642 23.49 -4.75 12.69
CA ALA A 642 24.40 -5.73 12.11
C ALA A 642 25.80 -5.16 11.95
N ARG A 643 25.92 -3.91 11.48
CA ARG A 643 27.23 -3.32 11.29
C ARG A 643 27.96 -3.13 12.61
N THR A 644 27.23 -2.83 13.69
CA THR A 644 27.88 -2.66 14.98
C THR A 644 28.53 -3.96 15.43
N LYS A 645 27.82 -5.09 15.27
CA LYS A 645 28.40 -6.37 15.63
C LYS A 645 29.64 -6.68 14.79
N LEU A 646 29.61 -6.30 13.51
CA LEU A 646 30.77 -6.51 12.66
C LEU A 646 31.96 -5.69 13.15
N TRP A 647 31.72 -4.42 13.50
CA TRP A 647 32.82 -3.55 13.95
C TRP A 647 33.42 -4.04 15.25
N MET A 648 32.57 -4.39 16.22
CA MET A 648 33.08 -4.80 17.52
C MET A 648 33.94 -6.06 17.45
N SER A 649 33.73 -6.89 16.44
CA SER A 649 34.53 -8.09 16.30
C SER A 649 35.99 -7.79 15.99
N TYR A 650 36.29 -6.59 15.48
CA TYR A 650 37.64 -6.19 15.17
C TYR A 650 38.26 -5.29 16.23
N PHE A 651 37.54 -5.01 17.32
CA PHE A 651 38.10 -4.21 18.40
C PHE A 651 39.06 -5.00 19.27
N ASP A 652 38.82 -6.30 19.43
CA ASP A 652 39.63 -7.12 20.31
C ASP A 652 41.02 -7.36 19.74
N GLU A 653 42.01 -7.46 20.64
CA GLU A 653 43.38 -7.71 20.22
C GLU A 653 43.54 -9.11 19.63
N GLY A 654 42.82 -10.08 20.18
CA GLY A 654 42.92 -11.44 19.67
C GLY A 654 42.37 -11.54 18.25
N GLY A 655 42.98 -12.41 17.46
CA GLY A 655 42.57 -12.60 16.09
C GLY A 655 43.09 -11.55 15.11
N THR A 656 44.06 -10.73 15.51
CA THR A 656 44.55 -9.68 14.63
C THR A 656 45.19 -10.26 13.37
N LEU A 657 45.99 -11.32 13.54
CA LEU A 657 46.73 -11.87 12.40
C LEU A 657 45.78 -12.61 11.46
N PRO A 658 45.85 -12.36 10.16
CA PRO A 658 44.98 -13.07 9.22
C PRO A 658 45.40 -14.52 9.07
N PRO A 659 44.53 -15.35 8.50
CA PRO A 659 44.75 -16.81 8.50
C PRO A 659 46.15 -17.18 8.01
N PRO A 660 46.56 -16.71 6.84
CA PRO A 660 47.87 -17.16 6.30
C PRO A 660 49.01 -16.97 7.28
N PHE A 661 49.01 -15.87 8.03
CA PHE A 661 49.93 -15.67 9.14
C PHE A 661 49.32 -16.00 10.49
N ASN A 662 48.07 -16.48 10.51
CA ASN A 662 47.42 -16.80 11.77
C ASN A 662 48.20 -17.86 12.54
N ILE A 663 48.67 -18.87 11.85
CA ILE A 663 49.53 -19.90 12.44
C ILE A 663 50.97 -19.41 12.38
N ILE A 664 51.70 -19.62 13.46
CA ILE A 664 53.07 -19.12 13.60
C ILE A 664 53.87 -19.28 12.31
N SER A 706 35.98 1.48 41.13
CA SER A 706 34.71 0.77 41.10
C SER A 706 33.62 1.57 41.81
N LEU A 707 33.88 1.95 43.06
CA LEU A 707 32.94 2.80 43.77
C LEU A 707 32.81 4.16 43.12
N ILE A 708 33.94 4.74 42.70
CA ILE A 708 33.90 6.05 42.03
C ILE A 708 33.18 5.93 40.68
N GLN A 709 33.28 4.79 40.04
CA GLN A 709 32.66 4.68 38.71
C GLN A 709 31.16 4.62 38.92
N ASN A 710 30.74 3.95 39.97
CA ASN A 710 29.30 3.84 40.30
C ASN A 710 28.77 5.23 40.61
N GLN A 711 29.53 6.04 41.31
CA GLN A 711 29.04 7.40 41.70
C GLN A 711 28.93 8.32 40.48
N HIS A 712 29.89 8.32 39.58
CA HIS A 712 29.78 9.10 38.36
C HIS A 712 28.57 8.66 37.54
N TYR A 713 28.36 7.35 37.44
CA TYR A 713 27.19 6.84 36.73
C TYR A 713 25.91 7.32 37.37
N GLN A 714 25.85 7.32 38.71
CA GLN A 714 24.65 7.76 39.40
C GLN A 714 24.37 9.24 39.16
N GLU A 715 25.42 10.06 39.13
CA GLU A 715 25.23 11.49 38.90
C GLU A 715 24.69 11.77 37.51
N VAL A 716 25.19 11.05 36.50
CA VAL A 716 24.71 11.25 35.14
C VAL A 716 23.28 10.73 35.00
N ILE A 717 22.98 9.59 35.61
CA ILE A 717 21.63 9.03 35.52
C ILE A 717 20.63 9.97 36.16
N ARG A 718 21.02 10.67 37.21
CA ARG A 718 20.14 11.64 37.84
C ARG A 718 19.75 12.74 36.86
N ASN A 719 20.71 13.21 36.08
CA ASN A 719 20.44 14.30 35.13
C ASN A 719 19.58 13.83 33.97
N LEU A 720 19.85 12.63 33.46
CA LEU A 720 19.05 12.10 32.35
C LEU A 720 17.59 11.92 32.76
N VAL A 721 17.36 11.42 33.97
CA VAL A 721 15.99 11.21 34.43
C VAL A 721 15.27 12.53 34.58
N LYS A 722 15.93 13.55 35.14
CA LYS A 722 15.30 14.85 35.31
C LYS A 722 14.95 15.48 33.97
N ARG A 723 15.86 15.41 33.00
CA ARG A 723 15.57 15.94 31.67
C ARG A 723 14.45 15.17 31.00
N TYR A 724 14.47 13.84 31.13
CA TYR A 724 13.43 13.02 30.50
C TYR A 724 12.07 13.29 31.11
N VAL A 725 12.01 13.43 32.45
CA VAL A 725 10.73 13.65 33.10
C VAL A 725 10.11 14.96 32.66
N ALA A 726 10.93 16.03 32.60
CA ALA A 726 10.40 17.33 32.21
C ALA A 726 9.86 17.32 30.79
N ALA A 727 10.56 16.67 29.87
CA ALA A 727 10.14 16.66 28.48
C ALA A 727 8.78 15.98 28.31
N MET A 728 8.59 14.83 28.97
CA MET A 728 7.34 14.09 28.81
C MET A 728 6.16 14.86 29.36
N ILE A 729 6.33 15.56 30.49
CA ILE A 729 5.24 16.34 31.05
C ILE A 729 4.80 17.40 30.05
N ARG A 730 5.76 18.09 29.44
CA ARG A 730 5.42 19.09 28.43
C ARG A 730 4.73 18.45 27.24
N ASN A 731 5.23 17.31 26.77
CA ASN A 731 4.62 16.64 25.64
C ASN A 731 3.19 16.20 25.95
N SER A 732 2.96 15.75 27.19
CA SER A 732 1.61 15.37 27.58
C SER A 732 0.65 16.55 27.47
N LYS A 733 1.08 17.72 27.94
CA LYS A 733 0.29 18.94 27.80
C LYS A 733 0.59 19.63 26.47
N THR A 734 0.50 18.88 25.38
CA THR A 734 0.80 19.39 24.05
C THR A 734 0.57 18.31 22.99
N LEU A 738 -8.33 17.79 21.89
CA LEU A 738 -8.93 17.73 23.22
C LEU A 738 -10.09 16.76 23.27
N THR A 739 -10.14 15.95 24.32
CA THR A 739 -11.19 14.96 24.48
C THR A 739 -12.51 15.63 24.88
N GLU A 740 -13.58 14.85 24.75
CA GLU A 740 -14.92 15.39 25.07
C GLU A 740 -15.04 15.73 26.55
N GLU A 741 -14.46 14.90 27.43
CA GLU A 741 -14.61 15.13 28.86
C GLU A 741 -14.08 16.49 29.27
N ASN A 742 -13.07 17.01 28.56
CA ASN A 742 -12.57 18.34 28.88
C ASN A 742 -13.63 19.40 28.65
N PHE A 743 -14.51 19.20 27.66
CA PHE A 743 -15.57 20.16 27.41
C PHE A 743 -16.52 20.26 28.60
N LYS A 744 -16.84 19.13 29.23
CA LYS A 744 -17.73 19.14 30.37
C LYS A 744 -17.16 19.95 31.52
N GLU A 745 -15.84 19.84 31.76
CA GLU A 745 -15.23 20.55 32.87
C GLU A 745 -15.38 22.06 32.71
N LEU A 746 -15.18 22.57 31.49
CA LEU A 746 -15.37 24.00 31.26
C LEU A 746 -16.83 24.41 31.52
N LYS A 747 -17.78 23.59 31.09
CA LYS A 747 -19.18 23.88 31.35
C LYS A 747 -19.46 23.87 32.85
N GLN A 748 -18.88 22.91 33.57
CA GLN A 748 -19.09 22.83 35.01
C GLN A 748 -18.46 24.01 35.74
N ASP A 749 -17.26 24.42 35.32
CA ASP A 749 -16.59 25.54 35.97
C ASP A 749 -17.41 26.81 35.85
N ILE A 750 -17.97 27.08 34.68
CA ILE A 750 -18.81 28.25 34.50
C ILE A 750 -20.10 28.12 35.30
N SER A 751 -20.67 26.91 35.35
CA SER A 751 -21.91 26.72 36.09
C SER A 751 -21.73 27.03 37.56
N SER A 752 -20.62 26.58 38.16
CA SER A 752 -20.37 26.87 39.56
C SER A 752 -20.22 28.37 39.79
N PHE A 753 -19.54 29.06 38.89
CA PHE A 753 -19.36 30.50 39.04
C PHE A 753 -20.70 31.23 39.04
N ARG A 754 -21.61 30.83 38.14
CA ARG A 754 -22.89 31.52 38.05
C ARG A 754 -23.68 31.42 39.35
N TYR A 755 -23.73 30.22 39.95
CA TYR A 755 -24.58 30.02 41.12
C TYR A 755 -24.11 30.86 42.30
N GLU A 756 -22.81 30.88 42.56
CA GLU A 756 -22.30 31.64 43.70
C GLU A 756 -22.55 33.12 43.54
N VAL A 757 -22.32 33.66 42.33
CA VAL A 757 -22.54 35.09 42.11
C VAL A 757 -24.01 35.44 42.28
N LEU A 758 -24.91 34.61 41.74
CA LEU A 758 -26.33 34.87 41.89
C LEU A 758 -26.73 34.87 43.37
N ASP A 759 -26.25 33.88 44.13
CA ASP A 759 -26.49 33.89 45.57
C ASP A 759 -25.73 35.02 46.25
N LEU A 760 -24.51 35.29 45.79
CA LEU A 760 -23.72 36.36 46.37
C LEU A 760 -24.38 37.70 46.12
N LEU A 761 -24.32 38.58 47.12
CA LEU A 761 -24.92 39.91 47.02
C LEU A 761 -23.94 40.89 46.39
N ARG B 17 -22.26 38.30 -17.99
CA ARG B 17 -22.87 38.93 -16.84
C ARG B 17 -24.11 38.16 -16.42
N ILE B 18 -23.91 37.07 -15.69
CA ILE B 18 -25.02 36.25 -15.21
C ILE B 18 -25.74 36.99 -14.10
N PRO B 19 -27.05 37.23 -14.23
CA PRO B 19 -27.80 37.86 -13.13
C PRO B 19 -28.28 36.82 -12.13
N LEU B 20 -28.10 37.09 -10.84
CA LEU B 20 -28.42 36.13 -9.79
C LEU B 20 -29.65 36.61 -9.04
N GLN B 21 -30.61 35.69 -8.85
CA GLN B 21 -31.86 36.01 -8.18
C GLN B 21 -32.33 34.79 -7.42
N ILE B 22 -33.21 35.02 -6.45
CA ILE B 22 -33.79 33.92 -5.66
C ILE B 22 -34.82 33.25 -6.57
N VAL B 23 -34.44 32.12 -7.16
CA VAL B 23 -35.33 31.43 -8.10
C VAL B 23 -36.53 30.84 -7.36
N ARG B 24 -36.28 30.15 -6.25
CA ARG B 24 -37.33 29.54 -5.44
C ARG B 24 -37.47 30.37 -4.16
N ALA B 25 -38.30 31.40 -4.22
CA ALA B 25 -38.45 32.35 -3.13
C ALA B 25 -39.44 31.82 -2.10
N GLU B 26 -39.15 32.13 -0.83
CA GLU B 26 -40.00 31.76 0.29
C GLU B 26 -40.43 33.01 1.03
N THR B 27 -41.56 32.92 1.72
CA THR B 27 -42.11 34.07 2.43
C THR B 27 -41.09 34.62 3.42
N GLU B 28 -40.93 35.94 3.41
CA GLU B 28 -39.92 36.58 4.24
C GLU B 28 -40.38 36.64 5.70
N LEU B 29 -39.42 36.96 6.57
CA LEU B 29 -39.66 37.05 8.01
C LEU B 29 -39.75 38.51 8.43
N SER B 30 -40.76 38.82 9.23
CA SER B 30 -40.96 40.20 9.66
C SER B 30 -39.80 40.66 10.55
N ALA B 31 -39.57 41.97 10.55
CA ALA B 31 -38.43 42.51 11.30
C ALA B 31 -38.56 42.21 12.79
N GLU B 32 -39.75 42.39 13.36
CA GLU B 32 -39.94 42.10 14.78
C GLU B 32 -39.69 40.63 15.08
N GLU B 33 -40.17 39.74 14.21
CA GLU B 33 -39.97 38.31 14.42
C GLU B 33 -38.50 37.93 14.31
N LYS B 34 -37.73 38.64 13.47
CA LYS B 34 -36.31 38.34 13.35
C LYS B 34 -35.61 38.54 14.68
N ALA B 35 -35.91 39.63 15.38
CA ALA B 35 -35.34 39.84 16.71
C ALA B 35 -35.82 38.77 17.68
N PHE B 36 -37.11 38.40 17.61
CA PHE B 36 -37.64 37.35 18.47
C PHE B 36 -36.85 36.07 18.31
N LEU B 37 -36.66 35.62 17.07
CA LEU B 37 -35.89 34.41 16.83
C LEU B 37 -34.46 34.57 17.34
N ASN B 38 -33.86 35.74 17.12
CA ASN B 38 -32.64 36.08 17.83
C ASN B 38 -32.90 36.18 19.33
N ALA B 39 -34.04 36.76 19.70
CA ALA B 39 -34.40 36.86 21.11
C ALA B 39 -34.53 35.48 21.75
N VAL B 40 -35.21 34.55 21.05
CA VAL B 40 -35.29 33.19 21.56
C VAL B 40 -33.89 32.60 21.71
N GLU B 41 -32.95 33.03 20.87
CA GLU B 41 -31.55 32.74 21.12
C GLU B 41 -31.02 33.57 22.30
N LYS B 42 -31.54 34.78 22.47
CA LYS B 42 -31.05 35.65 23.54
C LYS B 42 -31.42 35.12 24.92
N GLY B 43 -32.68 34.73 25.10
CA GLY B 43 -33.17 34.31 26.40
C GLY B 43 -33.90 35.43 27.12
N ASP B 44 -34.82 36.08 26.41
CA ASP B 44 -35.53 37.25 26.92
C ASP B 44 -36.98 36.86 27.21
N TYR B 45 -37.30 36.73 28.50
CA TYR B 45 -38.65 36.35 28.90
C TYR B 45 -39.67 37.41 28.51
N ALA B 46 -39.28 38.69 28.57
CA ALA B 46 -40.26 39.76 28.40
C ALA B 46 -40.89 39.72 27.03
N THR B 47 -40.08 39.67 25.98
CA THR B 47 -40.63 39.74 24.62
C THR B 47 -41.57 38.58 24.34
N VAL B 48 -41.17 37.37 24.71
CA VAL B 48 -42.05 36.22 24.52
C VAL B 48 -43.31 36.36 25.35
N LYS B 49 -43.17 36.78 26.61
CA LYS B 49 -44.33 37.00 27.46
C LYS B 49 -45.22 38.09 26.87
N GLN B 50 -44.63 39.22 26.50
CA GLN B 50 -45.42 40.32 25.93
C GLN B 50 -46.03 39.92 24.60
N ALA B 51 -45.28 39.19 23.78
CA ALA B 51 -45.77 38.81 22.45
C ALA B 51 -47.07 38.01 22.56
N LEU B 52 -47.01 36.84 23.20
CA LEU B 52 -48.21 36.02 23.31
C LEU B 52 -49.28 36.73 24.12
N GLN B 53 -48.90 37.37 25.22
CA GLN B 53 -49.87 38.14 25.99
C GLN B 53 -50.47 39.26 25.16
N GLU B 54 -49.73 39.75 24.17
CA GLU B 54 -50.24 40.75 23.24
C GLU B 54 -50.94 40.14 22.04
N ALA B 55 -50.76 38.85 21.79
CA ALA B 55 -51.35 38.18 20.64
C ALA B 55 -52.32 37.07 20.97
N GLU B 56 -52.32 36.57 22.21
CA GLU B 56 -53.21 35.47 22.55
C GLU B 56 -54.66 35.87 22.42
N ILE B 57 -54.99 37.11 22.80
CA ILE B 57 -56.36 37.61 22.70
C ILE B 57 -56.50 38.80 21.75
N TYR B 58 -55.39 39.39 21.28
CA TYR B 58 -55.48 40.30 20.14
C TYR B 58 -55.63 39.54 18.83
N TYR B 59 -54.96 38.40 18.70
CA TYR B 59 -54.92 37.62 17.46
C TYR B 59 -54.12 38.31 16.37
N ASN B 60 -53.21 39.23 16.75
CA ASN B 60 -52.46 39.97 15.75
C ASN B 60 -51.40 39.10 15.07
N VAL B 61 -50.67 38.31 15.86
CA VAL B 61 -49.56 37.52 15.34
C VAL B 61 -49.68 36.09 15.87
N ASN B 62 -49.16 35.14 15.09
CA ASN B 62 -49.10 33.74 15.49
C ASN B 62 -47.70 33.44 16.01
N ILE B 63 -47.63 32.89 17.23
CA ILE B 63 -46.34 32.66 17.87
C ILE B 63 -45.59 31.48 17.26
N ASN B 64 -46.28 30.59 16.56
CA ASN B 64 -45.60 29.46 15.93
C ASN B 64 -44.87 29.90 14.68
N CYS B 65 -43.92 30.83 14.84
CA CYS B 65 -43.17 31.34 13.70
C CYS B 65 -42.33 30.23 13.08
N MET B 66 -42.19 30.29 11.76
CA MET B 66 -41.42 29.31 11.00
C MET B 66 -40.24 30.02 10.35
N ASP B 67 -39.04 29.79 10.87
CA ASP B 67 -37.85 30.35 10.26
C ASP B 67 -37.66 29.78 8.86
N PRO B 68 -37.04 30.53 7.95
CA PRO B 68 -36.85 29.99 6.58
C PRO B 68 -36.11 28.68 6.53
N LEU B 69 -35.12 28.48 7.41
CA LEU B 69 -34.34 27.24 7.42
C LEU B 69 -35.01 26.13 8.20
N GLY B 70 -36.29 26.26 8.52
CA GLY B 70 -37.02 25.24 9.24
C GLY B 70 -37.04 25.41 10.74
N ARG B 71 -36.13 26.20 11.30
CA ARG B 71 -36.11 26.41 12.74
C ARG B 71 -37.38 27.11 13.20
N SER B 72 -37.74 26.87 14.46
CA SER B 72 -38.95 27.45 15.02
C SER B 72 -38.64 27.88 16.45
N ALA B 73 -39.69 28.20 17.21
CA ALA B 73 -39.51 28.62 18.59
C ALA B 73 -38.93 27.48 19.43
N LEU B 74 -39.55 26.31 19.37
CA LEU B 74 -39.09 25.18 20.19
C LEU B 74 -37.67 24.77 19.80
N LEU B 75 -37.38 24.71 18.51
CA LEU B 75 -36.12 24.14 18.06
C LEU B 75 -34.92 24.97 18.52
N ILE B 76 -35.03 26.29 18.47
CA ILE B 76 -33.89 27.14 18.75
C ILE B 76 -33.39 26.93 20.18
N ALA B 77 -34.32 26.86 21.15
CA ALA B 77 -33.92 26.60 22.52
C ALA B 77 -33.28 25.23 22.65
N ILE B 78 -33.84 24.22 21.98
CA ILE B 78 -33.33 22.86 22.09
C ILE B 78 -31.88 22.79 21.60
N GLU B 79 -31.56 23.55 20.55
CA GLU B 79 -30.24 23.45 19.94
C GLU B 79 -29.15 23.80 20.94
N ASN B 80 -29.34 24.87 21.70
CA ASN B 80 -28.35 25.29 22.70
C ASN B 80 -28.56 24.61 24.05
N GLU B 81 -29.55 23.73 24.17
CA GLU B 81 -29.83 23.03 25.42
C GLU B 81 -30.26 23.99 26.52
N ASN B 82 -30.92 25.09 26.15
CA ASN B 82 -31.41 26.07 27.11
C ASN B 82 -32.78 25.63 27.60
N LEU B 83 -32.78 24.91 28.72
CA LEU B 83 -34.03 24.41 29.28
C LEU B 83 -34.96 25.55 29.69
N GLU B 84 -34.41 26.58 30.34
CA GLU B 84 -35.24 27.65 30.86
C GLU B 84 -36.02 28.35 29.74
N ILE B 85 -35.31 28.80 28.70
CA ILE B 85 -35.99 29.37 27.55
C ILE B 85 -36.81 28.30 26.85
N MET B 86 -36.30 27.07 26.81
CA MET B 86 -37.12 25.96 26.33
C MET B 86 -38.34 25.76 27.23
N GLU B 87 -38.10 25.67 28.55
CA GLU B 87 -39.21 25.54 29.48
C GLU B 87 -40.12 26.76 29.43
N LEU B 88 -39.53 27.94 29.34
CA LEU B 88 -40.33 29.16 29.26
C LEU B 88 -41.22 29.17 28.03
N LEU B 89 -40.70 28.69 26.89
CA LEU B 89 -41.46 28.72 25.66
C LEU B 89 -42.55 27.65 25.62
N LEU B 90 -42.32 26.52 26.28
CA LEU B 90 -43.31 25.43 26.22
C LEU B 90 -44.62 25.82 26.88
N ASN B 91 -44.55 26.52 28.02
CA ASN B 91 -45.76 26.82 28.77
C ASN B 91 -46.69 27.78 28.02
N HIS B 92 -46.22 28.39 26.93
CA HIS B 92 -47.04 29.30 26.15
C HIS B 92 -47.95 28.58 25.15
N SER B 93 -47.90 27.25 25.10
CA SER B 93 -48.76 26.46 24.20
C SER B 93 -48.34 26.61 22.74
N VAL B 94 -47.04 26.68 22.50
CA VAL B 94 -46.50 26.75 21.14
C VAL B 94 -46.58 25.38 20.48
N TYR B 95 -46.39 25.33 19.17
CA TYR B 95 -46.47 24.07 18.46
C TYR B 95 -45.36 23.13 18.90
N VAL B 96 -45.68 21.83 18.95
CA VAL B 96 -44.77 20.85 19.52
C VAL B 96 -44.39 19.75 18.54
N GLY B 97 -45.12 19.57 17.45
CA GLY B 97 -44.88 18.44 16.56
C GLY B 97 -43.44 18.27 16.13
N ASP B 98 -42.94 17.03 16.23
CA ASP B 98 -41.58 16.65 15.85
C ASP B 98 -40.51 17.24 16.76
N ALA B 99 -40.90 17.91 17.84
CA ALA B 99 -39.90 18.44 18.76
C ALA B 99 -39.14 17.31 19.45
N LEU B 100 -39.84 16.23 19.81
CA LEU B 100 -39.19 15.13 20.51
C LEU B 100 -38.06 14.54 19.68
N LEU B 101 -38.25 14.42 18.36
CA LEU B 101 -37.23 13.86 17.50
C LEU B 101 -35.97 14.72 17.51
N TYR B 102 -36.13 16.04 17.48
CA TYR B 102 -34.96 16.92 17.54
C TYR B 102 -34.28 16.84 18.89
N ALA B 103 -35.06 16.72 19.97
CA ALA B 103 -34.48 16.56 21.30
C ALA B 103 -33.73 15.25 21.40
N ILE B 104 -34.32 14.16 20.90
CA ILE B 104 -33.67 12.86 20.98
C ILE B 104 -32.37 12.87 20.19
N ARG B 105 -32.40 13.43 18.97
CA ARG B 105 -31.20 13.49 18.16
C ARG B 105 -30.12 14.33 18.83
N LYS B 106 -30.53 15.41 19.51
CA LYS B 106 -29.58 16.23 20.24
C LYS B 106 -28.94 15.47 21.39
N GLU B 107 -29.67 14.52 21.98
CA GLU B 107 -29.18 13.73 23.11
C GLU B 107 -29.08 14.59 24.37
N VAL B 108 -30.08 15.42 24.61
CA VAL B 108 -30.18 16.23 25.81
C VAL B 108 -31.27 15.60 26.68
N VAL B 109 -30.86 14.92 27.74
CA VAL B 109 -31.80 14.14 28.55
C VAL B 109 -32.87 15.04 29.15
N GLY B 110 -32.46 16.18 29.69
CA GLY B 110 -33.45 17.08 30.29
C GLY B 110 -34.48 17.55 29.31
N ALA B 111 -34.06 17.90 28.09
CA ALA B 111 -35.00 18.33 27.07
C ALA B 111 -36.01 17.23 26.74
N VAL B 112 -35.54 15.99 26.64
CA VAL B 112 -36.43 14.88 26.29
C VAL B 112 -37.47 14.68 27.39
N GLU B 113 -37.02 14.59 28.65
CA GLU B 113 -37.95 14.35 29.74
C GLU B 113 -38.97 15.46 29.87
N LEU B 114 -38.57 16.69 29.58
CA LEU B 114 -39.52 17.81 29.63
C LEU B 114 -40.63 17.63 28.60
N LEU B 115 -40.31 17.10 27.42
CA LEU B 115 -41.31 16.92 26.39
C LEU B 115 -42.24 15.75 26.67
N LEU B 116 -41.77 14.73 27.38
CA LEU B 116 -42.61 13.55 27.62
C LEU B 116 -43.87 13.94 28.37
N SER B 117 -43.74 14.80 29.39
CA SER B 117 -44.90 15.36 30.07
C SER B 117 -45.28 16.65 29.38
N TYR B 118 -46.43 16.67 28.71
CA TYR B 118 -46.87 17.83 27.95
C TYR B 118 -46.80 19.11 28.77
N THR B 134 -47.81 20.42 4.50
CA THR B 134 -47.25 19.18 5.00
C THR B 134 -46.08 19.45 5.95
N GLN B 135 -45.66 20.71 6.02
CA GLN B 135 -44.55 21.10 6.88
C GLN B 135 -43.25 20.45 6.44
N PHE B 136 -42.12 21.02 6.87
CA PHE B 136 -40.81 20.49 6.53
C PHE B 136 -40.21 19.83 7.76
N SER B 137 -39.69 18.61 7.57
CA SER B 137 -39.07 17.86 8.65
C SER B 137 -37.72 17.35 8.18
N GLU B 138 -36.80 17.23 9.13
CA GLU B 138 -35.50 16.63 8.86
C GLU B 138 -35.52 15.11 9.03
N PHE B 139 -36.69 14.53 9.28
CA PHE B 139 -36.83 13.10 9.52
C PHE B 139 -37.89 12.54 8.58
N THR B 140 -37.63 11.36 8.05
CA THR B 140 -38.59 10.70 7.18
C THR B 140 -39.82 10.28 8.00
N PRO B 141 -40.98 10.17 7.36
CA PRO B 141 -42.22 9.98 8.13
C PRO B 141 -42.28 8.70 8.92
N ASP B 142 -41.47 7.69 8.58
CA ASP B 142 -41.53 6.41 9.28
C ASP B 142 -40.79 6.40 10.60
N ILE B 143 -39.94 7.40 10.86
CA ILE B 143 -39.13 7.41 12.07
C ILE B 143 -40.02 7.72 13.26
N THR B 144 -39.90 6.91 14.31
CA THR B 144 -40.60 7.07 15.57
C THR B 144 -39.60 7.35 16.67
N PRO B 145 -40.05 7.91 17.81
CA PRO B 145 -39.09 8.27 18.86
C PRO B 145 -38.24 7.11 19.34
N ILE B 146 -38.81 5.91 19.46
CA ILE B 146 -38.05 4.78 19.95
C ILE B 146 -36.99 4.36 18.93
N MET B 147 -37.34 4.36 17.64
CA MET B 147 -36.36 4.02 16.61
C MET B 147 -35.23 5.02 16.57
N LEU B 148 -35.54 6.32 16.64
CA LEU B 148 -34.49 7.33 16.59
C LEU B 148 -33.56 7.21 17.79
N ALA B 149 -34.13 6.95 18.97
CA ALA B 149 -33.29 6.80 20.16
C ALA B 149 -32.34 5.63 20.01
N ALA B 150 -32.81 4.52 19.46
CA ALA B 150 -31.96 3.36 19.25
C ALA B 150 -30.86 3.66 18.23
N HIS B 151 -31.15 4.48 17.21
CA HIS B 151 -30.14 4.80 16.23
C HIS B 151 -28.97 5.55 16.85
N THR B 152 -29.22 6.35 17.89
CA THR B 152 -28.17 7.10 18.55
C THR B 152 -27.40 6.30 19.59
N ASN B 153 -27.93 5.15 20.01
CA ASN B 153 -27.26 4.28 20.97
C ASN B 153 -27.02 4.98 22.30
N ASN B 154 -27.93 5.87 22.70
CA ASN B 154 -27.85 6.55 23.99
C ASN B 154 -28.58 5.69 25.02
N TYR B 155 -27.83 5.07 25.92
CA TYR B 155 -28.42 4.14 26.87
C TYR B 155 -29.46 4.82 27.75
N GLU B 156 -29.16 6.02 28.24
CA GLU B 156 -30.05 6.68 29.18
C GLU B 156 -31.37 7.05 28.51
N ILE B 157 -31.31 7.70 27.34
CA ILE B 157 -32.53 8.13 26.67
C ILE B 157 -33.35 6.93 26.21
N ILE B 158 -32.70 5.83 25.82
CA ILE B 158 -33.44 4.64 25.43
C ILE B 158 -34.22 4.08 26.61
N LYS B 159 -33.59 4.04 27.79
CA LYS B 159 -34.29 3.52 28.96
C LYS B 159 -35.50 4.37 29.32
N LEU B 160 -35.41 5.68 29.11
CA LEU B 160 -36.55 6.55 29.40
C LEU B 160 -37.76 6.18 28.55
N LEU B 161 -37.55 5.95 27.26
CA LEU B 161 -38.66 5.61 26.38
C LEU B 161 -39.20 4.23 26.69
N VAL B 162 -38.31 3.26 26.95
CA VAL B 162 -38.76 1.89 27.18
C VAL B 162 -39.56 1.77 28.47
N GLN B 163 -39.19 2.54 29.49
CA GLN B 163 -39.97 2.51 30.74
C GLN B 163 -41.44 2.74 30.47
N LYS B 164 -41.75 3.73 29.63
CA LYS B 164 -43.09 3.84 29.06
C LYS B 164 -43.28 2.79 27.97
N ARG B 165 -44.50 2.30 27.83
CA ARG B 165 -44.75 1.24 26.87
C ARG B 165 -44.51 1.73 25.45
N VAL B 166 -43.64 1.04 24.72
CA VAL B 166 -43.34 1.35 23.32
C VAL B 166 -43.14 0.05 22.57
N THR B 167 -43.11 0.15 21.25
CA THR B 167 -43.05 -1.03 20.39
C THR B 167 -42.33 -0.69 19.11
N ILE B 168 -41.83 -1.73 18.44
CA ILE B 168 -41.22 -1.59 17.11
C ILE B 168 -41.86 -2.60 16.18
N PRO B 169 -42.25 -2.22 14.97
CA PRO B 169 -42.85 -3.19 14.06
C PRO B 169 -41.88 -4.33 13.74
N ARG B 170 -42.42 -5.53 13.65
CA ARG B 170 -41.60 -6.71 13.37
C ARG B 170 -41.31 -6.79 11.87
N PRO B 171 -40.04 -6.82 11.47
CA PRO B 171 -39.74 -6.95 10.04
C PRO B 171 -40.05 -8.35 9.53
N HIS B 172 -40.64 -8.42 8.34
CA HIS B 172 -41.02 -9.69 7.76
C HIS B 172 -39.79 -10.43 7.25
N GLN B 173 -39.97 -11.72 6.95
CA GLN B 173 -38.88 -12.54 6.49
C GLN B 173 -38.30 -11.97 5.18
N ILE B 174 -37.12 -12.48 4.81
CA ILE B 174 -36.44 -11.98 3.62
C ILE B 174 -37.30 -12.22 2.38
N ARG B 175 -37.86 -13.41 2.26
CA ARG B 175 -38.65 -13.79 1.10
C ARG B 175 -40.09 -13.99 1.58
N CYS B 176 -40.85 -12.90 1.61
CA CYS B 176 -42.23 -12.92 2.06
C CYS B 176 -43.15 -12.59 0.90
N ASN B 177 -43.92 -13.59 0.46
CA ASN B 177 -44.98 -13.36 -0.49
C ASN B 177 -46.23 -12.80 0.16
N CYS B 178 -46.12 -12.32 1.39
CA CYS B 178 -47.27 -11.76 2.09
C CYS B 178 -47.87 -10.62 1.29
N VAL B 179 -49.19 -10.53 1.31
CA VAL B 179 -49.88 -9.54 0.49
C VAL B 179 -49.43 -8.13 0.86
N GLU B 180 -49.30 -7.85 2.16
CA GLU B 180 -48.90 -6.51 2.58
C GLU B 180 -47.52 -6.16 2.03
N CYS B 181 -46.56 -7.08 2.14
CA CYS B 181 -45.23 -6.82 1.59
C CYS B 181 -45.25 -6.69 0.08
N VAL B 182 -46.01 -7.55 -0.59
CA VAL B 182 -46.13 -7.46 -2.05
C VAL B 182 -46.78 -6.14 -2.45
N SER B 183 -47.84 -5.76 -1.74
CA SER B 183 -48.52 -4.51 -2.07
C SER B 183 -47.66 -3.29 -1.73
N SER B 184 -47.04 -3.30 -0.54
CA SER B 184 -46.26 -2.15 -0.12
C SER B 184 -45.09 -1.90 -1.06
N SER B 185 -44.41 -2.97 -1.47
CA SER B 185 -43.27 -2.80 -2.38
C SER B 185 -43.71 -2.21 -3.71
N GLU B 186 -44.84 -2.68 -4.25
CA GLU B 186 -45.31 -2.14 -5.53
C GLU B 186 -45.69 -0.68 -5.42
N VAL B 187 -46.38 -0.30 -4.34
CA VAL B 187 -46.85 1.08 -4.19
C VAL B 187 -45.68 2.05 -4.14
N ASP B 188 -44.70 1.77 -3.28
CA ASP B 188 -43.56 2.66 -3.10
C ASP B 188 -42.36 1.81 -2.67
N SER B 189 -41.51 1.44 -3.64
CA SER B 189 -40.35 0.63 -3.33
C SER B 189 -39.32 1.42 -2.55
N LEU B 190 -39.13 2.70 -2.88
CA LEU B 190 -38.15 3.51 -2.17
C LEU B 190 -38.51 3.66 -0.71
N ARG B 191 -39.77 3.97 -0.41
CA ARG B 191 -40.20 4.09 0.98
C ARG B 191 -40.14 2.74 1.68
N HIS B 192 -40.54 1.67 1.00
CA HIS B 192 -40.55 0.35 1.62
C HIS B 192 -39.14 -0.12 1.96
N SER B 193 -38.18 0.11 1.08
CA SER B 193 -36.81 -0.32 1.36
C SER B 193 -36.22 0.45 2.54
N ARG B 194 -36.46 1.77 2.60
CA ARG B 194 -35.89 2.57 3.67
C ARG B 194 -36.52 2.25 5.02
N SER B 195 -37.81 1.91 5.04
CA SER B 195 -38.46 1.55 6.29
C SER B 195 -37.81 0.31 6.90
N ARG B 196 -37.55 -0.71 6.09
CA ARG B 196 -36.95 -1.93 6.61
C ARG B 196 -35.55 -1.69 7.15
N LEU B 197 -34.75 -0.88 6.44
CA LEU B 197 -33.42 -0.57 6.93
C LEU B 197 -33.48 0.19 8.25
N ASN B 198 -34.41 1.13 8.37
CA ASN B 198 -34.52 1.92 9.60
C ASN B 198 -34.89 1.03 10.78
N ILE B 199 -35.78 0.07 10.56
CA ILE B 199 -36.18 -0.83 11.64
C ILE B 199 -35.01 -1.71 12.07
N TYR B 200 -34.17 -2.12 11.13
CA TYR B 200 -33.05 -2.98 11.47
C TYR B 200 -31.93 -2.22 12.16
N LYS B 201 -31.78 -0.93 11.87
CA LYS B 201 -30.78 -0.13 12.58
C LYS B 201 -31.12 -0.02 14.06
N ALA B 202 -32.40 0.07 14.39
CA ALA B 202 -32.81 0.15 15.80
C ALA B 202 -32.64 -1.20 16.49
N LEU B 203 -33.07 -2.27 15.83
CA LEU B 203 -33.00 -3.60 16.43
C LEU B 203 -31.56 -4.07 16.64
N ALA B 204 -30.60 -3.42 15.99
CA ALA B 204 -29.20 -3.79 16.10
C ALA B 204 -28.42 -2.87 17.02
N SER B 205 -29.10 -2.05 17.80
CA SER B 205 -28.42 -1.13 18.71
C SER B 205 -27.93 -1.89 19.94
N PRO B 206 -26.64 -1.82 20.27
CA PRO B 206 -26.15 -2.54 21.45
C PRO B 206 -26.88 -2.16 22.74
N SER B 207 -27.21 -0.88 22.92
CA SER B 207 -27.92 -0.47 24.12
C SER B 207 -29.30 -1.11 24.18
N LEU B 208 -30.00 -1.16 23.05
CA LEU B 208 -31.35 -1.73 23.04
C LEU B 208 -31.33 -3.25 23.12
N ILE B 209 -30.20 -3.89 22.85
CA ILE B 209 -30.10 -5.33 23.06
C ILE B 209 -29.74 -5.64 24.51
N ALA B 210 -28.74 -4.93 25.04
CA ALA B 210 -28.38 -5.11 26.44
C ALA B 210 -29.56 -4.82 27.36
N LEU B 211 -30.47 -3.98 26.92
CA LEU B 211 -31.70 -3.67 27.65
C LEU B 211 -32.88 -4.23 26.89
N SER B 212 -33.73 -4.99 27.57
CA SER B 212 -34.96 -5.56 27.00
C SER B 212 -34.75 -6.84 26.20
N SER B 213 -33.58 -7.46 26.24
CA SER B 213 -33.34 -8.74 25.59
C SER B 213 -33.05 -9.81 26.65
N GLU B 214 -33.78 -10.92 26.57
CA GLU B 214 -33.57 -12.00 27.53
C GLU B 214 -32.17 -12.59 27.41
N ASP B 215 -31.70 -12.81 26.18
CA ASP B 215 -30.38 -13.39 25.93
C ASP B 215 -29.62 -12.45 24.99
N PRO B 216 -28.87 -11.50 25.56
CA PRO B 216 -28.14 -10.57 24.69
C PRO B 216 -27.16 -11.25 23.75
N ILE B 217 -26.51 -12.32 24.20
CA ILE B 217 -25.53 -12.99 23.35
C ILE B 217 -26.22 -13.73 22.20
N LEU B 218 -27.31 -14.42 22.50
CA LEU B 218 -28.02 -15.15 21.44
C LEU B 218 -28.64 -14.20 20.43
N THR B 219 -29.22 -13.08 20.90
CA THR B 219 -29.84 -12.14 19.98
C THR B 219 -28.81 -11.55 19.02
N ALA B 220 -27.63 -11.22 19.51
CA ALA B 220 -26.60 -10.67 18.63
C ALA B 220 -26.13 -11.69 17.60
N PHE B 221 -26.14 -12.98 17.96
CA PHE B 221 -25.77 -14.00 16.99
C PHE B 221 -26.79 -14.09 15.86
N ARG B 222 -28.07 -14.20 16.22
CA ARG B 222 -29.11 -14.37 15.21
C ARG B 222 -29.28 -13.11 14.37
N LEU B 223 -29.25 -11.94 15.00
CA LEU B 223 -29.40 -10.70 14.26
C LEU B 223 -28.26 -10.51 13.26
N GLY B 224 -27.04 -10.78 13.70
CA GLY B 224 -25.90 -10.63 12.81
C GLY B 224 -25.96 -11.55 11.61
N TRP B 225 -26.42 -12.79 11.83
CA TRP B 225 -26.55 -13.72 10.71
C TRP B 225 -27.63 -13.27 9.74
N GLU B 226 -28.79 -12.83 10.25
CA GLU B 226 -29.85 -12.38 9.37
C GLU B 226 -29.44 -11.15 8.58
N LEU B 227 -28.73 -10.22 9.22
CA LEU B 227 -28.26 -9.04 8.51
C LEU B 227 -27.25 -9.40 7.43
N LYS B 228 -26.45 -10.44 7.65
CA LYS B 228 -25.51 -10.87 6.62
C LYS B 228 -26.24 -11.39 5.39
N GLU B 229 -27.29 -12.18 5.59
CA GLU B 229 -28.08 -12.68 4.46
C GLU B 229 -28.78 -11.53 3.74
N LEU B 230 -29.32 -10.58 4.50
CA LEU B 230 -30.01 -9.45 3.89
C LEU B 230 -29.08 -8.68 2.96
N SER B 231 -27.79 -8.66 3.25
CA SER B 231 -26.85 -7.97 2.39
C SER B 231 -26.86 -8.55 0.98
N LYS B 232 -26.90 -9.88 0.87
CA LYS B 232 -26.89 -10.52 -0.44
C LYS B 232 -28.18 -10.22 -1.21
N VAL B 233 -29.33 -10.33 -0.55
CA VAL B 233 -30.60 -10.21 -1.25
C VAL B 233 -30.80 -8.81 -1.80
N GLU B 234 -30.65 -7.80 -0.95
CA GLU B 234 -30.82 -6.40 -1.38
C GLU B 234 -29.47 -5.86 -1.81
N ASN B 235 -29.11 -6.15 -3.06
CA ASN B 235 -27.81 -5.76 -3.59
C ASN B 235 -27.59 -4.25 -3.55
N GLU B 236 -28.67 -3.46 -3.57
CA GLU B 236 -28.51 -2.02 -3.62
C GLU B 236 -28.05 -1.42 -2.31
N PHE B 237 -28.25 -2.12 -1.19
CA PHE B 237 -27.89 -1.61 0.13
C PHE B 237 -27.06 -2.62 0.89
N LYS B 238 -26.09 -3.25 0.20
CA LYS B 238 -25.24 -4.23 0.87
C LYS B 238 -24.29 -3.58 1.84
N ALA B 239 -23.82 -2.36 1.55
CA ALA B 239 -22.86 -1.71 2.43
C ALA B 239 -23.47 -1.41 3.80
N GLU B 240 -24.71 -0.91 3.83
CA GLU B 240 -25.34 -0.59 5.10
C GLU B 240 -25.62 -1.84 5.92
N TYR B 241 -26.13 -2.89 5.28
CA TYR B 241 -26.46 -4.10 6.02
C TYR B 241 -25.21 -4.80 6.52
N GLU B 242 -24.11 -4.74 5.76
CA GLU B 242 -22.85 -5.29 6.25
C GLU B 242 -22.38 -4.58 7.49
N GLU B 243 -22.48 -3.25 7.52
CA GLU B 243 -22.04 -2.49 8.70
C GLU B 243 -22.87 -2.85 9.92
N LEU B 244 -24.19 -3.01 9.74
CA LEU B 244 -25.03 -3.45 10.85
C LEU B 244 -24.67 -4.85 11.30
N SER B 245 -24.40 -5.75 10.36
CA SER B 245 -24.02 -7.11 10.72
C SER B 245 -22.70 -7.13 11.48
N GLN B 246 -21.73 -6.32 11.05
CA GLN B 246 -20.45 -6.28 11.74
C GLN B 246 -20.58 -5.69 13.15
N GLN B 247 -21.48 -4.72 13.32
CA GLN B 247 -21.67 -4.12 14.65
C GLN B 247 -22.27 -5.12 15.63
N CYS B 248 -23.16 -5.99 15.15
CA CYS B 248 -23.73 -7.01 16.03
C CYS B 248 -22.66 -8.00 16.49
N LYS B 249 -21.76 -8.40 15.58
CA LYS B 249 -20.70 -9.33 15.95
C LYS B 249 -19.80 -8.75 17.02
N LEU B 250 -19.49 -7.46 16.91
CA LEU B 250 -18.61 -6.83 17.89
C LEU B 250 -19.25 -6.81 19.28
N PHE B 251 -20.56 -6.58 19.36
CA PHE B 251 -21.21 -6.46 20.65
C PHE B 251 -21.10 -7.75 21.45
N ALA B 252 -21.31 -8.90 20.81
CA ALA B 252 -21.20 -10.17 21.52
C ALA B 252 -19.78 -10.42 21.99
N LYS B 253 -18.79 -10.07 21.16
CA LYS B 253 -17.40 -10.25 21.54
C LYS B 253 -17.03 -9.37 22.72
N ASP B 254 -17.59 -8.17 22.80
CA ASP B 254 -17.26 -7.26 23.90
C ASP B 254 -17.91 -7.69 25.20
N LEU B 255 -19.04 -8.38 25.15
CA LEU B 255 -19.62 -8.92 26.38
C LEU B 255 -18.75 -10.03 26.96
N LEU B 256 -18.18 -10.87 26.10
CA LEU B 256 -17.28 -11.90 26.58
C LEU B 256 -16.00 -11.31 27.14
N ASP B 257 -15.62 -10.11 26.69
CA ASP B 257 -14.44 -9.44 27.21
C ASP B 257 -14.62 -8.99 28.66
N GLN B 258 -15.85 -8.89 29.14
CA GLN B 258 -16.12 -8.43 30.49
C GLN B 258 -16.07 -9.55 31.52
N ALA B 259 -15.85 -10.80 31.09
CA ALA B 259 -15.73 -11.89 32.04
C ALA B 259 -14.49 -11.71 32.89
N ARG B 260 -14.63 -11.94 34.20
CA ARG B 260 -13.57 -11.68 35.15
C ARG B 260 -13.03 -12.92 35.85
N SER B 261 -13.66 -14.08 35.68
CA SER B 261 -13.19 -15.30 36.31
C SER B 261 -13.48 -16.47 35.39
N SER B 262 -12.78 -17.57 35.64
CA SER B 262 -12.98 -18.77 34.83
C SER B 262 -14.35 -19.38 35.08
N ARG B 263 -14.87 -19.25 36.30
CA ARG B 263 -16.22 -19.77 36.58
C ARG B 263 -17.27 -19.05 35.75
N GLU B 264 -17.13 -17.73 35.59
CA GLU B 264 -18.07 -16.98 34.78
C GLU B 264 -17.99 -17.40 33.32
N LEU B 265 -16.78 -17.61 32.81
CA LEU B 265 -16.60 -17.96 31.40
C LEU B 265 -17.26 -19.29 31.08
N GLU B 266 -17.12 -20.29 31.96
CA GLU B 266 -17.70 -21.59 31.69
C GLU B 266 -19.22 -21.53 31.68
N ILE B 267 -19.82 -20.73 32.55
CA ILE B 267 -21.26 -20.59 32.55
C ILE B 267 -21.74 -20.03 31.21
N ILE B 268 -21.03 -19.02 30.70
CA ILE B 268 -21.44 -18.40 29.44
C ILE B 268 -21.35 -19.40 28.29
N LEU B 269 -20.23 -20.09 28.15
CA LEU B 269 -19.99 -20.91 26.96
C LEU B 269 -20.64 -22.29 27.03
N ASN B 270 -21.15 -22.70 28.16
CA ASN B 270 -21.73 -24.05 28.30
C ASN B 270 -23.24 -23.97 28.45
N HIS B 271 -23.83 -22.80 28.30
CA HIS B 271 -25.29 -22.64 28.47
C HIS B 271 -26.03 -23.28 27.32
N ARG B 272 -27.07 -24.04 27.62
CA ARG B 272 -27.90 -24.68 26.59
C ARG B 272 -29.21 -23.96 26.75
N ASP B 273 -29.74 -23.42 25.70
CA ASP B 273 -30.88 -22.52 25.88
C ASP B 273 -32.04 -23.29 26.49
N ASP B 274 -32.29 -24.51 26.03
CA ASP B 274 -33.44 -25.31 26.53
C ASP B 274 -32.95 -26.71 26.92
N ASP B 286 -21.45 -30.68 25.95
CA ASP B 286 -20.84 -29.55 26.64
C ASP B 286 -20.36 -28.51 25.63
N LEU B 287 -20.05 -27.31 26.13
CA LEU B 287 -19.64 -26.20 25.27
C LEU B 287 -20.72 -25.87 24.25
N ALA B 288 -21.98 -25.97 24.68
CA ALA B 288 -23.09 -25.81 23.74
C ALA B 288 -23.15 -24.40 23.16
N LYS B 289 -22.97 -23.38 24.00
CA LYS B 289 -23.07 -22.02 23.50
C LYS B 289 -21.97 -21.70 22.49
N LEU B 290 -20.78 -22.28 22.68
CA LEU B 290 -19.71 -22.09 21.70
C LEU B 290 -20.01 -22.81 20.39
N LYS B 291 -20.74 -23.93 20.46
CA LYS B 291 -21.15 -24.63 19.25
C LYS B 291 -22.11 -23.79 18.43
N VAL B 292 -23.02 -23.08 19.10
CA VAL B 292 -23.93 -22.17 18.39
C VAL B 292 -23.15 -21.08 17.68
N ALA B 293 -22.09 -20.58 18.33
CA ALA B 293 -21.30 -19.52 17.72
C ALA B 293 -20.60 -19.99 16.45
N ILE B 294 -20.12 -21.23 16.44
CA ILE B 294 -19.49 -21.77 15.24
C ILE B 294 -20.51 -21.91 14.12
N LYS B 295 -21.75 -22.26 14.47
CA LYS B 295 -22.80 -22.40 13.46
C LYS B 295 -23.08 -21.08 12.77
N TYR B 296 -23.03 -19.98 13.50
CA TYR B 296 -23.36 -18.66 12.97
C TYR B 296 -22.15 -17.90 12.46
N HIS B 297 -20.96 -18.49 12.49
CA HIS B 297 -19.76 -17.88 11.94
C HIS B 297 -19.35 -16.64 12.73
N GLN B 298 -19.51 -16.69 14.05
CA GLN B 298 -19.06 -15.61 14.93
C GLN B 298 -17.57 -15.80 15.21
N LYS B 299 -16.77 -15.45 14.21
CA LYS B 299 -15.35 -15.78 14.25
C LYS B 299 -14.62 -15.02 15.35
N GLU B 300 -14.93 -13.73 15.53
CA GLU B 300 -14.26 -12.96 16.56
C GLU B 300 -14.62 -13.47 17.95
N PHE B 301 -15.86 -13.92 18.14
CA PHE B 301 -16.25 -14.52 19.41
C PHE B 301 -15.43 -15.76 19.71
N VAL B 302 -15.23 -16.62 18.70
CA VAL B 302 -14.54 -17.88 18.92
C VAL B 302 -13.04 -17.66 19.12
N ALA B 303 -12.49 -16.58 18.56
CA ALA B 303 -11.07 -16.31 18.64
C ALA B 303 -10.69 -15.44 19.83
N GLN B 304 -11.61 -15.19 20.74
CA GLN B 304 -11.30 -14.38 21.91
C GLN B 304 -10.23 -15.08 22.74
N PRO B 305 -9.20 -14.38 23.21
CA PRO B 305 -8.08 -15.05 23.87
C PRO B 305 -8.47 -15.86 25.10
N ASN B 306 -9.50 -15.45 25.84
CA ASN B 306 -9.90 -16.24 27.00
C ASN B 306 -10.64 -17.50 26.59
N CYS B 307 -11.51 -17.41 25.58
CA CYS B 307 -12.17 -18.60 25.06
C CYS B 307 -11.15 -19.57 24.48
N GLN B 308 -10.14 -19.04 23.77
CA GLN B 308 -9.11 -19.91 23.19
C GLN B 308 -8.28 -20.57 24.27
N GLN B 309 -8.02 -19.87 25.38
CA GLN B 309 -7.23 -20.44 26.46
C GLN B 309 -7.94 -21.62 27.11
N LEU B 310 -9.25 -21.51 27.33
CA LEU B 310 -9.99 -22.60 27.91
C LEU B 310 -10.02 -23.81 26.97
N LEU B 311 -10.13 -23.56 25.66
CA LEU B 311 -10.15 -24.66 24.70
C LEU B 311 -8.83 -25.42 24.71
N ALA B 312 -7.72 -24.70 24.81
CA ALA B 312 -6.41 -25.36 24.83
C ALA B 312 -6.26 -26.27 26.04
N THR B 313 -6.90 -25.93 27.15
CA THR B 313 -6.82 -26.78 28.34
C THR B 313 -7.54 -28.10 28.12
N LEU B 314 -8.65 -28.10 27.39
CA LEU B 314 -9.35 -29.33 27.06
C LEU B 314 -8.61 -30.13 26.00
N TRP B 315 -7.89 -29.46 25.12
CA TRP B 315 -7.20 -30.13 24.03
C TRP B 315 -5.95 -30.85 24.52
N TYR B 316 -5.23 -30.24 25.47
CA TYR B 316 -3.95 -30.76 25.96
C TYR B 316 -4.10 -31.52 27.26
N ASP B 317 -5.20 -32.26 27.42
CA ASP B 317 -5.54 -32.83 28.73
C ASP B 317 -4.37 -33.58 29.36
N GLY B 318 -3.75 -34.47 28.61
CA GLY B 318 -2.70 -35.30 29.19
C GLY B 318 -1.48 -34.53 29.62
N PHE B 319 -1.12 -33.47 28.89
CA PHE B 319 0.12 -32.73 29.07
C PHE B 319 -0.15 -31.38 29.74
N PRO B 320 -0.16 -31.32 31.07
CA PRO B 320 -0.47 -30.03 31.73
C PRO B 320 0.48 -28.90 31.37
N GLY B 321 1.75 -29.20 31.10
CA GLY B 321 2.72 -28.15 30.86
C GLY B 321 3.27 -28.12 29.44
N TRP B 322 2.40 -28.31 28.45
CA TRP B 322 2.84 -28.38 27.07
C TRP B 322 3.43 -27.05 26.60
N ARG B 323 2.81 -25.94 26.98
CA ARG B 323 3.25 -24.64 26.46
C ARG B 323 4.67 -24.32 26.88
N ARG B 324 5.04 -24.68 28.11
CA ARG B 324 6.37 -24.37 28.63
C ARG B 324 7.44 -25.35 28.16
N LYS B 325 7.05 -26.47 27.56
CA LYS B 325 8.03 -27.48 27.17
C LYS B 325 8.87 -27.00 25.99
N HIS B 326 10.10 -27.51 25.91
CA HIS B 326 11.02 -27.14 24.85
C HIS B 326 10.57 -27.75 23.52
N TRP B 327 11.07 -27.17 22.43
CA TRP B 327 10.69 -27.63 21.10
C TRP B 327 11.22 -29.03 20.82
N VAL B 328 12.41 -29.36 21.33
CA VAL B 328 12.99 -30.66 21.03
C VAL B 328 12.21 -31.77 21.74
N VAL B 329 11.88 -31.56 23.02
CA VAL B 329 11.10 -32.55 23.74
C VAL B 329 9.72 -32.70 23.11
N LYS B 330 9.16 -31.59 22.62
CA LYS B 330 7.86 -31.66 21.95
C LYS B 330 7.94 -32.55 20.71
N LEU B 331 9.01 -32.41 19.92
CA LEU B 331 9.17 -33.25 18.74
C LEU B 331 9.32 -34.71 19.12
N LEU B 332 10.12 -35.01 20.14
CA LEU B 332 10.31 -36.39 20.56
C LEU B 332 9.01 -37.00 21.09
N THR B 333 8.23 -36.22 21.83
CA THR B 333 7.03 -36.76 22.47
C THR B 333 6.05 -37.31 21.43
N CYS B 334 5.73 -36.50 20.42
CA CYS B 334 4.73 -36.93 19.44
C CYS B 334 5.17 -38.19 18.71
N MET B 335 6.45 -38.28 18.35
CA MET B 335 6.94 -39.47 17.68
C MET B 335 6.70 -40.72 18.52
N THR B 336 6.84 -40.60 19.85
CA THR B 336 6.58 -41.75 20.71
C THR B 336 5.13 -42.18 20.64
N ILE B 337 4.20 -41.22 20.77
CA ILE B 337 2.78 -41.57 20.66
C ILE B 337 2.48 -42.11 19.27
N GLY B 338 3.02 -41.49 18.24
CA GLY B 338 2.77 -41.96 16.88
C GLY B 338 3.22 -43.39 16.68
N PHE B 339 4.43 -43.71 17.14
CA PHE B 339 4.96 -45.06 16.98
C PHE B 339 4.26 -46.08 17.87
N LEU B 340 3.43 -45.64 18.80
CA LEU B 340 2.72 -46.55 19.70
C LEU B 340 1.22 -46.61 19.42
N PHE B 341 0.75 -45.95 18.37
CA PHE B 341 -0.68 -45.93 18.10
C PHE B 341 -1.29 -47.32 17.99
N PRO B 342 -0.66 -48.32 17.35
CA PRO B 342 -1.26 -49.65 17.34
C PRO B 342 -1.45 -50.23 18.72
N MET B 343 -0.55 -49.92 19.66
CA MET B 343 -0.70 -50.38 21.03
C MET B 343 -1.83 -49.64 21.74
N LEU B 344 -1.88 -48.32 21.57
CA LEU B 344 -2.94 -47.53 22.19
C LEU B 344 -4.30 -47.92 21.64
N SER B 345 -4.39 -48.13 20.33
CA SER B 345 -5.67 -48.46 19.72
C SER B 345 -6.21 -49.77 20.23
N ILE B 346 -5.36 -50.80 20.31
CA ILE B 346 -5.82 -52.12 20.74
C ILE B 346 -6.28 -52.07 22.19
N ALA B 347 -5.51 -51.41 23.05
CA ALA B 347 -5.88 -51.36 24.47
C ALA B 347 -7.26 -50.75 24.67
N TYR B 348 -7.66 -49.82 23.80
CA TYR B 348 -8.99 -49.22 23.92
C TYR B 348 -10.08 -50.27 23.71
N LEU B 349 -9.90 -51.17 22.74
CA LEU B 349 -10.93 -52.14 22.44
C LEU B 349 -11.07 -53.17 23.56
N ILE B 350 -9.95 -53.74 24.02
CA ILE B 350 -10.01 -54.83 24.98
C ILE B 350 -10.46 -54.33 26.34
N SER B 351 -9.91 -53.21 26.80
CA SER B 351 -10.15 -52.70 28.15
C SER B 351 -10.51 -51.22 28.09
N PRO B 352 -11.73 -50.89 27.66
CA PRO B 352 -12.09 -49.46 27.56
C PRO B 352 -11.95 -48.71 28.88
N ARG B 353 -12.28 -49.34 30.00
CA ARG B 353 -12.22 -48.67 31.29
C ARG B 353 -10.87 -48.81 31.97
N SER B 354 -9.96 -49.61 31.43
CA SER B 354 -8.64 -49.76 32.03
C SER B 354 -7.83 -48.49 31.83
N ASN B 355 -6.74 -48.37 32.61
CA ASN B 355 -5.95 -47.15 32.60
C ASN B 355 -5.38 -46.87 31.21
N LEU B 356 -4.85 -47.90 30.54
CA LEU B 356 -4.27 -47.71 29.23
C LEU B 356 -5.30 -47.34 28.17
N GLY B 357 -6.59 -47.51 28.44
CA GLY B 357 -7.61 -47.19 27.46
C GLY B 357 -8.01 -45.73 27.40
N LEU B 358 -7.72 -44.96 28.44
CA LEU B 358 -8.15 -43.56 28.47
C LEU B 358 -7.28 -42.64 27.63
N PHE B 359 -6.05 -43.06 27.31
CA PHE B 359 -5.14 -42.16 26.62
C PHE B 359 -5.65 -41.78 25.24
N ILE B 360 -6.22 -42.74 24.50
CA ILE B 360 -6.69 -42.48 23.15
C ILE B 360 -7.97 -41.66 23.22
N LYS B 361 -8.46 -41.40 24.43
CA LYS B 361 -9.61 -40.53 24.60
C LYS B 361 -9.22 -39.06 24.65
N LYS B 362 -7.99 -38.77 25.05
CA LYS B 362 -7.54 -37.39 25.12
C LYS B 362 -7.42 -36.80 23.72
N PRO B 363 -7.98 -35.62 23.46
CA PRO B 363 -8.02 -35.10 22.07
C PRO B 363 -6.66 -35.02 21.39
N PHE B 364 -5.65 -34.44 22.03
CA PHE B 364 -4.36 -34.26 21.34
C PHE B 364 -3.70 -35.60 21.06
N ILE B 365 -3.79 -36.54 21.99
CA ILE B 365 -3.24 -37.86 21.75
C ILE B 365 -4.01 -38.57 20.64
N LYS B 366 -5.33 -38.47 20.66
CA LYS B 366 -6.13 -39.06 19.60
C LYS B 366 -5.78 -38.48 18.24
N PHE B 367 -5.50 -37.18 18.18
CA PHE B 367 -5.10 -36.56 16.93
C PHE B 367 -3.79 -37.14 16.43
N ILE B 368 -2.82 -37.33 17.32
CA ILE B 368 -1.55 -37.90 16.92
C ILE B 368 -1.72 -39.34 16.46
N CYS B 369 -2.63 -40.09 17.10
CA CYS B 369 -2.85 -41.47 16.71
C CYS B 369 -3.42 -41.56 15.30
N HIS B 370 -4.39 -40.70 14.98
CA HIS B 370 -4.95 -40.70 13.63
C HIS B 370 -3.92 -40.28 12.59
N THR B 371 -3.10 -39.27 12.91
CA THR B 371 -2.10 -38.80 11.97
C THR B 371 -1.04 -39.87 11.70
N ALA B 372 -0.60 -40.56 12.75
CA ALA B 372 0.35 -41.64 12.56
C ALA B 372 -0.25 -42.78 11.75
N SER B 373 -1.52 -43.09 11.97
CA SER B 373 -2.18 -44.13 11.19
C SER B 373 -2.25 -43.75 9.72
N TYR B 374 -2.60 -42.50 9.42
CA TYR B 374 -2.68 -42.07 8.04
C TYR B 374 -1.31 -42.05 7.37
N LEU B 375 -0.25 -41.88 8.14
CA LEU B 375 1.09 -41.87 7.56
C LEU B 375 1.58 -43.27 7.21
N THR B 376 1.19 -44.28 8.00
CA THR B 376 1.57 -45.64 7.66
C THR B 376 0.85 -46.11 6.39
N PHE B 377 -0.39 -45.68 6.19
CA PHE B 377 -1.09 -45.98 4.94
C PHE B 377 -0.39 -45.32 3.76
N LEU B 378 0.07 -44.07 3.94
CA LEU B 378 0.78 -43.40 2.86
C LEU B 378 2.13 -44.05 2.59
N PHE B 379 2.81 -44.53 3.64
CA PHE B 379 4.06 -45.23 3.45
C PHE B 379 3.86 -46.51 2.65
N MET B 380 2.81 -47.26 2.96
CA MET B 380 2.54 -48.49 2.21
C MET B 380 2.24 -48.18 0.75
N LEU B 381 1.67 -47.02 0.46
CA LEU B 381 1.43 -46.64 -0.93
C LEU B 381 2.73 -46.47 -1.69
N LEU B 382 3.75 -45.88 -1.06
CA LEU B 382 5.04 -45.71 -1.70
C LEU B 382 5.80 -47.03 -1.84
N LEU B 383 5.32 -48.10 -1.21
CA LEU B 383 5.97 -49.41 -1.28
C LEU B 383 5.36 -50.31 -2.34
N ALA B 384 4.32 -49.86 -3.04
CA ALA B 384 3.70 -50.71 -4.05
C ALA B 384 4.63 -50.97 -5.23
N SER B 385 5.38 -49.95 -5.66
CA SER B 385 6.20 -50.09 -6.86
C SER B 385 7.39 -51.01 -6.62
N GLN B 386 8.08 -50.85 -5.48
CA GLN B 386 9.32 -51.57 -5.27
C GLN B 386 9.11 -53.07 -5.16
N HIS B 387 8.03 -53.50 -4.52
CA HIS B 387 7.84 -54.92 -4.22
C HIS B 387 7.47 -55.75 -5.44
N ILE B 388 6.79 -55.15 -6.43
CA ILE B 388 6.30 -55.94 -7.55
C ILE B 388 7.45 -56.62 -8.28
N VAL B 389 7.15 -57.73 -8.94
CA VAL B 389 8.14 -58.54 -9.63
C VAL B 389 7.91 -58.42 -11.13
N ARG B 390 9.00 -58.55 -11.90
CA ARG B 390 8.92 -58.39 -13.35
C ARG B 390 8.00 -59.43 -13.97
N THR B 391 8.10 -60.68 -13.53
CA THR B 391 7.33 -61.75 -14.17
C THR B 391 5.83 -61.49 -14.11
N ASP B 392 5.37 -60.77 -13.08
CA ASP B 392 3.96 -60.47 -12.95
C ASP B 392 3.47 -59.43 -13.96
N LEU B 393 4.39 -58.84 -14.73
CA LEU B 393 4.00 -57.76 -15.64
C LEU B 393 2.98 -58.23 -16.68
N HIS B 394 3.18 -59.42 -17.23
CA HIS B 394 2.34 -59.93 -18.30
C HIS B 394 1.14 -60.73 -17.80
N VAL B 395 0.97 -60.85 -16.48
CA VAL B 395 -0.13 -61.64 -15.93
C VAL B 395 -1.40 -60.82 -16.02
N GLN B 396 -2.23 -61.09 -17.02
CA GLN B 396 -3.52 -60.44 -17.13
C GLN B 396 -4.35 -60.71 -15.88
N GLY B 397 -4.97 -59.66 -15.34
CA GLY B 397 -5.86 -59.79 -14.21
C GLY B 397 -5.27 -60.62 -13.09
N PRO B 398 -4.22 -60.10 -12.45
CA PRO B 398 -3.54 -60.87 -11.40
C PRO B 398 -4.37 -60.89 -10.13
N PRO B 399 -3.88 -61.56 -9.09
CA PRO B 399 -4.53 -61.48 -7.79
C PRO B 399 -3.94 -60.36 -6.96
N PRO B 400 -4.63 -59.93 -5.91
CA PRO B 400 -4.08 -58.86 -5.06
C PRO B 400 -2.72 -59.25 -4.51
N THR B 401 -1.81 -58.28 -4.50
CA THR B 401 -0.46 -58.50 -4.01
C THR B 401 -0.40 -58.28 -2.50
N VAL B 402 0.81 -58.40 -1.95
CA VAL B 402 0.97 -58.27 -0.50
C VAL B 402 0.55 -56.88 -0.04
N VAL B 403 1.02 -55.84 -0.74
CA VAL B 403 0.70 -54.47 -0.34
C VAL B 403 -0.79 -54.23 -0.42
N GLU B 404 -1.43 -54.65 -1.53
CA GLU B 404 -2.86 -54.45 -1.66
C GLU B 404 -3.64 -55.16 -0.57
N TRP B 405 -3.08 -56.24 -0.01
CA TRP B 405 -3.71 -56.90 1.11
C TRP B 405 -3.60 -56.06 2.38
N MET B 406 -2.40 -55.55 2.66
CA MET B 406 -2.20 -54.71 3.85
C MET B 406 -2.99 -53.41 3.73
N ILE B 407 -2.99 -52.81 2.55
CA ILE B 407 -3.67 -51.52 2.35
C ILE B 407 -5.18 -51.66 2.41
N LEU B 408 -5.71 -52.85 2.13
CA LEU B 408 -7.15 -53.01 2.05
C LEU B 408 -7.86 -52.61 3.34
N PRO B 409 -7.38 -52.99 4.53
CA PRO B 409 -8.06 -52.53 5.76
C PRO B 409 -8.21 -51.02 5.84
N TRP B 410 -7.20 -50.25 5.44
CA TRP B 410 -7.34 -48.81 5.41
C TRP B 410 -8.41 -48.38 4.42
N VAL B 411 -8.42 -48.99 3.22
CA VAL B 411 -9.34 -48.56 2.18
C VAL B 411 -10.78 -48.72 2.64
N LEU B 412 -11.11 -49.86 3.24
CA LEU B 412 -12.45 -50.05 3.77
C LEU B 412 -12.73 -49.06 4.89
N GLY B 413 -11.75 -48.81 5.75
CA GLY B 413 -11.95 -47.87 6.83
C GLY B 413 -12.24 -46.45 6.35
N PHE B 414 -11.52 -46.01 5.32
CA PHE B 414 -11.75 -44.67 4.80
C PHE B 414 -13.16 -44.51 4.25
N ILE B 415 -13.65 -45.52 3.53
CA ILE B 415 -15.03 -45.47 3.03
C ILE B 415 -16.02 -45.49 4.18
N TRP B 416 -15.78 -46.35 5.17
CA TRP B 416 -16.70 -46.43 6.30
C TRP B 416 -16.76 -45.11 7.06
N GLY B 417 -15.61 -44.48 7.28
CA GLY B 417 -15.60 -43.22 8.01
C GLY B 417 -16.37 -42.12 7.29
N GLU B 418 -16.12 -41.97 5.98
CA GLU B 418 -16.81 -40.93 5.23
C GLU B 418 -18.29 -41.21 5.11
N ILE B 419 -18.68 -42.49 5.02
CA ILE B 419 -20.09 -42.83 4.94
C ILE B 419 -20.82 -42.38 6.20
N LYS B 420 -20.23 -42.69 7.36
CA LYS B 420 -20.88 -42.35 8.63
C LYS B 420 -21.03 -40.83 8.78
N GLU B 421 -19.98 -40.08 8.45
CA GLU B 421 -20.04 -38.62 8.60
C GLU B 421 -21.12 -38.03 7.71
N MET B 422 -21.23 -38.51 6.47
CA MET B 422 -22.26 -38.01 5.57
C MET B 422 -23.66 -38.31 6.11
N TRP B 423 -23.85 -39.51 6.67
CA TRP B 423 -25.18 -39.91 7.11
C TRP B 423 -25.69 -39.00 8.22
N ASP B 424 -24.90 -38.81 9.28
CA ASP B 424 -25.34 -37.98 10.40
C ASP B 424 -25.23 -36.50 10.08
N GLY B 425 -24.18 -36.09 9.37
CA GLY B 425 -23.97 -34.68 9.10
C GLY B 425 -25.03 -34.09 8.19
N GLY B 426 -25.37 -34.79 7.12
CA GLY B 426 -26.31 -34.28 6.14
C GLY B 426 -25.59 -33.86 4.86
N PHE B 427 -26.34 -33.87 3.76
CA PHE B 427 -25.75 -33.58 2.46
C PHE B 427 -25.22 -32.14 2.39
N THR B 428 -25.98 -31.19 2.92
CA THR B 428 -25.59 -29.79 2.81
C THR B 428 -24.27 -29.52 3.53
N GLU B 429 -24.08 -30.11 4.71
CA GLU B 429 -22.85 -29.88 5.46
C GLU B 429 -21.64 -30.45 4.73
N TYR B 430 -21.82 -31.52 3.97
CA TYR B 430 -20.70 -32.15 3.29
C TYR B 430 -20.05 -31.22 2.29
N ILE B 431 -20.86 -30.51 1.49
CA ILE B 431 -20.32 -29.69 0.42
C ILE B 431 -19.63 -28.44 0.95
N HIS B 432 -19.84 -28.07 2.21
CA HIS B 432 -19.25 -26.84 2.73
C HIS B 432 -17.73 -26.91 2.70
N ASP B 433 -17.16 -28.04 3.05
CA ASP B 433 -15.71 -28.19 3.12
C ASP B 433 -15.17 -28.66 1.77
N TRP B 434 -14.17 -27.93 1.26
CA TRP B 434 -13.50 -28.36 0.02
C TRP B 434 -12.82 -29.70 0.24
N TRP B 435 -12.19 -29.90 1.40
CA TRP B 435 -11.51 -31.15 1.68
C TRP B 435 -12.48 -32.33 1.64
N ASN B 436 -13.74 -32.10 2.00
CA ASN B 436 -14.72 -33.17 1.97
C ASN B 436 -14.97 -33.64 0.54
N LEU B 437 -14.99 -32.70 -0.41
CA LEU B 437 -15.16 -33.08 -1.81
C LEU B 437 -14.01 -33.97 -2.29
N MET B 438 -12.77 -33.61 -1.92
CA MET B 438 -11.63 -34.42 -2.32
C MET B 438 -11.70 -35.82 -1.73
N ASP B 439 -12.18 -35.93 -0.48
CA ASP B 439 -12.26 -37.24 0.15
C ASP B 439 -13.27 -38.14 -0.55
N PHE B 440 -14.39 -37.59 -0.99
CA PHE B 440 -15.39 -38.41 -1.67
C PHE B 440 -14.84 -38.99 -2.95
N ALA B 441 -14.11 -38.20 -3.74
CA ALA B 441 -13.51 -38.70 -4.97
C ALA B 441 -12.46 -39.76 -4.67
N MET B 442 -11.72 -39.59 -3.58
CA MET B 442 -10.66 -40.56 -3.26
C MET B 442 -11.25 -41.94 -3.00
N ASN B 443 -12.37 -42.00 -2.28
CA ASN B 443 -13.00 -43.30 -2.04
C ASN B 443 -13.70 -43.83 -3.28
N SER B 444 -14.24 -42.94 -4.12
CA SER B 444 -14.87 -43.38 -5.35
C SER B 444 -13.87 -44.10 -6.25
N LEU B 445 -12.68 -43.52 -6.43
CA LEU B 445 -11.67 -44.16 -7.25
C LEU B 445 -11.18 -45.46 -6.63
N TYR B 446 -10.99 -45.46 -5.30
CA TYR B 446 -10.52 -46.68 -4.65
C TYR B 446 -11.53 -47.80 -4.76
N LEU B 447 -12.82 -47.47 -4.84
CA LEU B 447 -13.82 -48.49 -5.08
C LEU B 447 -13.74 -49.02 -6.50
N ALA B 448 -13.61 -48.12 -7.48
CA ALA B 448 -13.56 -48.55 -8.87
C ALA B 448 -12.35 -49.44 -9.12
N THR B 449 -11.22 -49.15 -8.47
CA THR B 449 -10.04 -49.98 -8.64
C THR B 449 -10.29 -51.40 -8.15
N ILE B 450 -10.93 -51.53 -6.98
CA ILE B 450 -11.20 -52.86 -6.44
C ILE B 450 -12.15 -53.62 -7.37
N SER B 451 -13.20 -52.95 -7.84
CA SER B 451 -14.16 -53.61 -8.73
C SER B 451 -13.49 -54.09 -10.00
N LEU B 452 -12.68 -53.23 -10.63
CA LEU B 452 -12.06 -53.58 -11.90
C LEU B 452 -11.10 -54.77 -11.74
N LYS B 453 -10.27 -54.74 -10.70
CA LYS B 453 -9.36 -55.86 -10.48
C LYS B 453 -10.12 -57.15 -10.21
N ILE B 454 -11.27 -57.05 -9.55
CA ILE B 454 -12.11 -58.23 -9.35
C ILE B 454 -12.60 -58.76 -10.70
N MET B 455 -13.04 -57.87 -11.58
CA MET B 455 -13.50 -58.29 -12.90
C MET B 455 -12.36 -58.90 -13.71
N ALA B 456 -11.17 -58.29 -13.64
CA ALA B 456 -10.04 -58.80 -14.40
C ALA B 456 -9.68 -60.21 -13.97
N TYR B 457 -9.69 -60.48 -12.66
CA TYR B 457 -9.35 -61.80 -12.17
C TYR B 457 -10.33 -62.85 -12.68
N VAL B 458 -11.62 -62.53 -12.68
CA VAL B 458 -12.63 -63.51 -13.05
C VAL B 458 -12.54 -63.87 -14.53
N LYS B 459 -12.42 -62.86 -15.39
CA LYS B 459 -12.51 -63.09 -16.82
C LYS B 459 -11.21 -63.65 -17.39
N TYR B 460 -10.11 -62.92 -17.23
CA TYR B 460 -8.84 -63.32 -17.82
C TYR B 460 -8.21 -64.45 -17.01
N ASN B 461 -7.62 -65.41 -17.70
CA ASN B 461 -7.07 -66.60 -17.08
C ASN B 461 -5.55 -66.69 -17.13
N GLY B 462 -4.97 -66.61 -18.32
CA GLY B 462 -3.55 -66.85 -18.51
C GLY B 462 -2.73 -65.58 -18.53
N SER B 463 -1.49 -65.71 -18.99
CA SER B 463 -0.55 -64.60 -19.06
C SER B 463 -0.24 -64.29 -20.52
N ARG B 464 -0.44 -63.03 -20.90
CA ARG B 464 -0.16 -62.56 -22.25
C ARG B 464 0.71 -61.33 -22.19
N PRO B 465 1.57 -61.12 -23.19
CA PRO B 465 2.44 -59.94 -23.18
C PRO B 465 1.63 -58.66 -23.09
N ARG B 466 2.13 -57.71 -22.31
CA ARG B 466 1.42 -56.44 -22.14
C ARG B 466 1.37 -55.64 -23.43
N GLU B 467 2.39 -55.76 -24.27
CA GLU B 467 2.44 -54.99 -25.51
C GLU B 467 1.26 -55.29 -26.42
N GLU B 468 0.64 -56.47 -26.29
CA GLU B 468 -0.47 -56.86 -27.15
C GLU B 468 -1.83 -56.51 -26.55
N TRP B 469 -1.87 -55.98 -25.33
CA TRP B 469 -3.14 -55.62 -24.73
C TRP B 469 -3.79 -54.46 -25.48
N GLU B 470 -5.11 -54.47 -25.52
CA GLU B 470 -5.84 -53.41 -26.20
C GLU B 470 -5.71 -52.11 -25.42
N MET B 471 -6.34 -51.06 -25.95
CA MET B 471 -6.24 -49.75 -25.32
C MET B 471 -6.93 -49.73 -23.97
N TRP B 472 -8.14 -50.27 -23.90
CA TRP B 472 -8.99 -50.18 -22.71
C TRP B 472 -9.03 -51.50 -21.94
N HIS B 473 -7.91 -52.21 -21.86
CA HIS B 473 -7.85 -53.40 -21.05
C HIS B 473 -8.21 -53.06 -19.61
N PRO B 474 -8.99 -53.89 -18.93
CA PRO B 474 -9.38 -53.56 -17.55
C PRO B 474 -8.20 -53.31 -16.62
N THR B 475 -7.12 -54.09 -16.77
CA THR B 475 -5.97 -53.90 -15.91
C THR B 475 -5.33 -52.53 -16.12
N LEU B 476 -5.26 -52.07 -17.37
CA LEU B 476 -4.67 -50.77 -17.64
C LEU B 476 -5.47 -49.65 -16.97
N ILE B 477 -6.80 -49.74 -17.01
CA ILE B 477 -7.62 -48.71 -16.39
C ILE B 477 -7.49 -48.75 -14.87
N ALA B 478 -7.42 -49.94 -14.29
CA ALA B 478 -7.29 -50.05 -12.84
C ALA B 478 -6.00 -49.39 -12.35
N GLU B 479 -4.90 -49.62 -13.05
CA GLU B 479 -3.64 -49.00 -12.65
C GLU B 479 -3.70 -47.48 -12.78
N ALA B 480 -4.36 -46.98 -13.83
CA ALA B 480 -4.49 -45.54 -13.99
C ALA B 480 -5.34 -44.93 -12.88
N LEU B 481 -6.45 -45.58 -12.52
CA LEU B 481 -7.31 -45.04 -11.47
C LEU B 481 -6.63 -45.12 -10.11
N PHE B 482 -5.86 -46.18 -9.88
CA PHE B 482 -5.13 -46.30 -8.62
C PHE B 482 -4.11 -45.18 -8.47
N ALA B 483 -3.39 -44.86 -9.54
CA ALA B 483 -2.37 -43.83 -9.48
C ALA B 483 -2.97 -42.45 -9.25
N ILE B 484 -4.14 -42.17 -9.82
CA ILE B 484 -4.79 -40.88 -9.59
C ILE B 484 -5.18 -40.73 -8.14
N SER B 485 -5.66 -41.81 -7.52
CA SER B 485 -6.03 -41.74 -6.11
C SER B 485 -4.84 -41.43 -5.22
N ASN B 486 -3.69 -42.04 -5.51
CA ASN B 486 -2.49 -41.81 -4.71
C ASN B 486 -2.17 -40.33 -4.59
N ILE B 487 -2.36 -39.58 -5.67
CA ILE B 487 -2.11 -38.14 -5.62
C ILE B 487 -3.10 -37.46 -4.66
N LEU B 488 -4.37 -37.84 -4.73
CA LEU B 488 -5.36 -37.25 -3.85
C LEU B 488 -5.09 -37.59 -2.40
N SER B 489 -4.65 -38.82 -2.13
CA SER B 489 -4.38 -39.23 -0.74
C SER B 489 -3.26 -38.39 -0.14
N SER B 490 -2.19 -38.16 -0.90
CA SER B 490 -1.08 -37.37 -0.37
C SER B 490 -1.44 -35.89 -0.25
N LEU B 491 -2.21 -35.37 -1.20
CA LEU B 491 -2.61 -33.97 -1.13
C LEU B 491 -3.49 -33.69 0.07
N ARG B 492 -4.21 -34.71 0.54
CA ARG B 492 -5.08 -34.54 1.70
C ARG B 492 -4.29 -34.13 2.95
N LEU B 493 -2.99 -34.40 2.98
CA LEU B 493 -2.19 -34.07 4.16
C LEU B 493 -2.14 -32.58 4.42
N ILE B 494 -2.31 -31.75 3.39
CA ILE B 494 -2.19 -30.31 3.56
C ILE B 494 -3.19 -29.79 4.59
N SER B 495 -4.32 -30.50 4.75
CA SER B 495 -5.32 -30.07 5.71
C SER B 495 -4.84 -30.15 7.15
N LEU B 496 -3.78 -30.90 7.42
CA LEU B 496 -3.24 -30.99 8.77
C LEU B 496 -2.34 -29.82 9.14
N PHE B 497 -2.06 -28.93 8.20
CA PHE B 497 -1.29 -27.73 8.53
C PHE B 497 -2.03 -26.84 9.51
N THR B 498 -3.36 -26.94 9.57
CA THR B 498 -4.14 -26.06 10.44
C THR B 498 -3.74 -26.21 11.89
N ALA B 499 -3.27 -27.38 12.29
CA ALA B 499 -2.88 -27.62 13.67
C ALA B 499 -1.59 -26.91 14.06
N ASN B 500 -0.86 -26.36 13.11
CA ASN B 500 0.44 -25.75 13.36
C ASN B 500 0.33 -24.23 13.35
N SER B 501 1.04 -23.59 14.28
CA SER B 501 0.96 -22.15 14.44
C SER B 501 1.83 -21.38 13.46
N HIS B 502 2.77 -22.04 12.78
CA HIS B 502 3.57 -21.39 11.76
C HIS B 502 3.14 -21.74 10.35
N LEU B 503 2.35 -22.79 10.18
CA LEU B 503 1.88 -23.21 8.86
C LEU B 503 0.40 -22.94 8.64
N GLY B 504 -0.41 -22.97 9.68
CA GLY B 504 -1.84 -22.83 9.55
C GLY B 504 -2.27 -21.48 8.99
N PRO B 505 -1.72 -20.39 9.52
CA PRO B 505 -2.07 -19.08 8.97
C PRO B 505 -1.76 -18.93 7.49
N LEU B 506 -0.64 -19.52 7.03
CA LEU B 506 -0.34 -19.46 5.61
C LEU B 506 -1.30 -20.32 4.80
N GLN B 507 -1.63 -21.52 5.31
CA GLN B 507 -2.55 -22.40 4.60
C GLN B 507 -3.92 -21.77 4.45
N ILE B 508 -4.36 -21.03 5.47
CA ILE B 508 -5.66 -20.37 5.39
C ILE B 508 -5.60 -19.22 4.39
N SER B 509 -4.50 -18.48 4.36
CA SER B 509 -4.35 -17.40 3.39
C SER B 509 -4.33 -17.94 1.97
N LEU B 510 -3.68 -19.09 1.76
CA LEU B 510 -3.60 -19.67 0.41
C LEU B 510 -4.97 -20.04 -0.11
N GLY B 511 -5.79 -20.67 0.72
CA GLY B 511 -7.11 -21.09 0.27
C GLY B 511 -7.98 -19.94 -0.17
N ARG B 512 -7.80 -18.77 0.44
CA ARG B 512 -8.61 -17.61 0.06
C ARG B 512 -8.17 -17.00 -1.26
N MET B 513 -6.88 -17.06 -1.57
CA MET B 513 -6.42 -16.60 -2.88
C MET B 513 -6.92 -17.50 -4.01
N LEU B 514 -7.41 -18.68 -3.69
CA LEU B 514 -7.87 -19.59 -4.75
C LEU B 514 -9.15 -19.11 -5.39
N LEU B 515 -9.99 -18.36 -4.65
CA LEU B 515 -11.22 -17.85 -5.23
C LEU B 515 -10.95 -16.73 -6.23
N ASP B 516 -9.92 -15.92 -5.98
CA ASP B 516 -9.52 -14.93 -6.97
C ASP B 516 -9.01 -15.60 -8.24
N ILE B 517 -8.27 -16.70 -8.09
CA ILE B 517 -7.77 -17.42 -9.25
C ILE B 517 -8.92 -18.02 -10.05
N LEU B 518 -9.97 -18.50 -9.35
CA LEU B 518 -11.07 -19.15 -10.05
C LEU B 518 -11.80 -18.17 -10.97
N LYS B 519 -11.99 -16.93 -10.50
CA LYS B 519 -12.65 -15.93 -11.34
C LYS B 519 -11.85 -15.65 -12.60
N PHE B 520 -10.54 -15.52 -12.47
CA PHE B 520 -9.68 -15.26 -13.62
C PHE B 520 -9.68 -16.41 -14.61
N LEU B 521 -10.10 -17.60 -14.18
CA LEU B 521 -10.13 -18.75 -15.08
C LEU B 521 -11.23 -18.63 -16.12
N PHE B 522 -12.33 -17.95 -15.81
CA PHE B 522 -13.40 -17.78 -16.77
C PHE B 522 -12.92 -17.05 -18.01
N ILE B 523 -12.18 -15.96 -17.82
CA ILE B 523 -11.70 -15.17 -18.96
C ILE B 523 -10.74 -16.00 -19.81
N TYR B 524 -9.83 -16.73 -19.16
CA TYR B 524 -8.83 -17.48 -19.91
C TYR B 524 -9.47 -18.57 -20.76
N CYS B 525 -10.52 -19.21 -20.24
CA CYS B 525 -11.18 -20.27 -21.00
C CYS B 525 -11.77 -19.75 -22.30
N LEU B 526 -12.40 -18.57 -22.25
CA LEU B 526 -12.95 -17.99 -23.46
C LEU B 526 -11.84 -17.64 -24.45
N VAL B 527 -10.73 -17.09 -23.96
CA VAL B 527 -9.61 -16.77 -24.84
C VAL B 527 -9.06 -18.05 -25.46
N LEU B 528 -8.91 -19.10 -24.66
CA LEU B 528 -8.37 -20.36 -25.17
C LEU B 528 -9.31 -20.97 -26.20
N LEU B 529 -10.62 -20.92 -25.95
CA LEU B 529 -11.57 -21.52 -26.88
C LEU B 529 -11.65 -20.72 -28.18
N ALA B 530 -11.57 -19.39 -28.10
CA ALA B 530 -11.65 -18.57 -29.30
C ALA B 530 -10.47 -18.85 -30.24
N PHE B 531 -9.26 -18.93 -29.68
CA PHE B 531 -8.09 -19.15 -30.52
C PHE B 531 -7.97 -20.60 -30.95
N ALA B 532 -8.47 -21.54 -30.15
CA ALA B 532 -8.48 -22.94 -30.57
C ALA B 532 -9.36 -23.15 -31.78
N ASN B 533 -10.55 -22.54 -31.79
CA ASN B 533 -11.44 -22.67 -32.94
C ASN B 533 -10.82 -22.05 -34.19
N GLY B 534 -10.17 -20.90 -34.04
CA GLY B 534 -9.55 -20.26 -35.20
C GLY B 534 -8.40 -21.05 -35.78
N LEU B 535 -7.53 -21.59 -34.92
CA LEU B 535 -6.38 -22.34 -35.40
C LEU B 535 -6.78 -23.67 -36.01
N ASN B 536 -7.80 -24.34 -35.45
CA ASN B 536 -8.24 -25.60 -36.02
C ASN B 536 -8.98 -25.40 -37.34
N GLN B 537 -9.67 -24.26 -37.50
CA GLN B 537 -10.37 -23.97 -38.73
C GLN B 537 -9.43 -23.67 -39.89
N LEU B 538 -8.16 -23.40 -39.61
CA LEU B 538 -7.18 -23.08 -40.65
C LEU B 538 -6.25 -24.24 -40.97
N TYR B 539 -6.17 -25.25 -40.11
CA TYR B 539 -5.17 -26.30 -40.23
C TYR B 539 -5.75 -27.68 -40.47
N PHE B 540 -7.06 -27.86 -40.40
CA PHE B 540 -7.63 -29.19 -40.52
C PHE B 540 -7.62 -29.74 -41.93
N TYR B 541 -7.27 -28.93 -42.92
CA TYR B 541 -7.12 -29.42 -44.28
C TYR B 541 -5.83 -30.21 -44.47
N TYR B 542 -4.84 -30.02 -43.61
CA TYR B 542 -3.51 -30.61 -43.78
C TYR B 542 -3.24 -31.71 -42.76
N GLU B 543 -4.27 -32.35 -42.23
CA GLU B 543 -4.07 -33.49 -41.37
C GLU B 543 -3.41 -34.63 -42.13
N THR B 544 -2.61 -35.42 -41.41
CA THR B 544 -1.89 -36.53 -42.00
C THR B 544 -2.07 -37.76 -41.14
N ARG B 545 -1.80 -38.92 -41.73
CA ARG B 545 -1.94 -40.19 -41.05
C ARG B 545 -0.70 -40.52 -40.23
N ALA B 546 -0.90 -41.27 -39.14
CA ALA B 546 0.21 -41.60 -38.26
C ALA B 546 1.26 -42.46 -38.96
N ILE B 547 0.83 -43.31 -39.90
CA ILE B 547 1.77 -44.17 -40.62
C ILE B 547 2.71 -43.38 -41.52
N ASP B 548 2.40 -42.11 -41.79
CA ASP B 548 3.24 -41.28 -42.64
C ASP B 548 4.18 -40.38 -41.85
N GLU B 549 4.30 -40.61 -40.55
CA GLU B 549 5.16 -39.83 -39.69
C GLU B 549 6.46 -40.57 -39.40
N PRO B 550 7.51 -39.85 -38.99
CA PRO B 550 8.83 -40.47 -38.83
C PRO B 550 8.82 -41.81 -38.12
N ASN B 551 8.31 -41.87 -36.89
CA ASN B 551 8.33 -43.08 -36.09
C ASN B 551 6.95 -43.71 -35.96
N ASN B 552 6.00 -43.32 -36.81
CA ASN B 552 4.62 -43.78 -36.73
C ASN B 552 3.90 -43.17 -35.53
N CYS B 553 4.36 -42.01 -35.09
CA CYS B 553 3.78 -41.31 -33.94
C CYS B 553 3.09 -40.04 -34.43
N LYS B 554 1.85 -39.83 -34.00
CA LYS B 554 1.04 -38.69 -34.39
C LYS B 554 0.63 -37.91 -33.16
N GLY B 555 0.86 -36.61 -33.17
CA GLY B 555 0.47 -35.73 -32.09
C GLY B 555 1.64 -34.89 -31.62
N ILE B 556 1.45 -34.26 -30.45
CA ILE B 556 2.45 -33.36 -29.90
C ILE B 556 3.27 -34.00 -28.80
N ARG B 557 3.02 -35.26 -28.48
CA ARG B 557 3.80 -35.97 -27.47
C ARG B 557 4.88 -36.86 -28.10
N CYS B 558 5.12 -36.71 -29.39
CA CYS B 558 6.19 -37.41 -30.08
C CYS B 558 7.48 -36.59 -30.04
N GLU B 559 8.59 -37.24 -30.39
CA GLU B 559 9.87 -36.54 -30.43
C GLU B 559 9.85 -35.41 -31.44
N LYS B 560 9.24 -35.64 -32.60
CA LYS B 560 8.99 -34.61 -33.59
C LYS B 560 7.49 -34.31 -33.57
N GLN B 561 7.11 -33.19 -32.98
CA GLN B 561 5.70 -32.86 -32.83
C GLN B 561 5.07 -32.61 -34.19
N ASN B 562 3.83 -33.06 -34.35
CA ASN B 562 3.12 -32.92 -35.62
C ASN B 562 1.63 -32.94 -35.34
N ASN B 563 0.86 -32.47 -36.32
CA ASN B 563 -0.59 -32.46 -36.24
C ASN B 563 -1.08 -31.72 -35.00
N ALA B 564 -0.46 -30.57 -34.72
CA ALA B 564 -0.77 -29.82 -33.51
C ALA B 564 -2.16 -29.17 -33.57
N PHE B 565 -2.68 -28.91 -34.76
CA PHE B 565 -3.97 -28.24 -34.91
C PHE B 565 -4.89 -29.00 -35.86
N SER B 566 -4.69 -30.31 -35.98
CA SER B 566 -5.50 -31.09 -36.91
C SER B 566 -6.92 -31.30 -36.42
N THR B 567 -7.13 -31.37 -35.11
CA THR B 567 -8.45 -31.52 -34.53
C THR B 567 -8.60 -30.57 -33.37
N LEU B 568 -9.86 -30.29 -33.01
CA LEU B 568 -10.12 -29.35 -31.91
C LEU B 568 -9.60 -29.89 -30.59
N PHE B 569 -9.73 -31.19 -30.34
CA PHE B 569 -9.25 -31.77 -29.10
C PHE B 569 -7.74 -31.60 -28.96
N GLU B 570 -6.99 -31.87 -30.02
CA GLU B 570 -5.55 -31.66 -29.98
C GLU B 570 -5.20 -30.18 -29.90
N THR B 571 -5.95 -29.33 -30.61
CA THR B 571 -5.64 -27.91 -30.61
C THR B 571 -5.72 -27.32 -29.21
N LEU B 572 -6.66 -27.80 -28.40
CA LEU B 572 -6.76 -27.33 -27.02
C LEU B 572 -5.54 -27.76 -26.21
N GLN B 573 -5.06 -28.98 -26.42
CA GLN B 573 -3.87 -29.43 -25.72
C GLN B 573 -2.64 -28.63 -26.15
N SER B 574 -2.52 -28.33 -27.44
CA SER B 574 -1.35 -27.61 -27.92
C SER B 574 -1.30 -26.21 -27.32
N LEU B 575 -2.44 -25.53 -27.23
CA LEU B 575 -2.46 -24.19 -26.66
C LEU B 575 -2.22 -24.21 -25.16
N PHE B 576 -2.60 -25.29 -24.48
CA PHE B 576 -2.32 -25.41 -23.06
C PHE B 576 -0.83 -25.59 -22.82
N TRP B 577 -0.19 -26.52 -23.54
CA TRP B 577 1.23 -26.76 -23.34
C TRP B 577 2.07 -25.58 -23.80
N SER B 578 1.52 -24.68 -24.61
CA SER B 578 2.23 -23.48 -25.00
C SER B 578 2.45 -22.53 -23.84
N VAL B 579 1.62 -22.61 -22.79
CA VAL B 579 1.80 -21.75 -21.63
C VAL B 579 3.13 -22.02 -20.96
N PHE B 580 3.60 -23.26 -20.99
CA PHE B 580 4.84 -23.66 -20.34
C PHE B 580 6.00 -23.79 -21.31
N GLY B 581 5.82 -23.35 -22.56
CA GLY B 581 6.90 -23.34 -23.51
C GLY B 581 7.28 -24.69 -24.07
N LEU B 582 6.38 -25.67 -24.02
CA LEU B 582 6.70 -27.03 -24.43
C LEU B 582 6.24 -27.36 -25.84
N LEU B 583 5.69 -26.41 -26.57
CA LEU B 583 5.28 -26.59 -27.95
C LEU B 583 6.28 -25.87 -28.85
N ASN B 584 6.89 -26.61 -29.78
CA ASN B 584 7.92 -26.05 -30.64
C ASN B 584 7.29 -25.27 -31.79
N LEU B 585 8.05 -24.31 -32.30
CA LEU B 585 7.53 -23.39 -33.31
C LEU B 585 7.36 -24.02 -34.68
N TYR B 586 7.91 -25.20 -34.92
CA TYR B 586 7.83 -25.79 -36.26
C TYR B 586 6.53 -26.55 -36.48
N VAL B 587 5.62 -26.55 -35.51
CA VAL B 587 4.29 -27.15 -35.72
C VAL B 587 3.39 -26.26 -36.55
N THR B 588 3.83 -25.07 -36.93
CA THR B 588 3.05 -24.17 -37.75
C THR B 588 3.32 -24.34 -39.25
N ASN B 589 4.17 -25.28 -39.63
CA ASN B 589 4.47 -25.56 -41.03
C ASN B 589 3.67 -26.76 -41.51
N VAL B 590 3.36 -26.76 -42.81
CA VAL B 590 2.60 -27.83 -43.43
C VAL B 590 3.44 -28.44 -44.55
N LYS B 591 3.08 -29.67 -44.93
CA LYS B 591 3.86 -30.41 -45.91
C LYS B 591 3.99 -29.64 -47.22
N ALA B 592 2.87 -29.21 -47.78
CA ALA B 592 2.88 -28.35 -48.97
C ALA B 592 3.10 -26.92 -48.52
N ARG B 593 4.24 -26.34 -48.89
CA ARG B 593 4.66 -25.09 -48.29
C ARG B 593 3.79 -23.94 -48.77
N HIS B 594 2.65 -23.74 -48.13
CA HIS B 594 1.76 -22.61 -48.41
C HIS B 594 2.20 -21.46 -47.50
N GLU B 595 3.00 -20.55 -48.05
CA GLU B 595 3.65 -19.56 -47.22
C GLU B 595 2.65 -18.63 -46.55
N PHE B 596 1.57 -18.27 -47.25
CA PHE B 596 0.57 -17.39 -46.66
C PHE B 596 -0.18 -18.07 -45.54
N THR B 597 -0.60 -19.32 -45.76
CA THR B 597 -1.31 -20.06 -44.73
C THR B 597 -0.43 -20.27 -43.50
N GLU B 598 0.85 -20.58 -43.72
CA GLU B 598 1.76 -20.80 -42.60
C GLU B 598 1.96 -19.52 -41.79
N PHE B 599 2.09 -18.39 -42.48
CA PHE B 599 2.31 -17.13 -41.77
C PHE B 599 1.11 -16.74 -40.93
N VAL B 600 -0.10 -16.94 -41.46
CA VAL B 600 -1.30 -16.56 -40.73
C VAL B 600 -1.49 -17.46 -39.51
N GLY B 601 -1.14 -18.74 -39.63
CA GLY B 601 -1.21 -19.62 -38.49
C GLY B 601 -0.22 -19.25 -37.40
N ALA B 602 1.00 -18.88 -37.79
CA ALA B 602 2.01 -18.49 -36.81
C ALA B 602 1.65 -17.16 -36.15
N THR B 603 0.90 -16.31 -36.84
CA THR B 603 0.46 -15.06 -36.24
C THR B 603 -0.68 -15.27 -35.25
N MET B 604 -1.56 -16.23 -35.52
CA MET B 604 -2.57 -16.62 -34.53
C MET B 604 -1.89 -17.14 -33.27
N PHE B 605 -0.89 -18.01 -33.45
CA PHE B 605 -0.17 -18.55 -32.31
C PHE B 605 0.57 -17.46 -31.54
N GLY B 606 1.18 -16.52 -32.26
CA GLY B 606 1.90 -15.45 -31.59
C GLY B 606 0.99 -14.50 -30.85
N THR B 607 -0.18 -14.18 -31.43
CA THR B 607 -1.12 -13.30 -30.76
C THR B 607 -1.69 -13.96 -29.51
N TYR B 608 -1.93 -15.27 -29.57
CA TYR B 608 -2.39 -15.98 -28.39
C TYR B 608 -1.32 -15.95 -27.29
N ASN B 609 -0.05 -16.06 -27.66
CA ASN B 609 1.02 -16.02 -26.68
C ASN B 609 1.08 -14.69 -25.96
N VAL B 610 0.89 -13.59 -26.70
CA VAL B 610 0.96 -12.26 -26.10
C VAL B 610 -0.17 -12.07 -25.09
N ILE B 611 -1.39 -12.47 -25.47
CA ILE B 611 -2.54 -12.28 -24.58
C ILE B 611 -2.41 -13.15 -23.35
N SER B 612 -1.85 -14.35 -23.50
CA SER B 612 -1.80 -15.29 -22.38
C SER B 612 -0.64 -14.99 -21.43
N LEU B 613 0.57 -14.91 -21.97
CA LEU B 613 1.78 -14.86 -21.14
C LEU B 613 2.29 -13.45 -20.87
N VAL B 614 1.69 -12.43 -21.49
CA VAL B 614 2.17 -11.07 -21.28
C VAL B 614 1.09 -10.21 -20.63
N VAL B 615 -0.18 -10.53 -20.90
CA VAL B 615 -1.30 -9.72 -20.44
C VAL B 615 -2.09 -10.42 -19.34
N LEU B 616 -2.69 -11.57 -19.65
CA LEU B 616 -3.54 -12.23 -18.66
C LEU B 616 -2.74 -12.74 -17.47
N LEU B 617 -1.58 -13.34 -17.73
CA LEU B 617 -0.77 -13.88 -16.64
C LEU B 617 -0.28 -12.77 -15.73
N ASN B 618 0.20 -11.67 -16.31
CA ASN B 618 0.63 -10.54 -15.49
C ASN B 618 -0.52 -9.90 -14.76
N MET B 619 -1.73 -9.96 -15.33
CA MET B 619 -2.90 -9.41 -14.65
C MET B 619 -3.31 -10.26 -13.47
N LEU B 620 -3.11 -11.58 -13.56
CA LEU B 620 -3.42 -12.45 -12.43
C LEU B 620 -2.49 -12.19 -11.25
N ILE B 621 -1.23 -11.84 -11.53
CA ILE B 621 -0.30 -11.50 -10.46
C ILE B 621 -0.76 -10.25 -9.73
N ALA B 622 -1.24 -9.25 -10.46
CA ALA B 622 -1.71 -8.03 -9.82
C ALA B 622 -2.94 -8.28 -8.96
N MET B 623 -3.87 -9.10 -9.44
CA MET B 623 -5.04 -9.43 -8.62
C MET B 623 -4.63 -10.14 -7.34
N MET B 624 -3.66 -11.06 -7.43
CA MET B 624 -3.26 -11.83 -6.26
C MET B 624 -2.51 -10.96 -5.26
N ASN B 625 -1.69 -10.03 -5.75
CA ASN B 625 -0.92 -9.17 -4.85
C ASN B 625 -1.83 -8.32 -3.99
N ASN B 626 -2.88 -7.74 -4.59
CA ASN B 626 -3.85 -6.99 -3.81
C ASN B 626 -4.63 -7.89 -2.87
N SER B 627 -5.02 -9.09 -3.33
CA SER B 627 -5.82 -9.98 -2.51
C SER B 627 -5.07 -10.39 -1.25
N TYR B 628 -3.78 -10.69 -1.38
CA TYR B 628 -3.00 -11.13 -0.22
C TYR B 628 -2.95 -10.05 0.85
N GLN B 629 -2.90 -8.78 0.44
CA GLN B 629 -2.85 -7.69 1.40
C GLN B 629 -4.11 -7.67 2.26
N LEU B 630 -5.28 -7.81 1.64
CA LEU B 630 -6.52 -7.81 2.39
C LEU B 630 -6.64 -9.01 3.31
N ILE B 631 -6.30 -10.20 2.81
CA ILE B 631 -6.45 -11.41 3.62
C ILE B 631 -5.50 -11.39 4.80
N ALA B 632 -4.30 -10.83 4.61
CA ALA B 632 -3.28 -10.89 5.65
C ALA B 632 -3.75 -10.24 6.94
N ASP B 633 -4.56 -9.18 6.84
CA ASP B 633 -4.97 -8.45 8.03
C ASP B 633 -5.78 -9.33 8.98
N HIS B 634 -6.68 -10.16 8.43
CA HIS B 634 -7.55 -11.00 9.23
C HIS B 634 -7.06 -12.43 9.33
N ALA B 635 -5.77 -12.67 9.06
CA ALA B 635 -5.26 -14.03 9.02
C ALA B 635 -5.36 -14.71 10.39
N ASP B 636 -5.03 -13.97 11.46
CA ASP B 636 -5.01 -14.57 12.80
C ASP B 636 -6.40 -15.06 13.21
N ILE B 637 -7.42 -14.21 13.05
CA ILE B 637 -8.76 -14.60 13.45
C ILE B 637 -9.26 -15.74 12.57
N GLU B 638 -8.99 -15.67 11.27
CA GLU B 638 -9.44 -16.71 10.36
C GLU B 638 -8.81 -18.05 10.69
N TRP B 639 -7.51 -18.06 11.00
CA TRP B 639 -6.84 -19.31 11.33
C TRP B 639 -7.35 -19.89 12.64
N LYS B 640 -7.57 -19.03 13.66
CA LYS B 640 -8.05 -19.53 14.94
C LYS B 640 -9.41 -20.18 14.82
N PHE B 641 -10.27 -19.61 13.98
CA PHE B 641 -11.58 -20.22 13.74
C PHE B 641 -11.45 -21.59 13.09
N ALA B 642 -10.50 -21.73 12.16
CA ALA B 642 -10.30 -23.02 11.51
C ALA B 642 -9.74 -24.05 12.49
N ARG B 643 -8.80 -23.65 13.34
CA ARG B 643 -8.22 -24.58 14.30
C ARG B 643 -9.23 -25.03 15.34
N THR B 644 -10.18 -24.16 15.69
CA THR B 644 -11.18 -24.52 16.68
C THR B 644 -12.06 -25.65 16.19
N LYS B 645 -12.45 -25.62 14.92
CA LYS B 645 -13.26 -26.69 14.36
C LYS B 645 -12.49 -28.00 14.34
N LEU B 646 -11.19 -27.95 14.06
CA LEU B 646 -10.37 -29.15 14.12
C LEU B 646 -10.31 -29.71 15.53
N TRP B 647 -10.04 -28.87 16.52
CA TRP B 647 -9.91 -29.35 17.89
C TRP B 647 -11.22 -29.98 18.36
N MET B 648 -12.35 -29.32 18.07
CA MET B 648 -13.64 -29.85 18.47
C MET B 648 -14.03 -31.11 17.71
N SER B 649 -13.29 -31.45 16.65
CA SER B 649 -13.52 -32.72 15.96
C SER B 649 -13.10 -33.91 16.79
N TYR B 650 -12.07 -33.74 17.63
CA TYR B 650 -11.55 -34.80 18.47
C TYR B 650 -12.09 -34.77 19.89
N PHE B 651 -13.03 -33.87 20.18
CA PHE B 651 -13.63 -33.82 21.50
C PHE B 651 -14.66 -34.92 21.71
N ASP B 652 -15.39 -35.30 20.66
CA ASP B 652 -16.48 -36.25 20.79
C ASP B 652 -15.95 -37.64 21.15
N GLU B 653 -16.78 -38.40 21.86
CA GLU B 653 -16.39 -39.74 22.29
C GLU B 653 -16.43 -40.75 21.15
N GLY B 654 -17.22 -40.48 20.12
CA GLY B 654 -17.29 -41.41 19.00
C GLY B 654 -16.16 -41.22 18.01
N GLY B 655 -15.84 -42.31 17.30
CA GLY B 655 -14.81 -42.26 16.29
C GLY B 655 -13.39 -42.15 16.80
N THR B 656 -13.15 -42.57 18.04
CA THR B 656 -11.79 -42.48 18.58
C THR B 656 -10.83 -43.38 17.81
N LEU B 657 -11.28 -44.56 17.41
CA LEU B 657 -10.39 -45.54 16.82
C LEU B 657 -10.00 -45.13 15.40
N PRO B 658 -8.71 -45.16 15.06
CA PRO B 658 -8.29 -44.79 13.71
C PRO B 658 -8.84 -45.76 12.67
N PRO B 659 -8.81 -45.37 11.39
CA PRO B 659 -9.51 -46.14 10.35
C PRO B 659 -9.07 -47.60 10.31
N PRO B 660 -7.77 -47.88 10.46
CA PRO B 660 -7.34 -49.29 10.39
C PRO B 660 -8.08 -50.19 11.37
N PHE B 661 -8.35 -49.69 12.57
CA PHE B 661 -9.19 -50.39 13.53
C PHE B 661 -10.62 -49.88 13.51
N ASN B 662 -10.95 -48.97 12.58
CA ASN B 662 -12.29 -48.43 12.51
C ASN B 662 -13.34 -49.52 12.38
N ILE B 663 -12.99 -50.65 11.77
CA ILE B 663 -13.87 -51.81 11.64
C ILE B 663 -13.23 -52.99 12.35
N ILE B 664 -13.98 -53.60 13.26
CA ILE B 664 -13.53 -54.74 14.07
C ILE B 664 -14.76 -55.42 14.65
N PRO B 665 -14.74 -56.74 14.86
CA PRO B 665 -15.89 -57.41 15.49
C PRO B 665 -16.14 -56.85 16.89
N SER B 666 -17.40 -56.79 17.26
CA SER B 666 -17.81 -56.26 18.56
C SER B 666 -17.61 -54.76 18.62
N SER B 706 -31.39 -27.66 34.91
CA SER B 706 -32.79 -27.30 34.68
C SER B 706 -32.99 -25.80 34.84
N LEU B 707 -34.02 -25.42 35.61
CA LEU B 707 -34.26 -24.01 35.87
C LEU B 707 -33.07 -23.37 36.58
N ILE B 708 -32.29 -24.16 37.32
CA ILE B 708 -31.12 -23.61 38.00
C ILE B 708 -30.10 -23.09 36.98
N GLN B 709 -29.86 -23.88 35.92
CA GLN B 709 -28.88 -23.48 34.92
C GLN B 709 -29.22 -22.12 34.34
N ASN B 710 -30.50 -21.88 34.04
CA ASN B 710 -30.91 -20.58 33.50
C ASN B 710 -30.64 -19.47 34.49
N GLN B 711 -30.93 -19.70 35.77
CA GLN B 711 -30.77 -18.65 36.77
C GLN B 711 -29.31 -18.19 36.88
N HIS B 712 -28.38 -19.14 36.89
CA HIS B 712 -26.96 -18.78 36.96
C HIS B 712 -26.55 -17.98 35.73
N TYR B 713 -27.01 -18.39 34.56
CA TYR B 713 -26.67 -17.68 33.34
C TYR B 713 -27.20 -16.25 33.37
N GLN B 714 -28.41 -16.06 33.88
CA GLN B 714 -28.99 -14.71 33.92
C GLN B 714 -28.20 -13.81 34.86
N GLU B 715 -27.74 -14.34 35.99
CA GLU B 715 -26.97 -13.53 36.92
C GLU B 715 -25.66 -13.06 36.29
N VAL B 716 -24.98 -13.95 35.56
CA VAL B 716 -23.73 -13.57 34.93
C VAL B 716 -23.97 -12.55 33.82
N ILE B 717 -25.06 -12.72 33.07
CA ILE B 717 -25.36 -11.78 31.99
C ILE B 717 -25.59 -10.38 32.55
N ARG B 718 -26.27 -10.28 33.67
CA ARG B 718 -26.51 -8.98 34.28
C ARG B 718 -25.21 -8.29 34.64
N ASN B 719 -24.26 -9.02 35.22
CA ASN B 719 -22.98 -8.44 35.56
C ASN B 719 -22.22 -7.98 34.31
N LEU B 720 -22.24 -8.80 33.26
CA LEU B 720 -21.55 -8.44 32.03
C LEU B 720 -22.12 -7.15 31.44
N VAL B 721 -23.44 -7.01 31.44
CA VAL B 721 -24.06 -5.84 30.83
C VAL B 721 -23.65 -4.57 31.57
N LYS B 722 -23.68 -4.60 32.90
CA LYS B 722 -23.31 -3.43 33.68
C LYS B 722 -21.88 -2.99 33.36
N ARG B 723 -20.96 -3.95 33.33
CA ARG B 723 -19.57 -3.61 33.02
C ARG B 723 -19.45 -3.05 31.61
N TYR B 724 -20.16 -3.64 30.66
CA TYR B 724 -20.12 -3.14 29.29
C TYR B 724 -20.70 -1.73 29.18
N VAL B 725 -21.87 -1.52 29.80
CA VAL B 725 -22.51 -0.22 29.69
C VAL B 725 -21.67 0.85 30.39
N ALA B 726 -21.16 0.55 31.58
CA ALA B 726 -20.31 1.52 32.28
C ALA B 726 -19.06 1.83 31.47
N ALA B 727 -18.43 0.81 30.90
CA ALA B 727 -17.22 1.04 30.12
C ALA B 727 -17.49 1.92 28.92
N MET B 728 -18.56 1.63 28.18
CA MET B 728 -18.86 2.41 26.97
C MET B 728 -19.27 3.83 27.31
N ILE B 729 -19.98 4.03 28.41
CA ILE B 729 -20.38 5.38 28.82
C ILE B 729 -19.15 6.23 29.06
N ARG B 730 -18.16 5.68 29.77
CA ARG B 730 -16.92 6.42 29.98
C ARG B 730 -16.06 6.45 28.73
N ASN B 731 -15.96 5.32 28.03
CA ASN B 731 -15.10 5.25 26.85
C ASN B 731 -15.55 6.23 25.78
N SER B 732 -16.86 6.47 25.67
CA SER B 732 -17.35 7.45 24.70
C SER B 732 -16.84 8.85 25.05
N LYS B 733 -16.87 9.21 26.33
CA LYS B 733 -16.41 10.52 26.78
C LYS B 733 -14.88 10.50 27.00
N THR B 734 -14.17 10.21 25.91
CA THR B 734 -12.71 10.16 25.95
C THR B 734 -12.13 9.93 24.57
N THR B 739 -15.98 19.86 18.73
CA THR B 739 -16.55 20.15 17.41
C THR B 739 -17.14 21.56 17.39
N GLU B 740 -17.68 21.95 16.23
CA GLU B 740 -18.25 23.28 16.09
C GLU B 740 -19.43 23.48 17.03
N GLU B 741 -20.30 22.48 17.14
CA GLU B 741 -21.46 22.60 18.03
C GLU B 741 -21.02 22.75 19.48
N ASN B 742 -20.00 21.98 19.89
CA ASN B 742 -19.52 22.09 21.26
C ASN B 742 -18.98 23.49 21.54
N PHE B 743 -18.32 24.10 20.55
CA PHE B 743 -17.82 25.45 20.73
C PHE B 743 -18.95 26.44 20.98
N LYS B 744 -20.06 26.29 20.25
CA LYS B 744 -21.18 27.21 20.44
C LYS B 744 -21.75 27.12 21.84
N GLU B 745 -21.83 25.90 22.39
CA GLU B 745 -22.39 25.73 23.73
C GLU B 745 -21.59 26.52 24.76
N LEU B 746 -20.26 26.46 24.70
CA LEU B 746 -19.45 27.25 25.60
C LEU B 746 -19.64 28.75 25.36
N LYS B 747 -19.71 29.15 24.09
CA LYS B 747 -19.92 30.57 23.78
C LYS B 747 -21.26 31.04 24.32
N GLN B 748 -22.31 30.23 24.14
CA GLN B 748 -23.63 30.63 24.61
C GLN B 748 -23.68 30.74 26.12
N ASP B 749 -23.00 29.84 26.84
CA ASP B 749 -23.08 29.83 28.29
C ASP B 749 -22.56 31.14 28.87
N ILE B 750 -21.43 31.63 28.37
CA ILE B 750 -20.86 32.88 28.88
C ILE B 750 -21.81 34.04 28.60
N SER B 751 -22.36 34.10 27.39
CA SER B 751 -23.23 35.21 27.04
C SER B 751 -24.47 35.25 27.94
N SER B 752 -25.05 34.08 28.23
CA SER B 752 -26.19 34.05 29.14
C SER B 752 -25.80 34.57 30.51
N PHE B 753 -24.63 34.20 31.01
CA PHE B 753 -24.15 34.72 32.27
C PHE B 753 -23.96 36.24 32.21
N ARG B 754 -23.44 36.74 31.09
CA ARG B 754 -23.24 38.18 30.95
C ARG B 754 -24.56 38.93 31.02
N TYR B 755 -25.59 38.43 30.33
CA TYR B 755 -26.86 39.15 30.27
C TYR B 755 -27.53 39.22 31.64
N GLU B 756 -27.64 38.08 32.32
CA GLU B 756 -28.30 38.07 33.63
C GLU B 756 -27.50 38.89 34.64
N VAL B 757 -26.18 38.78 34.61
CA VAL B 757 -25.36 39.53 35.55
C VAL B 757 -25.54 41.04 35.34
N LEU B 758 -25.51 41.47 34.07
CA LEU B 758 -25.75 42.88 33.79
C LEU B 758 -27.14 43.30 34.23
N ASP B 759 -28.15 42.46 33.96
CA ASP B 759 -29.49 42.73 34.47
C ASP B 759 -29.51 42.66 36.00
N LEU B 760 -28.79 41.71 36.58
CA LEU B 760 -28.74 41.59 38.03
C LEU B 760 -28.10 42.84 38.64
N LEU B 761 -28.64 43.27 39.77
CA LEU B 761 -28.13 44.45 40.46
C LEU B 761 -26.79 44.15 41.13
N ARG C 17 30.74 35.63 12.89
CA ARG C 17 29.43 36.11 13.29
C ARG C 17 28.63 36.63 12.09
N ILE C 18 27.32 36.44 12.13
CA ILE C 18 26.42 36.89 11.07
C ILE C 18 25.56 38.01 11.63
N PRO C 19 25.79 39.26 11.23
CA PRO C 19 24.92 40.35 11.69
C PRO C 19 23.52 40.21 11.13
N LEU C 20 22.54 40.64 11.94
CA LEU C 20 21.14 40.56 11.56
C LEU C 20 20.51 41.94 11.67
N GLN C 21 19.80 42.34 10.60
CA GLN C 21 19.17 43.65 10.55
C GLN C 21 17.79 43.51 9.91
N ILE C 22 16.99 44.56 10.06
CA ILE C 22 15.71 44.66 9.35
C ILE C 22 16.01 45.22 7.97
N VAL C 23 16.00 44.36 6.96
CA VAL C 23 16.46 44.76 5.64
C VAL C 23 15.48 45.73 4.99
N ARG C 24 14.19 45.45 5.07
CA ARG C 24 13.16 46.27 4.43
C ARG C 24 12.38 46.96 5.55
N ALA C 25 12.86 48.12 5.97
CA ALA C 25 12.25 48.85 7.07
C ALA C 25 10.90 49.39 6.67
N GLU C 26 10.00 49.48 7.67
CA GLU C 26 8.66 50.00 7.46
C GLU C 26 8.38 51.09 8.49
N THR C 27 7.39 51.92 8.17
CA THR C 27 7.04 53.01 9.06
C THR C 27 6.69 52.50 10.45
N GLU C 28 7.18 53.19 11.47
CA GLU C 28 7.01 52.76 12.85
C GLU C 28 5.64 53.18 13.38
N LEU C 29 5.24 52.55 14.49
CA LEU C 29 3.97 52.82 15.14
C LEU C 29 4.23 53.41 16.51
N SER C 30 3.54 54.50 16.82
CA SER C 30 3.78 55.21 18.07
C SER C 30 3.26 54.40 19.26
N ALA C 31 3.69 54.80 20.46
CA ALA C 31 3.29 54.11 21.67
C ALA C 31 1.78 54.18 21.88
N GLU C 32 1.20 55.36 21.67
CA GLU C 32 -0.25 55.50 21.84
C GLU C 32 -1.00 54.62 20.84
N GLU C 33 -0.54 54.57 19.59
CA GLU C 33 -1.17 53.71 18.61
C GLU C 33 -1.09 52.24 19.03
N LYS C 34 0.10 51.79 19.40
CA LYS C 34 0.27 50.39 19.77
C LYS C 34 -0.58 50.03 20.98
N ALA C 35 -0.53 50.86 22.03
CA ALA C 35 -1.32 50.58 23.23
C ALA C 35 -2.81 50.65 22.94
N PHE C 36 -3.22 51.61 22.12
CA PHE C 36 -4.64 51.78 21.81
C PHE C 36 -5.21 50.53 21.13
N LEU C 37 -4.41 49.85 20.32
CA LEU C 37 -4.91 48.66 19.63
C LEU C 37 -5.34 47.58 20.61
N ASN C 38 -4.85 47.62 21.86
CA ASN C 38 -5.43 46.78 22.89
C ASN C 38 -6.80 47.30 23.32
N ALA C 39 -7.01 48.61 23.25
CA ALA C 39 -8.29 49.18 23.62
C ALA C 39 -9.40 48.68 22.71
N VAL C 40 -9.15 48.62 21.40
CA VAL C 40 -10.15 48.11 20.48
C VAL C 40 -10.51 46.68 20.83
N GLU C 41 -9.48 45.86 21.10
CA GLU C 41 -9.74 44.52 21.62
C GLU C 41 -10.35 44.59 23.02
N LYS C 42 -9.89 45.53 23.84
CA LYS C 42 -10.41 45.64 25.21
C LYS C 42 -11.83 46.20 25.22
N GLY C 43 -12.10 47.24 24.44
CA GLY C 43 -13.42 47.84 24.42
C GLY C 43 -13.45 49.27 24.91
N ASP C 44 -12.38 50.02 24.67
CA ASP C 44 -12.28 51.41 25.13
C ASP C 44 -13.05 52.31 24.17
N TYR C 45 -14.34 52.52 24.47
CA TYR C 45 -15.12 53.49 23.72
C TYR C 45 -14.55 54.90 23.90
N ALA C 46 -14.18 55.25 25.13
CA ALA C 46 -13.71 56.60 25.41
C ALA C 46 -12.40 56.90 24.70
N THR C 47 -11.47 55.95 24.72
CA THR C 47 -10.15 56.21 24.16
C THR C 47 -10.23 56.55 22.68
N VAL C 48 -11.06 55.82 21.93
CA VAL C 48 -11.29 56.17 20.53
C VAL C 48 -12.11 57.46 20.43
N LYS C 49 -13.12 57.61 21.29
CA LYS C 49 -14.00 58.77 21.21
C LYS C 49 -13.23 60.07 21.38
N GLN C 50 -12.42 60.16 22.45
CA GLN C 50 -11.62 61.36 22.66
C GLN C 50 -10.62 61.54 21.53
N ALA C 51 -9.96 60.46 21.11
CA ALA C 51 -8.97 60.56 20.05
C ALA C 51 -9.60 61.06 18.76
N LEU C 52 -10.77 60.50 18.40
CA LEU C 52 -11.46 60.95 17.20
C LEU C 52 -11.86 62.42 17.31
N GLN C 53 -12.53 62.78 18.42
CA GLN C 53 -12.92 64.16 18.61
C GLN C 53 -11.70 65.07 18.73
N GLU C 54 -10.69 64.64 19.49
CA GLU C 54 -9.47 65.42 19.61
C GLU C 54 -8.76 65.53 18.27
N ALA C 55 -8.71 64.43 17.52
CA ALA C 55 -8.06 64.45 16.22
C ALA C 55 -8.76 65.41 15.27
N GLU C 56 -10.10 65.40 15.25
CA GLU C 56 -10.83 66.29 14.35
C GLU C 56 -10.50 67.74 14.62
N ILE C 57 -10.61 68.17 15.88
CA ILE C 57 -10.30 69.55 16.23
C ILE C 57 -8.79 69.80 16.17
N TYR C 58 -8.00 68.86 16.71
CA TYR C 58 -6.57 69.09 16.86
C TYR C 58 -5.72 68.43 15.78
N TYR C 59 -6.27 67.51 14.99
CA TYR C 59 -5.50 66.79 13.99
C TYR C 59 -4.29 66.09 14.63
N ASN C 60 -4.51 65.54 15.83
CA ASN C 60 -3.41 64.95 16.58
C ASN C 60 -2.82 63.74 15.87
N VAL C 61 -3.68 62.80 15.46
CA VAL C 61 -3.23 61.56 14.85
C VAL C 61 -4.08 61.25 13.63
N ASN C 62 -3.55 60.39 12.77
CA ASN C 62 -4.31 59.93 11.61
C ASN C 62 -5.50 59.10 12.06
N ILE C 63 -6.58 59.17 11.27
CA ILE C 63 -7.81 58.48 11.63
C ILE C 63 -7.57 56.99 11.80
N ASN C 64 -6.77 56.40 10.90
CA ASN C 64 -6.51 54.98 10.90
C ASN C 64 -5.04 54.72 11.21
N CYS C 65 -4.78 53.75 12.09
CA CYS C 65 -3.43 53.31 12.42
C CYS C 65 -3.22 51.94 11.77
N MET C 66 -2.41 51.90 10.73
CA MET C 66 -2.19 50.68 9.96
C MET C 66 -1.01 49.92 10.55
N ASP C 67 -1.28 48.75 11.11
CA ASP C 67 -0.22 47.91 11.63
C ASP C 67 0.67 47.42 10.48
N PRO C 68 1.94 47.12 10.76
CA PRO C 68 2.80 46.59 9.69
C PRO C 68 2.22 45.35 9.03
N LEU C 69 1.52 44.50 9.79
CA LEU C 69 0.82 43.37 9.20
C LEU C 69 -0.37 43.81 8.35
N GLY C 70 -0.76 45.08 8.42
CA GLY C 70 -1.88 45.60 7.67
C GLY C 70 -3.17 45.71 8.47
N ARG C 71 -3.27 45.01 9.59
CA ARG C 71 -4.47 45.09 10.40
C ARG C 71 -4.72 46.51 10.87
N SER C 72 -5.97 46.94 10.78
CA SER C 72 -6.37 48.29 11.18
C SER C 72 -7.40 48.18 12.31
N ALA C 73 -7.93 49.34 12.70
CA ALA C 73 -8.98 49.35 13.71
C ALA C 73 -10.23 48.63 13.21
N LEU C 74 -10.70 49.01 12.02
CA LEU C 74 -11.87 48.34 11.46
C LEU C 74 -11.62 46.87 11.21
N LEU C 75 -10.44 46.53 10.69
CA LEU C 75 -10.11 45.13 10.44
C LEU C 75 -9.96 44.36 11.74
N ILE C 76 -9.24 44.94 12.71
CA ILE C 76 -9.06 44.28 14.00
C ILE C 76 -10.41 44.10 14.69
N ALA C 77 -11.28 45.10 14.58
CA ALA C 77 -12.61 44.97 15.15
C ALA C 77 -13.39 43.85 14.49
N ILE C 78 -13.31 43.75 13.15
CA ILE C 78 -14.07 42.74 12.43
C ILE C 78 -13.63 41.35 12.86
N GLU C 79 -12.32 41.12 12.96
CA GLU C 79 -11.83 39.78 13.26
C GLU C 79 -12.28 39.33 14.64
N ASN C 80 -12.22 40.21 15.63
CA ASN C 80 -12.60 39.84 16.99
C ASN C 80 -14.07 39.50 17.09
N GLU C 81 -14.88 39.86 16.09
CA GLU C 81 -16.32 39.63 16.10
C GLU C 81 -17.05 40.54 17.07
N ASN C 82 -16.42 41.65 17.46
CA ASN C 82 -17.02 42.60 18.40
C ASN C 82 -17.88 43.58 17.61
N LEU C 83 -19.13 43.18 17.38
CA LEU C 83 -20.04 44.04 16.62
C LEU C 83 -20.22 45.38 17.31
N GLU C 84 -20.42 45.37 18.63
CA GLU C 84 -20.51 46.64 19.37
C GLU C 84 -19.21 47.42 19.25
N ILE C 85 -18.08 46.74 19.43
CA ILE C 85 -16.79 47.39 19.23
C ILE C 85 -16.62 47.78 17.76
N MET C 86 -16.97 46.87 16.85
CA MET C 86 -16.92 47.18 15.43
C MET C 86 -17.90 48.31 15.10
N GLU C 87 -19.12 48.24 15.64
CA GLU C 87 -20.09 49.30 15.42
C GLU C 87 -19.57 50.64 15.90
N LEU C 88 -18.76 50.64 16.97
CA LEU C 88 -18.25 51.89 17.51
C LEU C 88 -17.37 52.61 16.48
N LEU C 89 -16.38 51.91 15.93
CA LEU C 89 -15.44 52.56 15.02
C LEU C 89 -16.10 53.01 13.73
N LEU C 90 -17.15 52.31 13.30
CA LEU C 90 -17.79 52.65 12.04
C LEU C 90 -18.40 54.06 12.08
N ASN C 91 -18.98 54.44 13.22
CA ASN C 91 -19.75 55.67 13.31
C ASN C 91 -18.90 56.93 13.15
N HIS C 92 -17.56 56.81 13.19
CA HIS C 92 -16.69 57.97 13.14
C HIS C 92 -16.08 58.21 11.76
N SER C 93 -16.62 57.56 10.72
CA SER C 93 -16.17 57.78 9.35
C SER C 93 -14.78 57.19 9.09
N VAL C 94 -14.50 56.04 9.72
CA VAL C 94 -13.26 55.34 9.46
C VAL C 94 -13.19 54.95 7.98
N TYR C 95 -11.96 54.77 7.48
CA TYR C 95 -11.77 54.31 6.12
C TYR C 95 -12.11 52.82 6.04
N VAL C 96 -13.10 52.48 5.21
CA VAL C 96 -13.68 51.16 5.21
C VAL C 96 -13.26 50.32 3.99
N GLY C 97 -12.84 50.95 2.90
CA GLY C 97 -12.57 50.25 1.66
C GLY C 97 -11.91 48.89 1.81
N ASP C 98 -12.52 47.88 1.20
CA ASP C 98 -12.10 46.47 1.20
C ASP C 98 -12.43 45.77 2.51
N ALA C 99 -13.09 46.44 3.46
CA ALA C 99 -13.46 45.77 4.70
C ALA C 99 -14.50 44.69 4.48
N LEU C 100 -15.40 44.89 3.49
CA LEU C 100 -16.46 43.93 3.26
C LEU C 100 -15.90 42.55 2.94
N LEU C 101 -14.83 42.49 2.15
CA LEU C 101 -14.24 41.20 1.80
C LEU C 101 -13.75 40.47 3.04
N TYR C 102 -13.11 41.18 3.97
CA TYR C 102 -12.61 40.53 5.18
C TYR C 102 -13.75 39.97 6.02
N ALA C 103 -14.85 40.72 6.13
CA ALA C 103 -15.98 40.24 6.91
C ALA C 103 -16.58 38.97 6.30
N ILE C 104 -16.72 38.94 4.97
CA ILE C 104 -17.28 37.76 4.32
C ILE C 104 -16.41 36.55 4.56
N ARG C 105 -15.09 36.70 4.41
CA ARG C 105 -14.19 35.58 4.63
C ARG C 105 -14.24 35.11 6.08
N LYS C 106 -14.30 36.05 7.03
CA LYS C 106 -14.46 35.67 8.42
C LYS C 106 -15.75 34.91 8.65
N GLU C 107 -16.76 35.14 7.80
CA GLU C 107 -18.02 34.41 7.85
C GLU C 107 -18.89 34.81 9.04
N VAL C 108 -18.79 36.06 9.48
CA VAL C 108 -19.63 36.57 10.56
C VAL C 108 -20.82 37.26 9.92
N VAL C 109 -22.01 36.66 10.09
CA VAL C 109 -23.21 37.19 9.44
C VAL C 109 -23.50 38.60 9.91
N GLY C 110 -23.38 38.84 11.21
CA GLY C 110 -23.72 40.16 11.75
C GLY C 110 -22.87 41.26 11.18
N ALA C 111 -21.56 41.03 11.07
CA ALA C 111 -20.66 42.07 10.58
C ALA C 111 -20.93 42.39 9.11
N VAL C 112 -21.28 41.38 8.31
CA VAL C 112 -21.55 41.63 6.90
C VAL C 112 -22.75 42.53 6.74
N GLU C 113 -23.81 42.32 7.53
CA GLU C 113 -24.99 43.16 7.45
C GLU C 113 -24.66 44.60 7.82
N LEU C 114 -23.84 44.79 8.85
CA LEU C 114 -23.48 46.14 9.28
C LEU C 114 -22.78 46.90 8.16
N LEU C 115 -21.76 46.30 7.56
CA LEU C 115 -21.06 46.97 6.46
C LEU C 115 -21.97 47.17 5.26
N LEU C 116 -22.81 46.16 4.96
CA LEU C 116 -23.71 46.28 3.82
C LEU C 116 -24.66 47.44 3.99
N SER C 117 -25.21 47.61 5.20
CA SER C 117 -26.15 48.71 5.49
C SER C 117 -25.35 49.82 6.17
N TYR C 118 -24.80 50.71 5.36
CA TYR C 118 -24.01 51.83 5.88
C TYR C 118 -24.69 53.16 5.60
N THR C 134 -3.58 52.58 -3.41
CA THR C 134 -3.22 51.17 -3.60
C THR C 134 -3.40 50.38 -2.30
N GLN C 135 -2.53 50.63 -1.32
CA GLN C 135 -2.59 49.95 -0.04
C GLN C 135 -2.33 48.46 -0.21
N PHE C 136 -2.32 47.72 0.90
CA PHE C 136 -2.06 46.30 0.90
C PHE C 136 -3.35 45.55 1.21
N SER C 137 -3.62 44.50 0.44
CA SER C 137 -4.80 43.67 0.64
C SER C 137 -4.41 42.20 0.60
N GLU C 138 -5.20 41.38 1.29
CA GLU C 138 -5.03 39.94 1.25
C GLU C 138 -5.80 39.30 0.11
N PHE C 139 -6.45 40.09 -0.73
CA PHE C 139 -7.25 39.59 -1.84
C PHE C 139 -6.78 40.20 -3.15
N THR C 140 -6.90 39.43 -4.22
CA THR C 140 -6.52 39.91 -5.53
C THR C 140 -7.55 40.91 -6.05
N PRO C 141 -7.14 41.82 -6.94
CA PRO C 141 -8.06 42.90 -7.37
C PRO C 141 -9.30 42.41 -8.07
N ASP C 142 -9.30 41.18 -8.61
CA ASP C 142 -10.45 40.69 -9.36
C ASP C 142 -11.55 40.12 -8.46
N ILE C 143 -11.30 39.98 -7.18
CA ILE C 143 -12.27 39.38 -6.26
C ILE C 143 -13.36 40.40 -5.93
N THR C 144 -14.61 39.99 -6.05
CA THR C 144 -15.75 40.81 -5.69
C THR C 144 -16.51 40.16 -4.54
N PRO C 145 -17.34 40.93 -3.82
CA PRO C 145 -18.02 40.35 -2.64
C PRO C 145 -18.85 39.12 -2.95
N ILE C 146 -19.55 39.10 -4.09
CA ILE C 146 -20.34 37.92 -4.43
C ILE C 146 -19.44 36.75 -4.79
N MET C 147 -18.34 37.02 -5.50
CA MET C 147 -17.41 35.96 -5.85
C MET C 147 -16.80 35.31 -4.62
N LEU C 148 -16.40 36.12 -3.63
CA LEU C 148 -15.78 35.57 -2.43
C LEU C 148 -16.79 34.81 -1.59
N ALA C 149 -18.02 35.30 -1.49
CA ALA C 149 -19.03 34.62 -0.70
C ALA C 149 -19.31 33.22 -1.25
N ALA C 150 -19.37 33.10 -2.57
CA ALA C 150 -19.55 31.79 -3.19
C ALA C 150 -18.37 30.87 -2.88
N HIS C 151 -17.16 31.42 -2.85
CA HIS C 151 -16.00 30.61 -2.52
C HIS C 151 -16.14 29.97 -1.14
N THR C 152 -16.67 30.72 -0.17
CA THR C 152 -16.81 30.19 1.18
C THR C 152 -17.93 29.18 1.27
N ASN C 153 -18.95 29.30 0.42
CA ASN C 153 -20.11 28.41 0.41
C ASN C 153 -21.04 28.64 1.59
N ASN C 154 -21.01 29.83 2.18
CA ASN C 154 -21.90 30.16 3.28
C ASN C 154 -23.28 30.49 2.73
N TYR C 155 -24.24 29.61 2.96
CA TYR C 155 -25.57 29.78 2.36
C TYR C 155 -26.22 31.07 2.81
N GLU C 156 -26.14 31.38 4.10
CA GLU C 156 -26.84 32.55 4.63
C GLU C 156 -26.25 33.85 4.09
N ILE C 157 -24.92 33.92 3.99
CA ILE C 157 -24.28 35.15 3.51
C ILE C 157 -24.54 35.34 2.02
N ILE C 158 -24.49 34.26 1.24
CA ILE C 158 -24.70 34.38 -0.21
C ILE C 158 -26.11 34.92 -0.49
N LYS C 159 -27.09 34.48 0.29
CA LYS C 159 -28.45 34.98 0.09
C LYS C 159 -28.53 36.47 0.34
N LEU C 160 -27.82 36.97 1.35
CA LEU C 160 -27.81 38.40 1.62
C LEU C 160 -27.38 39.19 0.40
N LEU C 161 -26.25 38.82 -0.20
CA LEU C 161 -25.75 39.56 -1.36
C LEU C 161 -26.68 39.44 -2.55
N VAL C 162 -27.23 38.24 -2.80
CA VAL C 162 -28.07 38.05 -3.97
C VAL C 162 -29.35 38.86 -3.87
N GLN C 163 -29.83 39.11 -2.65
CA GLN C 163 -31.04 39.91 -2.50
C GLN C 163 -30.85 41.31 -3.06
N LYS C 164 -29.69 41.92 -2.82
CA LYS C 164 -29.29 43.11 -3.54
C LYS C 164 -28.78 42.71 -4.92
N ARG C 165 -29.41 43.22 -5.97
CA ARG C 165 -29.09 42.79 -7.32
C ARG C 165 -27.59 42.86 -7.58
N VAL C 166 -26.99 41.70 -7.86
CA VAL C 166 -25.57 41.60 -8.17
C VAL C 166 -25.41 40.77 -9.44
N THR C 167 -24.23 40.88 -10.05
CA THR C 167 -23.93 40.21 -11.30
C THR C 167 -22.57 39.52 -11.20
N ILE C 168 -22.43 38.42 -11.94
CA ILE C 168 -21.16 37.70 -12.02
C ILE C 168 -20.76 37.61 -13.49
N PRO C 169 -19.53 37.95 -13.84
CA PRO C 169 -19.14 37.95 -15.26
C PRO C 169 -19.20 36.57 -15.88
N ARG C 170 -19.55 36.53 -17.15
CA ARG C 170 -19.75 35.27 -17.87
C ARG C 170 -18.46 34.85 -18.53
N PRO C 171 -17.93 33.66 -18.24
CA PRO C 171 -16.68 33.23 -18.88
C PRO C 171 -16.89 32.86 -20.34
N HIS C 172 -15.90 33.17 -21.17
CA HIS C 172 -15.97 32.85 -22.58
C HIS C 172 -15.73 31.36 -22.80
N GLN C 173 -16.05 30.91 -24.01
CA GLN C 173 -15.87 29.50 -24.35
C GLN C 173 -14.40 29.09 -24.17
N ILE C 174 -14.19 27.78 -24.06
CA ILE C 174 -12.85 27.27 -23.75
C ILE C 174 -11.84 27.75 -24.78
N ARG C 175 -12.17 27.61 -26.06
CA ARG C 175 -11.33 28.07 -27.16
C ARG C 175 -12.03 29.25 -27.81
N CYS C 176 -11.78 30.45 -27.28
CA CYS C 176 -12.38 31.68 -27.79
C CYS C 176 -11.28 32.59 -28.31
N ASN C 177 -11.45 33.06 -29.55
CA ASN C 177 -10.59 34.08 -30.12
C ASN C 177 -11.13 35.48 -29.89
N CYS C 178 -11.89 35.68 -28.81
CA CYS C 178 -12.45 36.98 -28.49
C CYS C 178 -11.36 38.04 -28.47
N VAL C 179 -11.65 39.20 -29.05
CA VAL C 179 -10.68 40.28 -29.06
C VAL C 179 -10.29 40.65 -27.63
N GLU C 180 -11.25 40.64 -26.72
CA GLU C 180 -10.94 40.86 -25.31
C GLU C 180 -10.04 39.75 -24.77
N CYS C 181 -10.34 38.50 -25.11
CA CYS C 181 -9.58 37.38 -24.57
C CYS C 181 -8.13 37.42 -25.04
N VAL C 182 -7.90 37.67 -26.33
CA VAL C 182 -6.54 37.67 -26.86
C VAL C 182 -5.73 38.80 -26.24
N SER C 183 -6.32 39.99 -26.14
CA SER C 183 -5.60 41.13 -25.56
C SER C 183 -5.25 40.86 -24.09
N SER C 184 -6.20 40.35 -23.32
CA SER C 184 -5.95 40.08 -21.92
C SER C 184 -4.85 39.05 -21.74
N SER C 185 -4.88 37.98 -22.53
CA SER C 185 -3.82 36.98 -22.45
C SER C 185 -2.47 37.57 -22.80
N GLU C 186 -2.43 38.47 -23.80
CA GLU C 186 -1.18 39.10 -24.18
C GLU C 186 -0.73 40.13 -23.13
N VAL C 187 -1.66 40.95 -22.64
CA VAL C 187 -1.28 42.03 -21.73
C VAL C 187 -0.79 41.45 -20.41
N ASP C 188 -1.55 40.53 -19.83
CA ASP C 188 -1.19 39.93 -18.54
C ASP C 188 -1.77 38.52 -18.52
N SER C 189 -0.94 37.53 -18.85
CA SER C 189 -1.42 36.15 -18.90
C SER C 189 -1.70 35.61 -17.49
N LEU C 190 -0.86 35.96 -16.53
CA LEU C 190 -1.02 35.44 -15.18
C LEU C 190 -2.35 35.90 -14.57
N ARG C 191 -2.70 37.18 -14.76
CA ARG C 191 -3.94 37.69 -14.21
C ARG C 191 -5.15 37.11 -14.94
N HIS C 192 -5.02 36.84 -16.24
CA HIS C 192 -6.14 36.32 -17.01
C HIS C 192 -6.53 34.92 -16.55
N SER C 193 -5.56 34.07 -16.26
CA SER C 193 -5.88 32.70 -15.86
C SER C 193 -6.44 32.65 -14.44
N ARG C 194 -5.91 33.48 -13.54
CA ARG C 194 -6.44 33.52 -12.18
C ARG C 194 -7.86 34.06 -12.16
N SER C 195 -8.14 35.07 -12.99
CA SER C 195 -9.48 35.63 -13.06
C SER C 195 -10.49 34.58 -13.52
N ARG C 196 -10.12 33.79 -14.54
CA ARG C 196 -11.03 32.77 -15.04
C ARG C 196 -11.31 31.70 -13.99
N LEU C 197 -10.28 31.27 -13.26
CA LEU C 197 -10.47 30.24 -12.26
C LEU C 197 -11.31 30.73 -11.09
N ASN C 198 -11.14 31.99 -10.71
CA ASN C 198 -11.94 32.55 -9.62
C ASN C 198 -13.42 32.59 -9.98
N ILE C 199 -13.73 32.89 -11.24
CA ILE C 199 -15.13 32.95 -11.66
C ILE C 199 -15.76 31.57 -11.62
N TYR C 200 -14.99 30.53 -11.97
CA TYR C 200 -15.55 29.19 -11.99
C TYR C 200 -15.75 28.63 -10.59
N LYS C 201 -14.94 29.07 -9.62
CA LYS C 201 -15.15 28.63 -8.25
C LYS C 201 -16.45 29.19 -7.68
N ALA C 202 -16.86 30.38 -8.12
CA ALA C 202 -18.13 30.93 -7.67
C ALA C 202 -19.30 30.23 -8.33
N LEU C 203 -19.21 29.95 -9.63
CA LEU C 203 -20.28 29.27 -10.32
C LEU C 203 -20.45 27.83 -9.88
N ALA C 204 -19.41 27.24 -9.31
CA ALA C 204 -19.42 25.83 -8.89
C ALA C 204 -19.83 25.66 -7.43
N SER C 205 -20.16 26.73 -6.73
CA SER C 205 -20.55 26.63 -5.34
C SER C 205 -21.92 25.96 -5.22
N PRO C 206 -22.04 24.88 -4.45
CA PRO C 206 -23.38 24.26 -4.30
C PRO C 206 -24.43 25.21 -3.75
N SER C 207 -24.06 26.08 -2.81
CA SER C 207 -25.02 27.03 -2.27
C SER C 207 -25.50 28.01 -3.34
N LEU C 208 -24.60 28.47 -4.19
CA LEU C 208 -25.00 29.40 -5.25
C LEU C 208 -25.76 28.70 -6.37
N ILE C 209 -25.67 27.38 -6.47
CA ILE C 209 -26.46 26.65 -7.46
C ILE C 209 -27.84 26.33 -6.91
N ALA C 210 -27.89 25.85 -5.66
CA ALA C 210 -29.18 25.56 -5.03
C ALA C 210 -30.06 26.80 -4.99
N LEU C 211 -29.45 27.97 -4.88
CA LEU C 211 -30.13 29.26 -4.88
C LEU C 211 -29.79 29.98 -6.18
N SER C 212 -30.81 30.43 -6.89
CA SER C 212 -30.64 31.18 -8.14
C SER C 212 -30.35 30.31 -9.36
N SER C 213 -30.66 29.02 -9.33
CA SER C 213 -30.56 28.17 -10.50
C SER C 213 -31.92 27.58 -10.82
N GLU C 214 -32.34 27.70 -12.08
CA GLU C 214 -33.66 27.21 -12.47
C GLU C 214 -33.78 25.71 -12.26
N ASP C 215 -32.79 24.95 -12.71
CA ASP C 215 -32.77 23.49 -12.60
C ASP C 215 -31.41 23.10 -12.05
N PRO C 216 -31.28 22.97 -10.73
CA PRO C 216 -29.95 22.71 -10.15
C PRO C 216 -29.28 21.46 -10.68
N ILE C 217 -30.05 20.40 -10.93
CA ILE C 217 -29.45 19.14 -11.36
C ILE C 217 -28.82 19.29 -12.74
N LEU C 218 -29.53 19.93 -13.67
CA LEU C 218 -28.99 20.10 -15.01
C LEU C 218 -27.77 21.02 -15.01
N THR C 219 -27.80 22.08 -14.20
CA THR C 219 -26.67 23.00 -14.15
C THR C 219 -25.40 22.30 -13.66
N ALA C 220 -25.54 21.41 -12.68
CA ALA C 220 -24.38 20.68 -12.20
C ALA C 220 -23.85 19.69 -13.24
N PHE C 221 -24.74 19.11 -14.04
CA PHE C 221 -24.28 18.24 -15.13
C PHE C 221 -23.43 19.01 -16.12
N ARG C 222 -23.88 20.20 -16.53
CA ARG C 222 -23.16 20.96 -17.54
C ARG C 222 -21.88 21.56 -16.97
N LEU C 223 -21.94 22.12 -15.77
CA LEU C 223 -20.75 22.72 -15.17
C LEU C 223 -19.66 21.69 -14.96
N GLY C 224 -20.02 20.53 -14.44
CA GLY C 224 -19.03 19.49 -14.20
C GLY C 224 -18.35 19.03 -15.48
N TRP C 225 -19.13 18.91 -16.56
CA TRP C 225 -18.55 18.54 -17.84
C TRP C 225 -17.63 19.63 -18.38
N GLU C 226 -18.11 20.88 -18.40
CA GLU C 226 -17.31 21.96 -18.94
C GLU C 226 -16.03 22.17 -18.15
N LEU C 227 -16.08 21.91 -16.83
CA LEU C 227 -14.87 22.02 -16.03
C LEU C 227 -13.85 20.94 -16.40
N LYS C 228 -14.33 19.74 -16.71
CA LYS C 228 -13.43 18.66 -17.08
C LYS C 228 -12.69 18.98 -18.38
N GLU C 229 -13.40 19.55 -19.36
CA GLU C 229 -12.74 19.94 -20.61
C GLU C 229 -11.67 20.99 -20.37
N LEU C 230 -11.88 21.87 -19.39
CA LEU C 230 -10.88 22.89 -19.08
C LEU C 230 -9.60 22.25 -18.53
N SER C 231 -9.74 21.24 -17.68
CA SER C 231 -8.56 20.62 -17.10
C SER C 231 -7.65 20.02 -18.16
N LYS C 232 -8.23 19.62 -19.30
CA LYS C 232 -7.41 19.09 -20.39
C LYS C 232 -6.71 20.20 -21.16
N VAL C 233 -7.32 21.38 -21.28
CA VAL C 233 -6.73 22.46 -22.07
C VAL C 233 -5.70 23.21 -21.24
N GLU C 234 -6.13 23.81 -20.13
CA GLU C 234 -5.22 24.52 -19.24
C GLU C 234 -4.48 23.46 -18.40
N ASN C 235 -3.51 22.82 -19.04
CA ASN C 235 -2.82 21.69 -18.41
C ASN C 235 -2.07 22.12 -17.16
N GLU C 236 -1.65 23.38 -17.07
CA GLU C 236 -0.90 23.81 -15.90
C GLU C 236 -1.75 23.74 -14.64
N PHE C 237 -3.01 24.13 -14.71
CA PHE C 237 -3.92 24.14 -13.57
C PHE C 237 -4.92 23.00 -13.66
N LYS C 238 -4.45 21.85 -14.13
CA LYS C 238 -5.32 20.69 -14.28
C LYS C 238 -5.93 20.26 -12.96
N ALA C 239 -5.13 20.22 -11.90
CA ALA C 239 -5.63 19.74 -10.61
C ALA C 239 -6.75 20.63 -10.08
N GLU C 240 -6.60 21.95 -10.23
CA GLU C 240 -7.60 22.86 -9.69
C GLU C 240 -8.96 22.65 -10.33
N TYR C 241 -8.99 22.47 -11.66
CA TYR C 241 -10.26 22.30 -12.35
C TYR C 241 -10.87 20.93 -12.11
N GLU C 242 -10.05 19.91 -11.89
CA GLU C 242 -10.58 18.59 -11.55
C GLU C 242 -11.30 18.61 -10.22
N GLU C 243 -10.79 19.38 -9.26
CA GLU C 243 -11.46 19.48 -7.96
C GLU C 243 -12.85 20.09 -8.12
N LEU C 244 -12.96 21.15 -8.94
CA LEU C 244 -14.26 21.79 -9.13
C LEU C 244 -15.22 20.87 -9.87
N SER C 245 -14.72 20.13 -10.86
CA SER C 245 -15.58 19.19 -11.58
C SER C 245 -16.10 18.10 -10.65
N GLN C 246 -15.23 17.56 -9.79
CA GLN C 246 -15.67 16.57 -8.82
C GLN C 246 -16.68 17.16 -7.84
N GLN C 247 -16.52 18.43 -7.49
CA GLN C 247 -17.43 19.07 -6.56
C GLN C 247 -18.83 19.19 -7.13
N CYS C 248 -18.94 19.54 -8.42
CA CYS C 248 -20.26 19.62 -9.04
C CYS C 248 -20.91 18.25 -9.15
N LYS C 249 -20.12 17.22 -9.46
CA LYS C 249 -20.65 15.86 -9.58
C LYS C 249 -21.26 15.39 -8.26
N LEU C 250 -20.58 15.67 -7.15
CA LEU C 250 -21.07 15.23 -5.86
C LEU C 250 -22.38 15.91 -5.49
N PHE C 251 -22.52 17.21 -5.82
CA PHE C 251 -23.72 17.94 -5.45
C PHE C 251 -24.96 17.35 -6.11
N ALA C 252 -24.86 16.97 -7.38
CA ALA C 252 -26.00 16.39 -8.06
C ALA C 252 -26.44 15.07 -7.42
N LYS C 253 -25.46 14.24 -7.04
CA LYS C 253 -25.78 12.98 -6.38
C LYS C 253 -26.32 13.21 -4.98
N ASP C 254 -25.94 14.31 -4.34
CA ASP C 254 -26.43 14.59 -2.99
C ASP C 254 -27.88 15.04 -3.02
N LEU C 255 -28.28 15.80 -4.04
CA LEU C 255 -29.68 16.18 -4.18
C LEU C 255 -30.56 14.95 -4.36
N LEU C 256 -30.11 14.00 -5.18
CA LEU C 256 -30.88 12.79 -5.43
C LEU C 256 -30.97 11.91 -4.18
N ASP C 257 -29.99 12.01 -3.29
CA ASP C 257 -30.03 11.25 -2.05
C ASP C 257 -31.16 11.69 -1.13
N GLN C 258 -31.74 12.86 -1.36
CA GLN C 258 -32.77 13.40 -0.50
C GLN C 258 -34.18 13.05 -0.92
N ALA C 259 -34.35 12.25 -1.97
CA ALA C 259 -35.68 11.82 -2.38
C ALA C 259 -36.26 10.86 -1.34
N ARG C 260 -37.54 11.02 -1.04
CA ARG C 260 -38.18 10.27 0.03
C ARG C 260 -39.31 9.36 -0.44
N SER C 261 -39.60 9.30 -1.73
CA SER C 261 -40.62 8.41 -2.24
C SER C 261 -40.32 8.06 -3.69
N SER C 262 -40.89 6.94 -4.14
CA SER C 262 -40.72 6.53 -5.52
C SER C 262 -41.38 7.52 -6.48
N ARG C 263 -42.43 8.19 -6.03
CA ARG C 263 -43.07 9.19 -6.88
C ARG C 263 -42.12 10.35 -7.18
N GLU C 264 -41.38 10.81 -6.16
CA GLU C 264 -40.42 11.88 -6.38
C GLU C 264 -39.29 11.44 -7.29
N LEU C 265 -38.80 10.22 -7.08
CA LEU C 265 -37.68 9.72 -7.90
C LEU C 265 -38.07 9.63 -9.36
N GLU C 266 -39.29 9.18 -9.66
CA GLU C 266 -39.74 9.07 -11.03
C GLU C 266 -39.87 10.46 -11.67
N ILE C 267 -40.35 11.45 -10.92
CA ILE C 267 -40.50 12.79 -11.47
C ILE C 267 -39.12 13.35 -11.86
N ILE C 268 -38.13 13.16 -11.00
CA ILE C 268 -36.80 13.69 -11.27
C ILE C 268 -36.19 13.01 -12.50
N LEU C 269 -36.33 11.71 -12.62
CA LEU C 269 -35.59 10.97 -13.67
C LEU C 269 -36.32 10.92 -15.01
N ASN C 270 -37.59 11.28 -15.06
CA ASN C 270 -38.34 11.36 -16.34
C ASN C 270 -38.51 12.78 -16.87
N HIS C 271 -38.01 13.84 -16.26
CA HIS C 271 -38.24 15.22 -16.71
C HIS C 271 -37.52 15.52 -18.02
N ARG C 272 -38.18 16.23 -18.92
CA ARG C 272 -37.58 16.58 -20.21
C ARG C 272 -37.45 18.06 -20.12
N ASP C 273 -36.24 18.54 -20.29
CA ASP C 273 -36.00 19.99 -20.20
C ASP C 273 -36.75 20.65 -21.33
N ASP C 274 -36.71 20.04 -22.52
CA ASP C 274 -37.39 20.61 -23.71
C ASP C 274 -38.66 19.81 -24.02
N ASP C 286 -38.87 7.60 -22.31
CA ASP C 286 -38.79 7.91 -20.88
C ASP C 286 -37.39 7.93 -20.29
N LEU C 287 -37.29 8.31 -19.02
CA LEU C 287 -36.01 8.42 -18.34
C LEU C 287 -35.08 9.39 -19.07
N ALA C 288 -35.64 10.53 -19.48
CA ALA C 288 -34.87 11.51 -20.23
C ALA C 288 -33.74 12.09 -19.41
N LYS C 289 -34.00 12.42 -18.14
CA LYS C 289 -32.96 13.04 -17.32
C LYS C 289 -31.86 12.04 -16.97
N LEU C 290 -32.18 10.75 -16.93
CA LEU C 290 -31.16 9.74 -16.73
C LEU C 290 -30.32 9.54 -17.99
N LYS C 291 -30.91 9.74 -19.17
CA LYS C 291 -30.14 9.68 -20.40
C LYS C 291 -29.16 10.84 -20.50
N VAL C 292 -29.56 12.02 -20.03
CA VAL C 292 -28.66 13.16 -20.00
C VAL C 292 -27.49 12.90 -19.06
N ALA C 293 -27.76 12.29 -17.91
CA ALA C 293 -26.69 11.98 -16.97
C ALA C 293 -25.68 11.03 -17.59
N ILE C 294 -26.15 10.03 -18.34
CA ILE C 294 -25.25 9.11 -19.01
C ILE C 294 -24.40 9.84 -20.04
N LYS C 295 -25.02 10.72 -20.83
CA LYS C 295 -24.31 11.43 -21.87
C LYS C 295 -23.24 12.35 -21.30
N TYR C 296 -23.46 12.89 -20.10
CA TYR C 296 -22.49 13.77 -19.45
C TYR C 296 -21.52 13.01 -18.55
N HIS C 297 -21.63 11.69 -18.47
CA HIS C 297 -20.70 10.86 -17.71
C HIS C 297 -20.80 11.12 -16.22
N GLN C 298 -22.02 11.20 -15.70
CA GLN C 298 -22.27 11.38 -14.26
C GLN C 298 -22.42 10.00 -13.64
N LYS C 299 -21.28 9.35 -13.41
CA LYS C 299 -21.29 7.95 -13.00
C LYS C 299 -21.83 7.77 -11.59
N GLU C 300 -21.50 8.70 -10.68
CA GLU C 300 -22.00 8.60 -9.31
C GLU C 300 -23.50 8.80 -9.25
N PHE C 301 -24.04 9.69 -10.09
CA PHE C 301 -25.48 9.90 -10.14
C PHE C 301 -26.21 8.65 -10.64
N VAL C 302 -25.67 8.01 -11.66
CA VAL C 302 -26.33 6.84 -12.24
C VAL C 302 -26.24 5.65 -11.28
N ALA C 303 -25.16 5.55 -10.52
CA ALA C 303 -24.93 4.41 -9.64
C ALA C 303 -25.65 4.54 -8.30
N GLN C 304 -26.40 5.61 -8.09
CA GLN C 304 -27.10 5.79 -6.81
C GLN C 304 -28.01 4.60 -6.55
N PRO C 305 -28.02 4.07 -5.33
CA PRO C 305 -28.77 2.82 -5.07
C PRO C 305 -30.25 2.90 -5.36
N ASN C 306 -30.87 4.07 -5.20
CA ASN C 306 -32.29 4.19 -5.48
C ASN C 306 -32.57 4.27 -6.98
N CYS C 307 -31.68 4.90 -7.74
CA CYS C 307 -31.81 4.89 -9.19
C CYS C 307 -31.55 3.50 -9.75
N GLN C 308 -30.63 2.75 -9.15
CA GLN C 308 -30.38 1.39 -9.59
C GLN C 308 -31.56 0.48 -9.27
N GLN C 309 -32.22 0.70 -8.12
CA GLN C 309 -33.37 -0.11 -7.77
C GLN C 309 -34.51 0.07 -8.75
N LEU C 310 -34.75 1.32 -9.18
CA LEU C 310 -35.81 1.56 -10.16
C LEU C 310 -35.47 0.91 -11.50
N LEU C 311 -34.22 1.00 -11.92
CA LEU C 311 -33.82 0.41 -13.19
C LEU C 311 -33.99 -1.11 -13.17
N ALA C 312 -33.61 -1.75 -12.07
CA ALA C 312 -33.75 -3.19 -11.97
C ALA C 312 -35.20 -3.64 -12.02
N THR C 313 -36.14 -2.75 -11.72
CA THR C 313 -37.55 -3.09 -11.84
C THR C 313 -38.01 -3.14 -13.30
N LEU C 314 -37.45 -2.28 -14.15
CA LEU C 314 -37.78 -2.31 -15.57
C LEU C 314 -37.06 -3.45 -16.28
N TRP C 315 -35.83 -3.74 -15.86
CA TRP C 315 -35.06 -4.81 -16.50
C TRP C 315 -35.74 -6.16 -16.31
N TYR C 316 -36.27 -6.42 -15.11
CA TYR C 316 -36.85 -7.71 -14.75
C TYR C 316 -38.36 -7.69 -14.85
N ASP C 317 -38.91 -6.99 -15.85
CA ASP C 317 -40.35 -6.82 -15.95
C ASP C 317 -41.08 -8.16 -15.89
N GLY C 318 -40.56 -9.18 -16.57
CA GLY C 318 -41.25 -10.47 -16.59
C GLY C 318 -41.28 -11.14 -15.24
N PHE C 319 -40.21 -11.03 -14.46
CA PHE C 319 -40.07 -11.78 -13.22
C PHE C 319 -40.12 -10.83 -12.02
N PRO C 320 -41.24 -10.77 -11.30
CA PRO C 320 -41.32 -9.84 -10.16
C PRO C 320 -40.30 -10.11 -9.07
N GLY C 321 -39.96 -11.37 -8.82
CA GLY C 321 -39.09 -11.70 -7.70
C GLY C 321 -37.81 -12.41 -8.06
N TRP C 322 -37.22 -12.06 -9.20
CA TRP C 322 -35.98 -12.70 -9.62
C TRP C 322 -34.89 -12.60 -8.56
N ARG C 323 -34.91 -11.53 -7.77
CA ARG C 323 -33.86 -11.33 -6.77
C ARG C 323 -33.87 -12.45 -5.73
N ARG C 324 -35.06 -12.84 -5.26
CA ARG C 324 -35.16 -13.80 -4.17
C ARG C 324 -35.09 -15.25 -4.63
N LYS C 325 -35.16 -15.51 -5.93
CA LYS C 325 -35.14 -16.87 -6.41
C LYS C 325 -33.78 -17.53 -6.15
N HIS C 326 -33.80 -18.84 -6.01
CA HIS C 326 -32.57 -19.59 -5.77
C HIS C 326 -31.68 -19.57 -7.01
N TRP C 327 -30.38 -19.78 -6.78
CA TRP C 327 -29.42 -19.70 -7.87
C TRP C 327 -29.69 -20.78 -8.92
N VAL C 328 -30.10 -21.97 -8.49
CA VAL C 328 -30.38 -23.05 -9.44
C VAL C 328 -31.62 -22.73 -10.25
N VAL C 329 -32.66 -22.19 -9.61
CA VAL C 329 -33.87 -21.81 -10.34
C VAL C 329 -33.54 -20.77 -11.39
N LYS C 330 -32.62 -19.86 -11.08
CA LYS C 330 -32.20 -18.86 -12.06
C LYS C 330 -31.63 -19.52 -13.31
N LEU C 331 -30.77 -20.53 -13.12
CA LEU C 331 -30.15 -21.19 -14.25
C LEU C 331 -31.19 -21.89 -15.13
N LEU C 332 -32.14 -22.59 -14.49
CA LEU C 332 -33.14 -23.31 -15.27
C LEU C 332 -34.00 -22.34 -16.09
N THR C 333 -34.39 -21.22 -15.49
CA THR C 333 -35.23 -20.26 -16.21
C THR C 333 -34.50 -19.70 -17.43
N CYS C 334 -33.22 -19.36 -17.28
CA CYS C 334 -32.46 -18.84 -18.40
C CYS C 334 -32.29 -19.88 -19.49
N MET C 335 -31.93 -21.10 -19.10
CA MET C 335 -31.72 -22.16 -20.09
C MET C 335 -33.01 -22.45 -20.87
N THR C 336 -34.14 -22.52 -20.15
CA THR C 336 -35.41 -22.76 -20.82
C THR C 336 -35.72 -21.67 -21.83
N ILE C 337 -35.53 -20.41 -21.43
CA ILE C 337 -35.79 -19.30 -22.35
C ILE C 337 -34.86 -19.37 -23.55
N GLY C 338 -33.58 -19.66 -23.30
CA GLY C 338 -32.63 -19.75 -24.41
C GLY C 338 -33.00 -20.82 -25.41
N PHE C 339 -33.42 -21.99 -24.93
CA PHE C 339 -33.83 -23.05 -25.83
C PHE C 339 -35.08 -22.66 -26.62
N LEU C 340 -36.04 -22.04 -25.96
CA LEU C 340 -37.27 -21.58 -26.63
C LEU C 340 -37.06 -20.33 -27.45
N PHE C 341 -35.80 -19.97 -27.64
CA PHE C 341 -35.38 -18.78 -28.37
C PHE C 341 -36.20 -18.58 -29.64
N PRO C 342 -36.17 -19.52 -30.59
CA PRO C 342 -36.87 -19.28 -31.87
C PRO C 342 -38.37 -19.11 -31.71
N MET C 343 -39.01 -19.82 -30.77
CA MET C 343 -40.45 -19.80 -30.68
C MET C 343 -40.96 -18.40 -30.36
N LEU C 344 -40.34 -17.72 -29.39
CA LEU C 344 -40.77 -16.38 -29.04
C LEU C 344 -40.55 -15.40 -30.18
N SER C 345 -39.43 -15.55 -30.90
CA SER C 345 -39.11 -14.60 -31.97
C SER C 345 -40.15 -14.64 -33.07
N ILE C 346 -40.56 -15.84 -33.49
CA ILE C 346 -41.54 -15.96 -34.56
C ILE C 346 -42.88 -15.38 -34.12
N ALA C 347 -43.29 -15.67 -32.89
CA ALA C 347 -44.55 -15.14 -32.38
C ALA C 347 -44.61 -13.63 -32.53
N TYR C 348 -43.49 -12.95 -32.26
CA TYR C 348 -43.45 -11.50 -32.44
C TYR C 348 -43.71 -11.13 -33.90
N LEU C 349 -43.23 -11.93 -34.83
CA LEU C 349 -43.44 -11.63 -36.24
C LEU C 349 -44.89 -11.80 -36.65
N ILE C 350 -45.50 -12.94 -36.29
CA ILE C 350 -46.83 -13.25 -36.76
C ILE C 350 -47.87 -12.28 -36.16
N SER C 351 -47.74 -11.98 -34.87
CA SER C 351 -48.73 -11.16 -34.18
C SER C 351 -48.07 -10.46 -33.00
N PRO C 352 -47.58 -9.25 -33.20
CA PRO C 352 -46.89 -8.54 -32.11
C PRO C 352 -47.76 -8.34 -30.88
N ARG C 353 -49.06 -8.17 -31.05
CA ARG C 353 -49.97 -7.96 -29.92
C ARG C 353 -50.45 -9.25 -29.29
N SER C 354 -50.09 -10.40 -29.84
CA SER C 354 -50.46 -11.68 -29.23
C SER C 354 -49.79 -11.84 -27.88
N ASN C 355 -50.44 -12.60 -27.00
CA ASN C 355 -49.94 -12.76 -25.64
C ASN C 355 -48.48 -13.21 -25.63
N LEU C 356 -48.16 -14.25 -26.40
CA LEU C 356 -46.77 -14.70 -26.46
C LEU C 356 -45.86 -13.66 -27.10
N GLY C 357 -46.40 -12.86 -28.03
CA GLY C 357 -45.59 -11.87 -28.70
C GLY C 357 -44.97 -10.85 -27.76
N LEU C 358 -45.70 -10.47 -26.71
CA LEU C 358 -45.19 -9.47 -25.77
C LEU C 358 -44.06 -10.01 -24.90
N PHE C 359 -43.87 -11.33 -24.86
CA PHE C 359 -42.86 -11.89 -23.98
C PHE C 359 -41.45 -11.50 -24.41
N ILE C 360 -41.20 -11.37 -25.71
CA ILE C 360 -39.87 -11.01 -26.20
C ILE C 360 -39.75 -9.49 -26.19
N LYS C 361 -40.72 -8.82 -25.61
CA LYS C 361 -40.67 -7.38 -25.44
C LYS C 361 -39.94 -6.97 -24.16
N LYS C 362 -40.07 -7.77 -23.11
CA LYS C 362 -39.44 -7.44 -21.83
C LYS C 362 -37.93 -7.49 -21.95
N PRO C 363 -37.21 -6.52 -21.39
CA PRO C 363 -35.76 -6.42 -21.67
C PRO C 363 -34.98 -7.67 -21.31
N PHE C 364 -35.09 -8.16 -20.08
CA PHE C 364 -34.27 -9.30 -19.67
C PHE C 364 -34.54 -10.52 -20.53
N ILE C 365 -35.82 -10.78 -20.85
CA ILE C 365 -36.14 -11.91 -21.71
C ILE C 365 -35.52 -11.71 -23.09
N LYS C 366 -35.61 -10.50 -23.62
CA LYS C 366 -35.02 -10.23 -24.93
C LYS C 366 -33.50 -10.40 -24.90
N PHE C 367 -32.86 -9.96 -23.82
CA PHE C 367 -31.41 -10.10 -23.72
C PHE C 367 -31.00 -11.56 -23.79
N ILE C 368 -31.73 -12.45 -23.12
CA ILE C 368 -31.45 -13.88 -23.20
C ILE C 368 -31.63 -14.37 -24.64
N CYS C 369 -32.70 -13.94 -25.29
CA CYS C 369 -32.97 -14.42 -26.64
C CYS C 369 -31.85 -14.04 -27.60
N HIS C 370 -31.35 -12.80 -27.51
CA HIS C 370 -30.23 -12.40 -28.34
C HIS C 370 -28.98 -13.22 -28.02
N THR C 371 -28.72 -13.45 -26.73
CA THR C 371 -27.54 -14.23 -26.35
C THR C 371 -27.65 -15.67 -26.82
N ALA C 372 -28.83 -16.27 -26.71
CA ALA C 372 -29.01 -17.65 -27.14
C ALA C 372 -28.78 -17.76 -28.64
N SER C 373 -29.27 -16.80 -29.42
CA SER C 373 -29.03 -16.82 -30.86
C SER C 373 -27.55 -16.75 -31.17
N TYR C 374 -26.84 -15.80 -30.56
CA TYR C 374 -25.40 -15.69 -30.80
C TYR C 374 -24.67 -16.97 -30.42
N LEU C 375 -25.12 -17.65 -29.37
CA LEU C 375 -24.48 -18.90 -28.98
C LEU C 375 -24.70 -19.99 -30.03
N THR C 376 -25.85 -19.99 -30.69
CA THR C 376 -26.09 -20.92 -31.78
C THR C 376 -25.11 -20.69 -32.92
N PHE C 377 -24.86 -19.42 -33.25
CA PHE C 377 -23.94 -19.09 -34.34
C PHE C 377 -22.54 -19.61 -34.05
N LEU C 378 -22.04 -19.39 -32.84
CA LEU C 378 -20.68 -19.82 -32.51
C LEU C 378 -20.57 -21.33 -32.52
N PHE C 379 -21.57 -22.03 -31.98
CA PHE C 379 -21.55 -23.49 -32.02
C PHE C 379 -21.57 -24.00 -33.46
N MET C 380 -22.36 -23.36 -34.31
CA MET C 380 -22.43 -23.79 -35.71
C MET C 380 -21.10 -23.59 -36.43
N LEU C 381 -20.24 -22.69 -35.95
CA LEU C 381 -18.91 -22.55 -36.54
C LEU C 381 -18.04 -23.75 -36.20
N LEU C 382 -18.12 -24.25 -34.97
CA LEU C 382 -17.36 -25.44 -34.61
C LEU C 382 -17.69 -26.62 -35.53
N LEU C 383 -18.89 -26.63 -36.11
CA LEU C 383 -19.30 -27.69 -37.01
C LEU C 383 -18.74 -27.50 -38.42
N ALA C 384 -18.23 -26.32 -38.76
CA ALA C 384 -17.67 -26.10 -40.09
C ALA C 384 -16.45 -26.99 -40.32
N SER C 385 -15.60 -27.13 -39.31
CA SER C 385 -14.39 -27.92 -39.40
C SER C 385 -14.61 -29.38 -39.01
N GLN C 386 -15.83 -29.88 -39.13
CA GLN C 386 -16.18 -31.23 -38.71
C GLN C 386 -16.80 -32.07 -39.81
N HIS C 387 -17.62 -31.48 -40.68
CA HIS C 387 -18.38 -32.22 -41.67
C HIS C 387 -17.76 -32.18 -43.06
N ILE C 388 -16.54 -31.67 -43.21
CA ILE C 388 -15.89 -31.60 -44.50
C ILE C 388 -15.32 -32.97 -44.86
N VAL C 389 -15.41 -33.34 -46.13
CA VAL C 389 -14.93 -34.63 -46.61
C VAL C 389 -13.56 -34.45 -47.24
N ARG C 390 -12.85 -35.57 -47.41
CA ARG C 390 -11.51 -35.53 -47.97
C ARG C 390 -11.54 -35.13 -49.45
N THR C 391 -12.55 -35.58 -50.18
CA THR C 391 -12.58 -35.35 -51.62
C THR C 391 -12.64 -33.86 -51.95
N ASP C 392 -13.42 -33.10 -51.19
CA ASP C 392 -13.62 -31.68 -51.51
C ASP C 392 -12.35 -30.86 -51.34
N LEU C 393 -11.30 -31.42 -50.74
CA LEU C 393 -10.09 -30.65 -50.50
C LEU C 393 -9.50 -30.12 -51.81
N HIS C 394 -9.50 -30.94 -52.85
CA HIS C 394 -8.86 -30.59 -54.11
C HIS C 394 -9.80 -29.88 -55.08
N VAL C 395 -10.99 -29.52 -54.66
CA VAL C 395 -11.96 -28.83 -55.51
C VAL C 395 -11.76 -27.33 -55.33
N GLN C 396 -11.25 -26.66 -56.36
CA GLN C 396 -11.16 -25.21 -56.33
C GLN C 396 -12.52 -24.59 -56.64
N GLY C 397 -12.79 -23.45 -56.01
CA GLY C 397 -14.05 -22.77 -56.20
C GLY C 397 -15.24 -23.63 -55.80
N PRO C 398 -15.18 -24.25 -54.63
CA PRO C 398 -16.25 -25.16 -54.21
C PRO C 398 -17.54 -24.42 -53.98
N PRO C 399 -18.68 -25.10 -54.12
CA PRO C 399 -19.95 -24.49 -53.76
C PRO C 399 -20.10 -24.43 -52.24
N PRO C 400 -20.95 -23.55 -51.73
CA PRO C 400 -21.07 -23.40 -50.27
C PRO C 400 -21.45 -24.70 -49.60
N THR C 401 -20.86 -24.95 -48.43
CA THR C 401 -21.16 -26.14 -47.66
C THR C 401 -22.52 -26.00 -46.98
N VAL C 402 -22.99 -27.10 -46.41
CA VAL C 402 -24.24 -27.06 -45.66
C VAL C 402 -24.11 -26.14 -44.45
N VAL C 403 -22.98 -26.24 -43.75
CA VAL C 403 -22.77 -25.40 -42.56
C VAL C 403 -22.69 -23.93 -42.96
N GLU C 404 -22.11 -23.65 -44.12
CA GLU C 404 -22.00 -22.26 -44.56
C GLU C 404 -23.38 -21.67 -44.83
N TRP C 405 -24.29 -22.44 -45.40
CA TRP C 405 -25.61 -21.93 -45.73
C TRP C 405 -26.32 -21.41 -44.49
N MET C 406 -26.36 -22.21 -43.42
CA MET C 406 -26.98 -21.73 -42.19
C MET C 406 -26.22 -20.56 -41.60
N ILE C 407 -24.90 -20.58 -41.68
CA ILE C 407 -24.11 -19.46 -41.17
C ILE C 407 -24.48 -18.16 -41.88
N LEU C 408 -24.88 -18.25 -43.14
CA LEU C 408 -25.06 -17.04 -43.95
C LEU C 408 -26.14 -16.12 -43.42
N PRO C 409 -27.36 -16.57 -43.11
CA PRO C 409 -28.38 -15.64 -42.63
C PRO C 409 -27.99 -14.87 -41.38
N TRP C 410 -27.27 -15.51 -40.46
CA TRP C 410 -26.85 -14.83 -39.24
C TRP C 410 -25.79 -13.77 -39.53
N VAL C 411 -24.82 -14.09 -40.39
CA VAL C 411 -23.79 -13.11 -40.73
C VAL C 411 -24.40 -11.95 -41.51
N LEU C 412 -25.37 -12.23 -42.37
CA LEU C 412 -26.06 -11.16 -43.09
C LEU C 412 -26.76 -10.21 -42.12
N GLY C 413 -27.41 -10.77 -41.09
CA GLY C 413 -28.04 -9.93 -40.09
C GLY C 413 -27.05 -9.03 -39.37
N PHE C 414 -25.87 -9.56 -39.07
CA PHE C 414 -24.86 -8.76 -38.39
C PHE C 414 -24.47 -7.54 -39.21
N ILE C 415 -24.22 -7.73 -40.50
CA ILE C 415 -23.85 -6.61 -41.37
C ILE C 415 -25.00 -5.62 -41.45
N TRP C 416 -26.20 -6.12 -41.77
CA TRP C 416 -27.37 -5.24 -41.81
C TRP C 416 -27.68 -4.67 -40.44
N GLY C 417 -27.62 -5.50 -39.40
CA GLY C 417 -27.86 -5.01 -38.06
C GLY C 417 -26.87 -3.96 -37.64
N GLU C 418 -25.59 -4.16 -37.97
CA GLU C 418 -24.57 -3.17 -37.65
C GLU C 418 -24.78 -1.88 -38.42
N ILE C 419 -25.34 -1.97 -39.63
CA ILE C 419 -25.58 -0.77 -40.44
C ILE C 419 -26.59 0.14 -39.77
N LYS C 420 -27.64 -0.44 -39.20
CA LYS C 420 -28.69 0.37 -38.58
C LYS C 420 -28.14 1.26 -37.47
N GLU C 421 -27.29 0.70 -36.61
CA GLU C 421 -26.76 1.47 -35.49
C GLU C 421 -25.86 2.62 -35.96
N MET C 422 -25.16 2.43 -37.08
CA MET C 422 -24.27 3.47 -37.56
C MET C 422 -25.03 4.74 -37.92
N TRP C 423 -26.16 4.60 -38.61
CA TRP C 423 -26.93 5.77 -39.04
C TRP C 423 -27.44 6.56 -37.83
N ASP C 424 -28.13 5.88 -36.91
CA ASP C 424 -28.75 6.59 -35.79
C ASP C 424 -27.71 7.09 -34.80
N GLY C 425 -26.77 6.23 -34.41
CA GLY C 425 -25.78 6.63 -33.42
C GLY C 425 -24.85 7.71 -33.92
N GLY C 426 -24.47 7.65 -35.18
CA GLY C 426 -23.51 8.57 -35.74
C GLY C 426 -22.11 7.97 -35.75
N PHE C 427 -21.28 8.46 -36.68
CA PHE C 427 -19.94 7.92 -36.82
C PHE C 427 -19.10 8.14 -35.58
N THR C 428 -19.21 9.33 -34.97
CA THR C 428 -18.38 9.64 -33.82
C THR C 428 -18.69 8.69 -32.65
N GLU C 429 -19.98 8.47 -32.38
CA GLU C 429 -20.35 7.60 -31.28
C GLU C 429 -19.87 6.17 -31.51
N TYR C 430 -20.00 5.68 -32.75
CA TYR C 430 -19.64 4.30 -33.05
C TYR C 430 -18.17 4.03 -32.75
N ILE C 431 -17.29 4.93 -33.20
CA ILE C 431 -15.85 4.71 -33.03
C ILE C 431 -15.44 4.83 -31.57
N HIS C 432 -16.24 5.48 -30.73
CA HIS C 432 -15.84 5.66 -29.33
C HIS C 432 -15.71 4.32 -28.62
N ASP C 433 -16.64 3.40 -28.84
CA ASP C 433 -16.62 2.11 -28.16
C ASP C 433 -15.63 1.17 -28.85
N TRP C 434 -14.77 0.55 -28.05
CA TRP C 434 -13.79 -0.39 -28.61
C TRP C 434 -14.47 -1.61 -29.21
N TRP C 435 -15.54 -2.09 -28.56
CA TRP C 435 -16.22 -3.28 -29.06
C TRP C 435 -16.83 -3.07 -30.44
N ASN C 436 -17.08 -1.81 -30.83
CA ASN C 436 -17.55 -1.54 -32.18
C ASN C 436 -16.43 -1.65 -33.19
N LEU C 437 -15.19 -1.39 -32.78
CA LEU C 437 -14.05 -1.64 -33.65
C LEU C 437 -13.90 -3.13 -33.95
N MET C 438 -14.09 -3.96 -32.93
CA MET C 438 -14.06 -5.41 -33.15
C MET C 438 -15.21 -5.84 -34.05
N ASP C 439 -16.42 -5.32 -33.81
CA ASP C 439 -17.56 -5.70 -34.63
C ASP C 439 -17.39 -5.23 -36.07
N PHE C 440 -16.74 -4.09 -36.28
CA PHE C 440 -16.51 -3.62 -37.63
C PHE C 440 -15.54 -4.52 -38.38
N ALA C 441 -14.40 -4.83 -37.77
CA ALA C 441 -13.41 -5.68 -38.43
C ALA C 441 -13.96 -7.08 -38.65
N MET C 442 -14.78 -7.57 -37.72
CA MET C 442 -15.37 -8.90 -37.87
C MET C 442 -16.21 -8.98 -39.13
N ASN C 443 -17.03 -7.97 -39.39
CA ASN C 443 -17.96 -8.01 -40.51
C ASN C 443 -17.26 -7.77 -41.85
N SER C 444 -16.21 -6.95 -41.87
CA SER C 444 -15.47 -6.74 -43.11
C SER C 444 -14.88 -8.05 -43.62
N LEU C 445 -14.29 -8.85 -42.72
CA LEU C 445 -13.70 -10.11 -43.14
C LEU C 445 -14.77 -11.05 -43.67
N TYR C 446 -15.94 -11.07 -43.05
CA TYR C 446 -17.02 -11.93 -43.55
C TYR C 446 -17.41 -11.55 -44.96
N LEU C 447 -17.49 -10.25 -45.24
CA LEU C 447 -17.78 -9.79 -46.59
C LEU C 447 -16.67 -10.20 -47.56
N ALA C 448 -15.42 -9.96 -47.17
CA ALA C 448 -14.29 -10.32 -48.02
C ALA C 448 -14.26 -11.83 -48.26
N THR C 449 -14.57 -12.62 -47.24
CA THR C 449 -14.56 -14.07 -47.40
C THR C 449 -15.56 -14.50 -48.46
N ILE C 450 -16.79 -13.98 -48.39
CA ILE C 450 -17.80 -14.33 -49.39
C ILE C 450 -17.39 -13.80 -50.76
N SER C 451 -16.76 -12.62 -50.79
CA SER C 451 -16.29 -12.07 -52.06
C SER C 451 -15.31 -12.99 -52.74
N LEU C 452 -14.28 -13.43 -52.00
CA LEU C 452 -13.26 -14.31 -52.59
C LEU C 452 -13.86 -15.65 -52.99
N LYS C 453 -14.72 -16.22 -52.16
CA LYS C 453 -15.30 -17.51 -52.48
C LYS C 453 -16.11 -17.46 -53.77
N ILE C 454 -16.89 -16.38 -53.96
CA ILE C 454 -17.64 -16.22 -55.20
C ILE C 454 -16.69 -16.10 -56.37
N MET C 455 -15.65 -15.28 -56.23
CA MET C 455 -14.71 -15.07 -57.32
C MET C 455 -14.02 -16.37 -57.72
N ALA C 456 -13.61 -17.17 -56.74
CA ALA C 456 -12.96 -18.44 -57.03
C ALA C 456 -13.92 -19.42 -57.68
N TYR C 457 -15.22 -19.33 -57.36
CA TYR C 457 -16.18 -20.29 -57.89
C TYR C 457 -16.33 -20.13 -59.40
N VAL C 458 -16.47 -18.90 -59.88
CA VAL C 458 -16.63 -18.67 -61.31
C VAL C 458 -15.33 -18.93 -62.04
N LYS C 459 -14.20 -18.50 -61.48
CA LYS C 459 -12.93 -18.56 -62.21
C LYS C 459 -12.53 -19.99 -62.52
N TYR C 460 -12.68 -20.90 -61.56
CA TYR C 460 -12.25 -22.27 -61.72
C TYR C 460 -13.45 -23.19 -61.88
N ASN C 461 -13.21 -24.32 -62.55
CA ASN C 461 -14.23 -25.35 -62.74
C ASN C 461 -13.75 -26.75 -62.47
N GLY C 462 -12.43 -26.99 -62.40
CA GLY C 462 -11.90 -28.31 -62.15
C GLY C 462 -11.28 -28.44 -60.77
N SER C 463 -10.66 -29.59 -60.55
CA SER C 463 -10.02 -29.89 -59.27
C SER C 463 -8.59 -30.33 -59.52
N ARG C 464 -7.65 -29.66 -58.85
CA ARG C 464 -6.24 -30.03 -58.87
C ARG C 464 -5.75 -30.19 -57.44
N PRO C 465 -4.74 -31.03 -57.22
CA PRO C 465 -4.28 -31.27 -55.85
C PRO C 465 -3.87 -29.97 -55.18
N ARG C 466 -4.21 -29.86 -53.90
CA ARG C 466 -3.94 -28.62 -53.16
C ARG C 466 -2.46 -28.28 -53.18
N GLU C 467 -1.60 -29.30 -53.14
CA GLU C 467 -0.17 -29.06 -53.11
C GLU C 467 0.32 -28.29 -54.32
N GLU C 468 -0.41 -28.34 -55.44
CA GLU C 468 -0.03 -27.61 -56.63
C GLU C 468 -0.50 -26.16 -56.63
N TRP C 469 -1.39 -25.80 -55.71
CA TRP C 469 -1.95 -24.45 -55.68
C TRP C 469 -0.87 -23.43 -55.38
N GLU C 470 -1.06 -22.21 -55.90
CA GLU C 470 -0.11 -21.14 -55.71
C GLU C 470 -0.26 -20.54 -54.31
N MET C 471 0.69 -19.67 -53.96
CA MET C 471 0.67 -19.06 -52.63
C MET C 471 -0.60 -18.25 -52.41
N TRP C 472 -0.96 -17.40 -53.36
CA TRP C 472 -2.06 -16.45 -53.21
C TRP C 472 -3.33 -16.94 -53.89
N HIS C 473 -3.58 -18.24 -53.86
CA HIS C 473 -4.80 -18.78 -54.43
C HIS C 473 -6.02 -18.17 -53.76
N PRO C 474 -7.07 -17.85 -54.51
CA PRO C 474 -8.25 -17.23 -53.87
C PRO C 474 -8.86 -18.07 -52.77
N THR C 475 -8.89 -19.39 -52.94
CA THR C 475 -9.51 -20.25 -51.93
C THR C 475 -8.70 -20.29 -50.65
N LEU C 476 -7.36 -20.29 -50.76
CA LEU C 476 -6.53 -20.28 -49.57
C LEU C 476 -6.69 -18.97 -48.79
N ILE C 477 -6.75 -17.84 -49.50
CA ILE C 477 -6.91 -16.56 -48.82
C ILE C 477 -8.27 -16.47 -48.14
N ALA C 478 -9.31 -16.99 -48.79
CA ALA C 478 -10.64 -16.95 -48.20
C ALA C 478 -10.69 -17.73 -46.90
N GLU C 479 -10.08 -18.92 -46.87
CA GLU C 479 -10.07 -19.72 -45.67
C GLU C 479 -9.31 -19.02 -44.54
N ALA C 480 -8.20 -18.35 -44.87
CA ALA C 480 -7.45 -17.64 -43.85
C ALA C 480 -8.27 -16.50 -43.25
N LEU C 481 -8.99 -15.76 -44.09
CA LEU C 481 -9.84 -14.68 -43.58
C LEU C 481 -10.99 -15.22 -42.74
N PHE C 482 -11.57 -16.35 -43.15
CA PHE C 482 -12.65 -16.94 -42.37
C PHE C 482 -12.18 -17.34 -40.98
N ALA C 483 -10.99 -17.94 -40.89
CA ALA C 483 -10.48 -18.39 -39.60
C ALA C 483 -10.19 -17.20 -38.68
N ILE C 484 -9.65 -16.11 -39.24
CA ILE C 484 -9.37 -14.93 -38.43
C ILE C 484 -10.66 -14.37 -37.85
N SER C 485 -11.74 -14.36 -38.63
CA SER C 485 -13.01 -13.84 -38.14
C SER C 485 -13.55 -14.68 -37.00
N ASN C 486 -13.41 -16.01 -37.08
CA ASN C 486 -13.96 -16.87 -36.04
C ASN C 486 -13.36 -16.57 -34.68
N ILE C 487 -12.10 -16.18 -34.63
CA ILE C 487 -11.50 -15.76 -33.36
C ILE C 487 -12.18 -14.50 -32.85
N LEU C 488 -12.43 -13.54 -33.73
CA LEU C 488 -13.06 -12.29 -33.32
C LEU C 488 -14.48 -12.53 -32.81
N SER C 489 -15.24 -13.40 -33.48
CA SER C 489 -16.61 -13.64 -33.07
C SER C 489 -16.69 -14.20 -31.66
N SER C 490 -15.81 -15.14 -31.32
CA SER C 490 -15.85 -15.72 -29.99
C SER C 490 -15.32 -14.77 -28.93
N LEU C 491 -14.37 -13.91 -29.29
CA LEU C 491 -13.85 -12.95 -28.32
C LEU C 491 -14.90 -11.93 -27.93
N ARG C 492 -15.89 -11.68 -28.80
CA ARG C 492 -16.96 -10.74 -28.48
C ARG C 492 -17.78 -11.22 -27.30
N LEU C 493 -17.80 -12.53 -27.05
CA LEU C 493 -18.58 -13.06 -25.93
C LEU C 493 -18.14 -12.50 -24.59
N ILE C 494 -16.90 -11.98 -24.50
CA ILE C 494 -16.41 -11.47 -23.22
C ILE C 494 -17.22 -10.25 -22.78
N SER C 495 -17.66 -9.42 -23.72
CA SER C 495 -18.40 -8.22 -23.36
C SER C 495 -19.70 -8.55 -22.64
N LEU C 496 -20.20 -9.78 -22.76
CA LEU C 496 -21.38 -10.19 -22.01
C LEU C 496 -21.11 -10.31 -20.52
N PHE C 497 -19.85 -10.26 -20.10
CA PHE C 497 -19.53 -10.36 -18.68
C PHE C 497 -20.14 -9.22 -17.87
N THR C 498 -20.42 -8.09 -18.50
CA THR C 498 -20.93 -6.93 -17.79
C THR C 498 -22.28 -7.21 -17.13
N ALA C 499 -23.05 -8.15 -17.67
CA ALA C 499 -24.36 -8.46 -17.09
C ALA C 499 -24.28 -9.24 -15.79
N ASN C 500 -23.12 -9.77 -15.44
CA ASN C 500 -22.96 -10.63 -14.28
C ASN C 500 -22.29 -9.86 -13.15
N SER C 501 -22.87 -9.95 -11.95
CA SER C 501 -22.33 -9.24 -10.81
C SER C 501 -20.99 -9.78 -10.37
N HIS C 502 -20.65 -11.01 -10.74
CA HIS C 502 -19.41 -11.63 -10.30
C HIS C 502 -18.25 -11.39 -11.27
N LEU C 503 -18.52 -11.30 -12.57
CA LEU C 503 -17.49 -11.15 -13.57
C LEU C 503 -17.45 -9.76 -14.21
N GLY C 504 -18.49 -8.95 -14.01
CA GLY C 504 -18.52 -7.62 -14.56
C GLY C 504 -17.44 -6.71 -13.98
N PRO C 505 -17.35 -6.65 -12.66
CA PRO C 505 -16.30 -5.82 -12.06
C PRO C 505 -14.90 -6.19 -12.50
N LEU C 506 -14.63 -7.50 -12.64
CA LEU C 506 -13.32 -7.92 -13.11
C LEU C 506 -13.08 -7.51 -14.55
N GLN C 507 -14.10 -7.68 -15.41
CA GLN C 507 -13.93 -7.36 -16.82
C GLN C 507 -13.67 -5.88 -17.02
N ILE C 508 -14.35 -5.02 -16.26
CA ILE C 508 -14.12 -3.58 -16.38
C ILE C 508 -12.74 -3.23 -15.84
N SER C 509 -12.33 -3.84 -14.74
CA SER C 509 -11.03 -3.57 -14.17
C SER C 509 -9.91 -4.00 -15.11
N LEU C 510 -10.07 -5.16 -15.76
CA LEU C 510 -9.05 -5.64 -16.69
C LEU C 510 -8.93 -4.72 -17.90
N GLY C 511 -10.05 -4.24 -18.42
CA GLY C 511 -10.00 -3.33 -19.56
C GLY C 511 -9.30 -2.03 -19.24
N ARG C 512 -9.46 -1.54 -18.02
CA ARG C 512 -8.80 -0.29 -17.64
C ARG C 512 -7.29 -0.45 -17.57
N MET C 513 -6.81 -1.60 -17.09
CA MET C 513 -5.38 -1.85 -17.06
C MET C 513 -4.77 -1.91 -18.46
N LEU C 514 -5.58 -2.19 -19.48
CA LEU C 514 -5.06 -2.27 -20.83
C LEU C 514 -4.49 -0.94 -21.30
N LEU C 515 -5.05 0.18 -20.81
CA LEU C 515 -4.59 1.49 -21.27
C LEU C 515 -3.13 1.72 -20.90
N ASP C 516 -2.72 1.32 -19.70
CA ASP C 516 -1.34 1.50 -19.28
C ASP C 516 -0.39 0.50 -19.91
N ILE C 517 -0.92 -0.60 -20.46
CA ILE C 517 -0.06 -1.53 -21.19
C ILE C 517 0.36 -0.92 -22.51
N LEU C 518 -0.50 -0.10 -23.13
CA LEU C 518 -0.15 0.51 -24.41
C LEU C 518 0.99 1.52 -24.27
N LYS C 519 1.08 2.18 -23.12
CA LYS C 519 2.21 3.08 -22.89
C LYS C 519 3.53 2.33 -22.94
N PHE C 520 3.59 1.18 -22.27
CA PHE C 520 4.80 0.36 -22.30
C PHE C 520 5.09 -0.16 -23.70
N LEU C 521 4.09 -0.24 -24.57
CA LEU C 521 4.31 -0.74 -25.92
C LEU C 521 5.18 0.20 -26.74
N PHE C 522 5.10 1.50 -26.49
CA PHE C 522 5.96 2.44 -27.21
C PHE C 522 7.43 2.19 -26.91
N ILE C 523 7.76 1.97 -25.64
CA ILE C 523 9.16 1.72 -25.27
C ILE C 523 9.64 0.42 -25.88
N TYR C 524 8.82 -0.63 -25.82
CA TYR C 524 9.25 -1.93 -26.34
C TYR C 524 9.48 -1.85 -27.85
N CYS C 525 8.62 -1.14 -28.58
CA CYS C 525 8.80 -1.01 -30.01
C CYS C 525 10.15 -0.38 -30.34
N LEU C 526 10.52 0.67 -29.62
CA LEU C 526 11.80 1.32 -29.87
C LEU C 526 12.97 0.35 -29.64
N VAL C 527 12.91 -0.40 -28.54
CA VAL C 527 13.98 -1.35 -28.23
C VAL C 527 14.03 -2.46 -29.28
N LEU C 528 12.87 -2.99 -29.66
CA LEU C 528 12.83 -4.07 -30.64
C LEU C 528 13.39 -3.62 -31.99
N LEU C 529 13.02 -2.42 -32.43
CA LEU C 529 13.51 -1.91 -33.71
C LEU C 529 14.99 -1.55 -33.63
N ALA C 530 15.45 -1.07 -32.48
CA ALA C 530 16.86 -0.70 -32.34
C ALA C 530 17.76 -1.92 -32.47
N PHE C 531 17.40 -3.02 -31.79
CA PHE C 531 18.23 -4.22 -31.83
C PHE C 531 18.06 -4.99 -33.14
N ALA C 532 16.87 -4.95 -33.73
CA ALA C 532 16.67 -5.62 -35.01
C ALA C 532 17.56 -5.01 -36.08
N ASN C 533 17.70 -3.69 -36.08
CA ASN C 533 18.57 -3.03 -37.05
C ASN C 533 20.01 -3.50 -36.90
N GLY C 534 20.50 -3.56 -35.66
CA GLY C 534 21.88 -3.97 -35.45
C GLY C 534 22.15 -5.41 -35.83
N LEU C 535 21.26 -6.31 -35.41
CA LEU C 535 21.47 -7.73 -35.70
C LEU C 535 21.38 -8.01 -37.19
N ASN C 536 20.45 -7.37 -37.90
CA ASN C 536 20.35 -7.57 -39.34
C ASN C 536 21.57 -7.01 -40.05
N GLN C 537 22.08 -5.86 -39.60
CA GLN C 537 23.25 -5.26 -40.21
C GLN C 537 24.46 -6.19 -40.11
N LEU C 538 24.56 -6.95 -39.02
CA LEU C 538 25.70 -7.83 -38.82
C LEU C 538 25.60 -9.11 -39.64
N TYR C 539 24.40 -9.65 -39.80
CA TYR C 539 24.21 -11.01 -40.29
C TYR C 539 23.72 -11.10 -41.73
N PHE C 540 23.49 -9.97 -42.41
CA PHE C 540 22.90 -10.05 -43.74
C PHE C 540 23.89 -10.53 -44.80
N TYR C 541 25.18 -10.49 -44.52
CA TYR C 541 26.16 -10.97 -45.50
C TYR C 541 26.10 -12.47 -45.67
N TYR C 542 25.65 -13.21 -44.65
CA TYR C 542 25.74 -14.65 -44.61
C TYR C 542 24.40 -15.33 -44.93
N GLU C 543 23.54 -14.66 -45.69
CA GLU C 543 22.28 -15.26 -46.08
C GLU C 543 22.51 -16.44 -47.02
N THR C 544 21.69 -17.47 -46.88
CA THR C 544 21.81 -18.67 -47.69
C THR C 544 20.49 -18.95 -48.40
N ARG C 545 20.54 -19.89 -49.33
CA ARG C 545 19.36 -20.29 -50.08
C ARG C 545 18.66 -21.45 -49.38
N ALA C 546 17.33 -21.49 -49.53
CA ALA C 546 16.57 -22.61 -48.98
C ALA C 546 17.00 -23.93 -49.59
N ILE C 547 17.48 -23.91 -50.83
CA ILE C 547 17.92 -25.13 -51.48
C ILE C 547 19.12 -25.75 -50.78
N ASP C 548 19.91 -24.96 -50.05
CA ASP C 548 21.07 -25.46 -49.33
C ASP C 548 20.75 -25.91 -47.91
N GLU C 549 19.52 -25.72 -47.46
CA GLU C 549 19.14 -26.08 -46.11
C GLU C 549 18.71 -27.55 -46.06
N PRO C 550 18.76 -28.17 -44.87
CA PRO C 550 18.57 -29.63 -44.80
C PRO C 550 17.29 -30.14 -45.42
N ASN C 551 16.17 -29.43 -45.24
CA ASN C 551 14.89 -29.90 -45.75
C ASN C 551 14.32 -28.97 -46.81
N ASN C 552 15.17 -28.21 -47.49
CA ASN C 552 14.71 -27.18 -48.42
C ASN C 552 13.83 -26.16 -47.73
N CYS C 553 14.11 -25.91 -46.44
CA CYS C 553 13.33 -25.02 -45.60
C CYS C 553 14.21 -23.89 -45.13
N LYS C 554 13.70 -22.67 -45.23
CA LYS C 554 14.45 -21.47 -44.87
C LYS C 554 13.64 -20.64 -43.90
N GLY C 555 14.25 -20.25 -42.79
CA GLY C 555 13.62 -19.41 -41.79
C GLY C 555 13.66 -20.03 -40.41
N ILE C 556 12.87 -19.45 -39.51
CA ILE C 556 12.86 -19.86 -38.11
C ILE C 556 11.68 -20.76 -37.77
N ARG C 557 10.82 -21.05 -38.74
CA ARG C 557 9.72 -21.99 -38.54
C ARG C 557 10.08 -23.39 -39.01
N CYS C 558 11.33 -23.62 -39.40
CA CYS C 558 11.79 -24.93 -39.80
C CYS C 558 12.18 -25.76 -38.58
N GLU C 559 12.32 -27.07 -38.79
CA GLU C 559 12.72 -27.96 -37.71
C GLU C 559 14.10 -27.58 -37.18
N LYS C 560 15.03 -27.28 -38.08
CA LYS C 560 16.34 -26.75 -37.73
C LYS C 560 16.35 -25.28 -38.15
N GLN C 561 16.22 -24.39 -37.18
CA GLN C 561 16.08 -22.97 -37.48
C GLN C 561 17.35 -22.42 -38.13
N ASN C 562 17.16 -21.50 -39.06
CA ASN C 562 18.27 -20.91 -39.81
C ASN C 562 17.83 -19.57 -40.36
N ASN C 563 18.81 -18.78 -40.79
CA ASN C 563 18.55 -17.50 -41.44
C ASN C 563 17.67 -16.61 -40.55
N ALA C 564 17.98 -16.59 -39.25
CA ALA C 564 17.15 -15.84 -38.31
C ALA C 564 17.33 -14.33 -38.47
N PHE C 565 18.48 -13.89 -38.95
CA PHE C 565 18.76 -12.46 -39.05
C PHE C 565 19.20 -12.07 -40.46
N SER C 566 18.72 -12.78 -41.47
CA SER C 566 19.14 -12.50 -42.83
C SER C 566 18.46 -11.26 -43.41
N THR C 567 17.21 -11.01 -43.02
CA THR C 567 16.47 -9.85 -43.50
C THR C 567 15.83 -9.13 -42.31
N LEU C 568 15.36 -7.91 -42.56
CA LEU C 568 14.76 -7.12 -41.49
C LEU C 568 13.41 -7.71 -41.07
N PHE C 569 12.65 -8.24 -42.04
CA PHE C 569 11.37 -8.86 -41.70
C PHE C 569 11.58 -10.11 -40.85
N GLU C 570 12.57 -10.94 -41.19
CA GLU C 570 12.85 -12.13 -40.41
C GLU C 570 13.42 -11.78 -39.05
N THR C 571 14.28 -10.77 -38.98
CA THR C 571 14.89 -10.40 -37.71
C THR C 571 13.85 -9.95 -36.70
N LEU C 572 12.86 -9.18 -37.15
CA LEU C 572 11.83 -8.71 -36.23
C LEU C 572 11.04 -9.87 -35.64
N GLN C 573 10.76 -10.89 -36.45
CA GLN C 573 10.05 -12.07 -35.95
C GLN C 573 10.90 -12.85 -34.96
N SER C 574 12.20 -12.97 -35.23
CA SER C 574 13.07 -13.74 -34.35
C SER C 574 13.14 -13.11 -32.96
N LEU C 575 13.24 -11.78 -32.89
CA LEU C 575 13.30 -11.12 -31.60
C LEU C 575 11.97 -11.21 -30.85
N PHE C 576 10.86 -11.27 -31.59
CA PHE C 576 9.57 -11.46 -30.95
C PHE C 576 9.45 -12.87 -30.36
N TRP C 577 9.87 -13.88 -31.11
CA TRP C 577 9.71 -15.26 -30.66
C TRP C 577 10.66 -15.61 -29.53
N SER C 578 11.72 -14.83 -29.33
CA SER C 578 12.62 -15.07 -28.21
C SER C 578 12.07 -14.56 -26.89
N VAL C 579 11.04 -13.73 -26.92
CA VAL C 579 10.39 -13.32 -25.67
C VAL C 579 9.74 -14.52 -25.00
N PHE C 580 9.36 -15.53 -25.77
CA PHE C 580 8.72 -16.73 -25.25
C PHE C 580 9.65 -17.93 -25.23
N GLY C 581 10.94 -17.73 -25.51
CA GLY C 581 11.90 -18.81 -25.45
C GLY C 581 11.85 -19.80 -26.58
N LEU C 582 11.30 -19.42 -27.73
CA LEU C 582 11.10 -20.34 -28.83
C LEU C 582 12.14 -20.19 -29.93
N LEU C 583 13.19 -19.42 -29.71
CA LEU C 583 14.30 -19.27 -30.65
C LEU C 583 15.54 -19.91 -30.04
N ASN C 584 16.10 -20.89 -30.75
CA ASN C 584 17.25 -21.62 -30.24
C ASN C 584 18.52 -20.78 -30.36
N LEU C 585 19.51 -21.15 -29.55
CA LEU C 585 20.73 -20.36 -29.45
C LEU C 585 21.72 -20.61 -30.57
N TYR C 586 21.52 -21.64 -31.39
CA TYR C 586 22.46 -21.93 -32.46
C TYR C 586 22.20 -21.09 -33.70
N VAL C 587 21.17 -20.25 -33.70
CA VAL C 587 20.92 -19.36 -34.82
C VAL C 587 21.91 -18.22 -34.90
N THR C 588 22.81 -18.11 -33.94
CA THR C 588 23.82 -17.05 -33.91
C THR C 588 25.11 -17.47 -34.61
N ASN C 589 25.14 -18.65 -35.21
CA ASN C 589 26.31 -19.16 -35.91
C ASN C 589 26.16 -18.96 -37.42
N VAL C 590 27.30 -18.98 -38.10
CA VAL C 590 27.35 -18.82 -39.55
C VAL C 590 28.20 -19.95 -40.13
N LYS C 591 28.02 -20.19 -41.43
CA LYS C 591 28.70 -21.31 -42.06
C LYS C 591 30.21 -21.16 -41.98
N ALA C 592 30.73 -20.01 -42.40
CA ALA C 592 32.14 -19.70 -42.20
C ALA C 592 32.31 -19.28 -40.75
N ARG C 593 32.98 -20.11 -39.95
CA ARG C 593 32.95 -19.90 -38.52
C ARG C 593 33.81 -18.72 -38.12
N HIS C 594 33.33 -17.51 -38.42
CA HIS C 594 33.99 -16.28 -38.00
C HIS C 594 33.68 -16.08 -36.52
N GLU C 595 34.63 -16.45 -35.66
CA GLU C 595 34.36 -16.47 -34.23
C GLU C 595 34.03 -15.09 -33.69
N PHE C 596 34.79 -14.06 -34.10
CA PHE C 596 34.52 -12.72 -33.58
C PHE C 596 33.15 -12.22 -34.02
N THR C 597 32.79 -12.44 -35.27
CA THR C 597 31.48 -12.02 -35.74
C THR C 597 30.37 -12.75 -34.98
N GLU C 598 30.54 -14.04 -34.75
CA GLU C 598 29.53 -14.81 -34.03
C GLU C 598 29.40 -14.35 -32.58
N PHE C 599 30.53 -14.04 -31.93
CA PHE C 599 30.49 -13.61 -30.55
C PHE C 599 29.76 -12.27 -30.40
N VAL C 600 30.00 -11.34 -31.32
CA VAL C 600 29.35 -10.04 -31.22
C VAL C 600 27.85 -10.16 -31.41
N GLY C 601 27.43 -10.95 -32.40
CA GLY C 601 26.00 -11.16 -32.60
C GLY C 601 25.34 -11.88 -31.46
N ALA C 602 26.04 -12.84 -30.85
CA ALA C 602 25.49 -13.53 -29.69
C ALA C 602 25.38 -12.61 -28.48
N THR C 603 26.29 -11.65 -28.34
CA THR C 603 26.19 -10.66 -27.29
C THR C 603 25.13 -9.61 -27.60
N MET C 604 24.93 -9.30 -28.87
CA MET C 604 23.80 -8.46 -29.27
C MET C 604 22.49 -9.12 -28.85
N PHE C 605 22.34 -10.40 -29.14
CA PHE C 605 21.12 -11.13 -28.80
C PHE C 605 20.95 -11.27 -27.29
N GLY C 606 22.06 -11.50 -26.58
CA GLY C 606 21.98 -11.64 -25.14
C GLY C 606 21.61 -10.34 -24.44
N THR C 607 22.14 -9.22 -24.91
CA THR C 607 21.81 -7.93 -24.32
C THR C 607 20.33 -7.59 -24.51
N TYR C 608 19.78 -7.96 -25.66
CA TYR C 608 18.36 -7.74 -25.90
C TYR C 608 17.50 -8.54 -24.92
N ASN C 609 17.92 -9.77 -24.62
CA ASN C 609 17.16 -10.59 -23.68
C ASN C 609 17.12 -9.96 -22.29
N VAL C 610 18.24 -9.40 -21.84
CA VAL C 610 18.29 -8.78 -20.52
C VAL C 610 17.37 -7.56 -20.47
N ILE C 611 17.41 -6.73 -21.50
CA ILE C 611 16.62 -5.50 -21.50
C ILE C 611 15.13 -5.81 -21.57
N SER C 612 14.75 -6.93 -22.19
CA SER C 612 13.35 -7.25 -22.40
C SER C 612 12.76 -8.07 -21.26
N LEU C 613 13.37 -9.23 -20.97
CA LEU C 613 12.79 -10.19 -20.04
C LEU C 613 13.26 -10.00 -18.61
N VAL C 614 14.20 -9.11 -18.34
CA VAL C 614 14.70 -8.92 -16.99
C VAL C 614 14.39 -7.52 -16.50
N VAL C 615 14.29 -6.56 -17.41
CA VAL C 615 14.08 -5.16 -17.08
C VAL C 615 12.71 -4.67 -17.52
N LEU C 616 12.44 -4.68 -18.83
CA LEU C 616 11.19 -4.13 -19.33
C LEU C 616 9.99 -4.91 -18.83
N LEU C 617 10.07 -6.24 -18.85
CA LEU C 617 8.93 -7.05 -18.46
C LEU C 617 8.63 -6.93 -16.97
N ASN C 618 9.65 -6.76 -16.14
CA ASN C 618 9.44 -6.61 -14.71
C ASN C 618 8.91 -5.23 -14.35
N MET C 619 9.29 -4.20 -15.11
CA MET C 619 8.71 -2.88 -14.90
C MET C 619 7.23 -2.88 -15.19
N LEU C 620 6.80 -3.63 -16.20
CA LEU C 620 5.38 -3.70 -16.53
C LEU C 620 4.58 -4.31 -15.39
N ILE C 621 5.13 -5.31 -14.71
CA ILE C 621 4.46 -5.88 -13.56
C ILE C 621 4.29 -4.83 -12.46
N ALA C 622 5.34 -4.06 -12.20
CA ALA C 622 5.25 -3.02 -11.19
C ALA C 622 4.24 -1.96 -11.58
N MET C 623 4.23 -1.56 -12.86
CA MET C 623 3.27 -0.58 -13.32
C MET C 623 1.84 -1.11 -13.25
N MET C 624 1.64 -2.36 -13.66
CA MET C 624 0.31 -2.96 -13.57
C MET C 624 -0.13 -3.11 -12.12
N ASN C 625 0.80 -3.46 -11.23
CA ASN C 625 0.44 -3.63 -9.83
C ASN C 625 -0.07 -2.33 -9.24
N ASN C 626 0.55 -1.20 -9.61
CA ASN C 626 0.11 0.10 -9.11
C ASN C 626 -1.29 0.44 -9.61
N SER C 627 -1.53 0.25 -10.91
CA SER C 627 -2.80 0.65 -11.49
C SER C 627 -3.96 -0.13 -10.90
N TYR C 628 -3.78 -1.44 -10.69
CA TYR C 628 -4.88 -2.26 -10.17
C TYR C 628 -5.31 -1.77 -8.80
N GLN C 629 -4.35 -1.36 -7.96
CA GLN C 629 -4.70 -0.89 -6.63
C GLN C 629 -5.57 0.37 -6.69
N LEU C 630 -5.24 1.30 -7.59
CA LEU C 630 -6.03 2.52 -7.71
C LEU C 630 -7.37 2.25 -8.38
N ILE C 631 -7.39 1.35 -9.37
CA ILE C 631 -8.62 1.06 -10.10
C ILE C 631 -9.68 0.49 -9.18
N ALA C 632 -9.28 -0.41 -8.28
CA ALA C 632 -10.23 -1.16 -7.48
C ALA C 632 -11.09 -0.29 -6.58
N ASP C 633 -10.70 0.96 -6.33
CA ASP C 633 -11.50 1.82 -5.47
C ASP C 633 -12.80 2.25 -6.15
N HIS C 634 -12.75 2.49 -7.46
CA HIS C 634 -13.92 2.90 -8.22
C HIS C 634 -14.52 1.78 -9.03
N ALA C 635 -14.15 0.53 -8.76
CA ALA C 635 -14.60 -0.58 -9.59
C ALA C 635 -16.12 -0.73 -9.55
N ASP C 636 -16.71 -0.62 -8.36
CA ASP C 636 -18.15 -0.84 -8.23
C ASP C 636 -18.94 0.21 -8.98
N ILE C 637 -18.58 1.49 -8.80
CA ILE C 637 -19.28 2.56 -9.52
C ILE C 637 -19.03 2.43 -11.01
N GLU C 638 -17.84 2.01 -11.40
CA GLU C 638 -17.51 1.88 -12.81
C GLU C 638 -18.29 0.77 -13.48
N TRP C 639 -18.39 -0.40 -12.82
CA TRP C 639 -19.12 -1.51 -13.41
C TRP C 639 -20.61 -1.17 -13.53
N LYS C 640 -21.18 -0.56 -12.49
CA LYS C 640 -22.61 -0.24 -12.51
C LYS C 640 -22.95 0.73 -13.63
N PHE C 641 -22.02 1.63 -13.97
CA PHE C 641 -22.26 2.55 -15.08
C PHE C 641 -22.26 1.82 -16.41
N ALA C 642 -21.44 0.78 -16.54
CA ALA C 642 -21.43 0.00 -17.78
C ALA C 642 -22.65 -0.90 -17.88
N ARG C 643 -23.09 -1.49 -16.76
CA ARG C 643 -24.27 -2.33 -16.79
C ARG C 643 -25.52 -1.53 -17.12
N THR C 644 -25.59 -0.27 -16.68
CA THR C 644 -26.75 0.55 -16.99
C THR C 644 -26.86 0.81 -18.49
N LYS C 645 -25.72 1.03 -19.16
CA LYS C 645 -25.75 1.21 -20.60
C LYS C 645 -26.22 -0.05 -21.31
N LEU C 646 -25.76 -1.21 -20.86
CA LEU C 646 -26.23 -2.47 -21.43
C LEU C 646 -27.73 -2.62 -21.24
N TRP C 647 -28.21 -2.33 -20.03
CA TRP C 647 -29.65 -2.48 -19.77
C TRP C 647 -30.47 -1.54 -20.64
N MET C 648 -30.02 -0.30 -20.79
CA MET C 648 -30.79 0.68 -21.56
C MET C 648 -30.88 0.31 -23.03
N SER C 649 -29.91 -0.44 -23.55
CA SER C 649 -29.91 -0.77 -24.97
C SER C 649 -31.04 -1.72 -25.33
N TYR C 650 -31.61 -2.45 -24.37
CA TYR C 650 -32.70 -3.37 -24.62
C TYR C 650 -34.06 -2.79 -24.25
N PHE C 651 -34.11 -1.55 -23.76
CA PHE C 651 -35.39 -0.93 -23.43
C PHE C 651 -36.14 -0.47 -24.67
N ASP C 652 -35.43 -0.23 -25.77
CA ASP C 652 -36.04 0.38 -26.94
C ASP C 652 -36.84 -0.64 -27.75
N GLU C 653 -37.79 -0.12 -28.53
CA GLU C 653 -38.61 -0.96 -29.38
C GLU C 653 -37.80 -1.56 -30.52
N GLY C 654 -36.92 -0.78 -31.12
CA GLY C 654 -36.18 -1.25 -32.29
C GLY C 654 -35.17 -2.31 -31.93
N GLY C 655 -34.89 -3.18 -32.89
CA GLY C 655 -33.92 -4.24 -32.68
C GLY C 655 -34.40 -5.37 -31.81
N THR C 656 -35.71 -5.55 -31.68
CA THR C 656 -36.23 -6.62 -30.82
C THR C 656 -35.80 -7.99 -31.32
N LEU C 657 -35.88 -8.23 -32.63
CA LEU C 657 -35.55 -9.54 -33.16
C LEU C 657 -34.03 -9.70 -33.24
N PRO C 658 -33.52 -10.91 -33.02
CA PRO C 658 -32.09 -11.16 -33.18
C PRO C 658 -31.71 -11.17 -34.65
N PRO C 659 -30.43 -11.39 -34.97
CA PRO C 659 -29.96 -11.29 -36.35
C PRO C 659 -30.72 -12.20 -37.29
N PRO C 660 -30.73 -13.52 -37.01
CA PRO C 660 -31.25 -14.46 -38.02
C PRO C 660 -32.69 -14.23 -38.41
N PHE C 661 -33.46 -13.46 -37.63
CA PHE C 661 -34.87 -13.23 -37.91
C PHE C 661 -35.14 -11.85 -38.50
N ASN C 662 -34.11 -11.11 -38.90
CA ASN C 662 -34.29 -9.83 -39.56
C ASN C 662 -34.70 -10.09 -41.01
N ILE C 663 -36.01 -10.26 -41.21
CA ILE C 663 -36.57 -10.60 -42.51
C ILE C 663 -37.68 -9.60 -42.84
N ILE C 664 -38.33 -9.84 -43.98
CA ILE C 664 -39.39 -8.96 -44.46
C ILE C 664 -40.59 -9.04 -43.52
N PRO C 665 -41.38 -7.98 -43.39
CA PRO C 665 -42.55 -8.03 -42.51
C PRO C 665 -43.53 -9.11 -42.97
N SER C 666 -44.15 -9.78 -42.00
CA SER C 666 -45.11 -10.84 -42.28
C SER C 666 -44.51 -11.92 -43.16
N SER C 706 -47.04 19.69 -20.73
CA SER C 706 -45.65 20.08 -20.61
C SER C 706 -45.48 21.13 -19.51
N LEU C 707 -46.41 22.09 -19.46
CA LEU C 707 -46.40 23.06 -18.37
C LEU C 707 -46.62 22.37 -17.04
N ILE C 708 -47.52 21.38 -17.00
CA ILE C 708 -47.74 20.61 -15.78
C ILE C 708 -46.47 19.86 -15.39
N GLN C 709 -45.80 19.26 -16.38
CA GLN C 709 -44.58 18.51 -16.10
C GLN C 709 -43.53 19.39 -15.43
N ASN C 710 -43.49 20.68 -15.78
CA ASN C 710 -42.51 21.58 -15.16
C ASN C 710 -42.93 21.98 -13.76
N GLN C 711 -44.24 22.15 -13.52
CA GLN C 711 -44.69 22.51 -12.18
C GLN C 711 -44.34 21.44 -11.17
N HIS C 712 -44.54 20.17 -11.53
CA HIS C 712 -44.21 19.09 -10.61
C HIS C 712 -42.71 19.00 -10.37
N TYR C 713 -41.90 19.20 -11.42
CA TYR C 713 -40.46 19.13 -11.26
C TYR C 713 -39.96 20.22 -10.31
N GLN C 714 -40.47 21.44 -10.46
CA GLN C 714 -40.06 22.52 -9.59
C GLN C 714 -40.49 22.26 -8.14
N GLU C 715 -41.68 21.69 -7.96
CA GLU C 715 -42.16 21.41 -6.60
C GLU C 715 -41.25 20.41 -5.90
N VAL C 716 -40.84 19.35 -6.60
CA VAL C 716 -39.94 18.38 -6.00
C VAL C 716 -38.55 18.97 -5.80
N ILE C 717 -38.10 19.79 -6.75
CA ILE C 717 -36.78 20.39 -6.63
C ILE C 717 -36.72 21.33 -5.43
N ARG C 718 -37.81 22.01 -5.13
CA ARG C 718 -37.84 22.90 -3.97
C ARG C 718 -37.61 22.13 -2.68
N ASN C 719 -38.23 20.96 -2.56
CA ASN C 719 -38.08 20.17 -1.34
C ASN C 719 -36.70 19.52 -1.26
N LEU C 720 -36.16 19.08 -2.40
CA LEU C 720 -34.81 18.51 -2.39
C LEU C 720 -33.78 19.52 -1.93
N VAL C 721 -33.89 20.76 -2.41
CA VAL C 721 -32.91 21.78 -2.03
C VAL C 721 -33.03 22.08 -0.54
N LYS C 722 -34.26 22.19 -0.03
CA LYS C 722 -34.45 22.51 1.38
C LYS C 722 -33.85 21.43 2.27
N ARG C 723 -34.06 20.16 1.93
CA ARG C 723 -33.48 19.09 2.73
C ARG C 723 -31.96 19.11 2.67
N TYR C 724 -31.41 19.36 1.48
CA TYR C 724 -29.96 19.35 1.33
C TYR C 724 -29.31 20.45 2.16
N VAL C 725 -29.89 21.65 2.15
CA VAL C 725 -29.30 22.77 2.87
C VAL C 725 -29.26 22.49 4.37
N ALA C 726 -30.36 21.95 4.91
CA ALA C 726 -30.37 21.61 6.33
C ALA C 726 -29.35 20.53 6.67
N ALA C 727 -29.25 19.50 5.82
CA ALA C 727 -28.34 18.40 6.12
C ALA C 727 -26.89 18.85 6.13
N MET C 728 -26.48 19.65 5.14
CA MET C 728 -25.10 20.11 5.08
C MET C 728 -24.77 21.01 6.27
N ILE C 729 -25.69 21.89 6.63
CA ILE C 729 -25.47 22.76 7.79
C ILE C 729 -25.26 21.92 9.04
N ARG C 730 -26.11 20.92 9.25
CA ARG C 730 -25.94 20.02 10.38
C ARG C 730 -24.62 19.27 10.29
N ASN C 731 -24.27 18.79 9.10
CA ASN C 731 -23.01 18.08 8.93
C ASN C 731 -21.82 19.01 9.16
N SER C 732 -21.92 20.26 8.72
CA SER C 732 -20.79 21.18 8.84
C SER C 732 -20.44 21.42 10.31
N LYS C 733 -21.45 21.63 11.15
CA LYS C 733 -21.21 21.89 12.57
C LYS C 733 -21.34 20.58 13.34
N THR C 734 -20.37 19.70 13.11
CA THR C 734 -20.33 18.39 13.77
C THR C 734 -19.16 17.56 13.26
N THR C 739 -9.94 24.86 17.00
CA THR C 739 -8.76 25.48 16.40
C THR C 739 -8.27 26.67 17.22
N GLU C 740 -7.10 27.18 16.87
CA GLU C 740 -6.57 28.34 17.58
C GLU C 740 -7.47 29.56 17.40
N GLU C 741 -7.98 29.76 16.18
CA GLU C 741 -8.88 30.89 15.95
C GLU C 741 -10.13 30.79 16.80
N ASN C 742 -10.70 29.58 16.91
CA ASN C 742 -11.84 29.38 17.79
C ASN C 742 -11.46 29.64 19.25
N PHE C 743 -10.27 29.19 19.66
CA PHE C 743 -9.84 29.39 21.03
C PHE C 743 -9.70 30.87 21.36
N LYS C 744 -9.15 31.67 20.44
CA LYS C 744 -9.00 33.10 20.70
C LYS C 744 -10.35 33.77 20.89
N GLU C 745 -11.33 33.41 20.06
CA GLU C 745 -12.66 34.03 20.16
C GLU C 745 -13.30 33.73 21.50
N LEU C 746 -13.19 32.48 21.97
CA LEU C 746 -13.79 32.12 23.26
C LEU C 746 -13.13 32.90 24.39
N LYS C 747 -11.80 33.04 24.36
CA LYS C 747 -11.10 33.76 25.42
C LYS C 747 -11.52 35.23 25.45
N GLN C 748 -11.90 35.80 24.30
CA GLN C 748 -12.29 37.19 24.27
C GLN C 748 -13.56 37.44 25.09
N ASP C 749 -14.51 36.51 25.03
CA ASP C 749 -15.78 36.71 25.73
C ASP C 749 -15.57 36.87 27.23
N ILE C 750 -14.76 35.99 27.83
CA ILE C 750 -14.51 36.07 29.26
C ILE C 750 -13.75 37.35 29.60
N SER C 751 -12.73 37.68 28.80
CA SER C 751 -11.95 38.88 29.08
C SER C 751 -12.81 40.14 28.97
N SER C 752 -13.66 40.22 27.93
CA SER C 752 -14.55 41.36 27.79
C SER C 752 -15.55 41.42 28.93
N PHE C 753 -16.07 40.25 29.35
CA PHE C 753 -17.04 40.22 30.44
C PHE C 753 -16.43 40.74 31.73
N ARG C 754 -15.19 40.37 32.02
CA ARG C 754 -14.56 40.79 33.27
C ARG C 754 -14.45 42.31 33.35
N TYR C 755 -14.10 42.95 32.23
CA TYR C 755 -13.96 44.40 32.24
C TYR C 755 -15.29 45.08 32.54
N GLU C 756 -16.38 44.59 31.94
CA GLU C 756 -17.69 45.19 32.20
C GLU C 756 -18.08 45.02 33.67
N VAL C 757 -17.88 43.81 34.21
CA VAL C 757 -18.22 43.57 35.61
C VAL C 757 -17.35 44.42 36.52
N LEU C 758 -16.05 44.51 36.21
CA LEU C 758 -15.16 45.34 37.02
C LEU C 758 -15.60 46.80 36.97
N ASP C 759 -15.96 47.28 35.78
CA ASP C 759 -16.45 48.65 35.62
C ASP C 759 -17.95 48.78 35.84
N LEU C 760 -18.67 47.67 35.99
CA LEU C 760 -20.10 47.72 36.22
C LEU C 760 -20.40 48.37 37.57
N LEU C 761 -21.45 49.19 37.60
CA LEU C 761 -21.85 49.87 38.82
C LEU C 761 -22.41 48.89 39.84
N ARG D 17 6.92 -9.74 46.35
CA ARG D 17 7.07 -8.53 47.14
C ARG D 17 8.29 -7.75 46.65
N ILE D 18 8.04 -6.66 45.95
CA ILE D 18 9.07 -5.78 45.44
C ILE D 18 8.90 -4.42 46.09
N PRO D 19 9.62 -4.14 47.17
CA PRO D 19 9.50 -2.82 47.81
C PRO D 19 9.91 -1.72 46.85
N LEU D 20 9.18 -0.61 46.91
CA LEU D 20 9.43 0.54 46.05
C LEU D 20 9.74 1.74 46.93
N GLN D 21 10.84 2.43 46.64
CA GLN D 21 11.23 3.60 47.40
C GLN D 21 11.95 4.56 46.46
N ILE D 22 11.92 5.85 46.82
CA ILE D 22 12.63 6.84 46.04
C ILE D 22 14.12 6.53 46.11
N VAL D 23 14.74 6.38 44.96
CA VAL D 23 16.15 5.99 44.89
C VAL D 23 17.03 7.22 44.89
N ARG D 24 16.87 8.08 43.90
CA ARG D 24 17.65 9.31 43.79
C ARG D 24 16.92 10.39 44.57
N ALA D 25 17.14 10.39 45.88
CA ALA D 25 16.43 11.30 46.77
C ALA D 25 16.70 12.75 46.38
N GLU D 26 15.66 13.57 46.45
CA GLU D 26 15.74 14.98 46.10
C GLU D 26 15.22 15.81 47.26
N THR D 27 15.86 16.93 47.53
CA THR D 27 15.46 17.78 48.64
C THR D 27 14.00 18.18 48.50
N GLU D 28 13.24 18.02 49.57
CA GLU D 28 11.81 18.26 49.55
C GLU D 28 11.50 19.75 49.73
N LEU D 29 10.23 20.08 49.56
CA LEU D 29 9.75 21.45 49.63
C LEU D 29 8.82 21.62 50.82
N SER D 30 9.00 22.71 51.56
CA SER D 30 8.21 22.93 52.76
C SER D 30 6.75 23.21 52.41
N ALA D 31 5.89 23.03 53.41
CA ALA D 31 4.45 23.19 53.18
C ALA D 31 4.11 24.62 52.78
N GLU D 32 4.68 25.61 53.47
CA GLU D 32 4.43 27.00 53.12
C GLU D 32 4.98 27.32 51.74
N GLU D 33 6.15 26.78 51.41
CA GLU D 33 6.70 26.96 50.07
C GLU D 33 5.77 26.35 49.02
N LYS D 34 5.20 25.18 49.32
CA LYS D 34 4.28 24.55 48.38
C LYS D 34 3.06 25.43 48.14
N ALA D 35 2.53 26.05 49.20
CA ALA D 35 1.39 26.95 49.04
C ALA D 35 1.77 28.14 48.16
N PHE D 36 3.01 28.60 48.24
CA PHE D 36 3.46 29.69 47.36
C PHE D 36 3.27 29.31 45.91
N LEU D 37 3.67 28.09 45.53
CA LEU D 37 3.48 27.65 44.16
C LEU D 37 2.01 27.70 43.77
N ASN D 38 1.13 27.26 44.67
CA ASN D 38 -0.28 27.57 44.52
C ASN D 38 -0.54 29.07 44.66
N ALA D 39 0.23 29.74 45.53
CA ALA D 39 0.11 31.18 45.65
C ALA D 39 0.52 31.88 44.36
N VAL D 40 1.61 31.42 43.73
CA VAL D 40 2.00 31.95 42.43
C VAL D 40 0.89 31.71 41.42
N GLU D 41 0.34 30.50 41.40
CA GLU D 41 -0.85 30.21 40.62
C GLU D 41 -2.12 30.76 41.27
N LYS D 42 -2.04 31.21 42.52
CA LYS D 42 -3.24 31.65 43.22
C LYS D 42 -3.89 32.84 42.54
N GLY D 43 -3.10 33.80 42.08
CA GLY D 43 -3.61 35.00 41.47
C GLY D 43 -3.66 36.21 42.37
N ASP D 44 -3.22 36.09 43.62
CA ASP D 44 -3.19 37.21 44.55
C ASP D 44 -1.75 37.71 44.70
N TYR D 45 -1.64 39.02 44.96
CA TYR D 45 -0.33 39.67 45.06
C TYR D 45 0.12 39.88 46.51
N ALA D 46 -0.82 40.11 47.43
CA ALA D 46 -0.43 40.41 48.80
C ALA D 46 0.31 39.24 49.45
N THR D 47 -0.18 38.02 49.24
CA THR D 47 0.43 36.86 49.90
C THR D 47 1.89 36.72 49.52
N VAL D 48 2.20 36.85 48.23
CA VAL D 48 3.59 36.87 47.79
C VAL D 48 4.27 38.16 48.22
N LYS D 49 3.59 39.29 48.06
CA LYS D 49 4.19 40.59 48.38
C LYS D 49 4.59 40.65 49.85
N GLN D 50 3.73 40.18 50.74
CA GLN D 50 4.08 40.17 52.15
C GLN D 50 5.28 39.27 52.41
N ALA D 51 5.34 38.11 51.74
CA ALA D 51 6.47 37.20 51.93
C ALA D 51 7.76 37.86 51.50
N LEU D 52 7.77 38.50 50.33
CA LEU D 52 8.99 39.14 49.85
C LEU D 52 9.43 40.27 50.78
N GLN D 53 8.48 41.11 51.20
CA GLN D 53 8.82 42.18 52.13
C GLN D 53 9.32 41.62 53.45
N GLU D 54 8.65 40.59 53.96
CA GLU D 54 9.10 39.96 55.20
C GLU D 54 10.38 39.16 54.99
N ALA D 55 10.52 38.54 53.82
CA ALA D 55 11.69 37.69 53.56
C ALA D 55 12.98 38.51 53.58
N GLU D 56 12.92 39.77 53.17
CA GLU D 56 14.14 40.58 53.10
C GLU D 56 14.78 40.72 54.47
N ILE D 57 13.98 40.97 55.50
CA ILE D 57 14.48 41.13 56.86
C ILE D 57 14.38 39.84 57.66
N TYR D 58 13.25 39.14 57.55
CA TYR D 58 13.07 37.90 58.30
C TYR D 58 14.05 36.82 57.87
N TYR D 59 14.29 36.71 56.56
CA TYR D 59 15.12 35.65 55.99
C TYR D 59 14.48 34.27 56.14
N ASN D 60 13.18 34.23 56.45
CA ASN D 60 12.53 32.95 56.70
C ASN D 60 12.51 32.07 55.45
N VAL D 61 12.20 32.65 54.29
CA VAL D 61 12.03 31.90 53.05
C VAL D 61 12.78 32.61 51.94
N ASN D 62 13.46 31.82 51.10
CA ASN D 62 14.09 32.36 49.90
C ASN D 62 13.04 32.53 48.82
N ILE D 63 13.04 33.71 48.18
CA ILE D 63 12.00 34.02 47.21
C ILE D 63 12.03 33.03 46.05
N ASN D 64 13.23 32.74 45.53
CA ASN D 64 13.38 31.84 44.39
C ASN D 64 13.27 30.40 44.85
N CYS D 65 12.07 30.05 45.31
CA CYS D 65 11.80 28.67 45.68
C CYS D 65 11.95 27.76 44.46
N MET D 66 12.69 26.68 44.62
CA MET D 66 13.04 25.79 43.52
C MET D 66 12.23 24.51 43.65
N ASP D 67 11.16 24.40 42.85
CA ASP D 67 10.38 23.19 42.84
C ASP D 67 11.21 22.04 42.26
N PRO D 68 10.90 20.79 42.63
CA PRO D 68 11.69 19.67 42.10
C PRO D 68 11.74 19.62 40.58
N LEU D 69 10.65 19.98 39.91
CA LEU D 69 10.65 20.00 38.45
C LEU D 69 11.47 21.16 37.88
N GLY D 70 11.91 22.09 38.71
CA GLY D 70 12.72 23.20 38.25
C GLY D 70 11.97 24.44 37.85
N ARG D 71 10.67 24.51 38.12
CA ARG D 71 9.86 25.68 37.74
C ARG D 71 9.95 26.71 38.86
N SER D 72 10.94 27.59 38.75
CA SER D 72 11.16 28.63 39.74
C SER D 72 10.04 29.66 39.69
N ALA D 73 10.12 30.67 40.54
CA ALA D 73 9.03 31.63 40.70
C ALA D 73 8.66 32.26 39.36
N LEU D 74 9.66 32.71 38.60
CA LEU D 74 9.38 33.34 37.31
C LEU D 74 8.74 32.34 36.35
N LEU D 75 9.25 31.12 36.31
CA LEU D 75 8.78 30.16 35.31
C LEU D 75 7.31 29.80 35.51
N ILE D 76 6.84 29.72 36.77
CA ILE D 76 5.46 29.36 37.01
C ILE D 76 4.52 30.43 36.44
N ALA D 77 4.88 31.70 36.60
CA ALA D 77 4.06 32.77 36.04
C ALA D 77 4.02 32.71 34.52
N ILE D 78 5.16 32.45 33.89
CA ILE D 78 5.23 32.47 32.43
C ILE D 78 4.40 31.33 31.83
N GLU D 79 4.27 30.21 32.54
CA GLU D 79 3.63 29.04 31.96
C GLU D 79 2.18 29.33 31.59
N ASN D 80 1.45 30.02 32.45
CA ASN D 80 0.05 30.35 32.21
C ASN D 80 -0.14 31.67 31.49
N GLU D 81 0.94 32.37 31.15
CA GLU D 81 0.87 33.66 30.46
C GLU D 81 0.20 34.72 31.32
N ASN D 82 0.53 34.73 32.61
CA ASN D 82 -0.05 35.69 33.55
C ASN D 82 0.91 36.86 33.67
N LEU D 83 0.71 37.85 32.79
CA LEU D 83 1.56 39.04 32.82
C LEU D 83 1.39 39.81 34.13
N GLU D 84 0.16 39.95 34.60
CA GLU D 84 -0.09 40.71 35.81
C GLU D 84 0.70 40.15 36.99
N ILE D 85 0.58 38.85 37.24
CA ILE D 85 1.36 38.24 38.31
C ILE D 85 2.83 38.18 37.94
N MET D 86 3.13 37.92 36.67
CA MET D 86 4.52 37.87 36.22
C MET D 86 5.26 39.15 36.61
N GLU D 87 4.67 40.30 36.30
CA GLU D 87 5.26 41.56 36.74
C GLU D 87 5.27 41.67 38.26
N LEU D 88 4.28 41.08 38.93
CA LEU D 88 4.26 41.10 40.38
C LEU D 88 5.53 40.49 40.97
N LEU D 89 5.88 39.28 40.51
CA LEU D 89 7.11 38.66 40.99
C LEU D 89 8.35 39.34 40.42
N LEU D 90 8.24 39.93 39.23
CA LEU D 90 9.41 40.47 38.55
C LEU D 90 10.05 41.60 39.35
N ASN D 91 9.23 42.53 39.85
CA ASN D 91 9.74 43.74 40.47
C ASN D 91 10.49 43.48 41.77
N HIS D 92 10.40 42.27 42.32
CA HIS D 92 10.98 41.97 43.63
C HIS D 92 12.44 41.55 43.55
N SER D 93 13.06 41.61 42.38
CA SER D 93 14.46 41.22 42.22
C SER D 93 14.66 39.72 42.33
N VAL D 94 13.68 38.95 41.83
CA VAL D 94 13.77 37.50 41.82
C VAL D 94 14.77 37.06 40.75
N TYR D 95 15.16 35.79 40.78
CA TYR D 95 16.17 35.30 39.84
C TYR D 95 15.71 35.47 38.40
N VAL D 96 16.61 35.96 37.56
CA VAL D 96 16.30 36.27 36.17
C VAL D 96 17.14 35.41 35.24
N GLY D 97 17.45 34.19 35.67
CA GLY D 97 18.27 33.30 34.87
C GLY D 97 17.51 32.50 33.84
N ASP D 98 17.89 32.65 32.57
CA ASP D 98 17.35 31.86 31.46
C ASP D 98 15.83 31.85 31.43
N ALA D 99 15.19 32.82 32.07
CA ALA D 99 13.73 32.92 31.98
C ALA D 99 13.30 33.42 30.61
N LEU D 100 14.16 34.18 29.93
CA LEU D 100 13.82 34.69 28.61
C LEU D 100 13.60 33.55 27.62
N LEU D 101 14.45 32.51 27.68
CA LEU D 101 14.29 31.38 26.79
C LEU D 101 12.94 30.70 27.01
N TYR D 102 12.53 30.55 28.26
CA TYR D 102 11.23 29.93 28.54
C TYR D 102 10.09 30.78 27.98
N ALA D 103 10.19 32.11 28.09
CA ALA D 103 9.17 32.97 27.54
C ALA D 103 9.13 32.88 26.02
N ILE D 104 10.29 32.86 25.36
CA ILE D 104 10.33 32.82 23.91
C ILE D 104 9.70 31.54 23.40
N ARG D 105 10.01 30.41 24.02
CA ARG D 105 9.42 29.14 23.61
C ARG D 105 7.92 29.14 23.82
N LYS D 106 7.46 29.76 24.92
CA LYS D 106 6.02 29.81 25.18
C LYS D 106 5.29 30.61 24.12
N GLU D 107 5.97 31.56 23.47
CA GLU D 107 5.43 32.39 22.40
C GLU D 107 4.54 33.52 22.93
N VAL D 108 4.52 33.78 24.23
CA VAL D 108 3.75 34.88 24.78
C VAL D 108 4.54 36.16 24.55
N VAL D 109 4.10 36.98 23.59
CA VAL D 109 4.83 38.18 23.23
C VAL D 109 4.90 39.13 24.43
N GLY D 110 3.83 39.21 25.21
CA GLY D 110 3.83 40.10 26.36
C GLY D 110 4.93 39.77 27.35
N ALA D 111 5.11 38.48 27.64
CA ALA D 111 6.16 38.08 28.59
C ALA D 111 7.54 38.40 28.05
N VAL D 112 7.77 38.17 26.76
CA VAL D 112 9.08 38.41 26.18
C VAL D 112 9.41 39.89 26.20
N GLU D 113 8.46 40.73 25.77
CA GLU D 113 8.70 42.17 25.78
C GLU D 113 8.95 42.68 27.19
N LEU D 114 8.13 42.23 28.16
CA LEU D 114 8.32 42.66 29.54
C LEU D 114 9.66 42.20 30.08
N LEU D 115 10.04 40.95 29.80
CA LEU D 115 11.32 40.45 30.28
C LEU D 115 12.48 41.20 29.66
N LEU D 116 12.38 41.53 28.37
CA LEU D 116 13.45 42.27 27.70
C LEU D 116 13.66 43.65 28.30
N SER D 117 12.66 44.19 28.99
CA SER D 117 12.79 45.49 29.65
C SER D 117 13.40 45.28 31.04
N TYR D 118 14.66 44.87 31.04
CA TYR D 118 15.38 44.59 32.27
C TYR D 118 15.93 45.87 32.89
N THR D 134 25.20 23.68 38.32
CA THR D 134 24.15 22.81 37.84
C THR D 134 23.02 23.61 37.19
N GLN D 135 22.15 24.18 38.01
CA GLN D 135 21.05 25.03 37.54
C GLN D 135 20.32 24.38 36.37
N PHE D 136 19.68 23.25 36.67
CA PHE D 136 18.94 22.47 35.68
C PHE D 136 18.18 23.38 34.73
N SER D 137 18.30 23.08 33.43
CA SER D 137 17.59 23.82 32.39
C SER D 137 17.04 22.83 31.37
N GLU D 138 15.99 23.24 30.68
CA GLU D 138 15.43 22.45 29.59
C GLU D 138 16.07 22.78 28.26
N PHE D 139 17.08 23.64 28.25
CA PHE D 139 17.77 24.06 27.03
C PHE D 139 19.25 23.79 27.17
N THR D 140 19.86 23.36 26.07
CA THR D 140 21.29 23.12 26.06
C THR D 140 22.04 24.45 26.18
N PRO D 141 23.28 24.41 26.64
CA PRO D 141 24.00 25.67 26.92
C PRO D 141 24.24 26.54 25.69
N ASP D 142 24.22 25.97 24.49
CA ASP D 142 24.53 26.74 23.29
C ASP D 142 23.36 27.58 22.78
N ILE D 143 22.16 27.38 23.32
CA ILE D 143 20.99 28.08 22.82
C ILE D 143 21.02 29.53 23.26
N THR D 144 20.86 30.44 22.30
CA THR D 144 20.74 31.86 22.55
C THR D 144 19.33 32.33 22.24
N PRO D 145 18.91 33.48 22.79
CA PRO D 145 17.52 33.92 22.57
C PRO D 145 17.13 34.05 21.11
N ILE D 146 18.01 34.57 20.26
CA ILE D 146 17.66 34.71 18.84
C ILE D 146 17.54 33.34 18.18
N MET D 147 18.43 32.41 18.52
CA MET D 147 18.36 31.07 17.94
C MET D 147 17.06 30.37 18.32
N LEU D 148 16.65 30.49 19.60
CA LEU D 148 15.40 29.87 20.01
C LEU D 148 14.21 30.49 19.31
N ALA D 149 14.22 31.82 19.16
CA ALA D 149 13.12 32.49 18.47
C ALA D 149 13.00 32.01 17.03
N ALA D 150 14.14 31.85 16.36
CA ALA D 150 14.12 31.38 14.98
C ALA D 150 13.59 29.95 14.88
N HIS D 151 13.92 29.10 15.85
CA HIS D 151 13.40 27.74 15.84
C HIS D 151 11.88 27.73 15.93
N THR D 152 11.29 28.72 16.61
CA THR D 152 9.85 28.79 16.71
C THR D 152 9.20 29.33 15.43
N ASN D 153 9.90 30.17 14.69
CA ASN D 153 9.40 30.80 13.47
C ASN D 153 8.35 31.87 13.75
N ASN D 154 8.37 32.45 14.95
CA ASN D 154 7.42 33.50 15.32
C ASN D 154 7.91 34.83 14.75
N TYR D 155 7.16 35.36 13.78
CA TYR D 155 7.58 36.59 13.10
C TYR D 155 7.68 37.75 14.06
N GLU D 156 6.69 37.93 14.93
CA GLU D 156 6.68 39.09 15.82
C GLU D 156 7.83 39.03 16.82
N ILE D 157 8.08 37.88 17.42
CA ILE D 157 9.12 37.77 18.42
C ILE D 157 10.51 37.91 17.77
N ILE D 158 10.69 37.33 16.59
CA ILE D 158 11.97 37.46 15.90
C ILE D 158 12.25 38.92 15.58
N LYS D 159 11.24 39.64 15.08
CA LYS D 159 11.43 41.05 14.77
C LYS D 159 11.74 41.84 16.03
N LEU D 160 11.13 41.49 17.15
CA LEU D 160 11.38 42.20 18.40
C LEU D 160 12.84 42.08 18.81
N LEU D 161 13.41 40.88 18.71
CA LEU D 161 14.80 40.69 19.11
C LEU D 161 15.78 41.26 18.09
N VAL D 162 15.41 41.23 16.80
CA VAL D 162 16.30 41.78 15.78
C VAL D 162 16.45 43.29 15.93
N GLN D 163 15.38 43.97 16.34
CA GLN D 163 15.46 45.42 16.50
C GLN D 163 16.62 45.80 17.42
N LYS D 164 16.81 45.08 18.51
CA LYS D 164 18.02 45.19 19.30
C LYS D 164 19.11 44.35 18.65
N ARG D 165 20.31 44.93 18.51
CA ARG D 165 21.36 44.26 17.78
C ARG D 165 21.64 42.87 18.33
N VAL D 166 21.63 41.88 17.44
CA VAL D 166 21.96 40.50 17.77
C VAL D 166 22.72 39.90 16.60
N THR D 167 23.38 38.77 16.85
CA THR D 167 24.15 38.08 15.83
C THR D 167 23.94 36.58 15.97
N ILE D 168 24.35 35.85 14.93
CA ILE D 168 24.35 34.40 14.95
C ILE D 168 25.75 33.95 14.53
N PRO D 169 26.35 32.96 15.20
CA PRO D 169 27.68 32.50 14.79
C PRO D 169 27.65 31.93 13.38
N ARG D 170 28.70 32.20 12.63
CA ARG D 170 28.77 31.75 11.24
C ARG D 170 29.25 30.30 11.19
N PRO D 171 28.48 29.39 10.61
CA PRO D 171 28.95 28.00 10.49
C PRO D 171 30.18 27.91 9.59
N HIS D 172 31.09 27.03 9.96
CA HIS D 172 32.28 26.83 9.14
C HIS D 172 31.93 26.04 7.88
N GLN D 173 32.86 26.03 6.94
CA GLN D 173 32.66 25.29 5.71
C GLN D 173 32.44 23.80 6.02
N ILE D 174 31.79 23.12 5.07
CA ILE D 174 31.47 21.72 5.29
C ILE D 174 32.74 20.90 5.46
N ARG D 175 33.76 21.16 4.64
CA ARG D 175 35.03 20.46 4.69
C ARG D 175 36.11 21.49 5.05
N CYS D 176 36.39 21.61 6.35
CA CYS D 176 37.42 22.52 6.84
C CYS D 176 38.30 21.80 7.85
N ASN D 177 39.61 21.93 7.67
CA ASN D 177 40.59 21.45 8.63
C ASN D 177 41.03 22.54 9.60
N CYS D 178 40.16 23.53 9.83
CA CYS D 178 40.52 24.66 10.67
C CYS D 178 40.94 24.19 12.06
N VAL D 179 41.95 24.87 12.61
CA VAL D 179 42.44 24.52 13.94
C VAL D 179 41.32 24.63 14.97
N GLU D 180 40.52 25.69 14.88
CA GLU D 180 39.39 25.84 15.80
C GLU D 180 38.39 24.70 15.63
N CYS D 181 38.09 24.33 14.39
CA CYS D 181 37.12 23.27 14.15
C CYS D 181 37.64 21.92 14.62
N VAL D 182 38.92 21.63 14.37
CA VAL D 182 39.48 20.32 14.71
C VAL D 182 39.48 20.12 16.23
N SER D 183 39.88 21.15 16.98
CA SER D 183 39.95 21.00 18.43
C SER D 183 38.57 20.74 19.02
N SER D 184 37.56 21.46 18.55
CA SER D 184 36.21 21.30 19.11
C SER D 184 35.69 19.89 18.89
N SER D 185 35.95 19.32 17.72
CA SER D 185 35.54 17.94 17.47
C SER D 185 36.23 16.97 18.43
N GLU D 186 37.50 17.21 18.73
CA GLU D 186 38.22 16.34 19.64
C GLU D 186 37.75 16.51 21.08
N VAL D 187 37.54 17.75 21.51
CA VAL D 187 37.23 18.02 22.92
C VAL D 187 35.85 17.45 23.26
N ASP D 188 34.84 17.75 22.45
CA ASP D 188 33.49 17.27 22.72
C ASP D 188 32.79 17.08 21.37
N SER D 189 32.81 15.86 20.85
CA SER D 189 32.19 15.60 19.56
C SER D 189 30.68 15.78 19.63
N LEU D 190 30.05 15.32 20.71
CA LEU D 190 28.59 15.41 20.81
C LEU D 190 28.13 16.86 20.81
N ARG D 191 28.77 17.71 21.62
CA ARG D 191 28.39 19.12 21.67
C ARG D 191 28.65 19.81 20.34
N HIS D 192 29.77 19.49 19.68
CA HIS D 192 30.10 20.14 18.44
C HIS D 192 29.04 19.88 17.37
N SER D 193 28.56 18.64 17.28
CA SER D 193 27.55 18.31 16.27
C SER D 193 26.22 18.98 16.58
N ARG D 194 25.82 18.97 17.86
CA ARG D 194 24.54 19.58 18.23
C ARG D 194 24.55 21.08 17.98
N SER D 195 25.67 21.74 18.26
CA SER D 195 25.75 23.19 18.06
C SER D 195 25.50 23.55 16.60
N ARG D 196 26.20 22.88 15.68
CA ARG D 196 26.05 23.20 14.27
C ARG D 196 24.61 23.01 13.80
N LEU D 197 23.95 21.94 14.26
CA LEU D 197 22.58 21.71 13.86
C LEU D 197 21.66 22.82 14.37
N ASN D 198 21.88 23.26 15.60
CA ASN D 198 21.07 24.35 16.15
C ASN D 198 21.24 25.62 15.34
N ILE D 199 22.48 25.92 14.91
CA ILE D 199 22.73 27.12 14.13
C ILE D 199 21.99 27.05 12.79
N TYR D 200 22.05 25.91 12.12
CA TYR D 200 21.41 25.79 10.81
C TYR D 200 19.89 25.81 10.92
N LYS D 201 19.33 25.31 12.02
CA LYS D 201 17.90 25.41 12.22
C LYS D 201 17.46 26.87 12.30
N ALA D 202 18.24 27.70 13.00
CA ALA D 202 17.93 29.11 13.08
C ALA D 202 18.05 29.80 11.72
N LEU D 203 19.13 29.49 11.00
CA LEU D 203 19.37 30.15 9.73
C LEU D 203 18.33 29.79 8.68
N ALA D 204 17.83 28.55 8.71
CA ALA D 204 16.85 28.08 7.74
C ALA D 204 15.43 28.44 8.11
N SER D 205 15.22 29.29 9.10
CA SER D 205 13.86 29.68 9.48
C SER D 205 13.26 30.60 8.43
N PRO D 206 12.10 30.27 7.87
CA PRO D 206 11.49 31.16 6.87
C PRO D 206 11.26 32.57 7.38
N SER D 207 10.85 32.72 8.64
CA SER D 207 10.56 34.05 9.17
C SER D 207 11.83 34.90 9.27
N LEU D 208 12.94 34.30 9.68
CA LEU D 208 14.18 35.05 9.78
C LEU D 208 14.71 35.44 8.40
N ILE D 209 14.62 34.53 7.42
CA ILE D 209 15.10 34.84 6.08
C ILE D 209 14.29 35.98 5.48
N ALA D 210 12.98 35.99 5.71
CA ALA D 210 12.12 37.04 5.19
C ALA D 210 12.38 38.38 5.85
N LEU D 211 13.13 38.42 6.94
CA LEU D 211 13.36 39.64 7.70
C LEU D 211 14.73 40.25 7.44
N SER D 212 15.79 39.44 7.48
CA SER D 212 17.16 39.96 7.47
C SER D 212 17.96 39.48 6.27
N SER D 213 17.30 39.11 5.17
CA SER D 213 17.97 38.64 3.97
C SER D 213 17.74 39.62 2.84
N GLU D 214 18.82 40.06 2.18
CA GLU D 214 18.69 41.00 1.09
C GLU D 214 17.89 40.40 -0.07
N ASP D 215 18.25 39.18 -0.46
CA ASP D 215 17.57 38.47 -1.56
C ASP D 215 17.03 37.16 -0.98
N PRO D 216 15.79 37.15 -0.51
CA PRO D 216 15.28 35.92 0.13
C PRO D 216 15.29 34.70 -0.77
N ILE D 217 15.01 34.88 -2.06
CA ILE D 217 14.95 33.72 -2.96
C ILE D 217 16.34 33.11 -3.14
N LEU D 218 17.36 33.95 -3.31
CA LEU D 218 18.71 33.43 -3.47
C LEU D 218 19.19 32.76 -2.19
N THR D 219 18.86 33.32 -1.03
CA THR D 219 19.30 32.73 0.23
C THR D 219 18.73 31.33 0.40
N ALA D 220 17.44 31.16 0.09
CA ALA D 220 16.84 29.83 0.22
C ALA D 220 17.48 28.83 -0.74
N PHE D 221 17.78 29.27 -1.96
CA PHE D 221 18.45 28.39 -2.91
C PHE D 221 19.79 27.92 -2.36
N ARG D 222 20.63 28.87 -1.94
CA ARG D 222 21.95 28.52 -1.44
C ARG D 222 21.86 27.70 -0.16
N LEU D 223 21.01 28.13 0.78
CA LEU D 223 20.92 27.46 2.06
C LEU D 223 20.44 26.03 1.90
N GLY D 224 19.39 25.83 1.09
CA GLY D 224 18.86 24.49 0.91
C GLY D 224 19.84 23.55 0.25
N TRP D 225 20.61 24.06 -0.71
CA TRP D 225 21.63 23.24 -1.35
C TRP D 225 22.72 22.85 -0.36
N GLU D 226 23.16 23.79 0.47
CA GLU D 226 24.17 23.48 1.48
C GLU D 226 23.66 22.48 2.50
N LEU D 227 22.39 22.61 2.90
CA LEU D 227 21.83 21.68 3.87
C LEU D 227 21.78 20.26 3.33
N LYS D 228 21.64 20.11 2.02
CA LYS D 228 21.63 18.78 1.43
C LYS D 228 23.02 18.17 1.35
N GLU D 229 24.05 18.99 1.16
CA GLU D 229 25.42 18.48 1.19
C GLU D 229 25.77 17.94 2.57
N LEU D 230 25.37 18.65 3.62
CA LEU D 230 25.58 18.15 4.98
C LEU D 230 24.81 16.87 5.24
N SER D 231 23.74 16.62 4.50
CA SER D 231 22.98 15.39 4.66
C SER D 231 23.77 14.15 4.28
N LYS D 232 24.89 14.30 3.58
CA LYS D 232 25.73 13.18 3.20
C LYS D 232 26.96 13.04 4.07
N VAL D 233 27.63 14.13 4.38
CA VAL D 233 28.83 14.06 5.24
C VAL D 233 28.43 13.70 6.66
N GLU D 234 27.42 14.38 7.21
CA GLU D 234 26.95 14.11 8.57
C GLU D 234 25.90 13.01 8.55
N ASN D 235 26.36 11.81 8.17
CA ASN D 235 25.45 10.69 7.99
C ASN D 235 24.69 10.34 9.26
N GLU D 236 25.20 10.74 10.43
CA GLU D 236 24.52 10.40 11.68
C GLU D 236 23.14 11.05 11.76
N PHE D 237 23.04 12.30 11.32
CA PHE D 237 21.82 13.09 11.46
C PHE D 237 21.29 13.49 10.09
N LYS D 238 21.35 12.57 9.13
CA LYS D 238 20.93 12.88 7.77
C LYS D 238 19.44 13.23 7.71
N ALA D 239 18.63 12.63 8.57
CA ALA D 239 17.20 12.93 8.56
C ALA D 239 16.93 14.38 8.94
N GLU D 240 17.66 14.90 9.93
CA GLU D 240 17.45 16.27 10.36
C GLU D 240 17.82 17.28 9.28
N TYR D 241 18.95 17.04 8.60
CA TYR D 241 19.41 18.01 7.60
C TYR D 241 18.56 17.98 6.35
N GLU D 242 17.99 16.82 6.00
CA GLU D 242 17.10 16.77 4.85
C GLU D 242 15.77 17.47 5.13
N GLU D 243 15.28 17.40 6.37
CA GLU D 243 14.08 18.14 6.72
C GLU D 243 14.31 19.64 6.59
N LEU D 244 15.49 20.11 7.02
CA LEU D 244 15.80 21.52 6.87
C LEU D 244 15.93 21.90 5.40
N SER D 245 16.52 21.02 4.58
CA SER D 245 16.66 21.32 3.16
C SER D 245 15.32 21.40 2.47
N GLN D 246 14.39 20.51 2.81
CA GLN D 246 13.07 20.57 2.21
C GLN D 246 12.33 21.83 2.62
N GLN D 247 12.57 22.32 3.83
CA GLN D 247 11.87 23.51 4.31
C GLN D 247 12.38 24.78 3.64
N CYS D 248 13.64 24.79 3.21
CA CYS D 248 14.16 25.91 2.43
C CYS D 248 13.63 25.88 1.01
N LYS D 249 13.49 24.70 0.43
CA LYS D 249 12.95 24.58 -0.92
C LYS D 249 11.52 25.11 -0.98
N LEU D 250 10.70 24.73 0.00
CA LEU D 250 9.30 25.10 -0.03
C LEU D 250 9.10 26.60 0.18
N PHE D 251 10.00 27.24 0.92
CA PHE D 251 9.85 28.67 1.18
C PHE D 251 10.01 29.48 -0.11
N ALA D 252 11.01 29.13 -0.93
CA ALA D 252 11.20 29.85 -2.19
C ALA D 252 10.01 29.65 -3.12
N LYS D 253 9.47 28.43 -3.19
CA LYS D 253 8.31 28.19 -4.01
C LYS D 253 7.09 28.93 -3.50
N ASP D 254 6.90 28.95 -2.17
CA ASP D 254 5.75 29.66 -1.59
C ASP D 254 5.86 31.16 -1.81
N LEU D 255 7.08 31.69 -1.90
CA LEU D 255 7.25 33.11 -2.17
C LEU D 255 6.89 33.44 -3.61
N LEU D 256 7.11 32.50 -4.54
CA LEU D 256 6.72 32.68 -5.93
C LEU D 256 5.23 32.53 -6.14
N ASP D 257 4.53 31.82 -5.26
CA ASP D 257 3.09 31.67 -5.36
C ASP D 257 2.33 32.94 -5.07
N GLN D 258 2.97 33.94 -4.47
CA GLN D 258 2.31 35.18 -4.12
C GLN D 258 2.29 36.20 -5.26
N ALA D 259 3.00 35.93 -6.35
CA ALA D 259 3.01 36.86 -7.48
C ALA D 259 1.62 37.00 -8.05
N ARG D 260 1.19 38.24 -8.27
CA ARG D 260 -0.18 38.53 -8.69
C ARG D 260 -0.29 39.02 -10.13
N SER D 261 0.83 39.34 -10.78
CA SER D 261 0.81 39.86 -12.13
C SER D 261 1.94 39.23 -12.93
N SER D 262 1.79 39.26 -14.26
CA SER D 262 2.82 38.74 -15.13
C SER D 262 4.08 39.60 -15.09
N ARG D 263 3.93 40.91 -14.85
CA ARG D 263 5.08 41.77 -14.71
C ARG D 263 5.89 41.41 -13.47
N GLU D 264 5.21 41.11 -12.37
CA GLU D 264 5.93 40.70 -11.16
C GLU D 264 6.71 39.41 -11.39
N LEU D 265 6.11 38.45 -12.08
CA LEU D 265 6.79 37.18 -12.33
C LEU D 265 8.03 37.39 -13.20
N GLU D 266 7.93 38.23 -14.23
CA GLU D 266 9.06 38.45 -15.12
C GLU D 266 10.21 39.16 -14.39
N ILE D 267 9.90 40.10 -13.50
CA ILE D 267 10.96 40.76 -12.74
C ILE D 267 11.68 39.76 -11.86
N ILE D 268 10.94 38.88 -11.20
CA ILE D 268 11.55 37.89 -10.33
C ILE D 268 12.40 36.92 -11.15
N LEU D 269 11.90 36.47 -12.29
CA LEU D 269 12.59 35.40 -13.04
C LEU D 269 13.74 35.87 -13.93
N ASN D 270 13.85 37.14 -14.24
CA ASN D 270 14.91 37.65 -15.13
C ASN D 270 16.02 38.36 -14.36
N HIS D 271 15.94 38.48 -13.05
CA HIS D 271 16.92 39.24 -12.25
C HIS D 271 18.28 38.61 -12.30
N ARG D 272 19.30 39.43 -12.44
CA ARG D 272 20.69 38.96 -12.47
C ARG D 272 21.28 39.54 -11.22
N ASP D 273 21.96 38.73 -10.42
CA ASP D 273 22.47 39.19 -9.12
C ASP D 273 23.50 40.30 -9.33
N ASP D 274 24.38 40.12 -10.31
CA ASP D 274 25.45 41.11 -10.61
C ASP D 274 26.05 40.74 -11.97
N ASP D 286 18.82 36.09 -20.67
CA ASP D 286 17.55 36.18 -19.97
C ASP D 286 17.14 34.96 -19.12
N LEU D 287 16.09 35.13 -18.33
CA LEU D 287 15.63 34.08 -17.42
C LEU D 287 16.76 33.66 -16.48
N ALA D 288 17.54 34.64 -16.02
CA ALA D 288 18.75 34.35 -15.25
C ALA D 288 18.42 33.63 -13.94
N LYS D 289 17.42 34.12 -13.22
CA LYS D 289 17.09 33.51 -11.93
C LYS D 289 16.58 32.09 -12.10
N LEU D 290 15.78 31.84 -13.15
CA LEU D 290 15.30 30.49 -13.39
C LEU D 290 16.46 29.54 -13.65
N LYS D 291 17.50 30.02 -14.34
CA LYS D 291 18.68 29.19 -14.58
C LYS D 291 19.37 28.84 -13.28
N VAL D 292 19.48 29.79 -12.35
CA VAL D 292 20.11 29.52 -11.07
C VAL D 292 19.32 28.47 -10.30
N ALA D 293 18.00 28.50 -10.40
CA ALA D 293 17.19 27.51 -9.72
C ALA D 293 17.47 26.10 -10.25
N ILE D 294 17.64 25.98 -11.58
CA ILE D 294 17.97 24.68 -12.15
C ILE D 294 19.32 24.20 -11.65
N LYS D 295 20.29 25.12 -11.55
CA LYS D 295 21.62 24.76 -11.08
C LYS D 295 21.57 24.16 -9.68
N TYR D 296 20.69 24.68 -8.83
CA TYR D 296 20.56 24.20 -7.46
C TYR D 296 19.49 23.13 -7.30
N HIS D 297 18.87 22.69 -8.39
CA HIS D 297 17.88 21.60 -8.37
C HIS D 297 16.65 21.99 -7.56
N GLN D 298 16.12 23.17 -7.86
CA GLN D 298 14.87 23.63 -7.23
C GLN D 298 13.68 23.19 -8.09
N LYS D 299 13.39 21.90 -8.01
CA LYS D 299 12.41 21.29 -8.91
C LYS D 299 11.00 21.81 -8.63
N GLU D 300 10.66 22.01 -7.36
CA GLU D 300 9.35 22.59 -7.04
C GLU D 300 9.25 24.02 -7.54
N PHE D 301 10.31 24.80 -7.39
CA PHE D 301 10.32 26.17 -7.90
C PHE D 301 10.13 26.21 -9.40
N VAL D 302 10.81 25.32 -10.12
CA VAL D 302 10.72 25.31 -11.58
C VAL D 302 9.36 24.82 -12.03
N ALA D 303 8.80 23.82 -11.36
CA ALA D 303 7.53 23.23 -11.76
C ALA D 303 6.32 24.05 -11.36
N GLN D 304 6.52 25.25 -10.81
CA GLN D 304 5.40 26.07 -10.41
C GLN D 304 4.54 26.40 -11.64
N PRO D 305 3.21 26.27 -11.56
CA PRO D 305 2.39 26.41 -12.76
C PRO D 305 2.55 27.74 -13.47
N ASN D 306 2.68 28.85 -12.73
CA ASN D 306 2.84 30.14 -13.38
C ASN D 306 4.20 30.25 -14.07
N CYS D 307 5.24 29.66 -13.47
CA CYS D 307 6.54 29.63 -14.11
C CYS D 307 6.52 28.73 -15.35
N GLN D 308 5.83 27.59 -15.26
CA GLN D 308 5.73 26.69 -16.41
C GLN D 308 4.95 27.35 -17.55
N GLN D 309 3.89 28.09 -17.22
CA GLN D 309 3.07 28.72 -18.24
C GLN D 309 3.83 29.79 -19.00
N LEU D 310 4.71 30.53 -18.32
CA LEU D 310 5.52 31.52 -19.02
C LEU D 310 6.46 30.85 -20.01
N LEU D 311 7.06 29.73 -19.62
CA LEU D 311 7.98 29.03 -20.51
C LEU D 311 7.28 28.54 -21.76
N ALA D 312 6.06 28.00 -21.60
CA ALA D 312 5.33 27.48 -22.76
C ALA D 312 5.02 28.58 -23.75
N THR D 313 4.92 29.83 -23.30
CA THR D 313 4.71 30.93 -24.23
C THR D 313 5.96 31.19 -25.07
N LEU D 314 7.14 31.07 -24.47
CA LEU D 314 8.37 31.19 -25.23
C LEU D 314 8.62 29.97 -26.10
N TRP D 315 8.22 28.79 -25.64
CA TRP D 315 8.45 27.56 -26.39
C TRP D 315 7.62 27.55 -27.67
N TYR D 316 6.34 27.87 -27.56
CA TYR D 316 5.40 27.81 -28.68
C TYR D 316 5.30 29.14 -29.41
N ASP D 317 6.37 29.92 -29.43
CA ASP D 317 6.31 31.28 -29.96
C ASP D 317 5.69 31.32 -31.35
N GLY D 318 6.06 30.39 -32.22
CA GLY D 318 5.60 30.45 -33.59
C GLY D 318 4.08 30.34 -33.72
N PHE D 319 3.47 29.46 -32.93
CA PHE D 319 2.05 29.17 -33.04
C PHE D 319 1.32 29.65 -31.78
N PRO D 320 0.66 30.80 -31.82
CA PRO D 320 0.05 31.34 -30.59
C PRO D 320 -0.99 30.42 -29.98
N GLY D 321 -1.78 29.72 -30.79
CA GLY D 321 -2.89 28.94 -30.27
C GLY D 321 -2.66 27.43 -30.31
N TRP D 322 -1.46 26.99 -29.97
CA TRP D 322 -1.13 25.58 -30.06
C TRP D 322 -2.01 24.75 -29.13
N ARG D 323 -2.28 25.24 -27.92
CA ARG D 323 -3.02 24.43 -26.95
C ARG D 323 -4.43 24.14 -27.41
N ARG D 324 -5.08 25.08 -28.11
CA ARG D 324 -6.46 24.91 -28.53
C ARG D 324 -6.63 24.00 -29.73
N LYS D 325 -5.55 23.64 -30.41
CA LYS D 325 -5.64 22.87 -31.64
C LYS D 325 -5.98 21.40 -31.35
N HIS D 326 -6.62 20.76 -32.33
CA HIS D 326 -6.99 19.36 -32.21
C HIS D 326 -5.77 18.46 -32.37
N TRP D 327 -5.88 17.24 -31.83
CA TRP D 327 -4.75 16.32 -31.85
C TRP D 327 -4.37 15.94 -33.27
N VAL D 328 -5.35 15.78 -34.16
CA VAL D 328 -5.06 15.38 -35.53
C VAL D 328 -4.37 16.50 -36.29
N VAL D 329 -4.83 17.73 -36.11
CA VAL D 329 -4.22 18.86 -36.82
C VAL D 329 -2.77 19.03 -36.40
N LYS D 330 -2.46 18.76 -35.12
CA LYS D 330 -1.08 18.87 -34.67
C LYS D 330 -0.16 17.94 -35.44
N LEU D 331 -0.61 16.70 -35.67
CA LEU D 331 0.25 15.71 -36.33
C LEU D 331 0.62 16.17 -37.73
N LEU D 332 -0.33 16.68 -38.51
CA LEU D 332 -0.02 17.17 -39.84
C LEU D 332 0.93 18.35 -39.77
N THR D 333 0.71 19.27 -38.82
CA THR D 333 1.57 20.43 -38.69
C THR D 333 3.01 20.02 -38.39
N CYS D 334 3.18 19.07 -37.47
CA CYS D 334 4.53 18.61 -37.15
C CYS D 334 5.18 17.90 -38.32
N MET D 335 4.42 17.03 -39.00
CA MET D 335 4.97 16.34 -40.17
C MET D 335 5.32 17.33 -41.27
N THR D 336 4.45 18.32 -41.51
CA THR D 336 4.71 19.30 -42.56
C THR D 336 6.00 20.05 -42.29
N ILE D 337 6.19 20.54 -41.07
CA ILE D 337 7.38 21.32 -40.76
C ILE D 337 8.63 20.48 -40.92
N GLY D 338 8.59 19.23 -40.46
CA GLY D 338 9.77 18.39 -40.54
C GLY D 338 10.25 18.18 -41.96
N PHE D 339 9.31 17.97 -42.89
CA PHE D 339 9.71 17.73 -44.28
C PHE D 339 10.46 18.92 -44.85
N LEU D 340 10.01 20.14 -44.57
CA LEU D 340 10.71 21.32 -45.04
C LEU D 340 11.95 21.66 -44.23
N PHE D 341 12.36 20.79 -43.30
CA PHE D 341 13.53 21.12 -42.49
C PHE D 341 14.75 21.44 -43.32
N PRO D 342 15.05 20.71 -44.41
CA PRO D 342 16.17 21.14 -45.26
C PRO D 342 15.95 22.53 -45.84
N MET D 343 14.71 22.85 -46.23
CA MET D 343 14.42 24.15 -46.81
C MET D 343 14.54 25.26 -45.76
N LEU D 344 14.00 25.04 -44.56
CA LEU D 344 14.13 26.03 -43.51
C LEU D 344 15.58 26.20 -43.09
N SER D 345 16.33 25.10 -43.02
CA SER D 345 17.73 25.18 -42.60
C SER D 345 18.55 26.00 -43.59
N ILE D 346 18.34 25.79 -44.89
CA ILE D 346 19.14 26.48 -45.89
C ILE D 346 18.88 27.98 -45.84
N ALA D 347 17.62 28.37 -45.66
CA ALA D 347 17.28 29.78 -45.63
C ALA D 347 18.05 30.51 -44.54
N TYR D 348 18.14 29.91 -43.35
CA TYR D 348 18.92 30.51 -42.27
C TYR D 348 20.38 30.68 -42.66
N LEU D 349 20.93 29.68 -43.36
CA LEU D 349 22.34 29.74 -43.75
C LEU D 349 22.61 30.90 -44.70
N ILE D 350 21.71 31.12 -45.67
CA ILE D 350 21.95 32.10 -46.73
C ILE D 350 21.48 33.49 -46.33
N SER D 351 20.27 33.61 -45.81
CA SER D 351 19.66 34.90 -45.47
C SER D 351 19.14 34.84 -44.04
N PRO D 352 20.04 34.96 -43.05
CA PRO D 352 19.59 34.89 -41.65
C PRO D 352 18.53 35.92 -41.31
N ARG D 353 18.61 37.12 -41.88
CA ARG D 353 17.64 38.16 -41.59
C ARG D 353 16.36 38.03 -42.41
N SER D 354 16.29 37.07 -43.32
CA SER D 354 15.08 36.86 -44.10
C SER D 354 13.94 36.44 -43.20
N ASN D 355 12.71 36.67 -43.68
CA ASN D 355 11.54 36.25 -42.92
C ASN D 355 11.53 34.74 -42.73
N LEU D 356 11.86 33.99 -43.78
CA LEU D 356 11.95 32.54 -43.66
C LEU D 356 13.12 32.13 -42.77
N GLY D 357 14.24 32.84 -42.87
CA GLY D 357 15.42 32.47 -42.09
C GLY D 357 15.16 32.50 -40.59
N LEU D 358 14.52 33.57 -40.12
CA LEU D 358 14.21 33.67 -38.70
C LEU D 358 13.25 32.58 -38.24
N PHE D 359 12.59 31.91 -39.19
CA PHE D 359 11.57 30.93 -38.84
C PHE D 359 12.16 29.79 -38.01
N ILE D 360 13.35 29.33 -38.35
CA ILE D 360 13.99 28.21 -37.66
C ILE D 360 14.61 28.68 -36.35
N LYS D 361 14.45 29.95 -36.02
CA LYS D 361 14.99 30.48 -34.78
C LYS D 361 14.06 30.28 -33.59
N LYS D 362 12.81 29.87 -33.82
CA LYS D 362 11.88 29.60 -32.74
C LYS D 362 12.19 28.25 -32.09
N PRO D 363 11.97 28.13 -30.78
CA PRO D 363 12.40 26.93 -30.07
C PRO D 363 11.70 25.66 -30.52
N PHE D 364 10.37 25.63 -30.51
CA PHE D 364 9.65 24.41 -30.84
C PHE D 364 9.92 23.98 -32.28
N ILE D 365 10.00 24.95 -33.19
CA ILE D 365 10.24 24.61 -34.59
C ILE D 365 11.66 24.09 -34.79
N LYS D 366 12.63 24.68 -34.08
CA LYS D 366 13.99 24.16 -34.13
C LYS D 366 14.04 22.73 -33.61
N PHE D 367 13.26 22.43 -32.56
CA PHE D 367 13.21 21.07 -32.04
C PHE D 367 12.69 20.10 -33.11
N ILE D 368 11.68 20.51 -33.87
CA ILE D 368 11.16 19.66 -34.92
C ILE D 368 12.18 19.49 -36.04
N CYS D 369 12.89 20.56 -36.40
CA CYS D 369 13.88 20.47 -37.46
C CYS D 369 15.05 19.58 -37.04
N HIS D 370 15.49 19.69 -35.79
CA HIS D 370 16.57 18.84 -35.30
C HIS D 370 16.12 17.39 -35.20
N THR D 371 14.88 17.14 -34.79
CA THR D 371 14.38 15.78 -34.69
C THR D 371 14.16 15.16 -36.06
N ALA D 372 13.63 15.93 -37.01
CA ALA D 372 13.40 15.41 -38.34
C ALA D 372 14.71 15.01 -39.01
N SER D 373 15.76 15.81 -38.83
CA SER D 373 17.06 15.45 -39.37
C SER D 373 17.53 14.12 -38.81
N TYR D 374 17.53 13.99 -37.47
CA TYR D 374 17.96 12.74 -36.87
C TYR D 374 17.11 11.57 -37.33
N LEU D 375 15.83 11.80 -37.62
CA LEU D 375 14.96 10.71 -38.05
C LEU D 375 15.34 10.20 -39.43
N THR D 376 15.81 11.07 -40.33
CA THR D 376 16.25 10.60 -41.63
C THR D 376 17.59 9.89 -41.58
N PHE D 377 18.44 10.21 -40.60
CA PHE D 377 19.66 9.45 -40.40
C PHE D 377 19.36 8.01 -40.06
N LEU D 378 18.45 7.78 -39.11
CA LEU D 378 18.11 6.42 -38.72
C LEU D 378 17.45 5.66 -39.87
N PHE D 379 16.61 6.33 -40.64
CA PHE D 379 15.97 5.68 -41.78
C PHE D 379 17.02 5.24 -42.80
N MET D 380 18.06 6.05 -43.01
CA MET D 380 19.11 5.68 -43.95
C MET D 380 19.84 4.42 -43.50
N LEU D 381 20.14 4.30 -42.21
CA LEU D 381 20.84 3.12 -41.71
C LEU D 381 20.05 1.86 -42.01
N LEU D 382 18.73 1.89 -41.82
CA LEU D 382 17.90 0.76 -42.21
C LEU D 382 18.01 0.45 -43.70
N LEU D 383 18.43 1.41 -44.51
CA LEU D 383 18.56 1.22 -45.95
C LEU D 383 19.95 0.76 -46.36
N ALA D 384 20.90 0.66 -45.44
CA ALA D 384 22.26 0.30 -45.81
C ALA D 384 22.33 -1.10 -46.40
N SER D 385 21.57 -2.04 -45.82
CA SER D 385 21.62 -3.42 -46.29
C SER D 385 21.11 -3.55 -47.71
N GLN D 386 19.97 -2.91 -48.00
CA GLN D 386 19.27 -3.18 -49.26
C GLN D 386 20.09 -2.77 -50.46
N HIS D 387 20.74 -1.60 -50.40
CA HIS D 387 21.41 -1.06 -51.59
C HIS D 387 22.70 -1.79 -51.93
N ILE D 388 23.30 -2.51 -50.99
CA ILE D 388 24.56 -3.19 -51.27
C ILE D 388 24.33 -4.33 -52.26
N VAL D 389 25.38 -4.66 -53.02
CA VAL D 389 25.31 -5.72 -54.01
C VAL D 389 26.06 -6.94 -53.50
N ARG D 390 25.64 -8.12 -53.96
CA ARG D 390 26.24 -9.36 -53.48
C ARG D 390 27.71 -9.47 -53.89
N THR D 391 28.04 -9.03 -55.11
CA THR D 391 29.40 -9.21 -55.61
C THR D 391 30.44 -8.54 -54.70
N ASP D 392 30.06 -7.44 -54.05
CA ASP D 392 30.98 -6.76 -53.16
C ASP D 392 31.28 -7.55 -51.88
N LEU D 393 30.54 -8.64 -51.64
CA LEU D 393 30.74 -9.42 -50.43
C LEU D 393 32.14 -10.01 -50.34
N HIS D 394 32.86 -10.10 -51.46
CA HIS D 394 34.18 -10.72 -51.49
C HIS D 394 35.31 -9.72 -51.64
N VAL D 395 35.02 -8.43 -51.58
CA VAL D 395 36.04 -7.40 -51.77
C VAL D 395 36.57 -6.98 -50.41
N GLN D 396 37.87 -7.14 -50.20
CA GLN D 396 38.50 -6.72 -48.97
C GLN D 396 38.83 -5.24 -49.04
N GLY D 397 38.38 -4.48 -48.04
CA GLY D 397 38.60 -3.06 -48.01
C GLY D 397 38.04 -2.37 -49.24
N PRO D 398 36.72 -2.41 -49.40
CA PRO D 398 36.09 -1.76 -50.55
C PRO D 398 36.00 -0.26 -50.34
N PRO D 399 35.66 0.49 -51.38
CA PRO D 399 35.41 1.91 -51.21
C PRO D 399 34.08 2.13 -50.51
N PRO D 400 33.82 3.33 -50.00
CA PRO D 400 32.53 3.59 -49.35
C PRO D 400 31.38 3.41 -50.32
N THR D 401 30.26 2.92 -49.79
CA THR D 401 29.07 2.72 -50.60
C THR D 401 28.30 4.03 -50.73
N VAL D 402 27.18 3.98 -51.46
CA VAL D 402 26.35 5.16 -51.61
C VAL D 402 25.76 5.57 -50.26
N VAL D 403 25.26 4.60 -49.50
CA VAL D 403 24.67 4.90 -48.20
C VAL D 403 25.74 5.45 -47.25
N GLU D 404 26.92 4.84 -47.25
CA GLU D 404 28.00 5.33 -46.40
C GLU D 404 28.38 6.76 -46.75
N TRP D 405 28.39 7.08 -48.05
CA TRP D 405 28.67 8.46 -48.46
C TRP D 405 27.61 9.40 -47.91
N MET D 406 26.34 9.02 -48.01
CA MET D 406 25.27 9.87 -47.50
C MET D 406 25.37 10.04 -45.99
N ILE D 407 25.66 8.95 -45.27
CA ILE D 407 25.80 9.03 -43.82
C ILE D 407 26.97 9.93 -43.42
N LEU D 408 28.00 9.99 -44.25
CA LEU D 408 29.27 10.60 -43.85
C LEU D 408 29.11 12.02 -43.31
N PRO D 409 28.39 12.93 -43.97
CA PRO D 409 28.29 14.29 -43.43
C PRO D 409 27.73 14.35 -42.02
N TRP D 410 26.78 13.47 -41.70
CA TRP D 410 26.12 13.54 -40.41
C TRP D 410 27.01 12.96 -39.30
N VAL D 411 27.78 11.93 -39.61
CA VAL D 411 28.67 11.35 -38.60
C VAL D 411 29.68 12.38 -38.13
N LEU D 412 30.27 13.13 -39.06
CA LEU D 412 31.16 14.22 -38.67
C LEU D 412 30.40 15.28 -37.88
N GLY D 413 29.20 15.63 -38.34
CA GLY D 413 28.42 16.64 -37.63
C GLY D 413 28.11 16.24 -36.19
N PHE D 414 27.82 14.96 -35.97
CA PHE D 414 27.56 14.49 -34.60
C PHE D 414 28.80 14.65 -33.73
N ILE D 415 29.98 14.31 -34.25
CA ILE D 415 31.21 14.47 -33.49
C ILE D 415 31.48 15.95 -33.21
N TRP D 416 31.30 16.79 -34.22
CA TRP D 416 31.53 18.22 -34.01
C TRP D 416 30.59 18.79 -32.97
N GLY D 417 29.32 18.38 -32.98
CA GLY D 417 28.39 18.86 -31.98
C GLY D 417 28.78 18.46 -30.58
N GLU D 418 29.14 17.18 -30.39
CA GLU D 418 29.53 16.72 -29.07
C GLU D 418 30.83 17.39 -28.61
N ILE D 419 31.79 17.54 -29.51
CA ILE D 419 33.05 18.18 -29.14
C ILE D 419 32.83 19.61 -28.67
N LYS D 420 32.00 20.36 -29.40
CA LYS D 420 31.73 21.73 -29.00
C LYS D 420 31.06 21.80 -27.64
N GLU D 421 30.09 20.92 -27.39
CA GLU D 421 29.37 20.95 -26.12
C GLU D 421 30.29 20.66 -24.94
N MET D 422 31.41 19.97 -25.16
CA MET D 422 32.32 19.65 -24.06
C MET D 422 32.95 20.92 -23.48
N TRP D 423 33.30 21.88 -24.33
CA TRP D 423 34.02 23.06 -23.87
C TRP D 423 33.18 23.87 -22.88
N ASP D 424 31.91 24.13 -23.22
CA ASP D 424 31.10 25.01 -22.39
C ASP D 424 30.81 24.38 -21.03
N GLY D 425 30.35 23.13 -21.02
CA GLY D 425 29.94 22.51 -19.77
C GLY D 425 31.08 21.95 -18.94
N GLY D 426 32.24 21.72 -19.55
CA GLY D 426 33.35 21.11 -18.86
C GLY D 426 33.21 19.61 -18.77
N PHE D 427 34.31 18.96 -18.40
CA PHE D 427 34.32 17.50 -18.30
C PHE D 427 33.38 17.00 -17.21
N THR D 428 33.37 17.68 -16.06
CA THR D 428 32.55 17.22 -14.95
C THR D 428 31.07 17.23 -15.30
N GLU D 429 30.60 18.31 -15.93
CA GLU D 429 29.19 18.37 -16.33
C GLU D 429 28.87 17.32 -17.39
N TYR D 430 29.78 17.12 -18.34
CA TYR D 430 29.53 16.20 -19.44
C TYR D 430 29.18 14.80 -18.93
N ILE D 431 29.71 14.41 -17.78
CA ILE D 431 29.47 13.07 -17.25
C ILE D 431 28.17 12.95 -16.48
N HIS D 432 27.55 14.07 -16.12
CA HIS D 432 26.34 14.00 -15.29
C HIS D 432 25.20 13.29 -16.02
N ASP D 433 25.03 13.56 -17.31
CA ASP D 433 23.92 13.03 -18.08
C ASP D 433 24.31 11.70 -18.71
N TRP D 434 23.55 10.65 -18.40
CA TRP D 434 23.81 9.34 -19.00
C TRP D 434 23.62 9.39 -20.52
N TRP D 435 22.58 10.08 -20.98
CA TRP D 435 22.37 10.20 -22.41
C TRP D 435 23.58 10.80 -23.11
N ASN D 436 24.29 11.69 -22.44
CA ASN D 436 25.51 12.25 -23.00
C ASN D 436 26.63 11.23 -23.01
N LEU D 437 26.65 10.32 -22.04
CA LEU D 437 27.61 9.23 -22.06
C LEU D 437 27.38 8.30 -23.25
N MET D 438 26.12 8.01 -23.56
CA MET D 438 25.80 7.17 -24.70
C MET D 438 26.28 7.81 -25.99
N ASP D 439 26.07 9.12 -26.15
CA ASP D 439 26.53 9.81 -27.35
C ASP D 439 28.04 9.70 -27.49
N PHE D 440 28.76 9.53 -26.38
CA PHE D 440 30.20 9.36 -26.45
C PHE D 440 30.57 8.03 -27.10
N ALA D 441 29.93 6.94 -26.65
CA ALA D 441 30.26 5.63 -27.18
C ALA D 441 29.93 5.53 -28.67
N MET D 442 28.78 6.06 -29.08
CA MET D 442 28.39 5.94 -30.48
C MET D 442 29.33 6.70 -31.38
N ASN D 443 29.82 7.85 -30.93
CA ASN D 443 30.72 8.66 -31.75
C ASN D 443 32.11 8.08 -31.80
N SER D 444 32.60 7.50 -30.70
CA SER D 444 33.89 6.84 -30.72
C SER D 444 33.87 5.66 -31.68
N LEU D 445 32.82 4.86 -31.63
CA LEU D 445 32.73 3.68 -32.49
C LEU D 445 32.68 4.07 -33.95
N TYR D 446 32.04 5.20 -34.29
CA TYR D 446 32.01 5.64 -35.67
C TYR D 446 33.39 6.00 -36.18
N LEU D 447 34.21 6.63 -35.33
CA LEU D 447 35.58 6.93 -35.72
C LEU D 447 36.39 5.67 -35.94
N ALA D 448 36.21 4.67 -35.07
CA ALA D 448 36.90 3.40 -35.25
C ALA D 448 36.48 2.74 -36.56
N THR D 449 35.19 2.77 -36.87
CA THR D 449 34.72 2.20 -38.12
C THR D 449 35.34 2.90 -39.32
N ILE D 450 35.48 4.22 -39.25
CA ILE D 450 36.11 4.95 -40.34
C ILE D 450 37.59 4.59 -40.45
N SER D 451 38.27 4.49 -39.31
CA SER D 451 39.70 4.17 -39.34
C SER D 451 39.95 2.81 -39.98
N LEU D 452 39.27 1.77 -39.49
CA LEU D 452 39.49 0.44 -40.04
C LEU D 452 39.09 0.37 -41.51
N LYS D 453 37.96 0.99 -41.87
CA LYS D 453 37.51 0.93 -43.26
C LYS D 453 38.53 1.54 -44.19
N ILE D 454 39.10 2.68 -43.82
CA ILE D 454 40.16 3.28 -44.61
C ILE D 454 41.42 2.42 -44.57
N MET D 455 41.79 1.96 -43.37
CA MET D 455 43.00 1.16 -43.23
C MET D 455 42.93 -0.10 -44.08
N ALA D 456 41.77 -0.77 -44.09
CA ALA D 456 41.60 -1.94 -44.94
C ALA D 456 41.71 -1.56 -46.42
N TYR D 457 41.35 -0.33 -46.76
CA TYR D 457 41.46 0.12 -48.14
C TYR D 457 42.92 0.14 -48.59
N VAL D 458 43.83 0.59 -47.73
CA VAL D 458 45.23 0.69 -48.10
C VAL D 458 45.85 -0.70 -48.27
N LYS D 459 45.60 -1.59 -47.30
CA LYS D 459 46.33 -2.86 -47.26
C LYS D 459 45.94 -3.78 -48.41
N TYR D 460 44.65 -3.97 -48.64
CA TYR D 460 44.17 -4.98 -49.58
C TYR D 460 43.76 -4.36 -50.89
N ASN D 461 43.87 -5.13 -51.96
CA ASN D 461 43.63 -4.63 -53.30
C ASN D 461 42.61 -5.45 -54.08
N GLY D 462 42.59 -6.77 -53.92
CA GLY D 462 41.77 -7.64 -54.72
C GLY D 462 40.58 -8.23 -53.96
N SER D 463 39.87 -9.11 -54.67
CA SER D 463 38.71 -9.80 -54.13
C SER D 463 39.12 -11.21 -53.72
N ARG D 464 38.71 -11.62 -52.52
CA ARG D 464 39.02 -12.94 -51.98
C ARG D 464 37.75 -13.53 -51.38
N PRO D 465 37.61 -14.85 -51.39
CA PRO D 465 36.44 -15.47 -50.76
C PRO D 465 36.40 -15.20 -49.27
N ARG D 466 35.24 -14.75 -48.78
CA ARG D 466 35.13 -14.36 -47.38
C ARG D 466 35.35 -15.52 -46.43
N GLU D 467 35.16 -16.76 -46.90
CA GLU D 467 35.36 -17.91 -46.03
C GLU D 467 36.81 -18.08 -45.62
N GLU D 468 37.75 -17.57 -46.41
CA GLU D 468 39.17 -17.72 -46.13
C GLU D 468 39.72 -16.62 -45.23
N TRP D 469 38.94 -15.58 -44.96
CA TRP D 469 39.42 -14.48 -44.14
C TRP D 469 39.70 -14.94 -42.72
N GLU D 470 40.67 -14.30 -42.09
CA GLU D 470 41.02 -14.65 -40.72
C GLU D 470 39.97 -14.12 -39.75
N MET D 471 40.05 -14.58 -38.50
CA MET D 471 39.06 -14.22 -37.50
C MET D 471 39.07 -12.71 -37.23
N TRP D 472 40.21 -12.06 -37.36
CA TRP D 472 40.35 -10.64 -37.05
C TRP D 472 40.67 -9.82 -38.28
N HIS D 473 40.03 -10.14 -39.40
CA HIS D 473 40.19 -9.35 -40.60
C HIS D 473 39.66 -7.94 -40.37
N PRO D 474 40.37 -6.90 -40.82
CA PRO D 474 39.88 -5.53 -40.58
C PRO D 474 38.48 -5.28 -41.09
N THR D 475 38.11 -5.85 -42.25
CA THR D 475 36.78 -5.63 -42.78
C THR D 475 35.72 -6.28 -41.91
N LEU D 476 36.05 -7.39 -41.24
CA LEU D 476 35.10 -8.02 -40.34
C LEU D 476 34.95 -7.24 -39.04
N ILE D 477 36.05 -6.73 -38.50
CA ILE D 477 35.97 -5.95 -37.26
C ILE D 477 35.21 -4.66 -37.50
N ALA D 478 35.44 -4.01 -38.64
CA ALA D 478 34.76 -2.76 -38.92
C ALA D 478 33.25 -2.97 -38.99
N GLU D 479 32.81 -4.05 -39.62
CA GLU D 479 31.38 -4.30 -39.75
C GLU D 479 30.73 -4.50 -38.38
N ALA D 480 31.41 -5.22 -37.49
CA ALA D 480 30.85 -5.42 -36.16
C ALA D 480 30.71 -4.11 -35.40
N LEU D 481 31.72 -3.25 -35.47
CA LEU D 481 31.67 -1.98 -34.75
C LEU D 481 30.59 -1.07 -35.31
N PHE D 482 30.39 -1.11 -36.63
CA PHE D 482 29.33 -0.29 -37.24
C PHE D 482 27.96 -0.74 -36.76
N ALA D 483 27.73 -2.06 -36.67
CA ALA D 483 26.44 -2.56 -36.24
C ALA D 483 26.16 -2.25 -34.77
N ILE D 484 27.19 -2.20 -33.93
CA ILE D 484 26.98 -1.84 -32.53
C ILE D 484 26.57 -0.38 -32.41
N SER D 485 27.15 0.49 -33.25
CA SER D 485 26.77 1.89 -33.24
C SER D 485 25.31 2.08 -33.62
N ASN D 486 24.81 1.26 -34.55
CA ASN D 486 23.44 1.39 -35.01
C ASN D 486 22.45 1.17 -33.88
N ILE D 487 22.73 0.20 -33.00
CA ILE D 487 21.86 -0.02 -31.85
C ILE D 487 21.87 1.20 -30.94
N LEU D 488 23.06 1.74 -30.67
CA LEU D 488 23.15 2.92 -29.80
C LEU D 488 22.45 4.11 -30.41
N SER D 489 22.61 4.30 -31.73
CA SER D 489 21.96 5.44 -32.39
C SER D 489 20.45 5.37 -32.27
N SER D 490 19.87 4.19 -32.47
CA SER D 490 18.42 4.06 -32.41
C SER D 490 17.90 4.18 -30.98
N LEU D 491 18.65 3.67 -30.00
CA LEU D 491 18.22 3.76 -28.61
C LEU D 491 18.22 5.20 -28.13
N ARG D 492 19.07 6.05 -28.71
CA ARG D 492 19.12 7.45 -28.31
C ARG D 492 17.79 8.16 -28.51
N LEU D 493 16.93 7.64 -29.39
CA LEU D 493 15.63 8.26 -29.63
C LEU D 493 14.75 8.28 -28.39
N ILE D 494 15.01 7.40 -27.42
CA ILE D 494 14.13 7.32 -26.25
C ILE D 494 14.16 8.59 -25.42
N SER D 495 15.23 9.37 -25.51
CA SER D 495 15.30 10.61 -24.75
C SER D 495 14.28 11.65 -25.21
N LEU D 496 13.75 11.50 -26.42
CA LEU D 496 12.77 12.45 -26.93
C LEU D 496 11.40 12.26 -26.30
N PHE D 497 11.18 11.21 -25.52
CA PHE D 497 9.91 11.02 -24.85
C PHE D 497 9.64 12.09 -23.80
N THR D 498 10.65 12.86 -23.40
CA THR D 498 10.44 13.91 -22.41
C THR D 498 9.52 14.99 -22.95
N ALA D 499 9.60 15.30 -24.24
CA ALA D 499 8.76 16.34 -24.81
C ALA D 499 7.29 15.98 -24.71
N ASN D 500 6.95 14.73 -24.98
CA ASN D 500 5.55 14.30 -24.91
C ASN D 500 5.09 14.20 -23.47
N SER D 501 3.82 14.51 -23.25
CA SER D 501 3.27 14.51 -21.90
C SER D 501 2.71 13.16 -21.48
N HIS D 502 2.28 12.33 -22.43
CA HIS D 502 1.81 10.99 -22.10
C HIS D 502 2.97 10.04 -21.84
N LEU D 503 4.06 10.18 -22.58
CA LEU D 503 5.19 9.27 -22.46
C LEU D 503 6.32 9.81 -21.60
N GLY D 504 6.36 11.11 -21.34
CA GLY D 504 7.43 11.70 -20.59
C GLY D 504 7.50 11.25 -19.16
N PRO D 505 6.37 11.33 -18.45
CA PRO D 505 6.37 10.89 -17.04
C PRO D 505 6.78 9.44 -16.86
N LEU D 506 6.40 8.56 -17.79
CA LEU D 506 6.77 7.15 -17.67
C LEU D 506 8.24 6.92 -17.99
N GLN D 507 8.76 7.62 -19.00
CA GLN D 507 10.18 7.49 -19.31
C GLN D 507 11.05 7.96 -18.16
N ILE D 508 10.60 8.96 -17.42
CA ILE D 508 11.35 9.43 -16.26
C ILE D 508 11.26 8.40 -15.13
N SER D 509 10.08 7.83 -14.91
CA SER D 509 9.92 6.86 -13.83
C SER D 509 10.70 5.58 -14.10
N LEU D 510 10.67 5.10 -15.35
CA LEU D 510 11.43 3.90 -15.69
C LEU D 510 12.92 4.11 -15.49
N GLY D 511 13.41 5.29 -15.88
CA GLY D 511 14.83 5.58 -15.71
C GLY D 511 15.27 5.57 -14.25
N ARG D 512 14.39 6.00 -13.35
CA ARG D 512 14.74 6.06 -11.94
C ARG D 512 14.67 4.71 -11.25
N MET D 513 14.02 3.72 -11.86
CA MET D 513 14.06 2.36 -11.34
C MET D 513 15.39 1.66 -11.63
N LEU D 514 16.17 2.19 -12.57
CA LEU D 514 17.39 1.52 -12.99
C LEU D 514 18.45 1.54 -11.89
N LEU D 515 18.50 2.61 -11.10
CA LEU D 515 19.50 2.68 -10.04
C LEU D 515 19.32 1.55 -9.04
N ASP D 516 18.07 1.24 -8.68
CA ASP D 516 17.83 0.14 -7.76
C ASP D 516 18.17 -1.21 -8.38
N ILE D 517 17.96 -1.35 -9.69
CA ILE D 517 18.38 -2.58 -10.38
C ILE D 517 19.90 -2.73 -10.31
N LEU D 518 20.62 -1.61 -10.39
CA LEU D 518 22.07 -1.67 -10.42
C LEU D 518 22.63 -2.25 -9.12
N LYS D 519 22.05 -1.89 -7.98
CA LYS D 519 22.49 -2.46 -6.72
C LYS D 519 22.24 -3.96 -6.69
N PHE D 520 21.07 -4.40 -7.18
CA PHE D 520 20.75 -5.82 -7.18
C PHE D 520 21.69 -6.61 -8.09
N LEU D 521 22.23 -5.97 -9.12
CA LEU D 521 23.20 -6.63 -9.99
C LEU D 521 24.51 -6.95 -9.27
N PHE D 522 24.81 -6.24 -8.19
CA PHE D 522 26.02 -6.55 -7.42
C PHE D 522 25.94 -7.94 -6.79
N ILE D 523 24.78 -8.29 -6.23
CA ILE D 523 24.61 -9.59 -5.59
C ILE D 523 24.64 -10.70 -6.63
N TYR D 524 24.02 -10.49 -7.79
CA TYR D 524 23.97 -11.54 -8.79
C TYR D 524 25.35 -11.90 -9.31
N CYS D 525 26.22 -10.90 -9.50
CA CYS D 525 27.57 -11.19 -9.98
C CYS D 525 28.32 -12.06 -8.99
N LEU D 526 28.10 -11.86 -7.69
CA LEU D 526 28.74 -12.71 -6.68
C LEU D 526 28.27 -14.14 -6.81
N VAL D 527 26.97 -14.35 -6.95
CA VAL D 527 26.43 -15.70 -7.06
C VAL D 527 26.87 -16.34 -8.37
N LEU D 528 26.88 -15.57 -9.46
CA LEU D 528 27.29 -16.12 -10.73
C LEU D 528 28.75 -16.59 -10.70
N LEU D 529 29.63 -15.80 -10.09
CA LEU D 529 31.04 -16.16 -10.03
C LEU D 529 31.28 -17.36 -9.13
N ALA D 530 30.57 -17.45 -8.01
CA ALA D 530 30.78 -18.56 -7.08
C ALA D 530 30.45 -19.90 -7.72
N PHE D 531 29.32 -19.97 -8.42
CA PHE D 531 28.94 -21.23 -9.05
C PHE D 531 29.77 -21.51 -10.29
N ALA D 532 30.17 -20.48 -11.02
CA ALA D 532 31.03 -20.69 -12.19
C ALA D 532 32.36 -21.30 -11.77
N ASN D 533 32.92 -20.84 -10.65
CA ASN D 533 34.17 -21.42 -10.17
C ASN D 533 33.99 -22.89 -9.80
N GLY D 534 32.89 -23.22 -9.13
CA GLY D 534 32.66 -24.61 -8.75
C GLY D 534 32.47 -25.51 -9.95
N LEU D 535 31.64 -25.08 -10.90
CA LEU D 535 31.33 -25.93 -12.05
C LEU D 535 32.55 -26.13 -12.94
N ASN D 536 33.35 -25.08 -13.13
CA ASN D 536 34.57 -25.24 -13.92
C ASN D 536 35.58 -26.13 -13.21
N GLN D 537 35.66 -26.02 -11.88
CA GLN D 537 36.62 -26.83 -11.13
C GLN D 537 36.35 -28.31 -11.29
N LEU D 538 35.09 -28.68 -11.54
CA LEU D 538 34.70 -30.09 -11.59
C LEU D 538 34.69 -30.67 -13.00
N TYR D 539 34.63 -29.82 -14.03
CA TYR D 539 34.42 -30.30 -15.39
C TYR D 539 35.61 -30.09 -16.32
N PHE D 540 36.62 -29.33 -15.91
CA PHE D 540 37.71 -29.04 -16.82
C PHE D 540 38.57 -30.25 -17.13
N TYR D 541 38.41 -31.36 -16.40
CA TYR D 541 39.17 -32.56 -16.69
C TYR D 541 38.72 -33.23 -17.98
N TYR D 542 37.50 -32.95 -18.45
CA TYR D 542 36.89 -33.68 -19.54
C TYR D 542 36.72 -32.85 -20.80
N GLU D 543 37.49 -31.77 -20.95
CA GLU D 543 37.42 -30.97 -22.16
C GLU D 543 37.76 -31.81 -23.37
N THR D 544 37.00 -31.63 -24.45
CA THR D 544 37.23 -32.32 -25.71
C THR D 544 37.62 -31.33 -26.79
N ARG D 545 38.03 -31.86 -27.93
CA ARG D 545 38.46 -31.06 -29.06
C ARG D 545 37.35 -30.97 -30.11
N ALA D 546 37.33 -29.86 -30.84
CA ALA D 546 36.31 -29.68 -31.88
C ALA D 546 36.38 -30.77 -32.93
N ILE D 547 37.57 -31.31 -33.19
CA ILE D 547 37.70 -32.38 -34.17
C ILE D 547 36.89 -33.61 -33.76
N ASP D 548 36.68 -33.79 -32.45
CA ASP D 548 35.93 -34.93 -31.94
C ASP D 548 34.44 -34.68 -31.81
N GLU D 549 33.99 -33.46 -32.06
CA GLU D 549 32.57 -33.14 -31.93
C GLU D 549 31.82 -33.45 -33.23
N PRO D 550 30.51 -33.65 -33.14
CA PRO D 550 29.73 -34.07 -34.32
C PRO D 550 30.06 -33.32 -35.60
N ASN D 551 29.91 -31.99 -35.58
CA ASN D 551 30.07 -31.19 -36.79
C ASN D 551 31.29 -30.29 -36.75
N ASN D 552 32.30 -30.64 -35.94
CA ASN D 552 33.50 -29.84 -35.76
C ASN D 552 33.21 -28.54 -35.01
N CYS D 553 32.10 -28.48 -34.30
CA CYS D 553 31.68 -27.29 -33.56
C CYS D 553 31.85 -27.55 -32.07
N LYS D 554 32.48 -26.60 -31.38
CA LYS D 554 32.73 -26.69 -29.95
C LYS D 554 32.08 -25.51 -29.25
N GLY D 555 31.35 -25.79 -28.18
CA GLY D 555 30.74 -24.75 -27.37
C GLY D 555 29.23 -24.91 -27.29
N ILE D 556 28.60 -23.92 -26.64
CA ILE D 556 27.16 -23.96 -26.42
C ILE D 556 26.38 -23.28 -27.54
N ARG D 557 27.05 -22.71 -28.51
CA ARG D 557 26.39 -22.10 -29.66
C ARG D 557 26.26 -23.06 -30.84
N CYS D 558 26.50 -24.35 -30.62
CA CYS D 558 26.34 -25.37 -31.63
C CYS D 558 24.96 -26.01 -31.54
N GLU D 559 24.58 -26.73 -32.59
CA GLU D 559 23.28 -27.39 -32.60
C GLU D 559 23.20 -28.43 -31.49
N LYS D 560 24.27 -29.18 -31.29
CA LYS D 560 24.40 -30.11 -30.15
C LYS D 560 25.39 -29.49 -29.18
N GLN D 561 24.89 -28.98 -28.06
CA GLN D 561 25.72 -28.24 -27.14
C GLN D 561 26.72 -29.14 -26.43
N ASN D 562 27.92 -28.63 -26.21
CA ASN D 562 28.99 -29.39 -25.59
C ASN D 562 29.99 -28.44 -24.97
N ASN D 563 30.85 -28.97 -24.10
CA ASN D 563 31.92 -28.19 -23.49
C ASN D 563 31.37 -26.95 -22.77
N ALA D 564 30.24 -27.12 -22.07
CA ALA D 564 29.61 -25.99 -21.41
C ALA D 564 30.44 -25.48 -20.24
N PHE D 565 31.16 -26.36 -19.56
CA PHE D 565 31.91 -25.99 -18.36
C PHE D 565 33.39 -26.34 -18.49
N SER D 566 33.91 -26.34 -19.71
CA SER D 566 35.31 -26.72 -19.92
C SER D 566 36.27 -25.61 -19.52
N THR D 567 35.89 -24.35 -19.75
CA THR D 567 36.71 -23.21 -19.37
C THR D 567 35.86 -22.25 -18.55
N LEU D 568 36.54 -21.35 -17.84
CA LEU D 568 35.82 -20.37 -17.03
C LEU D 568 35.12 -19.35 -17.90
N PHE D 569 35.72 -18.97 -19.03
CA PHE D 569 35.05 -18.02 -19.93
C PHE D 569 33.78 -18.62 -20.50
N GLU D 570 33.81 -19.90 -20.86
CA GLU D 570 32.59 -20.56 -21.35
C GLU D 570 31.59 -20.79 -20.24
N THR D 571 32.06 -21.10 -19.04
CA THR D 571 31.15 -21.41 -17.93
C THR D 571 30.29 -20.21 -17.58
N LEU D 572 30.87 -19.02 -17.58
CA LEU D 572 30.09 -17.82 -17.29
C LEU D 572 29.01 -17.59 -18.35
N GLN D 573 29.35 -17.87 -19.61
CA GLN D 573 28.35 -17.75 -20.68
C GLN D 573 27.22 -18.75 -20.50
N SER D 574 27.54 -19.98 -20.12
CA SER D 574 26.52 -21.00 -19.95
C SER D 574 25.54 -20.64 -18.85
N LEU D 575 26.05 -20.14 -17.72
CA LEU D 575 25.17 -19.79 -16.62
C LEU D 575 24.34 -18.56 -16.93
N PHE D 576 24.82 -17.68 -17.81
CA PHE D 576 24.03 -16.55 -18.25
C PHE D 576 22.86 -17.00 -19.11
N TRP D 577 23.10 -17.94 -20.03
CA TRP D 577 22.08 -18.36 -20.97
C TRP D 577 21.02 -19.25 -20.32
N SER D 578 21.31 -19.80 -19.14
CA SER D 578 20.32 -20.61 -18.43
C SER D 578 19.26 -19.76 -17.76
N VAL D 579 19.53 -18.47 -17.56
CA VAL D 579 18.49 -17.58 -17.01
C VAL D 579 17.31 -17.49 -17.95
N PHE D 580 17.55 -17.70 -19.25
CA PHE D 580 16.50 -17.65 -20.26
C PHE D 580 16.12 -19.03 -20.78
N GLY D 581 16.63 -20.09 -20.16
CA GLY D 581 16.26 -21.43 -20.55
C GLY D 581 16.88 -21.93 -21.84
N LEU D 582 17.99 -21.36 -22.28
CA LEU D 582 18.58 -21.68 -23.56
C LEU D 582 19.75 -22.65 -23.44
N LEU D 583 19.99 -23.20 -22.26
CA LEU D 583 21.02 -24.22 -22.06
C LEU D 583 20.33 -25.55 -21.81
N ASN D 584 20.63 -26.54 -22.63
CA ASN D 584 20.03 -27.85 -22.51
C ASN D 584 20.63 -28.63 -21.34
N LEU D 585 19.84 -29.53 -20.77
CA LEU D 585 20.25 -30.24 -19.56
C LEU D 585 21.24 -31.36 -19.82
N TYR D 586 21.50 -31.73 -21.08
CA TYR D 586 22.44 -32.80 -21.35
C TYR D 586 23.88 -32.33 -21.36
N VAL D 587 24.14 -31.04 -21.12
CA VAL D 587 25.50 -30.55 -21.00
C VAL D 587 26.18 -31.01 -19.74
N THR D 588 25.44 -31.63 -18.82
CA THR D 588 25.99 -32.11 -17.56
C THR D 588 26.61 -33.49 -17.66
N ASN D 589 26.45 -34.20 -18.78
CA ASN D 589 27.02 -35.51 -18.98
C ASN D 589 28.45 -35.41 -19.53
N VAL D 590 29.28 -36.38 -19.18
CA VAL D 590 30.65 -36.46 -19.68
C VAL D 590 30.79 -37.72 -20.51
N LYS D 591 31.78 -37.70 -21.41
CA LYS D 591 31.96 -38.81 -22.35
C LYS D 591 32.18 -40.12 -21.60
N ALA D 592 33.14 -40.14 -20.69
CA ALA D 592 33.32 -41.28 -19.79
C ALA D 592 32.32 -41.13 -18.65
N ARG D 593 31.29 -41.97 -18.65
CA ARG D 593 30.15 -41.75 -17.76
C ARG D 593 30.52 -42.01 -16.31
N HIS D 594 30.94 -40.95 -15.62
CA HIS D 594 31.20 -41.01 -14.18
C HIS D 594 29.94 -40.55 -13.47
N GLU D 595 29.17 -41.51 -12.96
CA GLU D 595 27.84 -41.20 -12.46
C GLU D 595 27.87 -40.27 -11.27
N PHE D 596 28.91 -40.37 -10.43
CA PHE D 596 28.99 -39.47 -9.28
C PHE D 596 29.31 -38.04 -9.72
N THR D 597 30.29 -37.88 -10.61
CA THR D 597 30.64 -36.55 -11.08
C THR D 597 29.48 -35.89 -11.80
N GLU D 598 28.77 -36.65 -12.65
CA GLU D 598 27.67 -36.08 -13.41
C GLU D 598 26.53 -35.65 -12.51
N PHE D 599 26.25 -36.42 -11.45
CA PHE D 599 25.17 -36.04 -10.54
C PHE D 599 25.55 -34.82 -9.71
N VAL D 600 26.81 -34.73 -9.28
CA VAL D 600 27.24 -33.57 -8.51
C VAL D 600 27.17 -32.31 -9.36
N GLY D 601 27.65 -32.39 -10.60
CA GLY D 601 27.58 -31.25 -11.48
C GLY D 601 26.17 -30.82 -11.80
N ALA D 602 25.25 -31.78 -11.90
CA ALA D 602 23.86 -31.43 -12.16
C ALA D 602 23.18 -30.84 -10.94
N THR D 603 23.64 -31.20 -9.74
CA THR D 603 23.12 -30.57 -8.53
C THR D 603 23.67 -29.17 -8.34
N MET D 604 24.91 -28.93 -8.77
CA MET D 604 25.43 -27.57 -8.81
C MET D 604 24.59 -26.70 -9.73
N PHE D 605 24.27 -27.24 -10.91
CA PHE D 605 23.44 -26.50 -11.87
C PHE D 605 22.04 -26.28 -11.33
N GLY D 606 21.48 -27.28 -10.66
CA GLY D 606 20.13 -27.14 -10.13
C GLY D 606 20.05 -26.13 -9.00
N THR D 607 21.06 -26.10 -8.13
CA THR D 607 21.06 -25.15 -7.03
C THR D 607 21.23 -23.72 -7.54
N TYR D 608 22.04 -23.54 -8.58
CA TYR D 608 22.18 -22.20 -9.17
C TYR D 608 20.86 -21.73 -9.76
N ASN D 609 20.12 -22.63 -10.41
CA ASN D 609 18.84 -22.25 -11.00
C ASN D 609 17.85 -21.78 -9.93
N VAL D 610 17.82 -22.47 -8.80
CA VAL D 610 16.90 -22.09 -7.72
C VAL D 610 17.27 -20.74 -7.16
N ILE D 611 18.56 -20.52 -6.89
CA ILE D 611 18.99 -19.26 -6.30
C ILE D 611 18.74 -18.09 -7.25
N SER D 612 18.79 -18.35 -8.55
CA SER D 612 18.70 -17.29 -9.55
C SER D 612 17.26 -16.99 -9.95
N LEU D 613 16.50 -18.00 -10.34
CA LEU D 613 15.20 -17.79 -10.96
C LEU D 613 14.02 -17.92 -9.99
N VAL D 614 14.26 -18.44 -8.79
CA VAL D 614 13.18 -18.59 -7.82
C VAL D 614 13.36 -17.69 -6.60
N VAL D 615 14.57 -17.25 -6.30
CA VAL D 615 14.85 -16.41 -5.14
C VAL D 615 15.28 -15.01 -5.55
N LEU D 616 16.40 -14.90 -6.27
CA LEU D 616 16.93 -13.58 -6.62
C LEU D 616 16.00 -12.83 -7.56
N LEU D 617 15.46 -13.52 -8.58
CA LEU D 617 14.61 -12.84 -9.54
C LEU D 617 13.31 -12.36 -8.88
N ASN D 618 12.72 -13.17 -8.01
CA ASN D 618 11.50 -12.76 -7.34
C ASN D 618 11.75 -11.63 -6.36
N MET D 619 12.91 -11.59 -5.72
CA MET D 619 13.23 -10.48 -4.84
C MET D 619 13.33 -9.18 -5.63
N LEU D 620 13.94 -9.22 -6.81
CA LEU D 620 14.06 -8.02 -7.62
C LEU D 620 12.69 -7.48 -8.02
N ILE D 621 11.71 -8.36 -8.24
CA ILE D 621 10.36 -7.91 -8.50
C ILE D 621 9.80 -7.15 -7.30
N ALA D 622 10.00 -7.69 -6.11
CA ALA D 622 9.44 -7.07 -4.91
C ALA D 622 10.04 -5.69 -4.68
N MET D 623 11.36 -5.56 -4.83
CA MET D 623 11.99 -4.25 -4.61
C MET D 623 11.64 -3.29 -5.74
N MET D 624 11.39 -3.80 -6.94
CA MET D 624 10.89 -2.95 -8.02
C MET D 624 9.50 -2.41 -7.69
N ASN D 625 8.63 -3.26 -7.16
CA ASN D 625 7.28 -2.83 -6.82
C ASN D 625 7.30 -1.76 -5.73
N ASN D 626 8.17 -1.94 -4.73
CA ASN D 626 8.28 -0.94 -3.66
C ASN D 626 8.79 0.38 -4.19
N SER D 627 9.85 0.36 -5.01
CA SER D 627 10.45 1.60 -5.48
C SER D 627 9.49 2.35 -6.40
N TYR D 628 8.73 1.63 -7.23
CA TYR D 628 7.79 2.29 -8.13
C TYR D 628 6.75 3.07 -7.35
N GLN D 629 6.25 2.51 -6.25
CA GLN D 629 5.19 3.17 -5.50
C GLN D 629 5.65 4.51 -4.93
N LEU D 630 6.89 4.58 -4.45
CA LEU D 630 7.40 5.84 -3.92
C LEU D 630 7.62 6.86 -5.03
N ILE D 631 8.09 6.40 -6.19
CA ILE D 631 8.44 7.30 -7.28
C ILE D 631 7.20 8.01 -7.84
N ALA D 632 6.06 7.32 -7.88
CA ALA D 632 4.89 7.87 -8.55
C ALA D 632 4.41 9.16 -7.90
N ASP D 633 4.71 9.37 -6.62
CA ASP D 633 4.25 10.58 -5.94
C ASP D 633 4.92 11.82 -6.52
N HIS D 634 6.19 11.72 -6.88
CA HIS D 634 6.95 12.85 -7.42
C HIS D 634 7.08 12.80 -8.93
N ALA D 635 6.30 11.95 -9.61
CA ALA D 635 6.46 11.78 -11.04
C ALA D 635 6.23 13.07 -11.81
N ASP D 636 5.18 13.81 -11.46
CA ASP D 636 4.82 14.99 -12.22
C ASP D 636 5.88 16.08 -12.10
N ILE D 637 6.33 16.36 -10.88
CA ILE D 637 7.31 17.42 -10.68
C ILE D 637 8.64 17.04 -11.31
N GLU D 638 9.04 15.76 -11.20
CA GLU D 638 10.30 15.33 -11.78
C GLU D 638 10.29 15.43 -13.29
N TRP D 639 9.17 15.07 -13.93
CA TRP D 639 9.07 15.17 -15.38
C TRP D 639 9.12 16.63 -15.84
N LYS D 640 8.43 17.52 -15.13
CA LYS D 640 8.43 18.92 -15.51
C LYS D 640 9.81 19.54 -15.38
N PHE D 641 10.62 19.08 -14.43
CA PHE D 641 11.99 19.55 -14.32
C PHE D 641 12.82 19.11 -15.51
N ALA D 642 12.60 17.87 -15.98
CA ALA D 642 13.36 17.36 -17.11
C ALA D 642 12.97 18.05 -18.41
N ARG D 643 11.67 18.28 -18.61
CA ARG D 643 11.23 18.95 -19.83
C ARG D 643 11.68 20.39 -19.88
N THR D 644 11.82 21.05 -18.72
CA THR D 644 12.31 22.42 -18.70
C THR D 644 13.73 22.50 -19.22
N LYS D 645 14.58 21.54 -18.86
CA LYS D 645 15.93 21.51 -19.38
C LYS D 645 15.94 21.29 -20.89
N LEU D 646 15.07 20.41 -21.38
CA LEU D 646 14.99 20.17 -22.81
C LEU D 646 14.60 21.45 -23.55
N TRP D 647 13.62 22.19 -23.04
CA TRP D 647 13.18 23.41 -23.71
C TRP D 647 14.26 24.47 -23.69
N MET D 648 14.85 24.72 -22.52
CA MET D 648 15.82 25.81 -22.41
C MET D 648 17.06 25.55 -23.23
N SER D 649 17.32 24.30 -23.62
CA SER D 649 18.46 23.98 -24.46
C SER D 649 18.26 24.39 -25.91
N TYR D 650 17.03 24.79 -26.28
CA TYR D 650 16.75 25.28 -27.62
C TYR D 650 16.54 26.79 -27.66
N PHE D 651 16.70 27.49 -26.54
CA PHE D 651 16.48 28.92 -26.53
C PHE D 651 17.64 29.68 -27.16
N ASP D 652 18.87 29.23 -26.96
CA ASP D 652 20.04 29.94 -27.44
C ASP D 652 20.22 29.76 -28.94
N GLU D 653 20.77 30.79 -29.58
CA GLU D 653 20.96 30.76 -31.03
C GLU D 653 21.98 29.70 -31.44
N GLY D 654 23.06 29.56 -30.67
CA GLY D 654 24.08 28.60 -31.05
C GLY D 654 23.51 27.19 -31.14
N GLY D 655 23.97 26.45 -32.16
CA GLY D 655 23.43 25.13 -32.41
C GLY D 655 22.10 25.10 -33.11
N THR D 656 21.74 26.18 -33.81
CA THR D 656 20.44 26.22 -34.47
C THR D 656 20.37 25.27 -35.65
N LEU D 657 21.46 25.14 -36.39
CA LEU D 657 21.45 24.28 -37.57
C LEU D 657 21.57 22.82 -37.17
N PRO D 658 20.78 21.93 -37.76
CA PRO D 658 20.86 20.51 -37.43
C PRO D 658 22.22 19.93 -37.80
N PRO D 659 22.48 18.68 -37.45
CA PRO D 659 23.82 18.11 -37.62
C PRO D 659 24.31 18.21 -39.05
N PRO D 660 23.51 17.83 -40.04
CA PRO D 660 24.01 17.86 -41.42
C PRO D 660 24.50 19.23 -41.85
N PHE D 661 23.83 20.30 -41.44
CA PHE D 661 24.14 21.64 -41.93
C PHE D 661 25.06 22.43 -41.03
N ASN D 662 25.43 21.91 -39.86
CA ASN D 662 26.36 22.62 -39.00
C ASN D 662 27.82 22.38 -39.39
N ILE D 663 28.07 21.54 -40.38
CA ILE D 663 29.43 21.34 -40.87
C ILE D 663 29.79 22.29 -42.00
N ILE D 664 28.81 22.88 -42.67
CA ILE D 664 29.09 23.81 -43.76
C ILE D 664 29.76 25.06 -43.20
N PRO D 665 30.84 25.55 -43.81
CA PRO D 665 31.52 26.73 -43.25
C PRO D 665 30.75 28.02 -43.45
N SER D 666 30.17 28.22 -44.63
CA SER D 666 29.47 29.46 -44.93
C SER D 666 28.37 29.77 -43.92
N SER D 706 22.57 46.50 -13.16
CA SER D 706 22.13 47.89 -13.11
C SER D 706 21.37 48.16 -11.81
N LEU D 707 21.51 49.38 -11.30
CA LEU D 707 20.81 49.75 -10.06
C LEU D 707 19.30 49.74 -10.26
N ILE D 708 18.83 50.20 -11.41
CA ILE D 708 17.39 50.24 -11.65
C ILE D 708 16.80 48.83 -11.62
N GLN D 709 17.48 47.87 -12.25
CA GLN D 709 16.99 46.50 -12.23
C GLN D 709 16.89 45.97 -10.81
N ASN D 710 17.90 46.27 -9.98
CA ASN D 710 17.86 45.85 -8.59
C ASN D 710 16.78 46.60 -7.81
N GLN D 711 16.52 47.86 -8.14
CA GLN D 711 15.48 48.61 -7.46
C GLN D 711 14.11 47.97 -7.68
N HIS D 712 13.82 47.58 -8.93
CA HIS D 712 12.54 46.94 -9.22
C HIS D 712 12.43 45.58 -8.55
N TYR D 713 13.55 44.85 -8.44
CA TYR D 713 13.51 43.56 -7.77
C TYR D 713 13.17 43.72 -6.30
N GLN D 714 13.77 44.70 -5.62
CA GLN D 714 13.51 44.86 -4.20
C GLN D 714 12.07 45.31 -3.93
N GLU D 715 11.43 45.97 -4.90
CA GLU D 715 10.06 46.39 -4.70
C GLU D 715 9.09 45.21 -4.79
N VAL D 716 9.29 44.32 -5.76
CA VAL D 716 8.45 43.14 -5.86
C VAL D 716 8.71 42.21 -4.70
N ILE D 717 9.97 42.09 -4.27
CA ILE D 717 10.31 41.20 -3.17
C ILE D 717 9.65 41.69 -1.88
N ARG D 718 9.56 43.00 -1.69
CA ARG D 718 8.90 43.53 -0.50
C ARG D 718 7.43 43.14 -0.47
N ASN D 719 6.74 43.22 -1.61
CA ASN D 719 5.34 42.84 -1.65
C ASN D 719 5.17 41.34 -1.50
N LEU D 720 6.08 40.55 -2.09
CA LEU D 720 5.99 39.11 -1.98
C LEU D 720 6.09 38.67 -0.52
N VAL D 721 7.02 39.26 0.23
CA VAL D 721 7.19 38.87 1.63
C VAL D 721 5.98 39.29 2.46
N LYS D 722 5.44 40.48 2.19
CA LYS D 722 4.29 40.94 2.94
C LYS D 722 3.12 39.97 2.82
N ARG D 723 2.83 39.52 1.61
CA ARG D 723 1.72 38.60 1.40
C ARG D 723 2.01 37.25 2.04
N TYR D 724 3.26 36.78 1.98
CA TYR D 724 3.59 35.49 2.58
C TYR D 724 3.41 35.51 4.09
N VAL D 725 3.83 36.59 4.74
CA VAL D 725 3.73 36.67 6.20
C VAL D 725 2.26 36.61 6.62
N ALA D 726 1.41 37.38 5.94
CA ALA D 726 -0.02 37.36 6.28
C ALA D 726 -0.64 36.00 6.03
N ALA D 727 -0.27 35.35 4.92
CA ALA D 727 -0.89 34.08 4.57
C ALA D 727 -0.53 32.99 5.57
N MET D 728 0.73 32.93 6.02
CA MET D 728 1.11 31.91 6.99
C MET D 728 0.48 32.16 8.34
N ILE D 729 0.41 33.42 8.77
CA ILE D 729 -0.26 33.73 10.03
C ILE D 729 -1.70 33.22 10.01
N ARG D 730 -2.40 33.47 8.89
CA ARG D 730 -3.76 32.96 8.76
C ARG D 730 -3.78 31.44 8.70
N ASN D 731 -2.84 30.83 7.99
CA ASN D 731 -2.81 29.37 7.89
C ASN D 731 -2.61 28.73 9.25
N SER D 732 -1.76 29.32 10.09
CA SER D 732 -1.55 28.78 11.42
C SER D 732 -2.84 28.76 12.23
N LYS D 733 -3.60 29.85 12.17
CA LYS D 733 -4.87 29.92 12.87
C LYS D 733 -5.97 29.26 12.05
N THR D 734 -5.76 28.01 11.66
CA THR D 734 -6.72 27.27 10.85
C THR D 734 -6.35 25.80 10.75
N LEU D 738 -7.63 22.64 20.63
CA LEU D 738 -6.57 22.06 19.82
C LEU D 738 -5.61 21.22 20.67
N THR D 739 -5.24 21.71 21.84
CA THR D 739 -4.27 21.03 22.69
C THR D 739 -4.72 21.12 24.15
N GLU D 740 -4.22 20.19 24.95
CA GLU D 740 -4.56 20.18 26.38
C GLU D 740 -4.06 21.44 27.07
N GLU D 741 -2.89 21.94 26.67
CA GLU D 741 -2.38 23.17 27.26
C GLU D 741 -3.34 24.33 27.02
N ASN D 742 -3.93 24.39 25.83
CA ASN D 742 -4.93 25.43 25.56
C ASN D 742 -6.12 25.29 26.50
N PHE D 743 -6.54 24.05 26.78
CA PHE D 743 -7.65 23.83 27.70
C PHE D 743 -7.30 24.34 29.09
N LYS D 744 -6.07 24.11 29.54
CA LYS D 744 -5.66 24.59 30.86
C LYS D 744 -5.74 26.10 30.95
N GLU D 745 -5.29 26.80 29.91
CA GLU D 745 -5.28 28.26 29.93
C GLU D 745 -6.70 28.81 30.08
N LEU D 746 -7.66 28.24 29.35
CA LEU D 746 -9.04 28.69 29.49
C LEU D 746 -9.58 28.44 30.89
N LYS D 747 -9.25 27.28 31.47
CA LYS D 747 -9.72 26.99 32.82
C LYS D 747 -9.17 27.99 33.82
N GLN D 748 -7.89 28.35 33.70
CA GLN D 748 -7.29 29.30 34.62
C GLN D 748 -7.92 30.68 34.48
N ASP D 749 -8.22 31.09 33.24
CA ASP D 749 -8.79 32.42 33.02
C ASP D 749 -10.12 32.58 33.75
N ILE D 750 -10.97 31.56 33.69
CA ILE D 750 -12.24 31.61 34.41
C ILE D 750 -12.00 31.66 35.92
N SER D 751 -11.06 30.84 36.40
CA SER D 751 -10.74 30.86 37.82
C SER D 751 -10.16 32.21 38.24
N SER D 752 -9.28 32.78 37.41
CA SER D 752 -8.71 34.08 37.73
C SER D 752 -9.79 35.15 37.82
N PHE D 753 -10.73 35.15 36.87
CA PHE D 753 -11.84 36.08 36.94
C PHE D 753 -12.73 35.80 38.14
N ARG D 754 -12.93 34.52 38.47
CA ARG D 754 -13.82 34.17 39.56
C ARG D 754 -13.33 34.72 40.89
N TYR D 755 -12.01 34.63 41.14
CA TYR D 755 -11.47 35.06 42.43
C TYR D 755 -11.70 36.55 42.65
N GLU D 756 -11.47 37.37 41.61
CA GLU D 756 -11.63 38.80 41.78
C GLU D 756 -13.08 39.18 42.11
N VAL D 757 -14.04 38.55 41.44
CA VAL D 757 -15.44 38.91 41.64
C VAL D 757 -15.85 38.64 43.08
N LEU D 758 -15.49 37.47 43.61
CA LEU D 758 -15.84 37.14 44.98
C LEU D 758 -15.20 38.13 45.96
N ASP D 759 -13.92 38.43 45.76
CA ASP D 759 -13.26 39.43 46.59
C ASP D 759 -13.82 40.82 46.33
N LEU D 760 -14.10 41.14 45.07
CA LEU D 760 -14.64 42.45 44.73
C LEU D 760 -16.01 42.64 45.36
N LEU D 761 -16.25 43.86 45.84
CA LEU D 761 -17.53 44.19 46.49
C LEU D 761 -18.60 44.46 45.45
#